data_2NUU
#
_entry.id   2NUU
#
_cell.length_a   99.691
_cell.length_b   107.865
_cell.length_c   280.162
_cell.angle_alpha   90.00
_cell.angle_beta   90.00
_cell.angle_gamma   90.00
#
_symmetry.space_group_name_H-M   'P 21 21 21'
#
loop_
_entity.id
_entity.type
_entity.pdbx_description
1 polymer 'Ammonia channel'
2 polymer 'Nitrogen regulatory protein P-II 2'
3 non-polymer "ADENOSINE-5'-DIPHOSPHATE"
4 water water
#
loop_
_entity_poly.entity_id
_entity_poly.type
_entity_poly.pdbx_seq_one_letter_code
_entity_poly.pdbx_strand_id
1 'polypeptide(L)'
;APAVAHHHHHHAVADKADNAFMMICTALVLFMTIPGIALFYGGLIRGKNVLSMLTQVTVTFALVCILWVVYGYSLAFGEG
NNFFGNINWLMLKNIELTAVMGSIYQYIHVAFQGSFACITVGLIVGALAERIRFSAVLIFVVVWLTLSYIPIAHMVWGGG
LLASHGALDFAGGTVVHINAAIAGLVGAYLIGKRVGFGKEAFKPHNLPMVFTGTAILYIGWFGFNAGSAGTANEIAALAF
VNTVVATAAAILGWIFGEWALRGKPSLLGACSGAIAGLVGVTPACGYIGVGGALIIGVVAGLAGLWGVTMLKRLLRVDDP
CDVFGVHGVCGIVGCIMTGIFAASSLGGVGFAEGVTMGHQLLVQLESIAITIVWSGVVAFIGYKLADLTVGLRVPEEQER
EGLDVNSHGENAYNA
;
A,B,C,D,E,F
2 'polypeptide(L)'
;MKLVTVIIKPFKLEDVREALSSIGIQGLTVTEVKGFGRQKGHAELYRGAEYSVNFLPKVKIDVAIADDQLDEVIDIVSKA
AYTGKIGDGKIFVAELQRVIRIRTGEADEAAL
;
G,H,I,J,K,L
#
loop_
_chem_comp.id
_chem_comp.type
_chem_comp.name
_chem_comp.formula
ADP non-polymer ADENOSINE-5'-DIPHOSPHATE 'C10 H15 N5 O10 P2'
#
# COMPACT_ATOMS: atom_id res chain seq x y z
N HIS A 7 18.57 -1.73 17.72
CA HIS A 7 17.26 -2.18 17.17
C HIS A 7 17.45 -3.49 16.38
N HIS A 8 17.77 -4.57 17.12
CA HIS A 8 18.02 -5.90 16.55
C HIS A 8 16.77 -6.70 16.19
N HIS A 9 15.66 -6.42 16.87
CA HIS A 9 14.39 -7.12 16.64
C HIS A 9 13.56 -6.53 15.49
N HIS A 10 14.09 -5.48 14.84
CA HIS A 10 13.40 -4.86 13.71
C HIS A 10 13.54 -5.74 12.48
N HIS A 11 12.40 -6.05 11.88
CA HIS A 11 12.36 -6.89 10.68
C HIS A 11 11.74 -6.15 9.50
N ALA A 12 12.08 -6.59 8.30
CA ALA A 12 11.54 -5.97 7.10
C ALA A 12 10.18 -6.59 6.84
N VAL A 13 9.22 -5.78 6.39
CA VAL A 13 7.90 -6.32 6.11
C VAL A 13 7.80 -6.60 4.61
N ALA A 14 7.28 -7.77 4.27
CA ALA A 14 7.14 -8.15 2.89
C ALA A 14 6.07 -7.30 2.19
N ASP A 15 6.31 -6.98 0.92
CA ASP A 15 5.36 -6.22 0.15
C ASP A 15 4.56 -7.25 -0.61
N LYS A 16 3.27 -7.31 -0.30
CA LYS A 16 2.38 -8.27 -0.93
C LYS A 16 2.43 -8.19 -2.45
N ALA A 17 2.64 -6.99 -2.98
CA ALA A 17 2.72 -6.78 -4.43
C ALA A 17 3.98 -7.44 -5.02
N ASP A 18 5.09 -7.39 -4.29
CA ASP A 18 6.34 -7.97 -4.74
C ASP A 18 6.21 -9.50 -4.59
N ASN A 19 5.55 -9.94 -3.53
CA ASN A 19 5.33 -11.35 -3.29
C ASN A 19 4.59 -11.95 -4.48
N ALA A 20 3.46 -11.33 -4.82
CA ALA A 20 2.61 -11.75 -5.92
C ALA A 20 3.39 -11.78 -7.23
N PHE A 21 4.11 -10.70 -7.51
CA PHE A 21 4.91 -10.58 -8.73
C PHE A 21 5.96 -11.69 -8.84
N MET A 22 6.70 -11.88 -7.76
CA MET A 22 7.76 -12.89 -7.75
C MET A 22 7.21 -14.33 -7.80
N MET A 23 6.07 -14.58 -7.18
CA MET A 23 5.50 -15.94 -7.24
C MET A 23 5.10 -16.22 -8.68
N ILE A 24 4.42 -15.26 -9.31
CA ILE A 24 4.00 -15.41 -10.69
C ILE A 24 5.21 -15.56 -11.60
N CYS A 25 6.26 -14.75 -11.38
CA CYS A 25 7.47 -14.83 -12.19
C CYS A 25 8.15 -16.19 -12.08
N THR A 26 8.07 -16.78 -10.89
CA THR A 26 8.64 -18.10 -10.65
C THR A 26 7.89 -19.10 -11.51
N ALA A 27 6.57 -18.97 -11.53
CA ALA A 27 5.70 -19.83 -12.33
C ALA A 27 6.09 -19.71 -13.82
N LEU A 28 6.35 -18.47 -14.26
CA LEU A 28 6.74 -18.19 -15.63
C LEU A 28 8.06 -18.84 -16.02
N VAL A 29 9.03 -18.85 -15.09
CA VAL A 29 10.32 -19.49 -15.39
C VAL A 29 10.17 -21.01 -15.39
N LEU A 30 9.29 -21.54 -14.53
CA LEU A 30 9.04 -22.98 -14.45
C LEU A 30 8.37 -23.43 -15.74
N PHE A 31 7.55 -22.52 -16.28
CA PHE A 31 6.83 -22.73 -17.53
C PHE A 31 7.83 -22.86 -18.67
N MET A 32 9.00 -22.26 -18.50
CA MET A 32 10.08 -22.32 -19.48
C MET A 32 10.66 -23.73 -19.63
N THR A 33 10.75 -24.47 -18.53
CA THR A 33 11.26 -25.84 -18.61
C THR A 33 10.10 -26.75 -18.96
N ILE A 34 9.12 -26.78 -18.06
CA ILE A 34 7.91 -27.57 -18.19
C ILE A 34 6.77 -26.74 -18.79
N PRO A 35 6.53 -26.83 -20.13
CA PRO A 35 7.09 -27.61 -21.22
C PRO A 35 8.04 -26.90 -22.20
N GLY A 36 8.18 -25.58 -22.09
CA GLY A 36 9.00 -24.74 -22.97
C GLY A 36 10.22 -25.31 -23.69
N ILE A 37 11.29 -25.58 -22.96
CA ILE A 37 12.50 -26.11 -23.57
C ILE A 37 12.32 -27.55 -24.06
N ALA A 38 11.46 -28.30 -23.37
CA ALA A 38 11.18 -29.69 -23.72
C ALA A 38 10.50 -29.85 -25.08
N LEU A 39 9.57 -28.95 -25.38
CA LEU A 39 8.87 -28.99 -26.68
C LEU A 39 9.78 -28.39 -27.73
N PHE A 40 10.56 -27.38 -27.34
CA PHE A 40 11.49 -26.73 -28.23
C PHE A 40 12.50 -27.74 -28.78
N TYR A 41 13.16 -28.48 -27.89
CA TYR A 41 14.14 -29.48 -28.28
C TYR A 41 13.48 -30.76 -28.81
N GLY A 42 12.33 -31.12 -28.23
CA GLY A 42 11.61 -32.32 -28.67
C GLY A 42 11.20 -32.25 -30.12
N GLY A 43 10.81 -31.07 -30.57
CA GLY A 43 10.39 -30.89 -31.95
C GLY A 43 11.53 -30.86 -32.94
N LEU A 44 12.71 -30.45 -32.46
CA LEU A 44 13.94 -30.34 -33.29
C LEU A 44 14.55 -31.69 -33.68
N ILE A 45 14.31 -32.70 -32.87
CA ILE A 45 14.86 -34.02 -33.15
C ILE A 45 13.83 -34.87 -33.90
N ARG A 46 14.18 -36.12 -34.20
CA ARG A 46 13.30 -37.02 -34.93
C ARG A 46 12.24 -37.68 -34.04
N GLY A 47 11.14 -38.13 -34.66
CA GLY A 47 10.03 -38.80 -33.96
C GLY A 47 10.41 -39.94 -33.04
N LYS A 48 11.24 -40.87 -33.51
CA LYS A 48 11.69 -42.02 -32.69
C LYS A 48 12.45 -41.61 -31.41
N ASN A 49 12.66 -40.30 -31.22
CA ASN A 49 13.40 -39.79 -30.08
C ASN A 49 12.79 -38.68 -29.24
N VAL A 50 11.64 -38.16 -29.67
CA VAL A 50 11.00 -37.06 -28.93
C VAL A 50 10.74 -37.41 -27.45
N LEU A 51 10.22 -38.61 -27.19
CA LEU A 51 9.93 -39.00 -25.80
C LEU A 51 11.16 -39.02 -24.92
N SER A 52 12.31 -39.35 -25.50
CA SER A 52 13.56 -39.38 -24.74
C SER A 52 13.87 -37.97 -24.25
N MET A 53 13.64 -36.99 -25.11
CA MET A 53 13.88 -35.59 -24.77
C MET A 53 12.93 -35.08 -23.68
N LEU A 54 11.63 -35.35 -23.84
CA LEU A 54 10.63 -34.92 -22.87
C LEU A 54 10.87 -35.49 -21.47
N THR A 55 11.32 -36.75 -21.43
CA THR A 55 11.60 -37.45 -20.17
C THR A 55 12.90 -36.96 -19.51
N GLN A 56 13.90 -36.64 -20.32
CA GLN A 56 15.16 -36.16 -19.78
C GLN A 56 14.94 -34.84 -19.06
N VAL A 57 14.20 -33.95 -19.72
CA VAL A 57 13.89 -32.63 -19.19
C VAL A 57 13.04 -32.72 -17.94
N THR A 58 12.05 -33.60 -17.96
CA THR A 58 11.14 -33.80 -16.83
C THR A 58 11.86 -34.34 -15.59
N VAL A 59 12.61 -35.41 -15.77
CA VAL A 59 13.33 -36.04 -14.67
C VAL A 59 14.49 -35.16 -14.16
N THR A 60 15.22 -34.50 -15.07
CA THR A 60 16.31 -33.61 -14.64
C THR A 60 15.67 -32.41 -13.90
N PHE A 61 14.46 -32.05 -14.30
CA PHE A 61 13.76 -30.98 -13.63
C PHE A 61 13.53 -31.40 -12.18
N ALA A 62 12.87 -32.54 -12.00
CA ALA A 62 12.57 -33.08 -10.66
C ALA A 62 13.83 -33.15 -9.78
N LEU A 63 14.86 -33.81 -10.30
CA LEU A 63 16.14 -33.95 -9.63
C LEU A 63 16.71 -32.61 -9.13
N VAL A 64 16.65 -31.57 -9.98
CA VAL A 64 17.16 -30.25 -9.61
C VAL A 64 16.32 -29.67 -8.46
N CYS A 65 15.00 -29.70 -8.61
CA CYS A 65 14.09 -29.21 -7.59
C CYS A 65 14.42 -29.82 -6.21
N ILE A 66 14.71 -31.13 -6.20
CA ILE A 66 15.03 -31.83 -4.95
C ILE A 66 16.37 -31.38 -4.38
N LEU A 67 17.43 -31.51 -5.17
CA LEU A 67 18.77 -31.13 -4.74
C LEU A 67 18.80 -29.68 -4.27
N TRP A 68 18.09 -28.81 -4.99
CA TRP A 68 18.03 -27.40 -4.68
C TRP A 68 17.48 -27.11 -3.29
N VAL A 69 16.41 -27.79 -2.89
CA VAL A 69 15.83 -27.54 -1.57
C VAL A 69 16.60 -28.21 -0.44
N VAL A 70 17.17 -29.39 -0.72
CA VAL A 70 17.95 -30.12 0.28
C VAL A 70 19.20 -29.33 0.67
N TYR A 71 20.07 -29.05 -0.30
CA TYR A 71 21.30 -28.30 0.00
C TYR A 71 21.70 -27.21 -0.99
N GLY A 72 21.10 -27.26 -2.19
CA GLY A 72 21.38 -26.30 -3.28
C GLY A 72 21.27 -24.82 -2.98
N TYR A 73 20.11 -24.39 -2.50
CA TYR A 73 19.87 -22.98 -2.17
C TYR A 73 20.83 -22.47 -1.10
N SER A 74 21.00 -23.27 -0.05
CA SER A 74 21.87 -22.94 1.08
C SER A 74 23.32 -22.71 0.68
N LEU A 75 23.81 -23.49 -0.28
CA LEU A 75 25.18 -23.38 -0.75
C LEU A 75 25.43 -22.21 -1.69
N ALA A 76 24.43 -21.85 -2.47
CA ALA A 76 24.58 -20.74 -3.41
C ALA A 76 24.26 -19.36 -2.82
N PHE A 77 23.22 -19.27 -1.99
CA PHE A 77 22.83 -17.97 -1.42
C PHE A 77 23.02 -17.74 0.09
N GLY A 78 23.67 -18.67 0.76
CA GLY A 78 23.94 -18.53 2.20
C GLY A 78 25.33 -17.93 2.36
N GLU A 79 25.53 -17.22 3.47
CA GLU A 79 26.83 -16.57 3.74
C GLU A 79 28.00 -17.56 3.81
N GLY A 80 29.04 -17.27 3.03
CA GLY A 80 30.25 -18.08 2.96
C GLY A 80 31.42 -17.25 2.46
N ASN A 81 32.30 -17.87 1.68
CA ASN A 81 33.47 -17.19 1.12
C ASN A 81 33.23 -16.60 -0.30
N ASN A 82 34.16 -16.85 -1.21
CA ASN A 82 34.08 -16.35 -2.59
C ASN A 82 33.65 -17.39 -3.63
N PHE A 83 33.60 -18.67 -3.23
CA PHE A 83 33.21 -19.75 -4.15
C PHE A 83 32.01 -20.61 -3.70
N PHE A 84 31.97 -20.99 -2.42
CA PHE A 84 30.86 -21.78 -1.85
C PHE A 84 30.10 -20.94 -0.84
N GLY A 85 29.02 -21.50 -0.29
CA GLY A 85 28.21 -20.78 0.72
C GLY A 85 28.28 -21.44 2.08
N ASN A 86 27.14 -22.00 2.50
CA ASN A 86 27.05 -22.69 3.79
C ASN A 86 26.00 -23.80 3.77
N ILE A 87 25.96 -24.58 4.85
CA ILE A 87 25.01 -25.68 4.99
C ILE A 87 23.99 -25.35 6.10
N ASN A 88 24.03 -24.09 6.55
CA ASN A 88 23.14 -23.59 7.58
C ASN A 88 21.66 -23.69 7.23
N TRP A 89 21.37 -23.87 5.94
CA TRP A 89 19.99 -23.98 5.46
C TRP A 89 19.69 -25.30 4.72
N LEU A 90 20.03 -26.42 5.37
CA LEU A 90 19.80 -27.76 4.84
C LEU A 90 18.30 -28.08 4.97
N MET A 91 17.67 -28.50 3.86
CA MET A 91 16.24 -28.80 3.85
C MET A 91 15.46 -27.57 4.35
N LEU A 92 16.01 -26.40 4.03
CA LEU A 92 15.48 -25.09 4.40
C LEU A 92 15.37 -24.77 5.89
N LYS A 93 15.99 -25.61 6.73
CA LYS A 93 15.97 -25.40 8.19
C LYS A 93 16.69 -24.09 8.51
N ASN A 94 16.32 -23.46 9.62
CA ASN A 94 16.91 -22.16 10.01
C ASN A 94 16.19 -20.99 9.34
N ILE A 95 15.70 -21.19 8.11
CA ILE A 95 14.95 -20.15 7.40
C ILE A 95 13.52 -20.24 7.91
N GLU A 96 13.09 -19.18 8.60
CA GLU A 96 11.75 -19.10 9.14
C GLU A 96 10.85 -18.72 7.99
N LEU A 97 9.59 -19.15 8.02
CA LEU A 97 8.64 -18.83 6.96
C LEU A 97 8.44 -17.33 6.76
N THR A 98 8.42 -16.58 7.87
CA THR A 98 8.22 -15.11 7.81
C THR A 98 9.51 -14.31 7.48
N ALA A 99 10.61 -15.01 7.19
CA ALA A 99 11.87 -14.35 6.84
C ALA A 99 11.73 -13.54 5.54
N VAL A 100 12.31 -12.34 5.56
CA VAL A 100 12.26 -11.45 4.41
C VAL A 100 13.62 -11.24 3.75
N MET A 101 13.62 -11.32 2.44
CA MET A 101 14.81 -11.13 1.64
C MET A 101 14.44 -10.05 0.64
N GLY A 102 14.87 -8.82 0.94
CA GLY A 102 14.56 -7.69 0.09
C GLY A 102 13.22 -7.18 0.57
N SER A 103 12.21 -7.33 -0.28
CA SER A 103 10.84 -6.92 0.07
C SER A 103 9.86 -8.07 -0.17
N ILE A 104 10.38 -9.30 -0.10
CA ILE A 104 9.60 -10.53 -0.29
C ILE A 104 10.00 -11.59 0.77
N TYR A 105 9.22 -12.67 0.86
CA TYR A 105 9.55 -13.74 1.79
C TYR A 105 10.60 -14.61 1.13
N GLN A 106 11.70 -14.89 1.85
CA GLN A 106 12.80 -15.70 1.35
C GLN A 106 12.36 -17.01 0.64
N TYR A 107 11.24 -17.59 1.08
CA TYR A 107 10.74 -18.81 0.45
C TYR A 107 10.46 -18.58 -1.03
N ILE A 108 10.04 -17.36 -1.37
CA ILE A 108 9.79 -17.03 -2.77
C ILE A 108 11.13 -16.96 -3.49
N HIS A 109 12.14 -16.40 -2.81
CA HIS A 109 13.48 -16.29 -3.39
C HIS A 109 14.03 -17.66 -3.75
N VAL A 110 13.79 -18.63 -2.87
CA VAL A 110 14.24 -20.02 -3.00
C VAL A 110 13.70 -20.62 -4.28
N ALA A 111 12.38 -20.54 -4.43
CA ALA A 111 11.71 -21.07 -5.60
C ALA A 111 12.14 -20.35 -6.87
N PHE A 112 12.21 -19.02 -6.82
CA PHE A 112 12.63 -18.24 -7.99
C PHE A 112 14.02 -18.62 -8.49
N GLN A 113 14.96 -18.72 -7.56
CA GLN A 113 16.32 -19.08 -7.91
C GLN A 113 16.41 -20.55 -8.32
N GLY A 114 15.48 -21.34 -7.79
CA GLY A 114 15.41 -22.78 -8.07
C GLY A 114 15.03 -23.02 -9.50
N SER A 115 14.08 -22.23 -9.99
CA SER A 115 13.58 -22.35 -11.36
C SER A 115 14.67 -21.99 -12.38
N PHE A 116 15.64 -21.18 -11.94
CA PHE A 116 16.75 -20.79 -12.80
C PHE A 116 17.69 -21.96 -13.03
N ALA A 117 17.98 -22.71 -11.97
CA ALA A 117 18.86 -23.87 -12.03
C ALA A 117 18.24 -24.91 -12.93
N CYS A 118 16.93 -25.09 -12.79
CA CYS A 118 16.13 -26.03 -13.58
C CYS A 118 16.28 -25.77 -15.08
N ILE A 119 15.94 -24.55 -15.53
CA ILE A 119 16.06 -24.23 -16.97
C ILE A 119 17.50 -24.42 -17.46
N THR A 120 18.47 -24.08 -16.61
CA THR A 120 19.88 -24.22 -16.97
C THR A 120 20.19 -25.66 -17.37
N VAL A 121 19.76 -26.59 -16.53
CA VAL A 121 20.00 -28.00 -16.77
C VAL A 121 19.23 -28.50 -18.01
N GLY A 122 18.03 -27.96 -18.21
CA GLY A 122 17.19 -28.32 -19.36
C GLY A 122 17.81 -27.87 -20.68
N LEU A 123 18.66 -26.86 -20.63
CA LEU A 123 19.31 -26.34 -21.82
C LEU A 123 20.34 -27.31 -22.36
N ILE A 124 21.16 -27.87 -21.48
CA ILE A 124 22.23 -28.79 -21.83
C ILE A 124 21.78 -30.00 -22.64
N VAL A 125 20.72 -30.63 -22.16
CA VAL A 125 20.13 -31.83 -22.75
C VAL A 125 20.04 -31.82 -24.30
N GLY A 126 19.74 -30.67 -24.88
CA GLY A 126 19.65 -30.53 -26.33
C GLY A 126 20.89 -30.88 -27.14
N ALA A 127 22.07 -30.73 -26.53
CA ALA A 127 23.33 -31.04 -27.20
C ALA A 127 23.69 -32.53 -27.16
N LEU A 128 22.93 -33.29 -26.36
CA LEU A 128 23.15 -34.73 -26.17
C LEU A 128 22.12 -35.65 -26.84
N ALA A 129 21.06 -35.06 -27.37
CA ALA A 129 19.95 -35.79 -27.99
C ALA A 129 20.28 -36.93 -28.96
N GLU A 130 19.46 -37.97 -28.90
CA GLU A 130 19.53 -39.15 -29.77
C GLU A 130 20.61 -40.22 -29.61
N ARG A 131 21.62 -40.00 -28.76
CA ARG A 131 22.69 -41.02 -28.56
C ARG A 131 23.11 -41.24 -27.10
N ILE A 132 22.66 -40.36 -26.21
CA ILE A 132 23.02 -40.48 -24.81
C ILE A 132 22.09 -41.41 -24.05
N ARG A 133 22.70 -42.17 -23.14
CA ARG A 133 22.00 -43.11 -22.27
C ARG A 133 21.26 -42.29 -21.22
N PHE A 134 20.06 -42.71 -20.84
CA PHE A 134 19.26 -41.99 -19.84
C PHE A 134 19.90 -41.89 -18.46
N SER A 135 20.35 -43.03 -17.95
CA SER A 135 20.97 -43.05 -16.64
C SER A 135 22.16 -42.10 -16.59
N ALA A 136 22.88 -41.98 -17.72
CA ALA A 136 24.05 -41.10 -17.81
C ALA A 136 23.70 -39.64 -17.56
N VAL A 137 22.63 -39.17 -18.20
CA VAL A 137 22.22 -37.78 -18.04
C VAL A 137 21.97 -37.41 -16.58
N LEU A 138 21.26 -38.28 -15.85
CA LEU A 138 20.94 -38.06 -14.42
C LEU A 138 22.18 -37.96 -13.54
N ILE A 139 23.19 -38.79 -13.84
CA ILE A 139 24.46 -38.77 -13.08
C ILE A 139 25.18 -37.44 -13.32
N PHE A 140 25.34 -37.09 -14.61
CA PHE A 140 26.00 -35.83 -15.00
C PHE A 140 25.35 -34.61 -14.32
N VAL A 141 24.03 -34.62 -14.23
CA VAL A 141 23.30 -33.51 -13.58
C VAL A 141 23.65 -33.35 -12.10
N VAL A 142 23.62 -34.44 -11.34
CA VAL A 142 23.95 -34.42 -9.92
C VAL A 142 25.31 -33.77 -9.71
N VAL A 143 26.30 -34.21 -10.48
CA VAL A 143 27.67 -33.69 -10.39
C VAL A 143 27.79 -32.24 -10.89
N TRP A 144 27.31 -31.98 -12.11
CA TRP A 144 27.40 -30.65 -12.71
C TRP A 144 26.65 -29.56 -11.95
N LEU A 145 25.40 -29.81 -11.56
CA LEU A 145 24.64 -28.83 -10.81
C LEU A 145 25.40 -28.46 -9.52
N THR A 146 25.85 -29.48 -8.81
CA THR A 146 26.55 -29.32 -7.56
C THR A 146 27.92 -28.64 -7.65
N LEU A 147 28.74 -29.01 -8.62
CA LEU A 147 30.09 -28.43 -8.75
C LEU A 147 30.26 -27.25 -9.70
N SER A 148 29.31 -27.05 -10.60
CA SER A 148 29.38 -25.96 -11.57
C SER A 148 28.31 -24.88 -11.35
N TYR A 149 27.03 -25.28 -11.32
CA TYR A 149 25.94 -24.32 -11.11
C TYR A 149 25.98 -23.54 -9.80
N ILE A 150 25.99 -24.27 -8.69
CA ILE A 150 25.99 -23.66 -7.36
C ILE A 150 27.19 -22.74 -7.08
N PRO A 151 28.42 -23.19 -7.38
CA PRO A 151 29.53 -22.26 -7.20
C PRO A 151 29.46 -21.05 -8.13
N ILE A 152 29.04 -21.26 -9.38
CA ILE A 152 28.96 -20.17 -10.34
C ILE A 152 27.87 -19.17 -9.95
N ALA A 153 26.74 -19.69 -9.49
CA ALA A 153 25.63 -18.86 -9.05
C ALA A 153 26.04 -18.06 -7.81
N HIS A 154 26.86 -18.66 -6.94
CA HIS A 154 27.33 -17.99 -5.73
C HIS A 154 28.36 -16.90 -6.07
N MET A 155 29.24 -17.22 -7.02
CA MET A 155 30.27 -16.27 -7.44
C MET A 155 29.67 -15.04 -8.07
N VAL A 156 28.58 -15.22 -8.81
CA VAL A 156 27.92 -14.12 -9.50
C VAL A 156 26.80 -13.42 -8.71
N TRP A 157 25.81 -14.18 -8.24
CA TRP A 157 24.67 -13.61 -7.50
C TRP A 157 24.65 -13.79 -5.98
N GLY A 158 25.69 -14.40 -5.42
CA GLY A 158 25.73 -14.62 -3.98
C GLY A 158 26.84 -13.90 -3.22
N GLY A 159 27.29 -12.76 -3.75
CA GLY A 159 28.33 -11.98 -3.10
C GLY A 159 29.76 -12.48 -3.23
N GLY A 160 29.95 -13.56 -4.00
CA GLY A 160 31.27 -14.16 -4.21
C GLY A 160 32.25 -13.36 -5.07
N LEU A 161 33.28 -14.05 -5.56
CA LEU A 161 34.35 -13.45 -6.38
C LEU A 161 33.92 -12.45 -7.46
N LEU A 162 33.08 -12.89 -8.40
CA LEU A 162 32.63 -12.03 -9.48
C LEU A 162 31.79 -10.81 -9.06
N ALA A 163 30.90 -11.01 -8.10
CA ALA A 163 30.06 -9.94 -7.57
C ALA A 163 30.89 -8.86 -6.88
N SER A 164 31.92 -9.28 -6.14
CA SER A 164 32.82 -8.35 -5.44
C SER A 164 33.73 -7.59 -6.41
N HIS A 165 33.92 -8.14 -7.61
CA HIS A 165 34.74 -7.50 -8.64
C HIS A 165 33.89 -6.57 -9.52
N GLY A 166 32.57 -6.54 -9.27
CA GLY A 166 31.64 -5.68 -10.03
C GLY A 166 31.09 -6.17 -11.36
N ALA A 167 30.81 -7.47 -11.45
CA ALA A 167 30.27 -8.06 -12.67
C ALA A 167 28.82 -7.64 -12.94
N LEU A 168 28.46 -7.52 -14.21
CA LEU A 168 27.10 -7.14 -14.57
C LEU A 168 26.45 -8.28 -15.31
N ASP A 169 25.51 -8.93 -14.63
CA ASP A 169 24.75 -10.05 -15.17
C ASP A 169 23.41 -9.97 -14.48
N PHE A 170 22.46 -9.33 -15.14
CA PHE A 170 21.14 -9.14 -14.56
C PHE A 170 20.34 -10.42 -14.37
N ALA A 171 20.25 -11.26 -15.40
CA ALA A 171 19.47 -12.49 -15.30
C ALA A 171 20.13 -13.83 -15.67
N GLY A 172 21.44 -13.85 -15.86
CA GLY A 172 22.10 -15.11 -16.17
C GLY A 172 22.82 -15.28 -17.49
N GLY A 173 23.62 -14.31 -17.87
CA GLY A 173 24.39 -14.39 -19.11
C GLY A 173 25.42 -15.47 -18.85
N THR A 174 26.14 -15.32 -17.74
CA THR A 174 27.14 -16.31 -17.35
C THR A 174 26.48 -17.51 -16.67
N VAL A 175 25.92 -17.24 -15.47
CA VAL A 175 25.27 -18.23 -14.60
C VAL A 175 24.39 -19.28 -15.28
N VAL A 176 23.61 -18.82 -16.26
CA VAL A 176 22.69 -19.69 -16.95
C VAL A 176 23.09 -20.13 -18.36
N HIS A 177 23.26 -19.18 -19.27
CA HIS A 177 23.56 -19.51 -20.67
C HIS A 177 24.95 -20.03 -21.05
N ILE A 178 26.00 -19.27 -20.73
CA ILE A 178 27.37 -19.69 -21.05
C ILE A 178 27.66 -21.00 -20.32
N ASN A 179 27.18 -21.06 -19.07
CA ASN A 179 27.31 -22.22 -18.20
C ASN A 179 26.80 -23.48 -18.89
N ALA A 180 25.57 -23.40 -19.38
CA ALA A 180 24.91 -24.50 -20.08
C ALA A 180 25.53 -24.79 -21.44
N ALA A 181 25.79 -23.74 -22.22
CA ALA A 181 26.37 -23.91 -23.55
C ALA A 181 27.68 -24.69 -23.54
N ILE A 182 28.56 -24.33 -22.61
CA ILE A 182 29.86 -24.99 -22.49
C ILE A 182 29.67 -26.44 -22.07
N ALA A 183 28.80 -26.64 -21.09
CA ALA A 183 28.49 -27.97 -20.58
C ALA A 183 28.03 -28.89 -21.70
N GLY A 184 27.20 -28.35 -22.59
CA GLY A 184 26.68 -29.09 -23.73
C GLY A 184 27.74 -29.36 -24.78
N LEU A 185 28.58 -28.35 -25.06
CA LEU A 185 29.65 -28.48 -26.04
C LEU A 185 30.58 -29.64 -25.66
N VAL A 186 30.86 -29.76 -24.37
CA VAL A 186 31.74 -30.82 -23.87
C VAL A 186 31.11 -32.19 -24.12
N GLY A 187 29.81 -32.29 -23.87
CA GLY A 187 29.05 -33.52 -24.07
C GLY A 187 29.01 -33.97 -25.52
N ALA A 188 28.79 -33.02 -26.42
CA ALA A 188 28.74 -33.29 -27.85
C ALA A 188 30.08 -33.86 -28.35
N TYR A 189 31.17 -33.22 -27.92
CA TYR A 189 32.52 -33.63 -28.29
C TYR A 189 32.84 -35.04 -27.79
N LEU A 190 32.61 -35.26 -26.49
CA LEU A 190 32.88 -36.54 -25.85
C LEU A 190 32.01 -37.73 -26.30
N ILE A 191 30.73 -37.51 -26.59
CA ILE A 191 29.88 -38.63 -27.03
C ILE A 191 29.94 -38.87 -28.54
N GLY A 192 30.60 -37.98 -29.26
CA GLY A 192 30.75 -38.09 -30.71
C GLY A 192 29.51 -37.82 -31.55
N LYS A 193 29.72 -37.79 -32.85
CA LYS A 193 28.68 -37.55 -33.84
C LYS A 193 27.63 -38.68 -33.87
N ARG A 194 26.39 -38.33 -34.19
CA ARG A 194 25.30 -39.31 -34.30
C ARG A 194 25.55 -40.20 -35.51
N VAL A 195 24.99 -41.41 -35.50
CA VAL A 195 25.18 -42.30 -36.64
C VAL A 195 24.53 -41.71 -37.89
N GLY A 196 25.23 -41.78 -39.02
CA GLY A 196 24.73 -41.24 -40.28
C GLY A 196 24.96 -39.75 -40.48
N PHE A 197 25.62 -39.10 -39.51
CA PHE A 197 25.90 -37.66 -39.59
C PHE A 197 26.68 -37.33 -40.86
N GLY A 198 26.14 -36.40 -41.64
CA GLY A 198 26.75 -36.01 -42.90
C GLY A 198 26.39 -36.94 -44.06
N LYS A 199 25.64 -37.99 -43.76
CA LYS A 199 25.24 -38.97 -44.78
C LYS A 199 23.73 -39.06 -44.91
N GLU A 200 23.01 -38.64 -43.86
CA GLU A 200 21.55 -38.71 -43.83
C GLU A 200 20.91 -37.37 -43.42
N ALA A 201 19.65 -37.18 -43.83
CA ALA A 201 18.91 -35.96 -43.51
C ALA A 201 18.35 -35.97 -42.09
N PHE A 202 18.73 -34.97 -41.29
CA PHE A 202 18.24 -34.87 -39.93
C PHE A 202 17.34 -33.65 -39.78
N LYS A 203 16.07 -33.87 -40.08
CA LYS A 203 15.07 -32.81 -40.00
C LYS A 203 14.33 -32.85 -38.65
N PRO A 204 13.92 -31.67 -38.14
CA PRO A 204 12.99 -31.60 -37.01
C PRO A 204 11.67 -32.26 -37.39
N HIS A 205 11.26 -33.25 -36.60
CA HIS A 205 10.02 -33.94 -36.91
C HIS A 205 8.77 -33.07 -36.78
N ASN A 206 8.80 -32.08 -35.89
CA ASN A 206 7.62 -31.27 -35.67
C ASN A 206 7.92 -29.79 -35.43
N LEU A 207 7.97 -29.01 -36.52
CA LEU A 207 8.24 -27.59 -36.43
C LEU A 207 7.17 -26.77 -35.66
N PRO A 208 5.87 -27.06 -35.89
CA PRO A 208 4.85 -26.45 -35.01
C PRO A 208 5.10 -26.70 -33.53
N MET A 209 5.70 -27.84 -33.20
CA MET A 209 6.02 -28.13 -31.81
C MET A 209 7.15 -27.20 -31.36
N VAL A 210 8.16 -27.04 -32.23
CA VAL A 210 9.30 -26.17 -31.96
C VAL A 210 8.77 -24.77 -31.74
N PHE A 211 7.91 -24.30 -32.64
CA PHE A 211 7.32 -22.96 -32.52
C PHE A 211 6.65 -22.81 -31.16
N THR A 212 5.81 -23.78 -30.80
CA THR A 212 5.12 -23.78 -29.50
C THR A 212 6.12 -23.62 -28.34
N GLY A 213 7.22 -24.37 -28.38
CA GLY A 213 8.24 -24.28 -27.34
C GLY A 213 8.89 -22.91 -27.31
N THR A 214 9.18 -22.40 -28.51
CA THR A 214 9.78 -21.06 -28.65
C THR A 214 8.84 -20.03 -28.03
N ALA A 215 7.57 -20.12 -28.38
CA ALA A 215 6.55 -19.21 -27.86
C ALA A 215 6.48 -19.28 -26.33
N ILE A 216 6.45 -20.51 -25.79
CA ILE A 216 6.38 -20.69 -24.35
C ILE A 216 7.64 -20.15 -23.64
N LEU A 217 8.82 -20.42 -24.20
CA LEU A 217 10.08 -19.90 -23.63
C LEU A 217 10.08 -18.37 -23.56
N TYR A 218 9.48 -17.75 -24.58
CA TYR A 218 9.38 -16.29 -24.68
C TYR A 218 8.46 -15.73 -23.60
N ILE A 219 7.22 -16.20 -23.57
CA ILE A 219 6.27 -15.76 -22.55
C ILE A 219 6.85 -15.99 -21.14
N GLY A 220 7.53 -17.13 -20.95
CA GLY A 220 8.12 -17.45 -19.66
C GLY A 220 9.32 -16.57 -19.28
N TRP A 221 10.06 -16.12 -20.30
CA TRP A 221 11.23 -15.29 -20.12
C TRP A 221 11.00 -13.96 -19.43
N PHE A 222 9.79 -13.39 -19.59
CA PHE A 222 9.44 -12.12 -18.96
C PHE A 222 9.51 -12.24 -17.43
N GLY A 223 9.19 -13.42 -16.91
CA GLY A 223 9.27 -13.69 -15.48
C GLY A 223 10.72 -13.91 -15.09
N PHE A 224 11.51 -14.37 -16.06
CA PHE A 224 12.94 -14.67 -15.93
C PHE A 224 13.73 -13.36 -15.83
N ASN A 225 13.55 -12.46 -16.81
CA ASN A 225 14.25 -11.16 -16.84
C ASN A 225 13.71 -10.09 -15.89
N ALA A 226 12.41 -9.84 -15.97
CA ALA A 226 11.76 -8.82 -15.14
C ALA A 226 11.79 -9.25 -13.68
N GLY A 227 11.54 -10.54 -13.42
CA GLY A 227 11.57 -11.04 -12.06
C GLY A 227 12.94 -10.88 -11.42
N SER A 228 13.97 -10.72 -12.24
CA SER A 228 15.32 -10.55 -11.69
C SER A 228 15.48 -9.21 -10.98
N ALA A 229 14.47 -8.35 -11.14
CA ALA A 229 14.45 -7.06 -10.46
C ALA A 229 14.15 -7.30 -8.98
N GLY A 230 13.42 -8.39 -8.69
CA GLY A 230 13.06 -8.77 -7.32
C GLY A 230 11.84 -8.07 -6.74
N THR A 231 11.22 -7.23 -7.55
CA THR A 231 10.07 -6.44 -7.16
C THR A 231 9.47 -5.90 -8.46
N ALA A 232 8.20 -5.51 -8.41
CA ALA A 232 7.50 -4.94 -9.57
C ALA A 232 7.70 -3.41 -9.66
N ASN A 233 8.96 -2.99 -9.83
CA ASN A 233 9.33 -1.57 -9.87
C ASN A 233 9.65 -1.04 -11.27
N GLU A 234 10.38 0.08 -11.34
CA GLU A 234 10.76 0.65 -12.64
C GLU A 234 11.83 -0.20 -13.35
N ILE A 235 12.68 -0.88 -12.56
CA ILE A 235 13.72 -1.73 -13.14
C ILE A 235 13.09 -2.93 -13.84
N ALA A 236 12.02 -3.47 -13.24
CA ALA A 236 11.31 -4.59 -13.84
C ALA A 236 10.63 -4.11 -15.12
N ALA A 237 10.12 -2.87 -15.08
CA ALA A 237 9.46 -2.24 -16.23
C ALA A 237 10.44 -2.05 -17.39
N LEU A 238 11.69 -1.73 -17.05
CA LEU A 238 12.78 -1.56 -18.01
C LEU A 238 13.17 -2.93 -18.63
N ALA A 239 13.34 -3.93 -17.78
CA ALA A 239 13.69 -5.27 -18.25
C ALA A 239 12.59 -5.88 -19.10
N PHE A 240 11.35 -5.63 -18.72
CA PHE A 240 10.23 -6.15 -19.47
C PHE A 240 10.28 -5.57 -20.90
N VAL A 241 10.25 -4.24 -20.98
CA VAL A 241 10.31 -3.55 -22.27
C VAL A 241 11.53 -3.99 -23.11
N ASN A 242 12.71 -4.07 -22.50
CA ASN A 242 13.90 -4.49 -23.23
C ASN A 242 13.83 -5.92 -23.75
N THR A 243 12.99 -6.72 -23.11
CA THR A 243 12.82 -8.10 -23.53
C THR A 243 12.02 -8.12 -24.83
N VAL A 244 10.97 -7.29 -24.90
CA VAL A 244 10.12 -7.20 -26.11
C VAL A 244 11.00 -6.79 -27.28
N VAL A 245 11.73 -5.69 -27.06
CA VAL A 245 12.62 -5.09 -28.06
C VAL A 245 13.73 -5.97 -28.63
N ALA A 246 14.58 -6.54 -27.77
CA ALA A 246 15.69 -7.38 -28.26
C ALA A 246 15.23 -8.62 -29.01
N THR A 247 14.17 -9.26 -28.54
CA THR A 247 13.63 -10.45 -29.17
C THR A 247 13.17 -10.13 -30.58
N ALA A 248 12.43 -9.03 -30.74
CA ALA A 248 11.92 -8.61 -32.04
C ALA A 248 13.09 -8.25 -32.98
N ALA A 249 14.07 -7.52 -32.44
CA ALA A 249 15.24 -7.12 -33.21
C ALA A 249 16.02 -8.34 -33.70
N ALA A 250 16.19 -9.32 -32.82
CA ALA A 250 16.90 -10.55 -33.15
C ALA A 250 16.16 -11.38 -34.19
N ILE A 251 14.83 -11.45 -34.04
CA ILE A 251 14.00 -12.17 -34.99
C ILE A 251 14.21 -11.56 -36.36
N LEU A 252 14.16 -10.23 -36.43
CA LEU A 252 14.35 -9.46 -37.66
C LEU A 252 15.80 -9.57 -38.15
N GLY A 253 16.74 -9.56 -37.22
CA GLY A 253 18.15 -9.72 -37.56
C GLY A 253 18.36 -11.04 -38.30
N TRP A 254 18.03 -12.14 -37.62
CA TRP A 254 18.16 -13.48 -38.17
C TRP A 254 17.45 -13.63 -39.52
N ILE A 255 16.14 -13.42 -39.50
CA ILE A 255 15.30 -13.53 -40.70
C ILE A 255 15.90 -12.91 -41.94
N PHE A 256 16.28 -11.64 -41.85
CA PHE A 256 16.88 -10.96 -42.99
C PHE A 256 18.29 -11.45 -43.31
N GLY A 257 18.98 -11.97 -42.30
CA GLY A 257 20.32 -12.52 -42.50
C GLY A 257 20.20 -13.80 -43.30
N GLU A 258 19.22 -14.62 -42.92
CA GLU A 258 18.94 -15.90 -43.57
C GLU A 258 18.37 -15.71 -44.99
N TRP A 259 17.40 -14.80 -45.15
CA TRP A 259 16.80 -14.50 -46.45
C TRP A 259 17.87 -14.09 -47.48
N ALA A 260 18.82 -13.25 -47.05
CA ALA A 260 19.88 -12.78 -47.93
C ALA A 260 21.02 -13.78 -48.20
N LEU A 261 21.49 -14.45 -47.16
CA LEU A 261 22.61 -15.39 -47.31
C LEU A 261 22.23 -16.83 -47.64
N ARG A 262 21.03 -17.26 -47.24
CA ARG A 262 20.58 -18.62 -47.50
C ARG A 262 19.55 -18.74 -48.64
N GLY A 263 18.76 -17.70 -48.85
CA GLY A 263 17.76 -17.70 -49.91
C GLY A 263 16.32 -17.39 -49.50
N LYS A 264 15.92 -17.81 -48.30
CA LYS A 264 14.57 -17.57 -47.82
C LYS A 264 14.43 -17.42 -46.29
N PRO A 265 13.35 -16.74 -45.82
CA PRO A 265 13.10 -16.59 -44.40
C PRO A 265 12.38 -17.82 -43.88
N SER A 266 13.08 -18.68 -43.17
CA SER A 266 12.48 -19.91 -42.65
C SER A 266 11.73 -19.69 -41.32
N LEU A 267 10.86 -20.63 -40.98
CA LEU A 267 10.12 -20.56 -39.73
C LEU A 267 11.08 -20.86 -38.58
N LEU A 268 11.96 -21.84 -38.79
CA LEU A 268 12.92 -22.19 -37.73
C LEU A 268 13.84 -21.00 -37.50
N GLY A 269 14.19 -20.29 -38.57
CA GLY A 269 15.04 -19.11 -38.48
C GLY A 269 14.48 -18.11 -37.48
N ALA A 270 13.22 -17.72 -37.71
CA ALA A 270 12.53 -16.76 -36.83
C ALA A 270 12.56 -17.17 -35.36
N CYS A 271 12.21 -18.44 -35.09
CA CYS A 271 12.21 -19.05 -33.73
C CYS A 271 13.60 -18.98 -33.11
N SER A 272 14.61 -19.38 -33.88
CA SER A 272 15.99 -19.36 -33.42
C SER A 272 16.45 -17.91 -33.17
N GLY A 273 15.90 -16.97 -33.93
CA GLY A 273 16.23 -15.56 -33.78
C GLY A 273 15.68 -15.04 -32.46
N ALA A 274 14.48 -15.48 -32.10
CA ALA A 274 13.84 -15.09 -30.84
C ALA A 274 14.73 -15.43 -29.64
N ILE A 275 15.12 -16.72 -29.52
CA ILE A 275 16.00 -17.18 -28.43
C ILE A 275 17.29 -16.35 -28.41
N ALA A 276 17.96 -16.27 -29.56
CA ALA A 276 19.19 -15.50 -29.72
C ALA A 276 19.05 -14.10 -29.09
N GLY A 277 17.95 -13.42 -29.41
CA GLY A 277 17.68 -12.09 -28.85
C GLY A 277 17.41 -12.15 -27.36
N LEU A 278 16.70 -13.20 -26.93
CA LEU A 278 16.37 -13.42 -25.52
C LEU A 278 17.62 -13.66 -24.68
N VAL A 279 18.50 -14.54 -25.18
CA VAL A 279 19.75 -14.89 -24.52
C VAL A 279 20.68 -13.68 -24.43
N GLY A 280 20.81 -12.98 -25.56
CA GLY A 280 21.67 -11.80 -25.64
C GLY A 280 21.28 -10.69 -24.69
N VAL A 281 19.98 -10.53 -24.44
CA VAL A 281 19.51 -9.47 -23.55
C VAL A 281 19.46 -9.90 -22.09
N THR A 282 19.53 -11.20 -21.82
CA THR A 282 19.48 -11.69 -20.44
C THR A 282 20.39 -10.97 -19.42
N PRO A 283 21.70 -10.81 -19.71
CA PRO A 283 22.52 -10.07 -18.73
C PRO A 283 22.36 -8.55 -18.77
N ALA A 284 21.87 -8.04 -19.91
CA ALA A 284 21.70 -6.60 -20.13
C ALA A 284 20.36 -5.96 -19.81
N CYS A 285 19.28 -6.72 -19.94
CA CYS A 285 17.90 -6.24 -19.74
C CYS A 285 17.61 -5.20 -18.66
N GLY A 286 18.17 -5.38 -17.46
CA GLY A 286 17.94 -4.41 -16.39
C GLY A 286 18.88 -3.22 -16.35
N TYR A 287 19.94 -3.26 -17.15
CA TYR A 287 20.93 -2.19 -17.14
C TYR A 287 20.98 -1.27 -18.34
N ILE A 288 20.40 -1.69 -19.46
CA ILE A 288 20.47 -0.89 -20.69
C ILE A 288 19.19 -0.15 -21.11
N GLY A 289 19.36 0.82 -22.01
CA GLY A 289 18.24 1.60 -22.52
C GLY A 289 17.57 0.86 -23.68
N VAL A 290 16.36 1.29 -24.04
CA VAL A 290 15.61 0.65 -25.11
C VAL A 290 16.42 0.58 -26.44
N GLY A 291 17.28 1.56 -26.68
CA GLY A 291 18.13 1.61 -27.87
C GLY A 291 19.19 0.53 -27.81
N GLY A 292 19.75 0.34 -26.62
CA GLY A 292 20.77 -0.68 -26.41
C GLY A 292 20.18 -2.07 -26.70
N ALA A 293 18.96 -2.30 -26.23
CA ALA A 293 18.27 -3.55 -26.44
C ALA A 293 18.07 -3.83 -27.92
N LEU A 294 17.89 -2.77 -28.70
CA LEU A 294 17.71 -2.89 -30.14
C LEU A 294 19.00 -3.37 -30.78
N ILE A 295 20.11 -2.68 -30.47
CA ILE A 295 21.43 -3.03 -31.01
C ILE A 295 21.85 -4.44 -30.58
N ILE A 296 21.63 -4.76 -29.31
CA ILE A 296 21.97 -6.08 -28.79
C ILE A 296 21.20 -7.15 -29.55
N GLY A 297 19.88 -7.00 -29.62
CA GLY A 297 19.00 -7.93 -30.32
C GLY A 297 19.46 -8.20 -31.74
N VAL A 298 19.69 -7.14 -32.53
CA VAL A 298 20.15 -7.28 -33.92
C VAL A 298 21.45 -8.10 -33.97
N VAL A 299 22.50 -7.58 -33.31
CA VAL A 299 23.80 -8.25 -33.24
C VAL A 299 23.66 -9.73 -32.83
N ALA A 300 22.94 -9.98 -31.74
CA ALA A 300 22.68 -11.33 -31.22
C ALA A 300 22.03 -12.26 -32.25
N GLY A 301 21.04 -11.75 -32.98
CA GLY A 301 20.35 -12.53 -34.02
C GLY A 301 21.32 -12.98 -35.09
N LEU A 302 22.09 -12.01 -35.61
CA LEU A 302 23.09 -12.26 -36.65
C LEU A 302 24.18 -13.18 -36.16
N ALA A 303 24.58 -13.00 -34.89
CA ALA A 303 25.60 -13.84 -34.28
C ALA A 303 25.13 -15.28 -34.26
N GLY A 304 23.88 -15.48 -33.83
CA GLY A 304 23.27 -16.80 -33.77
C GLY A 304 23.26 -17.49 -35.12
N LEU A 305 22.98 -16.72 -36.17
CA LEU A 305 22.98 -17.26 -37.53
C LEU A 305 24.36 -17.83 -37.85
N TRP A 306 25.39 -17.11 -37.42
CA TRP A 306 26.78 -17.53 -37.60
C TRP A 306 27.06 -18.77 -36.75
N GLY A 307 26.60 -18.73 -35.49
CA GLY A 307 26.75 -19.82 -34.55
C GLY A 307 26.28 -21.16 -35.09
N VAL A 308 25.08 -21.18 -35.67
CA VAL A 308 24.54 -22.44 -36.20
C VAL A 308 25.02 -22.79 -37.61
N THR A 309 25.65 -21.85 -38.31
CA THR A 309 26.12 -22.08 -39.68
C THR A 309 27.63 -22.30 -39.77
N MET A 310 28.39 -21.22 -39.90
CA MET A 310 29.85 -21.29 -40.00
C MET A 310 30.50 -21.91 -38.77
N LEU A 311 30.23 -21.33 -37.60
CA LEU A 311 30.80 -21.78 -36.32
C LEU A 311 30.68 -23.30 -36.12
N LYS A 312 29.45 -23.80 -36.14
CA LYS A 312 29.17 -25.24 -35.97
C LYS A 312 29.96 -26.14 -36.92
N ARG A 313 30.03 -25.74 -38.19
CA ARG A 313 30.74 -26.48 -39.22
C ARG A 313 32.25 -26.44 -38.98
N LEU A 314 32.74 -25.35 -38.42
CA LEU A 314 34.18 -25.24 -38.16
C LEU A 314 34.55 -25.96 -36.86
N LEU A 315 33.71 -25.88 -35.85
CA LEU A 315 34.00 -26.59 -34.59
C LEU A 315 33.96 -28.11 -34.79
N ARG A 316 33.27 -28.56 -35.84
CA ARG A 316 33.14 -29.98 -36.16
C ARG A 316 32.49 -30.82 -35.03
N VAL A 317 31.36 -30.33 -34.53
CA VAL A 317 30.59 -31.01 -33.48
C VAL A 317 29.19 -31.32 -33.92
N ASP A 318 28.60 -32.34 -33.30
CA ASP A 318 27.24 -32.68 -33.57
C ASP A 318 26.51 -32.21 -32.32
N ASP A 319 26.00 -30.98 -32.40
CA ASP A 319 25.27 -30.34 -31.31
C ASP A 319 23.87 -30.19 -31.89
N PRO A 320 23.04 -31.25 -31.79
CA PRO A 320 21.81 -31.38 -32.58
C PRO A 320 20.85 -30.21 -32.42
N CYS A 321 20.76 -29.66 -31.23
CA CYS A 321 19.87 -28.52 -30.99
C CYS A 321 20.62 -27.19 -30.89
N ASP A 322 21.86 -27.16 -31.39
CA ASP A 322 22.73 -25.96 -31.39
C ASP A 322 22.68 -25.13 -30.11
N VAL A 323 22.86 -25.82 -29.00
CA VAL A 323 22.87 -25.22 -27.69
C VAL A 323 23.98 -24.17 -27.61
N PHE A 324 25.16 -24.50 -28.13
CA PHE A 324 26.27 -23.57 -28.09
C PHE A 324 26.14 -22.43 -29.09
N GLY A 325 25.72 -22.76 -30.31
CA GLY A 325 25.55 -21.76 -31.37
C GLY A 325 24.61 -20.63 -30.96
N VAL A 326 23.66 -20.96 -30.08
CA VAL A 326 22.68 -19.98 -29.58
C VAL A 326 22.95 -19.48 -28.14
N HIS A 327 23.05 -20.38 -27.17
CA HIS A 327 23.29 -19.96 -25.79
C HIS A 327 24.72 -19.57 -25.45
N GLY A 328 25.70 -20.12 -26.17
CA GLY A 328 27.10 -19.79 -25.94
C GLY A 328 27.53 -18.52 -26.65
N VAL A 329 27.34 -18.52 -27.97
CA VAL A 329 27.70 -17.37 -28.82
C VAL A 329 26.95 -16.09 -28.42
N CYS A 330 25.64 -16.19 -28.21
CA CYS A 330 24.83 -15.03 -27.80
C CYS A 330 25.00 -14.68 -26.31
N GLY A 331 25.44 -15.65 -25.50
CA GLY A 331 25.68 -15.43 -24.07
C GLY A 331 26.92 -14.57 -23.93
N ILE A 332 27.98 -14.99 -24.61
CA ILE A 332 29.24 -14.26 -24.62
C ILE A 332 28.98 -12.86 -25.21
N VAL A 333 28.34 -12.82 -26.37
CA VAL A 333 28.03 -11.56 -27.03
C VAL A 333 27.28 -10.63 -26.07
N GLY A 334 26.25 -11.15 -25.40
CA GLY A 334 25.45 -10.39 -24.45
C GLY A 334 26.19 -9.81 -23.25
N CYS A 335 27.06 -10.62 -22.65
CA CYS A 335 27.83 -10.19 -21.48
C CYS A 335 28.77 -9.04 -21.85
N ILE A 336 29.36 -9.13 -23.02
CA ILE A 336 30.26 -8.09 -23.48
C ILE A 336 29.46 -6.82 -23.73
N MET A 337 28.36 -6.95 -24.47
CA MET A 337 27.52 -5.80 -24.79
C MET A 337 26.88 -5.13 -23.55
N THR A 338 26.88 -5.83 -22.41
CA THR A 338 26.35 -5.30 -21.16
C THR A 338 27.35 -4.31 -20.56
N GLY A 339 28.63 -4.68 -20.59
CA GLY A 339 29.69 -3.81 -20.06
C GLY A 339 29.85 -2.54 -20.87
N ILE A 340 29.08 -2.42 -21.95
CA ILE A 340 29.12 -1.27 -22.84
C ILE A 340 27.84 -0.43 -22.76
N PHE A 341 26.72 -1.04 -23.12
CA PHE A 341 25.43 -0.32 -23.15
C PHE A 341 24.82 0.09 -21.78
N ALA A 342 25.48 -0.29 -20.69
CA ALA A 342 25.03 0.10 -19.36
C ALA A 342 25.45 1.57 -19.15
N ALA A 343 26.49 2.01 -19.86
CA ALA A 343 26.97 3.40 -19.80
C ALA A 343 25.85 4.42 -19.99
N SER A 344 25.85 5.45 -19.14
CA SER A 344 24.85 6.52 -19.17
C SER A 344 24.74 7.20 -20.53
N SER A 345 25.87 7.53 -21.14
CA SER A 345 25.90 8.21 -22.44
C SER A 345 25.31 7.37 -23.59
N LEU A 346 25.04 6.10 -23.32
CA LEU A 346 24.45 5.20 -24.29
C LEU A 346 23.00 4.84 -23.89
N GLY A 347 22.43 5.63 -22.99
CA GLY A 347 21.06 5.40 -22.55
C GLY A 347 20.89 4.33 -21.51
N GLY A 348 22.00 3.86 -20.95
CA GLY A 348 21.98 2.83 -19.92
C GLY A 348 21.74 3.40 -18.53
N VAL A 349 21.66 2.50 -17.56
CA VAL A 349 21.44 2.86 -16.17
C VAL A 349 22.69 3.50 -15.51
N GLY A 350 23.85 3.33 -16.13
CA GLY A 350 25.10 3.89 -15.63
C GLY A 350 25.87 2.87 -14.81
N PHE A 351 27.19 2.96 -14.84
CA PHE A 351 28.04 2.02 -14.09
C PHE A 351 28.09 2.41 -12.61
N ALA A 352 28.55 1.50 -11.77
CA ALA A 352 28.68 1.77 -10.35
C ALA A 352 29.63 2.94 -10.12
N GLU A 353 29.48 3.59 -8.97
CA GLU A 353 30.31 4.74 -8.61
C GLU A 353 31.80 4.49 -8.87
N GLY A 354 32.41 5.36 -9.67
CA GLY A 354 33.84 5.26 -9.98
C GLY A 354 34.33 4.17 -10.94
N VAL A 355 33.44 3.73 -11.83
CA VAL A 355 33.77 2.70 -12.80
C VAL A 355 33.60 3.30 -14.21
N THR A 356 34.60 3.09 -15.07
CA THR A 356 34.54 3.57 -16.45
C THR A 356 34.40 2.35 -17.38
N MET A 357 34.06 2.60 -18.65
CA MET A 357 33.86 1.53 -19.62
C MET A 357 34.99 0.51 -19.75
N GLY A 358 36.23 0.95 -19.60
CA GLY A 358 37.39 0.07 -19.67
C GLY A 358 37.39 -1.01 -18.60
N HIS A 359 37.38 -0.57 -17.34
CA HIS A 359 37.38 -1.47 -16.17
C HIS A 359 36.23 -2.50 -16.20
N GLN A 360 35.04 -2.04 -16.59
CA GLN A 360 33.85 -2.89 -16.68
C GLN A 360 33.98 -3.96 -17.74
N LEU A 361 34.39 -3.53 -18.93
CA LEU A 361 34.56 -4.39 -20.08
C LEU A 361 35.51 -5.53 -19.73
N LEU A 362 36.62 -5.18 -19.05
CA LEU A 362 37.62 -6.15 -18.62
C LEU A 362 37.05 -7.10 -17.57
N VAL A 363 36.15 -6.57 -16.74
CA VAL A 363 35.49 -7.35 -15.71
C VAL A 363 34.52 -8.34 -16.38
N GLN A 364 33.81 -7.88 -17.41
CA GLN A 364 32.87 -8.75 -18.14
C GLN A 364 33.63 -9.93 -18.75
N LEU A 365 34.77 -9.65 -19.37
CA LEU A 365 35.61 -10.68 -19.99
C LEU A 365 36.15 -11.71 -18.98
N GLU A 366 36.54 -11.23 -17.79
CA GLU A 366 37.04 -12.08 -16.71
C GLU A 366 35.96 -13.07 -16.27
N SER A 367 34.73 -12.57 -16.08
CA SER A 367 33.61 -13.42 -15.68
C SER A 367 33.31 -14.48 -16.73
N ILE A 368 33.42 -14.10 -18.00
CA ILE A 368 33.17 -15.01 -19.12
C ILE A 368 34.20 -16.16 -19.16
N ALA A 369 35.48 -15.81 -19.05
CA ALA A 369 36.58 -16.79 -19.08
C ALA A 369 36.45 -17.82 -17.95
N ILE A 370 36.28 -17.31 -16.73
CA ILE A 370 36.11 -18.11 -15.52
C ILE A 370 34.95 -19.09 -15.67
N THR A 371 33.79 -18.59 -16.11
CA THR A 371 32.60 -19.42 -16.32
C THR A 371 32.86 -20.59 -17.27
N ILE A 372 33.50 -20.29 -18.41
CA ILE A 372 33.83 -21.27 -19.44
C ILE A 372 34.76 -22.39 -18.90
N VAL A 373 35.83 -21.98 -18.23
CA VAL A 373 36.80 -22.91 -17.67
C VAL A 373 36.16 -23.76 -16.58
N TRP A 374 35.46 -23.13 -15.64
CA TRP A 374 34.79 -23.80 -14.54
C TRP A 374 33.77 -24.85 -14.99
N SER A 375 32.86 -24.43 -15.86
CA SER A 375 31.82 -25.33 -16.35
C SER A 375 32.41 -26.43 -17.22
N GLY A 376 33.38 -26.05 -18.06
CA GLY A 376 34.05 -26.97 -18.97
C GLY A 376 34.80 -28.08 -18.28
N VAL A 377 35.51 -27.72 -17.21
CA VAL A 377 36.28 -28.68 -16.42
C VAL A 377 35.36 -29.63 -15.65
N VAL A 378 34.33 -29.07 -15.01
CA VAL A 378 33.34 -29.83 -14.22
C VAL A 378 32.44 -30.69 -15.11
N ALA A 379 32.18 -30.24 -16.32
CA ALA A 379 31.35 -31.00 -17.26
C ALA A 379 32.18 -32.18 -17.77
N PHE A 380 33.47 -31.98 -17.97
CA PHE A 380 34.37 -33.03 -18.43
C PHE A 380 34.40 -34.14 -17.38
N ILE A 381 34.44 -33.73 -16.11
CA ILE A 381 34.45 -34.66 -14.98
C ILE A 381 33.10 -35.37 -14.89
N GLY A 382 32.03 -34.60 -15.00
CA GLY A 382 30.67 -35.11 -14.94
C GLY A 382 30.44 -36.23 -15.94
N TYR A 383 30.79 -35.96 -17.21
CA TYR A 383 30.63 -36.94 -18.30
C TYR A 383 31.50 -38.15 -18.12
N LYS A 384 32.67 -37.95 -17.51
CA LYS A 384 33.61 -39.03 -17.27
C LYS A 384 33.02 -40.06 -16.30
N LEU A 385 32.43 -39.57 -15.19
CA LEU A 385 31.80 -40.48 -14.20
C LEU A 385 30.61 -41.23 -14.83
N ALA A 386 29.78 -40.51 -15.57
CA ALA A 386 28.64 -41.12 -16.22
C ALA A 386 29.14 -42.23 -17.15
N ASP A 387 30.13 -41.90 -17.99
CA ASP A 387 30.70 -42.89 -18.90
C ASP A 387 31.42 -44.02 -18.18
N LEU A 388 31.89 -43.75 -16.95
CA LEU A 388 32.60 -44.71 -16.12
C LEU A 388 31.67 -45.68 -15.42
N THR A 389 30.56 -45.15 -14.91
CA THR A 389 29.60 -45.96 -14.20
C THR A 389 28.66 -46.71 -15.14
N VAL A 390 27.90 -45.95 -15.94
CA VAL A 390 26.93 -46.55 -16.86
C VAL A 390 27.24 -46.54 -18.36
N GLY A 391 28.24 -45.78 -18.80
CA GLY A 391 28.55 -45.68 -20.23
C GLY A 391 27.68 -44.56 -20.79
N LEU A 392 28.29 -43.52 -21.34
CA LEU A 392 27.54 -42.36 -21.88
C LEU A 392 26.71 -42.60 -23.14
N ARG A 393 27.21 -43.46 -24.03
CA ARG A 393 26.56 -43.72 -25.30
C ARG A 393 25.94 -45.09 -25.52
N VAL A 394 24.67 -45.05 -25.89
CA VAL A 394 23.85 -46.21 -26.22
C VAL A 394 24.43 -46.89 -27.50
N PRO A 395 24.30 -48.23 -27.61
CA PRO A 395 24.82 -48.96 -28.79
C PRO A 395 24.22 -48.47 -30.10
N GLU A 396 24.93 -48.65 -31.21
CA GLU A 396 24.45 -48.20 -32.53
C GLU A 396 23.04 -48.68 -32.83
N GLU A 397 22.81 -49.98 -32.63
CA GLU A 397 21.51 -50.61 -32.89
C GLU A 397 20.36 -49.88 -32.17
N GLN A 398 20.59 -49.51 -30.91
CA GLN A 398 19.58 -48.77 -30.13
C GLN A 398 19.32 -47.37 -30.71
N GLU A 399 20.39 -46.76 -31.24
CA GLU A 399 20.32 -45.42 -31.84
C GLU A 399 19.50 -45.38 -33.13
N ARG A 400 19.63 -46.40 -33.99
CA ARG A 400 18.88 -46.43 -35.25
C ARG A 400 17.39 -46.71 -35.01
N GLU A 401 17.11 -47.51 -33.99
CA GLU A 401 15.77 -47.91 -33.62
C GLU A 401 14.98 -46.82 -32.88
N GLY A 402 15.69 -45.96 -32.16
CA GLY A 402 15.10 -44.87 -31.39
C GLY A 402 15.37 -44.98 -29.90
N LEU A 403 15.54 -43.84 -29.25
CA LEU A 403 15.79 -43.81 -27.81
C LEU A 403 14.51 -44.13 -27.05
N ASP A 404 13.38 -43.68 -27.59
CA ASP A 404 12.06 -43.90 -26.99
C ASP A 404 11.71 -45.34 -26.69
N VAL A 405 11.74 -46.19 -27.72
CA VAL A 405 11.40 -47.58 -27.52
C VAL A 405 12.44 -48.31 -26.64
N ASN A 406 13.71 -48.02 -26.86
CA ASN A 406 14.80 -48.65 -26.11
C ASN A 406 15.05 -48.17 -24.70
N SER A 407 15.03 -46.86 -24.49
CA SER A 407 15.29 -46.31 -23.16
C SER A 407 14.06 -46.09 -22.32
N HIS A 408 12.92 -45.86 -22.96
CA HIS A 408 11.68 -45.60 -22.23
C HIS A 408 10.48 -46.49 -22.49
N GLY A 409 10.66 -47.53 -23.30
CA GLY A 409 9.56 -48.47 -23.63
C GLY A 409 8.25 -47.87 -24.11
N GLU A 410 8.30 -46.77 -24.87
CA GLU A 410 7.09 -46.10 -25.40
C GLU A 410 7.24 -45.53 -26.82
N ASN A 411 6.15 -45.51 -27.58
CA ASN A 411 6.17 -44.93 -28.92
C ASN A 411 5.34 -43.65 -28.87
N ALA A 412 5.88 -42.55 -29.40
CA ALA A 412 5.19 -41.25 -29.35
C ALA A 412 3.86 -41.14 -30.05
N TYR A 413 3.80 -41.57 -31.31
CA TYR A 413 2.57 -41.45 -32.09
C TYR A 413 1.94 -42.79 -32.49
N ASN A 414 0.80 -43.07 -31.89
CA ASN A 414 0.06 -44.29 -32.14
C ASN A 414 -1.25 -44.01 -32.88
N ALA A 415 -1.91 -45.06 -33.37
CA ALA A 415 -3.18 -44.96 -34.12
C ALA A 415 -4.17 -43.88 -33.65
N HIS B 7 2.81 22.76 -7.26
CA HIS B 7 1.78 22.03 -8.06
C HIS B 7 2.30 21.53 -9.44
N HIS B 8 3.20 22.25 -10.07
CA HIS B 8 3.72 21.84 -11.40
C HIS B 8 4.67 20.64 -11.36
N HIS B 9 5.37 20.45 -10.24
CA HIS B 9 6.32 19.36 -10.08
C HIS B 9 5.71 18.16 -9.36
N HIS B 10 4.41 18.22 -9.14
CA HIS B 10 3.71 17.12 -8.50
C HIS B 10 3.62 15.98 -9.53
N HIS B 11 3.49 14.75 -9.04
CA HIS B 11 3.42 13.59 -9.90
C HIS B 11 2.80 12.41 -9.15
N ALA B 12 2.12 11.54 -9.89
CA ALA B 12 1.51 10.36 -9.30
C ALA B 12 2.58 9.37 -8.94
N VAL B 13 2.32 8.59 -7.90
CA VAL B 13 3.24 7.57 -7.45
C VAL B 13 2.70 6.25 -8.02
N ALA B 14 3.59 5.41 -8.55
CA ALA B 14 3.20 4.12 -9.11
C ALA B 14 2.90 3.13 -8.01
N ASP B 15 1.80 2.38 -8.18
CA ASP B 15 1.41 1.35 -7.21
C ASP B 15 2.04 0.04 -7.69
N LYS B 16 2.76 -0.63 -6.80
CA LYS B 16 3.45 -1.89 -7.14
C LYS B 16 2.48 -3.01 -7.51
N ALA B 17 1.27 -2.95 -6.96
CA ALA B 17 0.27 -3.97 -7.26
C ALA B 17 -0.17 -3.83 -8.71
N ASP B 18 -0.37 -2.59 -9.13
CA ASP B 18 -0.78 -2.28 -10.49
C ASP B 18 0.38 -2.53 -11.46
N ASN B 19 1.61 -2.29 -11.00
CA ASN B 19 2.80 -2.52 -11.79
C ASN B 19 2.87 -4.00 -12.07
N ALA B 20 2.66 -4.78 -11.01
CA ALA B 20 2.69 -6.22 -11.07
C ALA B 20 1.57 -6.76 -11.95
N PHE B 21 0.34 -6.31 -11.71
CA PHE B 21 -0.83 -6.74 -12.46
C PHE B 21 -0.68 -6.49 -13.95
N MET B 22 -0.29 -5.26 -14.29
CA MET B 22 -0.13 -4.82 -15.66
C MET B 22 1.04 -5.44 -16.45
N MET B 23 2.08 -5.90 -15.76
CA MET B 23 3.18 -6.55 -16.47
C MET B 23 2.72 -7.96 -16.81
N ILE B 24 2.07 -8.61 -15.83
CA ILE B 24 1.55 -9.97 -16.05
C ILE B 24 0.50 -9.96 -17.17
N CYS B 25 -0.37 -8.95 -17.16
CA CYS B 25 -1.42 -8.80 -18.20
C CYS B 25 -0.81 -8.58 -19.58
N THR B 26 0.32 -7.89 -19.62
CA THR B 26 1.02 -7.65 -20.89
C THR B 26 1.53 -8.98 -21.41
N ALA B 27 2.08 -9.81 -20.52
CA ALA B 27 2.59 -11.14 -20.92
C ALA B 27 1.47 -12.02 -21.49
N LEU B 28 0.27 -11.86 -20.93
CA LEU B 28 -0.91 -12.60 -21.37
C LEU B 28 -1.37 -12.14 -22.77
N VAL B 29 -1.32 -10.82 -23.02
CA VAL B 29 -1.70 -10.32 -24.35
C VAL B 29 -0.68 -10.79 -25.42
N LEU B 30 0.58 -10.95 -25.01
CA LEU B 30 1.62 -11.41 -25.94
C LEU B 30 1.39 -12.90 -26.18
N PHE B 31 0.92 -13.60 -25.14
CA PHE B 31 0.62 -15.02 -25.21
C PHE B 31 -0.48 -15.30 -26.25
N MET B 32 -1.40 -14.33 -26.41
CA MET B 32 -2.52 -14.42 -27.38
C MET B 32 -2.07 -14.50 -28.82
N THR B 33 -0.96 -13.83 -29.13
CA THR B 33 -0.37 -13.81 -30.47
C THR B 33 0.71 -14.91 -30.61
N ILE B 34 1.61 -14.92 -29.63
CA ILE B 34 2.71 -15.87 -29.57
C ILE B 34 2.52 -16.83 -28.36
N PRO B 35 1.98 -18.04 -28.60
CA PRO B 35 1.60 -18.71 -29.85
C PRO B 35 0.10 -18.74 -30.17
N GLY B 36 -0.71 -18.12 -29.31
CA GLY B 36 -2.17 -18.09 -29.45
C GLY B 36 -2.79 -18.16 -30.84
N ILE B 37 -2.88 -17.01 -31.51
CA ILE B 37 -3.46 -16.89 -32.86
C ILE B 37 -2.69 -17.69 -33.94
N ALA B 38 -1.39 -17.88 -33.75
CA ALA B 38 -0.58 -18.64 -34.69
C ALA B 38 -1.04 -20.11 -34.70
N LEU B 39 -1.32 -20.64 -33.52
CA LEU B 39 -1.80 -22.02 -33.41
C LEU B 39 -3.23 -22.14 -33.91
N PHE B 40 -4.06 -21.15 -33.55
CA PHE B 40 -5.45 -21.13 -33.97
C PHE B 40 -5.58 -21.16 -35.49
N TYR B 41 -4.92 -20.22 -36.15
CA TYR B 41 -4.94 -20.13 -37.61
C TYR B 41 -4.20 -21.27 -38.29
N GLY B 42 -3.03 -21.63 -37.75
CA GLY B 42 -2.22 -22.72 -38.30
C GLY B 42 -3.01 -24.01 -38.41
N GLY B 43 -3.80 -24.30 -37.37
CA GLY B 43 -4.61 -25.50 -37.36
C GLY B 43 -5.78 -25.49 -38.33
N LEU B 44 -6.31 -24.29 -38.62
CA LEU B 44 -7.47 -24.14 -39.53
C LEU B 44 -7.14 -24.35 -41.00
N ILE B 45 -5.86 -24.19 -41.34
CA ILE B 45 -5.43 -24.34 -42.72
C ILE B 45 -4.79 -25.70 -43.00
N ARG B 46 -4.33 -25.90 -44.22
CA ARG B 46 -3.72 -27.17 -44.60
C ARG B 46 -2.28 -27.36 -44.12
N GLY B 47 -1.91 -28.62 -43.90
CA GLY B 47 -0.56 -28.98 -43.42
C GLY B 47 0.53 -28.33 -44.24
N LYS B 48 0.31 -28.20 -45.55
CA LYS B 48 1.28 -27.61 -46.46
C LYS B 48 1.49 -26.11 -46.29
N ASN B 49 0.63 -25.46 -45.50
CA ASN B 49 0.70 -24.02 -45.28
C ASN B 49 0.80 -23.59 -43.82
N VAL B 50 0.86 -24.53 -42.90
CA VAL B 50 0.94 -24.17 -41.48
C VAL B 50 2.15 -23.28 -41.13
N LEU B 51 3.34 -23.66 -41.61
CA LEU B 51 4.56 -22.88 -41.34
C LEU B 51 4.44 -21.44 -41.79
N SER B 52 3.80 -21.24 -42.94
CA SER B 52 3.58 -19.91 -43.49
C SER B 52 2.79 -19.04 -42.53
N MET B 53 1.81 -19.63 -41.84
CA MET B 53 1.02 -18.89 -40.87
C MET B 53 1.89 -18.57 -39.66
N LEU B 54 2.60 -19.58 -39.15
CA LEU B 54 3.48 -19.40 -38.00
C LEU B 54 4.57 -18.35 -38.23
N THR B 55 5.15 -18.36 -39.44
CA THR B 55 6.19 -17.39 -39.79
C THR B 55 5.62 -15.97 -39.91
N GLN B 56 4.48 -15.85 -40.59
CA GLN B 56 3.85 -14.54 -40.78
C GLN B 56 3.51 -13.87 -39.46
N VAL B 57 2.91 -14.64 -38.55
CA VAL B 57 2.53 -14.16 -37.23
C VAL B 57 3.78 -13.75 -36.44
N THR B 58 4.80 -14.61 -36.45
CA THR B 58 6.06 -14.34 -35.72
C THR B 58 6.82 -13.12 -36.21
N VAL B 59 6.97 -13.04 -37.52
CA VAL B 59 7.70 -11.94 -38.13
C VAL B 59 6.91 -10.62 -38.08
N THR B 60 5.59 -10.64 -38.32
CA THR B 60 4.82 -9.38 -38.25
C THR B 60 4.79 -8.88 -36.82
N PHE B 61 4.75 -9.82 -35.87
CA PHE B 61 4.78 -9.53 -34.47
C PHE B 61 6.06 -8.75 -34.17
N ALA B 62 7.17 -9.21 -34.76
CA ALA B 62 8.49 -8.59 -34.58
C ALA B 62 8.50 -7.18 -35.18
N LEU B 63 8.02 -7.06 -36.41
CA LEU B 63 7.95 -5.78 -37.11
C LEU B 63 7.17 -4.75 -36.29
N VAL B 64 6.00 -5.16 -35.81
CA VAL B 64 5.12 -4.30 -35.01
C VAL B 64 5.78 -3.89 -33.68
N CYS B 65 6.42 -4.83 -32.99
CA CYS B 65 7.11 -4.51 -31.73
C CYS B 65 8.12 -3.41 -31.91
N ILE B 66 8.94 -3.50 -32.96
CA ILE B 66 9.96 -2.48 -33.23
C ILE B 66 9.33 -1.14 -33.62
N LEU B 67 8.43 -1.14 -34.61
CA LEU B 67 7.80 0.08 -35.06
C LEU B 67 7.10 0.80 -33.90
N TRP B 68 6.51 0.02 -32.99
CA TRP B 68 5.82 0.56 -31.84
C TRP B 68 6.73 1.37 -30.92
N VAL B 69 7.92 0.85 -30.61
CA VAL B 69 8.85 1.58 -29.74
C VAL B 69 9.56 2.73 -30.46
N VAL B 70 9.72 2.61 -31.78
CA VAL B 70 10.38 3.64 -32.58
C VAL B 70 9.55 4.91 -32.74
N TYR B 71 8.31 4.78 -33.20
CA TYR B 71 7.46 5.96 -33.40
C TYR B 71 5.99 5.75 -33.12
N GLY B 72 5.58 4.49 -33.07
CA GLY B 72 4.17 4.12 -32.85
C GLY B 72 3.51 4.60 -31.57
N TYR B 73 4.16 4.35 -30.44
CA TYR B 73 3.61 4.75 -29.15
C TYR B 73 3.41 6.26 -29.08
N SER B 74 4.45 6.99 -29.51
CA SER B 74 4.47 8.43 -29.53
C SER B 74 3.34 9.02 -30.39
N LEU B 75 3.19 8.50 -31.60
CA LEU B 75 2.13 8.98 -32.51
C LEU B 75 0.73 8.49 -32.13
N ALA B 76 0.65 7.47 -31.28
CA ALA B 76 -0.65 6.95 -30.83
C ALA B 76 -1.10 7.51 -29.47
N PHE B 77 -0.16 7.65 -28.52
CA PHE B 77 -0.50 8.16 -27.19
C PHE B 77 0.11 9.51 -26.80
N GLY B 78 0.69 10.19 -27.78
CA GLY B 78 1.27 11.51 -27.57
C GLY B 78 0.17 12.51 -27.84
N GLU B 79 0.26 13.70 -27.24
CA GLU B 79 -0.76 14.74 -27.42
C GLU B 79 -0.66 15.50 -28.75
N GLY B 80 -1.81 15.85 -29.30
CA GLY B 80 -1.91 16.57 -30.57
C GLY B 80 -3.35 16.80 -30.95
N ASN B 81 -3.68 16.57 -32.22
CA ASN B 81 -5.06 16.74 -32.70
C ASN B 81 -5.92 15.50 -32.43
N ASN B 82 -7.05 15.43 -33.12
CA ASN B 82 -8.02 14.33 -32.98
C ASN B 82 -7.65 13.04 -33.73
N PHE B 83 -6.66 13.12 -34.62
CA PHE B 83 -6.23 11.98 -35.45
C PHE B 83 -4.88 11.33 -35.15
N PHE B 84 -3.86 12.14 -34.91
CA PHE B 84 -2.50 11.67 -34.63
C PHE B 84 -1.95 12.31 -33.34
N GLY B 85 -0.88 11.73 -32.81
CA GLY B 85 -0.23 12.24 -31.58
C GLY B 85 0.94 13.17 -31.89
N ASN B 86 2.04 13.03 -31.13
CA ASN B 86 3.25 13.86 -31.31
C ASN B 86 4.50 13.03 -31.65
N ILE B 87 5.53 13.70 -32.20
CA ILE B 87 6.80 13.05 -32.57
C ILE B 87 7.80 13.06 -31.40
N ASN B 88 7.47 13.82 -30.35
CA ASN B 88 8.30 14.00 -29.14
C ASN B 88 8.84 12.75 -28.41
N TRP B 89 8.07 11.66 -28.39
CA TRP B 89 8.49 10.42 -27.72
C TRP B 89 9.09 9.38 -28.67
N LEU B 90 10.06 9.78 -29.49
CA LEU B 90 10.71 8.86 -30.43
C LEU B 90 11.72 7.98 -29.69
N MET B 91 11.70 6.69 -29.98
CA MET B 91 12.59 5.70 -29.34
C MET B 91 12.44 5.80 -27.83
N LEU B 92 11.27 6.28 -27.41
CA LEU B 92 10.91 6.47 -26.00
C LEU B 92 11.77 7.54 -25.31
N LYS B 93 12.44 8.38 -26.11
CA LYS B 93 13.26 9.46 -25.56
C LYS B 93 12.31 10.43 -24.84
N ASN B 94 12.83 11.14 -23.85
CA ASN B 94 12.03 12.10 -23.08
C ASN B 94 10.93 11.50 -22.19
N ILE B 95 10.96 10.19 -22.02
CA ILE B 95 10.02 9.51 -21.15
C ILE B 95 10.94 8.98 -20.05
N GLU B 96 10.96 9.66 -18.90
CA GLU B 96 11.79 9.22 -17.77
C GLU B 96 11.36 7.80 -17.36
N LEU B 97 12.31 6.98 -16.88
CA LEU B 97 11.96 5.62 -16.47
C LEU B 97 10.97 5.60 -15.30
N THR B 98 10.98 6.67 -14.50
CA THR B 98 10.07 6.77 -13.35
C THR B 98 8.77 7.54 -13.66
N ALA B 99 8.54 7.83 -14.95
CA ALA B 99 7.33 8.53 -15.40
C ALA B 99 6.11 7.63 -15.13
N VAL B 100 5.08 8.21 -14.53
CA VAL B 100 3.88 7.49 -14.17
C VAL B 100 2.63 7.85 -14.99
N MET B 101 2.04 6.83 -15.62
CA MET B 101 0.84 6.95 -16.42
C MET B 101 -0.29 6.31 -15.61
N GLY B 102 -1.09 7.12 -14.91
CA GLY B 102 -2.18 6.60 -14.08
C GLY B 102 -1.62 6.19 -12.72
N SER B 103 -1.54 4.88 -12.49
CA SER B 103 -0.98 4.32 -11.27
C SER B 103 0.11 3.27 -11.59
N ILE B 104 0.68 3.38 -12.79
CA ILE B 104 1.74 2.48 -13.23
C ILE B 104 2.83 3.26 -13.97
N TYR B 105 4.01 2.65 -14.12
CA TYR B 105 5.10 3.29 -14.85
C TYR B 105 4.75 3.32 -16.34
N GLN B 106 5.14 4.38 -17.02
CA GLN B 106 4.83 4.53 -18.44
C GLN B 106 5.42 3.43 -19.32
N TYR B 107 6.59 2.94 -18.96
CA TYR B 107 7.20 1.87 -19.72
C TYR B 107 6.26 0.66 -19.79
N ILE B 108 5.51 0.42 -18.71
CA ILE B 108 4.55 -0.70 -18.68
C ILE B 108 3.40 -0.40 -19.66
N HIS B 109 2.94 0.85 -19.66
CA HIS B 109 1.87 1.28 -20.55
C HIS B 109 2.30 1.09 -22.01
N VAL B 110 3.54 1.47 -22.33
CA VAL B 110 4.10 1.32 -23.67
C VAL B 110 3.96 -0.14 -24.11
N ALA B 111 4.42 -1.04 -23.25
CA ALA B 111 4.38 -2.48 -23.50
C ALA B 111 2.96 -3.07 -23.57
N PHE B 112 2.04 -2.56 -22.73
CA PHE B 112 0.67 -3.06 -22.75
C PHE B 112 -0.03 -2.71 -24.05
N GLN B 113 0.03 -1.43 -24.42
CA GLN B 113 -0.58 -0.96 -25.65
C GLN B 113 0.11 -1.56 -26.88
N GLY B 114 1.40 -1.84 -26.74
CA GLY B 114 2.19 -2.46 -27.80
C GLY B 114 1.68 -3.86 -28.12
N SER B 115 1.35 -4.63 -27.08
CA SER B 115 0.84 -6.00 -27.28
C SER B 115 -0.52 -6.01 -28.02
N PHE B 116 -1.32 -4.97 -27.82
CA PHE B 116 -2.60 -4.85 -28.51
C PHE B 116 -2.36 -4.72 -30.03
N ALA B 117 -1.40 -3.88 -30.39
CA ALA B 117 -1.03 -3.66 -31.79
C ALA B 117 -0.65 -4.97 -32.47
N CYS B 118 0.08 -5.81 -31.74
CA CYS B 118 0.54 -7.11 -32.22
C CYS B 118 -0.59 -8.10 -32.52
N ILE B 119 -1.51 -8.28 -31.56
CA ILE B 119 -2.63 -9.20 -31.77
C ILE B 119 -3.53 -8.75 -32.92
N THR B 120 -3.70 -7.43 -33.07
CA THR B 120 -4.51 -6.85 -34.15
C THR B 120 -3.94 -7.20 -35.53
N VAL B 121 -2.62 -7.16 -35.67
CA VAL B 121 -1.99 -7.49 -36.94
C VAL B 121 -2.05 -9.01 -37.16
N GLY B 122 -1.90 -9.76 -36.07
CA GLY B 122 -1.96 -11.22 -36.10
C GLY B 122 -3.30 -11.68 -36.69
N LEU B 123 -4.37 -11.07 -36.20
CA LEU B 123 -5.72 -11.39 -36.64
C LEU B 123 -5.93 -11.30 -38.14
N ILE B 124 -5.38 -10.24 -38.74
CA ILE B 124 -5.46 -9.95 -40.17
C ILE B 124 -4.97 -11.08 -41.07
N VAL B 125 -3.82 -11.64 -40.69
CA VAL B 125 -3.13 -12.71 -41.41
C VAL B 125 -4.05 -13.90 -41.77
N GLY B 126 -5.01 -14.21 -40.88
CA GLY B 126 -5.95 -15.31 -41.10
C GLY B 126 -6.76 -15.22 -42.37
N ALA B 127 -7.04 -14.00 -42.83
CA ALA B 127 -7.81 -13.81 -44.04
C ALA B 127 -6.99 -13.90 -45.33
N LEU B 128 -5.67 -13.77 -45.20
CA LEU B 128 -4.77 -13.80 -46.35
C LEU B 128 -4.17 -15.17 -46.62
N ALA B 129 -4.49 -16.09 -45.73
CA ALA B 129 -4.02 -17.47 -45.75
C ALA B 129 -3.96 -18.23 -47.06
N GLU B 130 -2.89 -19.01 -47.20
CA GLU B 130 -2.62 -19.91 -48.34
C GLU B 130 -2.25 -19.38 -49.74
N ARG B 131 -2.32 -18.08 -49.98
CA ARG B 131 -1.96 -17.60 -51.34
C ARG B 131 -1.26 -16.25 -51.44
N ILE B 132 -1.04 -15.61 -50.29
CA ILE B 132 -0.37 -14.32 -50.20
C ILE B 132 1.16 -14.46 -50.20
N ARG B 133 1.85 -13.42 -50.64
CA ARG B 133 3.31 -13.41 -50.64
C ARG B 133 3.77 -12.92 -49.28
N PHE B 134 4.75 -13.62 -48.72
CA PHE B 134 5.31 -13.26 -47.43
C PHE B 134 5.80 -11.80 -47.39
N SER B 135 6.54 -11.36 -48.41
CA SER B 135 7.06 -9.99 -48.44
C SER B 135 5.95 -8.96 -48.66
N ALA B 136 4.80 -9.42 -49.17
CA ALA B 136 3.66 -8.54 -49.39
C ALA B 136 3.02 -8.21 -48.05
N VAL B 137 2.88 -9.21 -47.18
CA VAL B 137 2.30 -8.98 -45.85
C VAL B 137 3.16 -8.08 -44.94
N LEU B 138 4.49 -8.16 -45.08
CA LEU B 138 5.38 -7.34 -44.26
C LEU B 138 5.25 -5.88 -44.70
N ILE B 139 5.24 -5.64 -46.01
CA ILE B 139 5.12 -4.30 -46.57
C ILE B 139 3.74 -3.69 -46.23
N PHE B 140 2.68 -4.50 -46.30
CA PHE B 140 1.31 -4.05 -45.98
C PHE B 140 1.16 -3.66 -44.51
N VAL B 141 1.78 -4.43 -43.64
CA VAL B 141 1.75 -4.20 -42.20
C VAL B 141 2.36 -2.86 -41.82
N VAL B 142 3.47 -2.50 -42.48
CA VAL B 142 4.13 -1.24 -42.22
C VAL B 142 3.16 -0.09 -42.51
N VAL B 143 2.51 -0.12 -43.66
CA VAL B 143 1.55 0.91 -44.07
C VAL B 143 0.30 0.95 -43.17
N TRP B 144 -0.39 -0.19 -43.07
CA TRP B 144 -1.61 -0.31 -42.27
C TRP B 144 -1.46 0.03 -40.78
N LEU B 145 -0.34 -0.33 -40.17
CA LEU B 145 -0.10 -0.03 -38.76
C LEU B 145 0.07 1.47 -38.56
N THR B 146 0.93 2.05 -39.40
CA THR B 146 1.24 3.46 -39.36
C THR B 146 0.04 4.35 -39.67
N LEU B 147 -0.64 4.06 -40.78
CA LEU B 147 -1.77 4.86 -41.21
C LEU B 147 -3.18 4.43 -40.79
N SER B 148 -3.30 3.36 -40.01
CA SER B 148 -4.62 2.89 -39.53
C SER B 148 -4.68 2.54 -38.04
N TYR B 149 -3.87 1.59 -37.59
CA TYR B 149 -3.92 1.22 -36.18
C TYR B 149 -3.63 2.41 -35.28
N ILE B 150 -2.51 3.08 -35.51
CA ILE B 150 -2.08 4.24 -34.73
C ILE B 150 -3.14 5.34 -34.60
N PRO B 151 -3.62 5.89 -35.75
CA PRO B 151 -4.66 6.92 -35.69
C PRO B 151 -6.00 6.47 -35.11
N ILE B 152 -6.40 5.22 -35.32
CA ILE B 152 -7.66 4.73 -34.76
C ILE B 152 -7.48 4.56 -33.25
N ALA B 153 -6.31 4.07 -32.84
CA ALA B 153 -6.03 3.90 -31.43
C ALA B 153 -5.94 5.26 -30.75
N HIS B 154 -5.48 6.27 -31.47
CA HIS B 154 -5.37 7.60 -30.90
C HIS B 154 -6.75 8.25 -30.81
N MET B 155 -7.63 7.87 -31.73
CA MET B 155 -8.98 8.42 -31.80
C MET B 155 -9.86 7.90 -30.67
N VAL B 156 -9.67 6.63 -30.32
CA VAL B 156 -10.48 6.00 -29.26
C VAL B 156 -9.83 6.01 -27.87
N TRP B 157 -8.57 5.61 -27.79
CA TRP B 157 -7.84 5.56 -26.52
C TRP B 157 -6.78 6.65 -26.30
N GLY B 158 -6.46 7.40 -27.34
CA GLY B 158 -5.43 8.43 -27.22
C GLY B 158 -5.90 9.86 -27.00
N GLY B 159 -7.18 10.06 -26.67
CA GLY B 159 -7.72 11.39 -26.45
C GLY B 159 -8.21 12.11 -27.71
N GLY B 160 -8.28 11.40 -28.82
CA GLY B 160 -8.74 11.97 -30.09
C GLY B 160 -10.26 12.07 -30.24
N LEU B 161 -10.67 12.27 -31.49
CA LEU B 161 -12.07 12.44 -31.93
C LEU B 161 -13.15 11.60 -31.25
N LEU B 162 -13.00 10.27 -31.26
CA LEU B 162 -14.00 9.38 -30.64
C LEU B 162 -14.00 9.41 -29.12
N ALA B 163 -12.84 9.72 -28.53
CA ALA B 163 -12.75 9.84 -27.06
C ALA B 163 -13.45 11.14 -26.68
N SER B 164 -13.28 12.17 -27.52
CA SER B 164 -13.92 13.46 -27.27
C SER B 164 -15.44 13.34 -27.39
N HIS B 165 -15.91 12.36 -28.18
CA HIS B 165 -17.34 12.11 -28.39
C HIS B 165 -17.96 11.18 -27.33
N GLY B 166 -17.13 10.57 -26.49
CA GLY B 166 -17.63 9.69 -25.44
C GLY B 166 -17.94 8.26 -25.83
N ALA B 167 -17.24 7.74 -26.83
CA ALA B 167 -17.43 6.37 -27.28
C ALA B 167 -17.09 5.41 -26.14
N LEU B 168 -17.69 4.22 -26.18
CA LEU B 168 -17.47 3.22 -25.17
C LEU B 168 -16.83 1.97 -25.77
N ASP B 169 -15.54 1.82 -25.54
CA ASP B 169 -14.83 0.67 -26.05
C ASP B 169 -13.73 0.38 -25.04
N PHE B 170 -14.06 -0.51 -24.11
CA PHE B 170 -13.17 -0.89 -23.04
C PHE B 170 -11.89 -1.57 -23.49
N ALA B 171 -12.00 -2.71 -24.18
CA ALA B 171 -10.81 -3.43 -24.61
C ALA B 171 -10.45 -3.46 -26.12
N GLY B 172 -11.26 -2.82 -26.98
CA GLY B 172 -10.95 -2.76 -28.41
C GLY B 172 -11.90 -3.34 -29.43
N GLY B 173 -13.20 -3.11 -29.25
CA GLY B 173 -14.20 -3.61 -30.18
C GLY B 173 -13.93 -3.05 -31.55
N THR B 174 -13.51 -1.79 -31.57
CA THR B 174 -13.19 -1.06 -32.78
C THR B 174 -11.69 -1.14 -33.03
N VAL B 175 -10.91 -0.61 -32.10
CA VAL B 175 -9.45 -0.57 -32.20
C VAL B 175 -8.79 -1.88 -32.63
N VAL B 176 -9.32 -3.01 -32.18
CA VAL B 176 -8.71 -4.27 -32.53
C VAL B 176 -9.53 -5.16 -33.49
N HIS B 177 -10.74 -5.52 -33.06
CA HIS B 177 -11.61 -6.42 -33.82
C HIS B 177 -12.09 -5.94 -35.17
N ILE B 178 -12.88 -4.87 -35.20
CA ILE B 178 -13.40 -4.33 -36.46
C ILE B 178 -12.25 -3.79 -37.33
N ASN B 179 -11.22 -3.23 -36.69
CA ASN B 179 -10.05 -2.69 -37.37
C ASN B 179 -9.40 -3.79 -38.22
N ALA B 180 -9.13 -4.92 -37.59
CA ALA B 180 -8.51 -6.07 -38.24
C ALA B 180 -9.47 -6.76 -39.23
N ALA B 181 -10.71 -6.98 -38.80
CA ALA B 181 -11.71 -7.63 -39.65
C ALA B 181 -11.81 -6.98 -41.02
N ILE B 182 -11.87 -5.65 -41.06
CA ILE B 182 -11.98 -4.89 -42.31
C ILE B 182 -10.74 -5.09 -43.16
N ALA B 183 -9.58 -4.87 -42.56
CA ALA B 183 -8.30 -5.05 -43.26
C ALA B 183 -8.21 -6.44 -43.89
N GLY B 184 -8.70 -7.46 -43.18
CA GLY B 184 -8.69 -8.82 -43.70
C GLY B 184 -9.67 -9.02 -44.86
N LEU B 185 -10.89 -8.51 -44.71
CA LEU B 185 -11.94 -8.61 -45.73
C LEU B 185 -11.49 -7.94 -47.04
N VAL B 186 -10.83 -6.78 -46.92
CA VAL B 186 -10.34 -6.06 -48.08
C VAL B 186 -9.27 -6.91 -48.74
N GLY B 187 -8.37 -7.45 -47.91
CA GLY B 187 -7.30 -8.31 -48.38
C GLY B 187 -7.83 -9.43 -49.25
N ALA B 188 -8.59 -10.32 -48.63
CA ALA B 188 -9.21 -11.47 -49.28
C ALA B 188 -9.89 -11.12 -50.58
N TYR B 189 -10.63 -10.01 -50.57
CA TYR B 189 -11.32 -9.60 -51.77
C TYR B 189 -10.29 -9.26 -52.86
N LEU B 190 -9.22 -8.55 -52.49
CA LEU B 190 -8.20 -8.16 -53.45
C LEU B 190 -7.45 -9.35 -54.02
N ILE B 191 -6.92 -10.21 -53.15
CA ILE B 191 -6.17 -11.36 -53.66
C ILE B 191 -7.06 -12.40 -54.34
N GLY B 192 -8.29 -12.57 -53.85
CA GLY B 192 -9.21 -13.53 -54.45
C GLY B 192 -9.24 -14.91 -53.79
N LYS B 193 -10.10 -15.77 -54.33
CA LYS B 193 -10.29 -17.14 -53.85
C LYS B 193 -9.07 -18.04 -54.00
N ARG B 194 -8.94 -19.01 -53.10
CA ARG B 194 -7.84 -19.98 -53.17
C ARG B 194 -8.19 -20.88 -54.35
N VAL B 195 -7.16 -21.41 -55.02
CA VAL B 195 -7.40 -22.29 -56.16
C VAL B 195 -8.10 -23.57 -55.66
N GLY B 196 -9.18 -23.95 -56.34
CA GLY B 196 -9.96 -25.13 -55.98
C GLY B 196 -11.14 -24.86 -55.05
N PHE B 197 -11.35 -23.59 -54.67
CA PHE B 197 -12.44 -23.20 -53.79
C PHE B 197 -13.78 -23.60 -54.42
N GLY B 198 -14.62 -24.27 -53.63
CA GLY B 198 -15.94 -24.72 -54.09
C GLY B 198 -15.97 -26.06 -54.81
N LYS B 199 -14.79 -26.65 -55.04
CA LYS B 199 -14.68 -27.95 -55.73
C LYS B 199 -13.83 -28.93 -54.94
N GLU B 200 -12.96 -28.40 -54.08
CA GLU B 200 -12.06 -29.22 -53.25
C GLU B 200 -12.37 -29.08 -51.77
N ALA B 201 -11.79 -30.00 -50.98
CA ALA B 201 -11.97 -29.99 -49.54
C ALA B 201 -10.87 -29.14 -48.90
N PHE B 202 -11.29 -28.20 -48.06
CA PHE B 202 -10.37 -27.32 -47.37
C PHE B 202 -10.56 -27.54 -45.87
N LYS B 203 -10.24 -28.74 -45.41
CA LYS B 203 -10.36 -29.09 -44.00
C LYS B 203 -9.22 -28.52 -43.13
N PRO B 204 -9.52 -28.16 -41.87
CA PRO B 204 -8.46 -27.87 -40.91
C PRO B 204 -7.53 -29.09 -40.76
N HIS B 205 -6.22 -28.90 -40.92
CA HIS B 205 -5.27 -30.03 -40.84
C HIS B 205 -5.10 -30.66 -39.45
N ASN B 206 -5.22 -29.83 -38.41
CA ASN B 206 -5.07 -30.28 -37.03
C ASN B 206 -6.00 -29.56 -36.04
N LEU B 207 -7.18 -30.13 -35.81
CA LEU B 207 -8.14 -29.55 -34.86
C LEU B 207 -7.68 -29.45 -33.38
N PRO B 208 -6.93 -30.46 -32.87
CA PRO B 208 -6.25 -30.24 -31.57
C PRO B 208 -5.37 -28.97 -31.50
N MET B 209 -4.75 -28.60 -32.62
CA MET B 209 -3.94 -27.38 -32.68
C MET B 209 -4.87 -26.16 -32.56
N VAL B 210 -5.97 -26.18 -33.30
CA VAL B 210 -6.95 -25.08 -33.25
C VAL B 210 -7.42 -24.88 -31.81
N PHE B 211 -7.77 -25.97 -31.15
CA PHE B 211 -8.23 -25.93 -29.76
C PHE B 211 -7.17 -25.37 -28.77
N THR B 212 -5.92 -25.77 -28.97
CA THR B 212 -4.82 -25.30 -28.12
C THR B 212 -4.69 -23.80 -28.28
N GLY B 213 -4.77 -23.33 -29.53
CA GLY B 213 -4.69 -21.91 -29.86
C GLY B 213 -5.85 -21.13 -29.27
N THR B 214 -7.04 -21.73 -29.34
CA THR B 214 -8.26 -21.12 -28.80
C THR B 214 -8.08 -20.92 -27.30
N ALA B 215 -7.66 -21.99 -26.61
CA ALA B 215 -7.46 -21.97 -25.17
C ALA B 215 -6.49 -20.92 -24.71
N ILE B 216 -5.41 -20.76 -25.47
CA ILE B 216 -4.37 -19.77 -25.16
C ILE B 216 -4.88 -18.35 -25.41
N LEU B 217 -5.72 -18.20 -26.44
CA LEU B 217 -6.33 -16.90 -26.75
C LEU B 217 -7.24 -16.52 -25.59
N TYR B 218 -7.99 -17.52 -25.12
CA TYR B 218 -8.92 -17.37 -24.00
C TYR B 218 -8.22 -16.95 -22.71
N ILE B 219 -7.22 -17.72 -22.30
CA ILE B 219 -6.48 -17.41 -21.08
C ILE B 219 -5.82 -16.03 -21.18
N GLY B 220 -5.15 -15.78 -22.31
CA GLY B 220 -4.48 -14.49 -22.53
C GLY B 220 -5.46 -13.30 -22.53
N TRP B 221 -6.70 -13.57 -22.94
CA TRP B 221 -7.75 -12.57 -23.01
C TRP B 221 -8.09 -11.94 -21.66
N PHE B 222 -7.70 -12.58 -20.56
CA PHE B 222 -7.97 -12.02 -19.23
C PHE B 222 -7.07 -10.81 -19.03
N GLY B 223 -5.84 -10.90 -19.53
CA GLY B 223 -4.89 -9.79 -19.46
C GLY B 223 -5.47 -8.69 -20.32
N PHE B 224 -5.90 -9.07 -21.51
CA PHE B 224 -6.49 -8.18 -22.51
C PHE B 224 -7.69 -7.39 -21.97
N ASN B 225 -8.65 -8.10 -21.39
CA ASN B 225 -9.86 -7.46 -20.84
C ASN B 225 -9.69 -6.86 -19.46
N ALA B 226 -9.26 -7.68 -18.49
CA ALA B 226 -9.05 -7.18 -17.13
C ALA B 226 -7.93 -6.13 -17.10
N GLY B 227 -6.88 -6.37 -17.87
CA GLY B 227 -5.75 -5.45 -17.95
C GLY B 227 -6.18 -4.09 -18.48
N SER B 228 -7.21 -4.06 -19.33
CA SER B 228 -7.71 -2.80 -19.87
C SER B 228 -8.13 -1.82 -18.77
N ALA B 229 -8.24 -2.31 -17.53
CA ALA B 229 -8.61 -1.47 -16.38
C ALA B 229 -7.40 -0.61 -15.96
N GLY B 230 -6.20 -1.06 -16.33
CA GLY B 230 -4.98 -0.34 -16.00
C GLY B 230 -4.61 -0.51 -14.53
N THR B 231 -5.46 -1.19 -13.77
CA THR B 231 -5.20 -1.39 -12.34
C THR B 231 -5.98 -2.59 -11.83
N ALA B 232 -5.52 -3.19 -10.72
CA ALA B 232 -6.22 -4.35 -10.15
C ALA B 232 -7.28 -3.89 -9.12
N ASN B 233 -8.32 -3.24 -9.64
CA ASN B 233 -9.40 -2.69 -8.87
C ASN B 233 -10.73 -3.42 -9.15
N GLU B 234 -11.84 -2.88 -8.65
CA GLU B 234 -13.16 -3.51 -8.88
C GLU B 234 -13.55 -3.60 -10.37
N ILE B 235 -13.11 -2.64 -11.19
CA ILE B 235 -13.41 -2.66 -12.64
C ILE B 235 -12.70 -3.87 -13.28
N ALA B 236 -11.48 -4.18 -12.83
CA ALA B 236 -10.77 -5.35 -13.36
C ALA B 236 -11.53 -6.65 -12.96
N ALA B 237 -12.07 -6.64 -11.73
CA ALA B 237 -12.85 -7.76 -11.23
C ALA B 237 -14.10 -7.98 -12.12
N LEU B 238 -14.78 -6.87 -12.43
CA LEU B 238 -15.97 -6.87 -13.28
C LEU B 238 -15.71 -7.32 -14.72
N ALA B 239 -14.55 -6.92 -15.26
CA ALA B 239 -14.18 -7.29 -16.62
C ALA B 239 -13.79 -8.76 -16.65
N PHE B 240 -13.24 -9.25 -15.54
CA PHE B 240 -12.82 -10.64 -15.44
C PHE B 240 -14.02 -11.60 -15.50
N VAL B 241 -14.95 -11.45 -14.56
CA VAL B 241 -16.16 -12.27 -14.46
C VAL B 241 -16.94 -12.21 -15.76
N ASN B 242 -17.12 -11.01 -16.29
CA ASN B 242 -17.83 -10.82 -17.53
C ASN B 242 -17.17 -11.59 -18.70
N THR B 243 -15.84 -11.73 -18.65
CA THR B 243 -15.08 -12.47 -19.67
C THR B 243 -15.39 -13.96 -19.58
N VAL B 244 -15.55 -14.44 -18.36
CA VAL B 244 -15.87 -15.82 -18.08
C VAL B 244 -17.32 -16.08 -18.52
N VAL B 245 -18.22 -15.15 -18.20
CA VAL B 245 -19.64 -15.28 -18.54
C VAL B 245 -19.96 -15.25 -20.04
N ALA B 246 -19.42 -14.26 -20.74
CA ALA B 246 -19.68 -14.13 -22.17
C ALA B 246 -19.16 -15.31 -22.98
N THR B 247 -17.94 -15.76 -22.64
CA THR B 247 -17.32 -16.88 -23.33
C THR B 247 -18.18 -18.12 -23.19
N ALA B 248 -18.48 -18.47 -21.94
CA ALA B 248 -19.31 -19.64 -21.65
C ALA B 248 -20.64 -19.56 -22.38
N ALA B 249 -21.35 -18.43 -22.25
CA ALA B 249 -22.64 -18.21 -22.93
C ALA B 249 -22.56 -18.35 -24.45
N ALA B 250 -21.47 -17.84 -25.04
CA ALA B 250 -21.24 -17.93 -26.49
C ALA B 250 -20.95 -19.36 -26.97
N ILE B 251 -20.17 -20.11 -26.19
CA ILE B 251 -19.86 -21.49 -26.53
C ILE B 251 -21.18 -22.25 -26.60
N LEU B 252 -22.03 -22.01 -25.59
CA LEU B 252 -23.34 -22.64 -25.51
C LEU B 252 -24.29 -22.14 -26.60
N GLY B 253 -24.30 -20.85 -26.85
CA GLY B 253 -25.15 -20.26 -27.90
C GLY B 253 -24.82 -20.86 -29.25
N TRP B 254 -23.52 -20.93 -29.56
CA TRP B 254 -23.04 -21.50 -30.80
C TRP B 254 -23.35 -23.01 -30.90
N ILE B 255 -22.99 -23.79 -29.88
CA ILE B 255 -23.25 -25.25 -29.90
C ILE B 255 -24.73 -25.57 -30.09
N PHE B 256 -25.60 -24.88 -29.36
CA PHE B 256 -27.03 -25.16 -29.51
C PHE B 256 -27.58 -24.75 -30.87
N GLY B 257 -26.96 -23.76 -31.50
CA GLY B 257 -27.39 -23.35 -32.82
C GLY B 257 -27.03 -24.45 -33.82
N GLU B 258 -25.74 -24.79 -33.85
CA GLU B 258 -25.18 -25.82 -34.72
C GLU B 258 -25.86 -27.17 -34.53
N TRP B 259 -25.97 -27.61 -33.28
CA TRP B 259 -26.61 -28.89 -32.94
C TRP B 259 -28.05 -28.96 -33.48
N ALA B 260 -28.77 -27.84 -33.40
CA ALA B 260 -30.13 -27.78 -33.88
C ALA B 260 -30.25 -27.52 -35.39
N LEU B 261 -29.39 -26.66 -35.94
CA LEU B 261 -29.42 -26.33 -37.38
C LEU B 261 -28.63 -27.27 -38.30
N ARG B 262 -27.58 -27.88 -37.77
CA ARG B 262 -26.78 -28.78 -38.59
C ARG B 262 -26.84 -30.25 -38.15
N GLY B 263 -27.30 -30.51 -36.93
CA GLY B 263 -27.41 -31.88 -36.45
C GLY B 263 -26.40 -32.43 -35.47
N LYS B 264 -25.26 -31.75 -35.31
CA LYS B 264 -24.22 -32.22 -34.38
C LYS B 264 -23.42 -31.06 -33.78
N PRO B 265 -23.08 -31.13 -32.48
CA PRO B 265 -22.19 -30.13 -31.85
C PRO B 265 -20.71 -30.48 -32.15
N SER B 266 -20.03 -29.61 -32.88
CA SER B 266 -18.64 -29.87 -33.25
C SER B 266 -17.62 -29.10 -32.41
N LEU B 267 -16.38 -29.57 -32.43
CA LEU B 267 -15.34 -28.90 -31.66
C LEU B 267 -14.99 -27.53 -32.25
N LEU B 268 -14.99 -27.44 -33.60
CA LEU B 268 -14.69 -26.18 -34.26
C LEU B 268 -15.75 -25.16 -33.89
N GLY B 269 -16.97 -25.64 -33.62
CA GLY B 269 -18.08 -24.80 -33.20
C GLY B 269 -17.92 -24.29 -31.77
N ALA B 270 -17.48 -25.16 -30.87
CA ALA B 270 -17.27 -24.77 -29.47
C ALA B 270 -16.15 -23.73 -29.37
N CYS B 271 -15.09 -23.96 -30.14
CA CYS B 271 -13.94 -23.03 -30.19
C CYS B 271 -14.35 -21.70 -30.79
N SER B 272 -15.01 -21.75 -31.95
CA SER B 272 -15.45 -20.53 -32.63
C SER B 272 -16.37 -19.71 -31.72
N GLY B 273 -17.23 -20.40 -30.97
CA GLY B 273 -18.15 -19.77 -30.04
C GLY B 273 -17.41 -18.99 -28.96
N ALA B 274 -16.36 -19.58 -28.39
CA ALA B 274 -15.59 -18.91 -27.34
C ALA B 274 -15.03 -17.60 -27.90
N ILE B 275 -14.38 -17.70 -29.06
CA ILE B 275 -13.82 -16.50 -29.68
C ILE B 275 -14.92 -15.44 -29.95
N ALA B 276 -16.09 -15.88 -30.42
CA ALA B 276 -17.19 -14.95 -30.69
C ALA B 276 -17.60 -14.27 -29.37
N GLY B 277 -17.71 -15.04 -28.29
CA GLY B 277 -18.03 -14.48 -26.99
C GLY B 277 -16.98 -13.46 -26.56
N LEU B 278 -15.71 -13.85 -26.63
CA LEU B 278 -14.60 -12.97 -26.26
C LEU B 278 -14.59 -11.67 -27.05
N VAL B 279 -14.82 -11.78 -28.36
CA VAL B 279 -14.86 -10.61 -29.25
C VAL B 279 -16.07 -9.79 -28.85
N GLY B 280 -17.18 -10.48 -28.63
CA GLY B 280 -18.42 -9.82 -28.23
C GLY B 280 -18.29 -8.94 -26.99
N VAL B 281 -17.64 -9.45 -25.96
CA VAL B 281 -17.48 -8.74 -24.69
C VAL B 281 -16.30 -7.77 -24.58
N THR B 282 -15.39 -7.82 -25.54
CA THR B 282 -14.21 -6.95 -25.56
C THR B 282 -14.51 -5.46 -25.30
N PRO B 283 -15.40 -4.84 -26.10
CA PRO B 283 -15.79 -3.44 -25.84
C PRO B 283 -16.69 -3.22 -24.63
N ALA B 284 -17.38 -4.26 -24.17
CA ALA B 284 -18.32 -4.13 -23.06
C ALA B 284 -17.88 -4.57 -21.65
N CYS B 285 -16.87 -5.42 -21.55
CA CYS B 285 -16.41 -5.97 -20.26
C CYS B 285 -16.41 -5.14 -18.97
N GLY B 286 -15.73 -3.99 -18.95
CA GLY B 286 -15.71 -3.18 -17.72
C GLY B 286 -16.85 -2.19 -17.54
N TYR B 287 -17.86 -2.28 -18.41
CA TYR B 287 -19.03 -1.37 -18.39
C TYR B 287 -20.39 -2.00 -18.05
N ILE B 288 -20.47 -3.32 -18.22
CA ILE B 288 -21.73 -4.02 -18.01
C ILE B 288 -21.75 -4.96 -16.82
N GLY B 289 -22.96 -5.38 -16.46
CA GLY B 289 -23.16 -6.30 -15.36
C GLY B 289 -23.08 -7.73 -15.84
N VAL B 290 -23.12 -8.65 -14.89
CA VAL B 290 -23.04 -10.07 -15.19
C VAL B 290 -24.17 -10.59 -16.10
N GLY B 291 -25.39 -10.12 -15.88
CA GLY B 291 -26.56 -10.52 -16.71
C GLY B 291 -26.43 -10.04 -18.15
N GLY B 292 -25.92 -8.83 -18.31
CA GLY B 292 -25.72 -8.25 -19.64
C GLY B 292 -24.68 -9.02 -20.43
N ALA B 293 -23.64 -9.48 -19.73
CA ALA B 293 -22.56 -10.25 -20.36
C ALA B 293 -23.11 -11.56 -20.88
N LEU B 294 -24.07 -12.12 -20.15
CA LEU B 294 -24.71 -13.37 -20.53
C LEU B 294 -25.49 -13.23 -21.83
N ILE B 295 -26.14 -12.07 -22.02
CA ILE B 295 -26.94 -11.80 -23.23
C ILE B 295 -26.00 -11.50 -24.41
N ILE B 296 -25.02 -10.63 -24.19
CA ILE B 296 -24.07 -10.31 -25.25
C ILE B 296 -23.38 -11.60 -25.69
N GLY B 297 -23.06 -12.46 -24.72
CA GLY B 297 -22.42 -13.75 -24.96
C GLY B 297 -23.23 -14.63 -25.88
N VAL B 298 -24.49 -14.86 -25.52
CA VAL B 298 -25.41 -15.69 -26.31
C VAL B 298 -25.63 -15.11 -27.72
N VAL B 299 -25.76 -13.79 -27.82
CA VAL B 299 -25.99 -13.14 -29.12
C VAL B 299 -24.75 -13.18 -30.04
N ALA B 300 -23.57 -12.92 -29.49
CA ALA B 300 -22.32 -12.96 -30.26
C ALA B 300 -22.06 -14.38 -30.77
N GLY B 301 -22.31 -15.36 -29.90
CA GLY B 301 -22.15 -16.79 -30.22
C GLY B 301 -23.03 -17.17 -31.41
N LEU B 302 -24.25 -16.62 -31.45
CA LEU B 302 -25.17 -16.87 -32.56
C LEU B 302 -24.80 -16.00 -33.77
N ALA B 303 -24.35 -14.77 -33.54
CA ALA B 303 -23.97 -13.87 -34.63
C ALA B 303 -22.78 -14.46 -35.41
N GLY B 304 -21.81 -15.01 -34.68
CA GLY B 304 -20.63 -15.63 -35.28
C GLY B 304 -21.01 -16.85 -36.10
N LEU B 305 -21.91 -17.67 -35.57
CA LEU B 305 -22.36 -18.85 -36.30
C LEU B 305 -22.90 -18.40 -37.67
N TRP B 306 -23.73 -17.35 -37.66
CA TRP B 306 -24.30 -16.80 -38.87
C TRP B 306 -23.19 -16.28 -39.78
N GLY B 307 -22.22 -15.60 -39.18
CA GLY B 307 -21.10 -15.03 -39.92
C GLY B 307 -20.28 -15.99 -40.75
N VAL B 308 -19.92 -17.13 -40.15
CA VAL B 308 -19.10 -18.14 -40.82
C VAL B 308 -19.91 -19.04 -41.76
N THR B 309 -21.23 -18.91 -41.71
CA THR B 309 -22.13 -19.70 -42.54
C THR B 309 -22.81 -18.89 -43.67
N MET B 310 -23.80 -18.08 -43.27
CA MET B 310 -24.57 -17.29 -44.24
C MET B 310 -23.89 -16.02 -44.73
N LEU B 311 -23.51 -15.13 -43.82
CA LEU B 311 -22.83 -13.88 -44.19
C LEU B 311 -21.67 -14.20 -45.11
N LYS B 312 -21.01 -15.33 -44.89
CA LYS B 312 -19.89 -15.74 -45.72
C LYS B 312 -20.34 -15.98 -47.16
N ARG B 313 -21.52 -16.56 -47.36
CA ARG B 313 -22.05 -16.82 -48.69
C ARG B 313 -22.57 -15.55 -49.37
N LEU B 314 -23.31 -14.73 -48.61
CA LEU B 314 -23.88 -13.47 -49.09
C LEU B 314 -22.83 -12.57 -49.77
N LEU B 315 -21.59 -12.54 -49.26
CA LEU B 315 -20.55 -11.71 -49.90
C LEU B 315 -19.61 -12.38 -50.92
N ARG B 316 -19.67 -13.71 -51.00
CA ARG B 316 -18.82 -14.52 -51.92
C ARG B 316 -17.34 -14.11 -51.90
N VAL B 317 -16.75 -14.23 -50.72
CA VAL B 317 -15.35 -13.88 -50.48
C VAL B 317 -14.70 -15.04 -49.75
N ASP B 318 -13.48 -15.41 -50.17
CA ASP B 318 -12.74 -16.49 -49.53
C ASP B 318 -11.79 -15.95 -48.45
N ASP B 319 -12.25 -16.00 -47.20
CA ASP B 319 -11.51 -15.57 -46.03
C ASP B 319 -11.35 -16.83 -45.20
N PRO B 320 -10.25 -17.57 -45.44
CA PRO B 320 -10.05 -18.94 -44.93
C PRO B 320 -10.33 -19.12 -43.44
N CYS B 321 -9.86 -18.19 -42.61
CA CYS B 321 -10.07 -18.30 -41.17
C CYS B 321 -11.25 -17.51 -40.61
N ASP B 322 -12.16 -17.10 -41.49
CA ASP B 322 -13.38 -16.38 -41.11
C ASP B 322 -13.17 -15.16 -40.17
N VAL B 323 -12.14 -14.36 -40.45
CA VAL B 323 -11.85 -13.19 -39.62
C VAL B 323 -13.02 -12.20 -39.57
N PHE B 324 -13.66 -11.94 -40.70
CA PHE B 324 -14.77 -11.01 -40.71
C PHE B 324 -16.08 -11.57 -40.14
N GLY B 325 -16.27 -12.88 -40.26
CA GLY B 325 -17.49 -13.52 -39.73
C GLY B 325 -17.53 -13.52 -38.21
N VAL B 326 -16.36 -13.58 -37.58
CA VAL B 326 -16.24 -13.57 -36.13
C VAL B 326 -15.89 -12.18 -35.59
N HIS B 327 -14.67 -11.70 -35.87
CA HIS B 327 -14.22 -10.39 -35.38
C HIS B 327 -14.97 -9.19 -35.93
N GLY B 328 -15.42 -9.27 -37.19
CA GLY B 328 -16.16 -8.17 -37.80
C GLY B 328 -17.56 -8.11 -37.23
N VAL B 329 -18.28 -9.19 -37.47
CA VAL B 329 -19.63 -9.36 -37.03
C VAL B 329 -19.78 -9.21 -35.52
N CYS B 330 -19.00 -9.96 -34.73
CA CYS B 330 -19.09 -9.88 -33.26
C CYS B 330 -18.60 -8.58 -32.62
N GLY B 331 -17.63 -7.94 -33.26
CA GLY B 331 -17.12 -6.66 -32.76
C GLY B 331 -18.22 -5.63 -32.94
N ILE B 332 -18.84 -5.64 -34.11
CA ILE B 332 -19.93 -4.71 -34.41
C ILE B 332 -21.09 -4.91 -33.43
N VAL B 333 -21.52 -6.17 -33.25
CA VAL B 333 -22.62 -6.50 -32.34
C VAL B 333 -22.33 -6.11 -30.88
N GLY B 334 -21.10 -6.35 -30.43
CA GLY B 334 -20.66 -6.01 -29.07
C GLY B 334 -20.53 -4.50 -28.88
N CYS B 335 -20.02 -3.79 -29.89
CA CYS B 335 -19.89 -2.33 -29.83
C CYS B 335 -21.26 -1.67 -29.71
N ILE B 336 -22.24 -2.19 -30.45
CA ILE B 336 -23.62 -1.65 -30.39
C ILE B 336 -24.26 -1.99 -29.04
N MET B 337 -24.18 -3.25 -28.63
CA MET B 337 -24.78 -3.67 -27.36
C MET B 337 -24.21 -2.99 -26.12
N THR B 338 -22.93 -2.64 -26.15
CA THR B 338 -22.28 -1.95 -25.04
C THR B 338 -23.01 -0.64 -24.77
N GLY B 339 -23.42 0.03 -25.86
CA GLY B 339 -24.14 1.29 -25.79
C GLY B 339 -25.51 1.17 -25.17
N ILE B 340 -25.96 -0.08 -24.96
CA ILE B 340 -27.25 -0.37 -24.36
C ILE B 340 -27.08 -0.89 -22.93
N PHE B 341 -26.29 -1.96 -22.80
CA PHE B 341 -26.04 -2.59 -21.50
C PHE B 341 -25.19 -1.83 -20.48
N ALA B 342 -24.76 -0.62 -20.83
CA ALA B 342 -24.00 0.23 -19.90
C ALA B 342 -25.02 0.88 -18.97
N ALA B 343 -26.29 0.95 -19.41
CA ALA B 343 -27.36 1.55 -18.62
C ALA B 343 -27.38 0.98 -17.21
N SER B 344 -27.59 1.88 -16.24
CA SER B 344 -27.65 1.50 -14.82
C SER B 344 -28.77 0.52 -14.51
N SER B 345 -29.95 0.72 -15.10
CA SER B 345 -31.09 -0.16 -14.84
C SER B 345 -30.91 -1.57 -15.41
N LEU B 346 -29.91 -1.74 -16.29
CA LEU B 346 -29.62 -3.04 -16.89
C LEU B 346 -28.45 -3.72 -16.13
N GLY B 347 -28.08 -3.13 -15.00
CA GLY B 347 -26.98 -3.64 -14.18
C GLY B 347 -25.64 -3.18 -14.68
N GLY B 348 -25.66 -2.14 -15.52
CA GLY B 348 -24.44 -1.57 -16.08
C GLY B 348 -23.82 -0.59 -15.10
N VAL B 349 -22.65 -0.08 -15.45
CA VAL B 349 -21.93 0.86 -14.59
C VAL B 349 -22.46 2.30 -14.71
N GLY B 350 -23.37 2.50 -15.65
CA GLY B 350 -24.00 3.81 -15.91
C GLY B 350 -23.28 4.67 -16.93
N PHE B 351 -24.05 5.35 -17.78
CA PHE B 351 -23.47 6.23 -18.80
C PHE B 351 -22.86 7.44 -18.11
N ALA B 352 -21.97 8.12 -18.82
CA ALA B 352 -21.33 9.31 -18.31
C ALA B 352 -22.41 10.34 -17.97
N GLU B 353 -22.08 11.30 -17.11
CA GLU B 353 -23.02 12.32 -16.66
C GLU B 353 -23.67 13.10 -17.81
N GLY B 354 -25.01 13.12 -17.80
CA GLY B 354 -25.79 13.80 -18.82
C GLY B 354 -26.27 12.92 -19.97
N VAL B 355 -25.43 11.96 -20.37
CA VAL B 355 -25.70 11.03 -21.47
C VAL B 355 -26.85 10.03 -21.21
N THR B 356 -27.60 9.74 -22.27
CA THR B 356 -28.72 8.78 -22.25
C THR B 356 -28.51 7.76 -23.36
N MET B 357 -29.01 6.54 -23.16
CA MET B 357 -28.88 5.44 -24.13
C MET B 357 -28.95 5.88 -25.60
N GLY B 358 -29.95 6.70 -25.92
CA GLY B 358 -30.17 7.21 -27.28
C GLY B 358 -28.91 7.78 -27.90
N HIS B 359 -28.38 8.84 -27.29
CA HIS B 359 -27.17 9.49 -27.76
C HIS B 359 -25.99 8.52 -27.84
N GLN B 360 -25.74 7.80 -26.75
CA GLN B 360 -24.66 6.81 -26.67
C GLN B 360 -24.73 5.82 -27.80
N LEU B 361 -25.97 5.42 -28.13
CA LEU B 361 -26.27 4.46 -29.19
C LEU B 361 -25.70 4.94 -30.53
N LEU B 362 -25.81 6.24 -30.78
CA LEU B 362 -25.32 6.85 -32.01
C LEU B 362 -23.80 6.90 -32.01
N VAL B 363 -23.20 7.28 -30.89
CA VAL B 363 -21.74 7.37 -30.80
C VAL B 363 -21.10 6.00 -31.05
N GLN B 364 -21.72 4.94 -30.54
CA GLN B 364 -21.21 3.60 -30.76
C GLN B 364 -21.27 3.32 -32.26
N LEU B 365 -22.36 3.78 -32.90
CA LEU B 365 -22.57 3.58 -34.34
C LEU B 365 -21.62 4.44 -35.16
N GLU B 366 -21.34 5.64 -34.66
CA GLU B 366 -20.44 6.58 -35.30
C GLU B 366 -19.06 5.96 -35.35
N SER B 367 -18.60 5.47 -34.19
CA SER B 367 -17.29 4.83 -34.04
C SER B 367 -17.10 3.67 -35.01
N ILE B 368 -18.14 2.87 -35.20
CA ILE B 368 -18.07 1.70 -36.08
C ILE B 368 -17.84 2.10 -37.54
N ALA B 369 -18.67 3.01 -38.03
CA ALA B 369 -18.59 3.48 -39.40
C ALA B 369 -17.22 4.11 -39.72
N ILE B 370 -16.73 4.95 -38.80
CA ILE B 370 -15.44 5.62 -38.97
C ILE B 370 -14.29 4.62 -39.07
N THR B 371 -14.32 3.60 -38.21
CA THR B 371 -13.29 2.56 -38.23
C THR B 371 -13.34 1.78 -39.57
N ILE B 372 -14.55 1.35 -39.98
CA ILE B 372 -14.71 0.58 -41.21
C ILE B 372 -14.15 1.32 -42.44
N VAL B 373 -14.53 2.59 -42.59
CA VAL B 373 -14.06 3.39 -43.70
C VAL B 373 -12.55 3.70 -43.54
N TRP B 374 -12.11 4.01 -42.33
CA TRP B 374 -10.69 4.33 -42.11
C TRP B 374 -9.77 3.17 -42.43
N SER B 375 -10.07 2.03 -41.81
CA SER B 375 -9.28 0.80 -41.98
C SER B 375 -9.36 0.27 -43.41
N GLY B 376 -10.56 0.31 -43.98
CA GLY B 376 -10.80 -0.17 -45.35
C GLY B 376 -10.00 0.59 -46.40
N VAL B 377 -10.02 1.92 -46.31
CA VAL B 377 -9.31 2.78 -47.25
C VAL B 377 -7.81 2.57 -47.13
N VAL B 378 -7.32 2.55 -45.88
CA VAL B 378 -5.89 2.37 -45.63
C VAL B 378 -5.41 0.98 -46.05
N ALA B 379 -6.23 -0.04 -45.80
CA ALA B 379 -5.87 -1.41 -46.17
C ALA B 379 -5.76 -1.49 -47.69
N PHE B 380 -6.72 -0.87 -48.37
CA PHE B 380 -6.77 -0.81 -49.83
C PHE B 380 -5.48 -0.16 -50.32
N ILE B 381 -5.05 0.90 -49.61
CA ILE B 381 -3.81 1.62 -49.94
C ILE B 381 -2.58 0.69 -49.77
N GLY B 382 -2.49 0.05 -48.61
CA GLY B 382 -1.40 -0.86 -48.27
C GLY B 382 -1.22 -2.01 -49.24
N TYR B 383 -2.33 -2.70 -49.51
CA TYR B 383 -2.33 -3.83 -50.43
C TYR B 383 -1.88 -3.42 -51.83
N LYS B 384 -2.28 -2.22 -52.26
CA LYS B 384 -1.90 -1.72 -53.58
C LYS B 384 -0.40 -1.48 -53.64
N LEU B 385 0.13 -0.81 -52.61
CA LEU B 385 1.56 -0.50 -52.50
C LEU B 385 2.40 -1.77 -52.61
N ALA B 386 1.99 -2.82 -51.90
CA ALA B 386 2.69 -4.10 -51.92
C ALA B 386 2.59 -4.78 -53.29
N ASP B 387 1.38 -4.86 -53.84
CA ASP B 387 1.13 -5.49 -55.13
C ASP B 387 2.03 -4.86 -56.18
N LEU B 388 2.16 -3.54 -56.09
CA LEU B 388 2.95 -2.72 -56.97
C LEU B 388 4.45 -3.02 -56.83
N THR B 389 4.94 -3.07 -55.59
CA THR B 389 6.36 -3.31 -55.32
C THR B 389 6.86 -4.76 -55.34
N VAL B 390 6.11 -5.70 -54.78
CA VAL B 390 6.55 -7.12 -54.73
C VAL B 390 5.54 -8.18 -55.22
N GLY B 391 4.32 -7.76 -55.54
CA GLY B 391 3.28 -8.70 -55.99
C GLY B 391 2.60 -9.32 -54.77
N LEU B 392 1.26 -9.37 -54.78
CA LEU B 392 0.47 -9.92 -53.69
C LEU B 392 0.35 -11.44 -53.66
N ARG B 393 -0.08 -12.01 -54.77
CA ARG B 393 -0.32 -13.45 -54.87
C ARG B 393 0.80 -14.30 -55.48
N VAL B 394 0.99 -15.50 -54.90
CA VAL B 394 1.98 -16.47 -55.38
C VAL B 394 1.43 -17.18 -56.63
N PRO B 395 2.31 -17.62 -57.55
CA PRO B 395 1.87 -18.40 -58.73
C PRO B 395 1.04 -19.63 -58.34
N GLU B 396 0.12 -20.04 -59.23
CA GLU B 396 -0.76 -21.20 -58.97
C GLU B 396 -0.04 -22.50 -58.57
N GLU B 397 1.07 -22.84 -59.22
CA GLU B 397 1.78 -24.07 -58.88
C GLU B 397 2.31 -24.07 -57.45
N GLN B 398 2.84 -22.93 -57.03
CA GLN B 398 3.39 -22.76 -55.69
C GLN B 398 2.31 -22.70 -54.61
N GLU B 399 1.07 -22.48 -55.05
CA GLU B 399 -0.08 -22.42 -54.17
C GLU B 399 -0.56 -23.86 -53.95
N ARG B 400 -0.51 -24.67 -55.00
CA ARG B 400 -0.94 -26.07 -54.91
C ARG B 400 0.08 -26.92 -54.15
N GLU B 401 1.36 -26.65 -54.33
CA GLU B 401 2.40 -27.40 -53.63
C GLU B 401 2.58 -26.88 -52.19
N GLY B 402 2.11 -25.67 -51.92
CA GLY B 402 2.18 -25.06 -50.58
C GLY B 402 3.24 -24.00 -50.30
N LEU B 403 2.88 -23.01 -49.47
CA LEU B 403 3.78 -21.90 -49.12
C LEU B 403 4.88 -22.23 -48.11
N ASP B 404 4.76 -23.34 -47.41
CA ASP B 404 5.78 -23.74 -46.43
C ASP B 404 7.11 -24.05 -47.06
N VAL B 405 7.08 -24.74 -48.19
CA VAL B 405 8.29 -25.14 -48.88
C VAL B 405 8.86 -24.06 -49.83
N ASN B 406 8.02 -23.51 -50.71
CA ASN B 406 8.55 -22.50 -51.63
C ASN B 406 8.58 -21.03 -51.14
N SER B 407 8.16 -20.79 -49.91
CA SER B 407 8.21 -19.45 -49.32
C SER B 407 9.13 -19.42 -48.12
N HIS B 408 9.16 -20.53 -47.39
CA HIS B 408 10.00 -20.60 -46.21
C HIS B 408 10.99 -21.76 -46.27
N GLY B 409 10.96 -22.49 -47.38
CA GLY B 409 11.85 -23.64 -47.61
C GLY B 409 11.95 -24.65 -46.49
N GLU B 410 10.81 -25.02 -45.92
CA GLU B 410 10.77 -26.00 -44.82
C GLU B 410 9.48 -26.82 -44.86
N ASN B 411 9.56 -28.05 -44.37
CA ASN B 411 8.41 -28.94 -44.29
C ASN B 411 8.04 -29.04 -42.82
N ALA B 412 6.74 -29.03 -42.53
CA ALA B 412 6.23 -29.07 -41.17
C ALA B 412 6.38 -30.35 -40.35
N TYR B 413 6.08 -31.49 -40.96
CA TYR B 413 6.15 -32.79 -40.26
C TYR B 413 7.02 -33.80 -41.01
N ASN B 414 8.11 -34.21 -40.35
CA ASN B 414 9.08 -35.15 -40.93
C ASN B 414 9.24 -36.43 -40.10
N ALA B 415 9.77 -37.47 -40.71
CA ALA B 415 10.02 -38.78 -40.05
C ALA B 415 10.17 -38.72 -38.49
N HIS C 7 -20.91 -0.53 14.86
CA HIS C 7 -20.39 0.28 13.71
C HIS C 7 -20.77 -0.48 12.42
N HIS C 8 -22.08 -0.62 12.24
CA HIS C 8 -22.68 -1.36 11.12
C HIS C 8 -22.30 -1.01 9.68
N HIS C 9 -22.05 0.27 9.40
CA HIS C 9 -21.69 0.67 8.02
C HIS C 9 -20.21 0.47 7.69
N HIS C 10 -19.47 -0.12 8.63
CA HIS C 10 -18.06 -0.40 8.43
C HIS C 10 -17.92 -1.55 7.45
N HIS C 11 -16.89 -1.48 6.62
CA HIS C 11 -16.60 -2.51 5.62
C HIS C 11 -15.09 -2.62 5.42
N ALA C 12 -14.66 -3.79 4.95
CA ALA C 12 -13.27 -4.05 4.68
C ALA C 12 -12.86 -3.42 3.37
N VAL C 13 -11.56 -3.22 3.21
CA VAL C 13 -11.00 -2.62 2.02
C VAL C 13 -10.14 -3.67 1.28
N ALA C 14 -10.21 -3.63 -0.03
CA ALA C 14 -9.47 -4.56 -0.86
C ALA C 14 -8.01 -4.14 -0.95
N ASP C 15 -7.14 -5.14 -1.03
CA ASP C 15 -5.71 -4.97 -1.15
C ASP C 15 -5.44 -5.25 -2.62
N LYS C 16 -4.98 -4.25 -3.35
CA LYS C 16 -4.72 -4.41 -4.79
C LYS C 16 -3.77 -5.57 -5.13
N ALA C 17 -2.83 -5.85 -4.22
CA ALA C 17 -1.87 -6.94 -4.41
C ALA C 17 -2.61 -8.26 -4.42
N ASP C 18 -3.45 -8.45 -3.40
CA ASP C 18 -4.27 -9.65 -3.28
C ASP C 18 -5.27 -9.77 -4.46
N ASN C 19 -5.79 -8.64 -4.92
CA ASN C 19 -6.70 -8.61 -6.06
C ASN C 19 -5.99 -9.15 -7.32
N ALA C 20 -4.78 -8.64 -7.56
CA ALA C 20 -3.98 -9.05 -8.73
C ALA C 20 -3.57 -10.50 -8.61
N PHE C 21 -3.01 -10.84 -7.44
CA PHE C 21 -2.57 -12.19 -7.18
C PHE C 21 -3.68 -13.20 -7.47
N MET C 22 -4.84 -12.94 -6.87
CA MET C 22 -6.00 -13.80 -7.04
C MET C 22 -6.59 -13.86 -8.45
N MET C 23 -6.52 -12.76 -9.21
CA MET C 23 -7.04 -12.80 -10.58
C MET C 23 -6.11 -13.62 -11.45
N ILE C 24 -4.80 -13.47 -11.21
CA ILE C 24 -3.80 -14.24 -11.98
C ILE C 24 -3.96 -15.72 -11.61
N CYS C 25 -4.22 -15.99 -10.33
CA CYS C 25 -4.44 -17.36 -9.87
C CYS C 25 -5.67 -17.97 -10.54
N THR C 26 -6.78 -17.21 -10.58
CA THR C 26 -8.00 -17.70 -11.24
C THR C 26 -7.68 -18.09 -12.67
N ALA C 27 -6.96 -17.21 -13.37
CA ALA C 27 -6.55 -17.45 -14.75
C ALA C 27 -5.68 -18.71 -14.84
N LEU C 28 -4.78 -18.91 -13.88
CA LEU C 28 -3.92 -20.10 -13.87
C LEU C 28 -4.76 -21.37 -13.66
N VAL C 29 -5.78 -21.29 -12.79
CA VAL C 29 -6.66 -22.40 -12.49
C VAL C 29 -7.57 -22.77 -13.68
N LEU C 30 -7.98 -21.78 -14.48
CA LEU C 30 -8.82 -22.01 -15.67
C LEU C 30 -7.97 -22.64 -16.79
N PHE C 31 -6.69 -22.29 -16.77
CA PHE C 31 -5.67 -22.77 -17.71
C PHE C 31 -5.57 -24.30 -17.60
N MET C 32 -5.76 -24.80 -16.36
CA MET C 32 -5.72 -26.23 -16.06
C MET C 32 -6.81 -27.01 -16.82
N THR C 33 -7.96 -26.39 -17.01
CA THR C 33 -9.07 -27.02 -17.72
C THR C 33 -8.94 -26.70 -19.22
N ILE C 34 -8.76 -25.42 -19.52
CA ILE C 34 -8.63 -24.94 -20.88
C ILE C 34 -7.18 -24.46 -21.11
N PRO C 35 -6.29 -25.31 -21.62
CA PRO C 35 -6.62 -26.58 -22.22
C PRO C 35 -6.02 -27.78 -21.51
N GLY C 36 -5.32 -27.55 -20.42
CA GLY C 36 -4.66 -28.57 -19.58
C GLY C 36 -5.17 -29.99 -19.56
N ILE C 37 -6.31 -30.19 -18.91
CA ILE C 37 -6.90 -31.51 -18.75
C ILE C 37 -7.42 -32.10 -20.04
N ALA C 38 -7.82 -31.22 -20.97
CA ALA C 38 -8.34 -31.64 -22.26
C ALA C 38 -7.23 -32.27 -23.11
N LEU C 39 -6.06 -31.63 -23.12
CA LEU C 39 -4.91 -32.15 -23.88
C LEU C 39 -4.40 -33.42 -23.21
N PHE C 40 -4.29 -33.36 -21.89
CA PHE C 40 -3.85 -34.49 -21.10
C PHE C 40 -4.70 -35.71 -21.44
N TYR C 41 -6.02 -35.62 -21.23
CA TYR C 41 -6.90 -36.74 -21.55
C TYR C 41 -6.98 -37.01 -23.04
N GLY C 42 -6.87 -35.95 -23.83
CA GLY C 42 -6.92 -36.07 -25.28
C GLY C 42 -5.83 -36.97 -25.81
N GLY C 43 -4.62 -36.78 -25.30
CA GLY C 43 -3.49 -37.57 -25.76
C GLY C 43 -3.49 -39.03 -25.34
N LEU C 44 -4.17 -39.31 -24.23
CA LEU C 44 -4.24 -40.67 -23.65
C LEU C 44 -5.16 -41.61 -24.39
N ILE C 45 -6.17 -41.06 -25.04
CA ILE C 45 -7.12 -41.88 -25.76
C ILE C 45 -6.72 -41.93 -27.24
N ARG C 46 -7.42 -42.77 -28.00
CA ARG C 46 -7.14 -42.93 -29.42
C ARG C 46 -7.46 -41.70 -30.25
N GLY C 47 -6.86 -41.62 -31.44
CA GLY C 47 -7.03 -40.48 -32.34
C GLY C 47 -8.44 -40.26 -32.88
N LYS C 48 -9.20 -41.34 -33.01
CA LYS C 48 -10.56 -41.27 -33.51
C LYS C 48 -11.55 -40.68 -32.48
N ASN C 49 -11.08 -40.47 -31.25
CA ASN C 49 -11.92 -39.93 -30.18
C ASN C 49 -11.41 -38.66 -29.53
N VAL C 50 -10.20 -38.24 -29.90
CA VAL C 50 -9.62 -37.04 -29.28
C VAL C 50 -10.53 -35.81 -29.26
N LEU C 51 -11.24 -35.57 -30.36
CA LEU C 51 -12.14 -34.40 -30.44
C LEU C 51 -13.31 -34.45 -29.44
N SER C 52 -13.81 -35.66 -29.17
CA SER C 52 -14.90 -35.85 -28.22
C SER C 52 -14.43 -35.45 -26.82
N MET C 53 -13.17 -35.76 -26.52
CA MET C 53 -12.61 -35.39 -25.24
C MET C 53 -12.52 -33.85 -25.14
N LEU C 54 -12.06 -33.19 -26.20
CA LEU C 54 -11.93 -31.74 -26.21
C LEU C 54 -13.30 -31.02 -26.14
N THR C 55 -14.29 -31.55 -26.84
CA THR C 55 -15.64 -30.97 -26.82
C THR C 55 -16.31 -31.16 -25.45
N GLN C 56 -16.10 -32.33 -24.85
CA GLN C 56 -16.68 -32.60 -23.53
C GLN C 56 -16.11 -31.63 -22.50
N VAL C 57 -14.79 -31.41 -22.52
CA VAL C 57 -14.19 -30.48 -21.56
C VAL C 57 -14.61 -29.03 -21.81
N THR C 58 -14.59 -28.62 -23.08
CA THR C 58 -14.97 -27.26 -23.46
C THR C 58 -16.46 -26.97 -23.15
N VAL C 59 -17.36 -27.86 -23.57
CA VAL C 59 -18.79 -27.66 -23.30
C VAL C 59 -19.18 -27.85 -21.83
N THR C 60 -18.55 -28.76 -21.10
CA THR C 60 -18.92 -28.92 -19.68
C THR C 60 -18.43 -27.70 -18.89
N PHE C 61 -17.30 -27.14 -19.33
CA PHE C 61 -16.66 -25.97 -18.77
C PHE C 61 -17.64 -24.78 -18.83
N ALA C 62 -18.11 -24.52 -20.06
CA ALA C 62 -19.05 -23.42 -20.33
C ALA C 62 -20.26 -23.55 -19.43
N LEU C 63 -20.82 -24.75 -19.42
CA LEU C 63 -21.98 -25.11 -18.63
C LEU C 63 -21.76 -24.83 -17.14
N VAL C 64 -20.61 -25.26 -16.61
CA VAL C 64 -20.29 -25.06 -15.18
C VAL C 64 -20.17 -23.60 -14.81
N CYS C 65 -19.65 -22.81 -15.75
CA CYS C 65 -19.49 -21.38 -15.56
C CYS C 65 -20.84 -20.68 -15.40
N ILE C 66 -21.77 -20.99 -16.30
CA ILE C 66 -23.10 -20.37 -16.28
C ILE C 66 -23.87 -20.75 -15.03
N LEU C 67 -23.88 -22.03 -14.70
CA LEU C 67 -24.58 -22.52 -13.51
C LEU C 67 -23.97 -21.91 -12.26
N TRP C 68 -22.64 -21.72 -12.27
CA TRP C 68 -21.94 -21.14 -11.13
C TRP C 68 -22.45 -19.73 -10.80
N VAL C 69 -22.46 -18.86 -11.80
CA VAL C 69 -22.94 -17.48 -11.61
C VAL C 69 -24.46 -17.34 -11.43
N VAL C 70 -25.26 -18.26 -11.97
CA VAL C 70 -26.72 -18.17 -11.82
C VAL C 70 -27.20 -18.52 -10.39
N TYR C 71 -26.67 -19.60 -9.81
CA TYR C 71 -27.05 -20.03 -8.45
C TYR C 71 -25.96 -20.75 -7.64
N GLY C 72 -25.04 -21.40 -8.36
CA GLY C 72 -23.93 -22.18 -7.80
C GLY C 72 -23.10 -21.55 -6.71
N TYR C 73 -22.55 -20.38 -7.00
CA TYR C 73 -21.73 -19.66 -6.04
C TYR C 73 -22.53 -19.36 -4.77
N SER C 74 -23.75 -18.88 -4.99
CA SER C 74 -24.66 -18.51 -3.91
C SER C 74 -25.00 -19.68 -2.99
N LEU C 75 -25.27 -20.84 -3.57
CA LEU C 75 -25.61 -22.03 -2.81
C LEU C 75 -24.38 -22.62 -2.08
N ALA C 76 -23.20 -22.44 -2.63
CA ALA C 76 -22.02 -22.96 -1.98
C ALA C 76 -21.42 -21.97 -0.96
N PHE C 77 -21.37 -20.68 -1.29
CA PHE C 77 -20.75 -19.72 -0.40
C PHE C 77 -21.57 -18.80 0.48
N GLY C 78 -22.83 -18.54 0.11
CA GLY C 78 -23.73 -17.71 0.92
C GLY C 78 -23.98 -18.40 2.26
N GLU C 79 -24.52 -17.67 3.24
CA GLU C 79 -24.78 -18.29 4.54
C GLU C 79 -26.15 -18.96 4.65
N GLY C 80 -26.15 -20.13 5.28
CA GLY C 80 -27.36 -20.93 5.50
C GLY C 80 -27.11 -21.87 6.66
N ASN C 81 -27.01 -23.16 6.35
CA ASN C 81 -26.74 -24.17 7.37
C ASN C 81 -25.45 -24.93 7.09
N ASN C 82 -25.29 -26.10 7.71
CA ASN C 82 -24.09 -26.93 7.55
C ASN C 82 -24.00 -27.71 6.24
N PHE C 83 -25.08 -27.69 5.46
CA PHE C 83 -25.11 -28.43 4.19
C PHE C 83 -24.96 -27.55 2.93
N PHE C 84 -25.71 -26.44 2.88
CA PHE C 84 -25.67 -25.50 1.73
C PHE C 84 -26.00 -24.03 2.11
N GLY C 85 -25.67 -23.09 1.22
CA GLY C 85 -25.87 -21.65 1.44
C GLY C 85 -27.29 -21.13 1.33
N ASN C 86 -27.46 -20.08 0.53
CA ASN C 86 -28.77 -19.45 0.33
C ASN C 86 -29.09 -19.11 -1.13
N ILE C 87 -30.27 -18.51 -1.34
CA ILE C 87 -30.75 -18.13 -2.67
C ILE C 87 -30.68 -16.60 -2.89
N ASN C 88 -30.07 -15.89 -1.94
CA ASN C 88 -29.92 -14.42 -2.00
C ASN C 88 -28.95 -13.84 -3.03
N TRP C 89 -28.04 -14.69 -3.53
CA TRP C 89 -27.05 -14.26 -4.52
C TRP C 89 -27.29 -14.88 -5.92
N LEU C 90 -28.54 -14.82 -6.39
CA LEU C 90 -28.88 -15.36 -7.73
C LEU C 90 -28.43 -14.39 -8.80
N MET C 91 -27.52 -14.84 -9.66
CA MET C 91 -26.94 -14.03 -10.74
C MET C 91 -26.09 -12.92 -10.12
N LEU C 92 -25.54 -13.24 -8.95
CA LEU C 92 -24.70 -12.34 -8.16
C LEU C 92 -25.43 -11.08 -7.69
N LYS C 93 -26.76 -11.13 -7.74
CA LYS C 93 -27.54 -9.99 -7.29
C LYS C 93 -27.33 -9.95 -5.75
N ASN C 94 -27.41 -8.76 -5.16
CA ASN C 94 -27.16 -8.61 -3.71
C ASN C 94 -25.66 -8.58 -3.38
N ILE C 95 -24.83 -8.79 -4.41
CA ILE C 95 -23.38 -8.73 -4.24
C ILE C 95 -22.96 -7.42 -4.89
N GLU C 96 -22.52 -6.45 -4.10
CA GLU C 96 -22.08 -5.16 -4.62
C GLU C 96 -20.76 -5.39 -5.30
N LEU C 97 -20.51 -4.68 -6.39
CA LEU C 97 -19.24 -4.80 -7.10
C LEU C 97 -18.05 -4.49 -6.16
N THR C 98 -18.30 -3.64 -5.17
CA THR C 98 -17.27 -3.24 -4.21
C THR C 98 -17.23 -4.07 -2.92
N ALA C 99 -18.07 -5.10 -2.86
CA ALA C 99 -18.10 -5.99 -1.69
C ALA C 99 -16.76 -6.73 -1.61
N VAL C 100 -16.21 -6.74 -0.39
CA VAL C 100 -14.92 -7.38 -0.09
C VAL C 100 -15.09 -8.70 0.65
N MET C 101 -14.36 -9.72 0.21
CA MET C 101 -14.37 -11.07 0.78
C MET C 101 -12.91 -11.33 1.21
N GLY C 102 -12.65 -11.25 2.52
CA GLY C 102 -11.28 -11.43 3.01
C GLY C 102 -10.58 -10.11 2.75
N SER C 103 -9.69 -10.09 1.76
CA SER C 103 -8.94 -8.90 1.36
C SER C 103 -9.00 -8.69 -0.16
N ILE C 104 -9.96 -9.35 -0.81
CA ILE C 104 -10.17 -9.23 -2.25
C ILE C 104 -11.64 -8.90 -2.51
N TYR C 105 -11.93 -8.28 -3.66
CA TYR C 105 -13.32 -7.98 -4.02
C TYR C 105 -13.99 -9.33 -4.20
N GLN C 106 -15.18 -9.47 -3.64
CA GLN C 106 -15.91 -10.74 -3.74
C GLN C 106 -16.07 -11.23 -5.19
N TYR C 107 -16.16 -10.31 -6.14
CA TYR C 107 -16.28 -10.75 -7.54
C TYR C 107 -15.11 -11.64 -7.93
N ILE C 108 -13.95 -11.41 -7.32
CA ILE C 108 -12.76 -12.24 -7.59
C ILE C 108 -12.90 -13.61 -6.94
N HIS C 109 -13.45 -13.61 -5.73
CA HIS C 109 -13.66 -14.87 -5.01
C HIS C 109 -14.59 -15.78 -5.84
N VAL C 110 -15.67 -15.20 -6.37
CA VAL C 110 -16.61 -15.92 -7.23
C VAL C 110 -15.88 -16.58 -8.42
N ALA C 111 -14.96 -15.84 -9.05
CA ALA C 111 -14.21 -16.37 -10.19
C ALA C 111 -13.27 -17.51 -9.79
N PHE C 112 -12.49 -17.28 -8.74
CA PHE C 112 -11.55 -18.26 -8.20
C PHE C 112 -12.25 -19.59 -7.85
N GLN C 113 -13.32 -19.51 -7.05
CA GLN C 113 -14.04 -20.73 -6.66
C GLN C 113 -14.73 -21.41 -7.85
N GLY C 114 -15.24 -20.61 -8.80
CA GLY C 114 -15.87 -21.15 -10.00
C GLY C 114 -14.86 -21.95 -10.84
N SER C 115 -13.59 -21.54 -10.82
CA SER C 115 -12.59 -22.27 -11.58
C SER C 115 -12.35 -23.66 -10.97
N PHE C 116 -12.45 -23.77 -9.64
CA PHE C 116 -12.27 -25.05 -8.97
C PHE C 116 -13.40 -26.02 -9.37
N ALA C 117 -14.61 -25.48 -9.56
CA ALA C 117 -15.77 -26.28 -9.99
C ALA C 117 -15.55 -26.83 -11.42
N CYS C 118 -14.94 -26.01 -12.28
CA CYS C 118 -14.64 -26.38 -13.67
C CYS C 118 -13.66 -27.54 -13.76
N ILE C 119 -12.46 -27.38 -13.20
CA ILE C 119 -11.45 -28.44 -13.25
C ILE C 119 -11.96 -29.77 -12.66
N THR C 120 -12.71 -29.70 -11.55
CA THR C 120 -13.26 -30.90 -10.91
C THR C 120 -14.11 -31.69 -11.91
N VAL C 121 -14.99 -30.98 -12.63
CA VAL C 121 -15.86 -31.60 -13.63
C VAL C 121 -15.02 -32.10 -14.82
N GLY C 122 -13.98 -31.36 -15.18
CA GLY C 122 -13.12 -31.79 -16.28
C GLY C 122 -12.46 -33.13 -15.96
N LEU C 123 -11.92 -33.27 -14.74
CA LEU C 123 -11.26 -34.49 -14.30
C LEU C 123 -12.15 -35.72 -14.43
N ILE C 124 -13.44 -35.59 -14.10
CA ILE C 124 -14.41 -36.68 -14.15
C ILE C 124 -14.52 -37.33 -15.53
N VAL C 125 -14.55 -36.48 -16.54
CA VAL C 125 -14.72 -36.85 -17.95
C VAL C 125 -13.77 -37.89 -18.56
N GLY C 126 -12.60 -38.05 -17.95
CA GLY C 126 -11.59 -39.01 -18.39
C GLY C 126 -11.85 -40.46 -18.05
N ALA C 127 -12.93 -40.76 -17.33
CA ALA C 127 -13.25 -42.16 -16.97
C ALA C 127 -14.38 -42.69 -17.85
N LEU C 128 -15.00 -41.78 -18.60
CA LEU C 128 -16.12 -42.10 -19.48
C LEU C 128 -15.70 -42.12 -20.95
N ALA C 129 -14.47 -41.67 -21.23
CA ALA C 129 -13.93 -41.57 -22.58
C ALA C 129 -14.09 -42.79 -23.50
N GLU C 130 -14.26 -42.50 -24.79
CA GLU C 130 -14.38 -43.50 -25.87
C GLU C 130 -15.73 -44.24 -26.05
N ARG C 131 -16.64 -44.13 -25.08
CA ARG C 131 -17.96 -44.82 -25.19
C ARG C 131 -19.18 -44.10 -24.62
N ILE C 132 -19.02 -42.90 -24.08
CA ILE C 132 -20.17 -42.18 -23.53
C ILE C 132 -20.84 -41.23 -24.56
N ARG C 133 -22.14 -41.06 -24.42
CA ARG C 133 -22.91 -40.16 -25.29
C ARG C 133 -22.75 -38.72 -24.80
N PHE C 134 -22.40 -37.83 -25.72
CA PHE C 134 -22.20 -36.42 -25.39
C PHE C 134 -23.33 -35.77 -24.59
N SER C 135 -24.56 -36.00 -25.02
CA SER C 135 -25.71 -35.42 -24.32
C SER C 135 -25.85 -36.00 -22.90
N ALA C 136 -25.47 -37.25 -22.73
CA ALA C 136 -25.53 -37.91 -21.42
C ALA C 136 -24.58 -37.22 -20.44
N VAL C 137 -23.43 -36.76 -20.94
CA VAL C 137 -22.44 -36.09 -20.10
C VAL C 137 -22.99 -34.76 -19.59
N LEU C 138 -23.67 -34.04 -20.48
CA LEU C 138 -24.24 -32.74 -20.16
C LEU C 138 -25.27 -32.86 -19.05
N ILE C 139 -26.19 -33.79 -19.20
CA ILE C 139 -27.22 -34.02 -18.20
C ILE C 139 -26.56 -34.35 -16.85
N PHE C 140 -25.61 -35.29 -16.87
CA PHE C 140 -24.90 -35.67 -15.64
C PHE C 140 -24.29 -34.46 -14.94
N VAL C 141 -23.54 -33.66 -15.69
CA VAL C 141 -22.89 -32.47 -15.12
C VAL C 141 -23.87 -31.55 -14.37
N VAL C 142 -25.02 -31.29 -14.98
CA VAL C 142 -26.02 -30.43 -14.35
C VAL C 142 -26.50 -31.03 -13.00
N VAL C 143 -26.78 -32.33 -12.98
CA VAL C 143 -27.22 -33.01 -11.77
C VAL C 143 -26.08 -33.10 -10.74
N TRP C 144 -24.93 -33.65 -11.14
CA TRP C 144 -23.77 -33.80 -10.23
C TRP C 144 -23.23 -32.51 -9.60
N LEU C 145 -22.98 -31.49 -10.43
CA LEU C 145 -22.48 -30.21 -9.90
C LEU C 145 -23.46 -29.66 -8.87
N THR C 146 -24.73 -29.54 -9.28
CA THR C 146 -25.80 -29.02 -8.43
C THR C 146 -25.94 -29.76 -7.11
N LEU C 147 -26.02 -31.09 -7.18
CA LEU C 147 -26.21 -31.90 -5.99
C LEU C 147 -24.96 -32.38 -5.26
N SER C 148 -23.82 -32.48 -5.94
CA SER C 148 -22.61 -32.97 -5.26
C SER C 148 -21.55 -31.92 -4.98
N TYR C 149 -21.07 -31.25 -6.03
CA TYR C 149 -20.04 -30.26 -5.83
C TYR C 149 -20.43 -29.14 -4.86
N ILE C 150 -21.54 -28.46 -5.16
CA ILE C 150 -22.02 -27.33 -4.34
C ILE C 150 -22.06 -27.60 -2.81
N PRO C 151 -22.79 -28.65 -2.38
CA PRO C 151 -22.82 -29.00 -0.96
C PRO C 151 -21.45 -29.36 -0.37
N ILE C 152 -20.64 -30.10 -1.11
CA ILE C 152 -19.30 -30.47 -0.60
C ILE C 152 -18.42 -29.23 -0.45
N ALA C 153 -18.48 -28.34 -1.45
CA ALA C 153 -17.72 -27.09 -1.39
C ALA C 153 -18.18 -26.29 -0.18
N HIS C 154 -19.50 -26.27 0.06
CA HIS C 154 -20.06 -25.58 1.23
C HIS C 154 -19.67 -26.18 2.58
N MET C 155 -19.52 -27.50 2.63
CA MET C 155 -19.16 -28.17 3.90
C MET C 155 -17.70 -28.06 4.28
N VAL C 156 -16.84 -27.91 3.28
CA VAL C 156 -15.42 -27.83 3.53
C VAL C 156 -14.92 -26.39 3.54
N TRP C 157 -15.22 -25.62 2.48
CA TRP C 157 -14.77 -24.23 2.38
C TRP C 157 -15.84 -23.15 2.60
N GLY C 158 -17.07 -23.57 2.85
CA GLY C 158 -18.14 -22.59 3.05
C GLY C 158 -18.62 -22.51 4.48
N GLY C 159 -17.72 -22.83 5.42
CA GLY C 159 -18.04 -22.80 6.84
C GLY C 159 -19.12 -23.78 7.22
N GLY C 160 -19.29 -24.82 6.39
CA GLY C 160 -20.29 -25.86 6.61
C GLY C 160 -19.90 -26.93 7.63
N LEU C 161 -20.53 -28.09 7.48
CA LEU C 161 -20.34 -29.24 8.37
C LEU C 161 -18.91 -29.68 8.70
N LEU C 162 -18.16 -30.09 7.68
CA LEU C 162 -16.80 -30.56 7.82
C LEU C 162 -15.85 -29.47 8.29
N ALA C 163 -16.06 -28.26 7.79
CA ALA C 163 -15.23 -27.13 8.18
C ALA C 163 -15.38 -26.94 9.68
N SER C 164 -16.63 -26.96 10.15
CA SER C 164 -16.96 -26.77 11.57
C SER C 164 -16.37 -27.83 12.50
N HIS C 165 -15.91 -28.93 11.92
CA HIS C 165 -15.30 -30.01 12.72
C HIS C 165 -13.76 -30.00 12.67
N GLY C 166 -13.20 -28.96 12.04
CA GLY C 166 -11.77 -28.79 11.93
C GLY C 166 -11.03 -29.63 10.90
N ALA C 167 -11.72 -30.00 9.81
CA ALA C 167 -11.08 -30.79 8.77
C ALA C 167 -9.96 -30.00 8.11
N LEU C 168 -8.93 -30.70 7.65
CA LEU C 168 -7.80 -30.02 7.01
C LEU C 168 -7.71 -30.38 5.53
N ASP C 169 -8.19 -29.48 4.69
CA ASP C 169 -8.16 -29.65 3.24
C ASP C 169 -7.86 -28.28 2.63
N PHE C 170 -6.57 -28.00 2.44
CA PHE C 170 -6.13 -26.71 1.91
C PHE C 170 -6.60 -26.29 0.53
N ALA C 171 -6.44 -27.15 -0.48
CA ALA C 171 -6.85 -26.80 -1.83
C ALA C 171 -7.81 -27.73 -2.56
N GLY C 172 -8.32 -28.77 -1.91
CA GLY C 172 -9.28 -29.65 -2.57
C GLY C 172 -9.02 -31.14 -2.71
N GLY C 173 -8.42 -31.75 -1.69
CA GLY C 173 -8.18 -33.19 -1.72
C GLY C 173 -9.54 -33.87 -1.79
N THR C 174 -10.48 -33.39 -0.98
CA THR C 174 -11.84 -33.92 -0.96
C THR C 174 -12.69 -33.24 -2.04
N VAL C 175 -12.88 -31.93 -1.91
CA VAL C 175 -13.67 -31.09 -2.81
C VAL C 175 -13.44 -31.33 -4.31
N VAL C 176 -12.18 -31.31 -4.71
CA VAL C 176 -11.81 -31.51 -6.11
C VAL C 176 -11.52 -32.96 -6.49
N HIS C 177 -10.39 -33.46 -6.00
CA HIS C 177 -9.91 -34.81 -6.33
C HIS C 177 -10.75 -36.04 -5.97
N ILE C 178 -10.96 -36.29 -4.68
CA ILE C 178 -11.74 -37.45 -4.24
C ILE C 178 -13.15 -37.39 -4.81
N ASN C 179 -13.76 -36.20 -4.80
CA ASN C 179 -15.11 -35.97 -5.31
C ASN C 179 -15.22 -36.46 -6.77
N ALA C 180 -14.35 -35.94 -7.64
CA ALA C 180 -14.33 -36.29 -9.06
C ALA C 180 -13.98 -37.77 -9.33
N ALA C 181 -12.96 -38.27 -8.63
CA ALA C 181 -12.52 -39.65 -8.76
C ALA C 181 -13.69 -40.63 -8.61
N ILE C 182 -14.46 -40.47 -7.55
CA ILE C 182 -15.61 -41.33 -7.29
C ILE C 182 -16.67 -41.16 -8.39
N ALA C 183 -16.99 -39.92 -8.76
CA ALA C 183 -17.97 -39.69 -9.82
C ALA C 183 -17.55 -40.47 -11.08
N GLY C 184 -16.25 -40.45 -11.36
CA GLY C 184 -15.68 -41.14 -12.50
C GLY C 184 -15.72 -42.65 -12.37
N LEU C 185 -15.28 -43.17 -11.22
CA LEU C 185 -15.27 -44.61 -10.96
C LEU C 185 -16.67 -45.17 -11.18
N VAL C 186 -17.66 -44.46 -10.65
CA VAL C 186 -19.06 -44.85 -10.77
C VAL C 186 -19.46 -44.89 -12.25
N GLY C 187 -19.10 -43.83 -12.97
CA GLY C 187 -19.40 -43.74 -14.40
C GLY C 187 -18.80 -44.87 -15.23
N ALA C 188 -17.53 -45.17 -15.00
CA ALA C 188 -16.83 -46.23 -15.74
C ALA C 188 -17.41 -47.60 -15.48
N TYR C 189 -17.92 -47.80 -14.26
CA TYR C 189 -18.54 -49.06 -13.88
C TYR C 189 -19.87 -49.23 -14.60
N LEU C 190 -20.71 -48.20 -14.55
CA LEU C 190 -22.05 -48.23 -15.14
C LEU C 190 -22.11 -48.40 -16.67
N ILE C 191 -21.29 -47.64 -17.38
CA ILE C 191 -21.25 -47.72 -18.84
C ILE C 191 -20.57 -48.98 -19.37
N GLY C 192 -19.71 -49.57 -18.55
CA GLY C 192 -19.01 -50.79 -18.94
C GLY C 192 -17.72 -50.60 -19.71
N LYS C 193 -16.99 -51.70 -19.85
CA LYS C 193 -15.71 -51.76 -20.55
C LYS C 193 -15.82 -51.44 -22.04
N ARG C 194 -14.80 -50.81 -22.60
CA ARG C 194 -14.81 -50.48 -24.02
C ARG C 194 -14.71 -51.77 -24.83
N VAL C 195 -15.31 -51.80 -26.02
CA VAL C 195 -15.23 -53.00 -26.85
C VAL C 195 -13.75 -53.29 -27.12
N GLY C 196 -13.41 -54.57 -27.03
CA GLY C 196 -12.04 -55.01 -27.25
C GLY C 196 -11.16 -54.95 -26.02
N PHE C 197 -11.68 -54.44 -24.91
CA PHE C 197 -10.91 -54.33 -23.66
C PHE C 197 -10.39 -55.68 -23.13
N GLY C 198 -9.07 -55.86 -23.22
CA GLY C 198 -8.42 -57.07 -22.76
C GLY C 198 -7.87 -57.92 -23.87
N LYS C 199 -8.31 -57.65 -25.10
CA LYS C 199 -7.83 -58.41 -26.26
C LYS C 199 -7.23 -57.54 -27.35
N GLU C 200 -7.50 -56.25 -27.28
CA GLU C 200 -7.02 -55.27 -28.25
C GLU C 200 -6.05 -54.27 -27.61
N ALA C 201 -5.11 -53.76 -28.42
CA ALA C 201 -4.13 -52.80 -27.93
C ALA C 201 -4.75 -51.40 -27.85
N PHE C 202 -4.57 -50.73 -26.72
CA PHE C 202 -5.11 -49.40 -26.51
C PHE C 202 -4.00 -48.40 -26.15
N LYS C 203 -3.16 -48.05 -27.11
CA LYS C 203 -2.07 -47.10 -26.87
C LYS C 203 -2.58 -45.65 -26.89
N PRO C 204 -1.92 -44.74 -26.15
CA PRO C 204 -2.23 -43.31 -26.27
C PRO C 204 -1.83 -42.84 -27.68
N HIS C 205 -2.64 -42.01 -28.32
CA HIS C 205 -2.31 -41.60 -29.69
C HIS C 205 -1.23 -40.53 -29.83
N ASN C 206 -1.12 -39.65 -28.83
CA ASN C 206 -0.18 -38.56 -28.84
C ASN C 206 0.44 -38.27 -27.46
N LEU C 207 1.58 -38.90 -27.17
CA LEU C 207 2.25 -38.69 -25.88
C LEU C 207 2.86 -37.28 -25.66
N PRO C 208 3.38 -36.61 -26.72
CA PRO C 208 3.75 -35.19 -26.56
C PRO C 208 2.58 -34.31 -26.11
N MET C 209 1.37 -34.61 -26.61
CA MET C 209 0.17 -33.88 -26.23
C MET C 209 -0.11 -34.15 -24.73
N VAL C 210 0.17 -35.38 -24.29
CA VAL C 210 -0.03 -35.74 -22.89
C VAL C 210 0.96 -34.99 -22.01
N PHE C 211 2.19 -34.85 -22.49
CA PHE C 211 3.20 -34.15 -21.73
C PHE C 211 2.82 -32.68 -21.65
N THR C 212 2.34 -32.15 -22.78
CA THR C 212 1.96 -30.74 -22.86
C THR C 212 0.89 -30.40 -21.84
N GLY C 213 -0.16 -31.22 -21.79
CA GLY C 213 -1.26 -31.04 -20.86
C GLY C 213 -0.78 -31.11 -19.43
N THR C 214 0.10 -32.09 -19.17
CA THR C 214 0.70 -32.31 -17.85
C THR C 214 1.40 -31.05 -17.40
N ALA C 215 2.28 -30.53 -18.26
CA ALA C 215 3.00 -29.31 -17.97
C ALA C 215 2.06 -28.14 -17.64
N ILE C 216 1.02 -27.96 -18.47
CA ILE C 216 0.04 -26.89 -18.27
C ILE C 216 -0.66 -27.06 -16.91
N LEU C 217 -1.03 -28.30 -16.61
CA LEU C 217 -1.67 -28.65 -15.35
C LEU C 217 -0.77 -28.27 -14.17
N TYR C 218 0.51 -28.61 -14.27
CA TYR C 218 1.51 -28.31 -13.23
C TYR C 218 1.68 -26.80 -12.99
N ILE C 219 1.80 -26.06 -14.08
CA ILE C 219 1.99 -24.61 -14.01
C ILE C 219 0.73 -23.96 -13.47
N GLY C 220 -0.41 -24.37 -14.01
CA GLY C 220 -1.67 -23.83 -13.57
C GLY C 220 -1.97 -24.16 -12.12
N TRP C 221 -1.41 -25.27 -11.62
CA TRP C 221 -1.60 -25.74 -10.24
C TRP C 221 -1.02 -24.81 -9.19
N PHE C 222 -0.16 -23.88 -9.60
CA PHE C 222 0.45 -22.92 -8.68
C PHE C 222 -0.61 -21.93 -8.22
N GLY C 223 -1.49 -21.56 -9.15
CA GLY C 223 -2.61 -20.66 -8.83
C GLY C 223 -3.65 -21.42 -8.01
N PHE C 224 -3.73 -22.73 -8.24
CA PHE C 224 -4.64 -23.66 -7.55
C PHE C 224 -4.25 -23.79 -6.08
N ASN C 225 -3.01 -24.18 -5.83
CA ASN C 225 -2.51 -24.33 -4.46
C ASN C 225 -2.22 -23.02 -3.73
N ALA C 226 -1.34 -22.18 -4.28
CA ALA C 226 -0.99 -20.92 -3.64
C ALA C 226 -2.17 -19.94 -3.56
N GLY C 227 -3.02 -20.00 -4.57
CA GLY C 227 -4.20 -19.17 -4.65
C GLY C 227 -5.13 -19.44 -3.48
N SER C 228 -5.16 -20.71 -3.04
CA SER C 228 -5.99 -21.13 -1.90
C SER C 228 -5.65 -20.40 -0.59
N ALA C 229 -4.58 -19.61 -0.58
CA ALA C 229 -4.21 -18.84 0.60
C ALA C 229 -5.12 -17.61 0.70
N GLY C 230 -5.66 -17.19 -0.45
CA GLY C 230 -6.54 -16.04 -0.51
C GLY C 230 -5.77 -14.74 -0.61
N THR C 231 -4.47 -14.81 -0.39
CA THR C 231 -3.60 -13.64 -0.42
C THR C 231 -2.13 -14.00 -0.69
N ALA C 232 -1.38 -13.04 -1.22
CA ALA C 232 0.03 -13.24 -1.52
C ALA C 232 0.85 -13.01 -0.24
N ASN C 233 0.63 -13.88 0.75
CA ASN C 233 1.31 -13.81 2.03
C ASN C 233 2.28 -14.99 2.21
N GLU C 234 2.73 -15.24 3.45
CA GLU C 234 3.67 -16.34 3.74
C GLU C 234 3.07 -17.73 3.56
N ILE C 235 1.75 -17.84 3.70
CA ILE C 235 1.08 -19.13 3.53
C ILE C 235 1.10 -19.47 2.03
N ALA C 236 0.93 -18.44 1.20
CA ALA C 236 0.95 -18.61 -0.25
C ALA C 236 2.30 -19.17 -0.66
N ALA C 237 3.37 -18.60 -0.11
CA ALA C 237 4.74 -19.04 -0.40
C ALA C 237 5.01 -20.46 0.08
N LEU C 238 4.47 -20.84 1.24
CA LEU C 238 4.64 -22.20 1.77
C LEU C 238 4.01 -23.20 0.77
N ALA C 239 2.78 -22.91 0.35
CA ALA C 239 2.06 -23.75 -0.60
C ALA C 239 2.79 -23.88 -1.93
N PHE C 240 3.49 -22.82 -2.32
CA PHE C 240 4.25 -22.78 -3.58
C PHE C 240 5.41 -23.77 -3.48
N VAL C 241 6.28 -23.58 -2.50
CA VAL C 241 7.44 -24.45 -2.31
C VAL C 241 7.02 -25.93 -2.15
N ASN C 242 5.97 -26.17 -1.36
CA ASN C 242 5.50 -27.55 -1.18
C ASN C 242 5.06 -28.22 -2.49
N THR C 243 4.48 -27.42 -3.39
CA THR C 243 4.01 -27.89 -4.69
C THR C 243 5.22 -28.25 -5.56
N VAL C 244 6.27 -27.45 -5.49
CA VAL C 244 7.50 -27.72 -6.24
C VAL C 244 8.13 -29.03 -5.73
N VAL C 245 8.31 -29.14 -4.42
CA VAL C 245 8.89 -30.34 -3.80
C VAL C 245 8.12 -31.66 -4.02
N ALA C 246 6.85 -31.66 -3.62
CA ALA C 246 6.00 -32.84 -3.73
C ALA C 246 5.93 -33.39 -5.14
N THR C 247 5.84 -32.50 -6.13
CA THR C 247 5.78 -32.90 -7.54
C THR C 247 7.09 -33.53 -8.00
N ALA C 248 8.21 -32.94 -7.62
CA ALA C 248 9.51 -33.48 -7.98
C ALA C 248 9.70 -34.85 -7.31
N ALA C 249 9.33 -34.94 -6.02
CA ALA C 249 9.44 -36.19 -5.28
C ALA C 249 8.59 -37.29 -5.90
N ALA C 250 7.36 -36.96 -6.27
CA ALA C 250 6.45 -37.93 -6.87
C ALA C 250 6.93 -38.39 -8.25
N ILE C 251 7.56 -37.48 -9.02
CA ILE C 251 8.10 -37.83 -10.33
C ILE C 251 9.17 -38.91 -10.13
N LEU C 252 10.06 -38.68 -9.17
CA LEU C 252 11.13 -39.64 -8.85
C LEU C 252 10.62 -40.94 -8.23
N GLY C 253 9.57 -40.84 -7.41
CA GLY C 253 9.00 -42.03 -6.78
C GLY C 253 8.44 -42.99 -7.82
N TRP C 254 7.59 -42.46 -8.70
CA TRP C 254 6.95 -43.24 -9.76
C TRP C 254 8.01 -43.75 -10.73
N ILE C 255 8.84 -42.85 -11.24
CA ILE C 255 9.90 -43.19 -12.19
C ILE C 255 10.78 -44.36 -11.72
N PHE C 256 11.31 -44.26 -10.49
CA PHE C 256 12.18 -45.31 -9.92
C PHE C 256 11.43 -46.60 -9.60
N GLY C 257 10.19 -46.46 -9.14
CA GLY C 257 9.33 -47.61 -8.82
C GLY C 257 9.09 -48.39 -10.10
N GLU C 258 8.76 -47.67 -11.18
CA GLU C 258 8.51 -48.23 -12.50
C GLU C 258 9.81 -48.81 -13.08
N TRP C 259 10.92 -48.12 -12.84
CA TRP C 259 12.22 -48.56 -13.33
C TRP C 259 12.62 -49.88 -12.69
N ALA C 260 12.35 -50.00 -11.39
CA ALA C 260 12.66 -51.21 -10.64
C ALA C 260 11.75 -52.37 -10.97
N LEU C 261 10.45 -52.12 -11.05
CA LEU C 261 9.47 -53.15 -11.34
C LEU C 261 9.32 -53.53 -12.81
N ARG C 262 9.22 -52.54 -13.70
CA ARG C 262 9.04 -52.82 -15.12
C ARG C 262 10.30 -52.86 -15.98
N GLY C 263 11.39 -52.30 -15.48
CA GLY C 263 12.64 -52.29 -16.23
C GLY C 263 12.92 -51.05 -17.05
N LYS C 264 11.96 -50.13 -17.12
CA LYS C 264 12.14 -48.89 -17.89
C LYS C 264 11.42 -47.68 -17.28
N PRO C 265 12.07 -46.49 -17.33
CA PRO C 265 11.44 -45.23 -16.92
C PRO C 265 10.74 -44.55 -18.10
N SER C 266 9.41 -44.57 -18.10
CA SER C 266 8.62 -43.99 -19.20
C SER C 266 8.22 -42.54 -19.01
N LEU C 267 7.91 -41.88 -20.12
CA LEU C 267 7.46 -40.50 -20.08
C LEU C 267 6.09 -40.45 -19.38
N LEU C 268 5.22 -41.42 -19.71
CA LEU C 268 3.91 -41.47 -19.09
C LEU C 268 4.11 -41.61 -17.59
N GLY C 269 5.07 -42.45 -17.20
CA GLY C 269 5.40 -42.65 -15.81
C GLY C 269 5.73 -41.31 -15.17
N ALA C 270 6.59 -40.54 -15.83
CA ALA C 270 6.99 -39.24 -15.32
C ALA C 270 5.81 -38.29 -15.18
N CYS C 271 4.96 -38.25 -16.22
CA CYS C 271 3.80 -37.38 -16.24
C CYS C 271 2.81 -37.72 -15.12
N SER C 272 2.51 -39.01 -15.03
CA SER C 272 1.59 -39.55 -14.04
C SER C 272 2.10 -39.23 -12.65
N GLY C 273 3.41 -39.38 -12.47
CA GLY C 273 4.08 -39.10 -11.20
C GLY C 273 3.86 -37.64 -10.81
N ALA C 274 4.07 -36.74 -11.77
CA ALA C 274 3.88 -35.33 -11.56
C ALA C 274 2.47 -35.03 -11.02
N ILE C 275 1.43 -35.57 -11.66
CA ILE C 275 0.06 -35.34 -11.20
C ILE C 275 -0.18 -35.94 -9.81
N ALA C 276 0.33 -37.15 -9.62
CA ALA C 276 0.19 -37.87 -8.35
C ALA C 276 0.68 -37.05 -7.14
N GLY C 277 1.78 -36.33 -7.32
CA GLY C 277 2.33 -35.53 -6.23
C GLY C 277 1.47 -34.29 -6.03
N LEU C 278 1.06 -33.69 -7.15
CA LEU C 278 0.22 -32.51 -7.11
C LEU C 278 -1.05 -32.81 -6.32
N VAL C 279 -1.71 -33.90 -6.67
CA VAL C 279 -2.93 -34.30 -5.98
C VAL C 279 -2.61 -34.53 -4.50
N GLY C 280 -1.64 -35.41 -4.24
CA GLY C 280 -1.24 -35.70 -2.87
C GLY C 280 -1.01 -34.47 -2.01
N VAL C 281 -0.35 -33.46 -2.57
CA VAL C 281 -0.05 -32.22 -1.84
C VAL C 281 -1.14 -31.15 -1.89
N THR C 282 -2.18 -31.37 -2.67
CA THR C 282 -3.27 -30.40 -2.77
C THR C 282 -3.88 -30.03 -1.40
N PRO C 283 -4.28 -31.02 -0.57
CA PRO C 283 -4.85 -30.67 0.73
C PRO C 283 -3.84 -30.34 1.84
N ALA C 284 -2.55 -30.56 1.56
CA ALA C 284 -1.49 -30.34 2.55
C ALA C 284 -0.56 -29.14 2.35
N CYS C 285 -0.35 -28.74 1.10
CA CYS C 285 0.55 -27.63 0.74
C CYS C 285 0.58 -26.42 1.67
N GLY C 286 -0.58 -26.01 2.15
CA GLY C 286 -0.66 -24.84 3.03
C GLY C 286 -0.40 -25.11 4.51
N TYR C 287 -0.41 -26.39 4.90
CA TYR C 287 -0.23 -26.81 6.30
C TYR C 287 1.07 -27.48 6.69
N ILE C 288 1.74 -28.11 5.73
CA ILE C 288 2.98 -28.85 6.01
C ILE C 288 4.30 -28.14 5.74
N GLY C 289 5.37 -28.73 6.26
CA GLY C 289 6.72 -28.21 6.07
C GLY C 289 7.29 -28.81 4.80
N VAL C 290 8.44 -28.29 4.37
CA VAL C 290 9.11 -28.78 3.15
C VAL C 290 9.45 -30.29 3.21
N GLY C 291 9.72 -30.78 4.42
CA GLY C 291 10.07 -32.18 4.65
C GLY C 291 8.85 -33.08 4.53
N GLY C 292 7.69 -32.54 4.89
CA GLY C 292 6.44 -33.27 4.83
C GLY C 292 6.05 -33.42 3.38
N ALA C 293 6.29 -32.36 2.62
CA ALA C 293 5.99 -32.32 1.18
C ALA C 293 6.80 -33.37 0.41
N LEU C 294 8.04 -33.60 0.85
CA LEU C 294 8.94 -34.58 0.25
C LEU C 294 8.39 -35.98 0.46
N ILE C 295 8.17 -36.32 1.73
CA ILE C 295 7.65 -37.64 2.10
C ILE C 295 6.28 -37.89 1.46
N ILE C 296 5.39 -36.91 1.57
CA ILE C 296 4.06 -37.02 0.99
C ILE C 296 4.22 -37.29 -0.51
N GLY C 297 5.13 -36.56 -1.15
CA GLY C 297 5.40 -36.72 -2.56
C GLY C 297 5.82 -38.13 -2.96
N VAL C 298 6.88 -38.63 -2.32
CA VAL C 298 7.39 -39.97 -2.61
C VAL C 298 6.25 -40.98 -2.49
N VAL C 299 5.56 -40.97 -1.34
CA VAL C 299 4.44 -41.87 -1.09
C VAL C 299 3.34 -41.74 -2.15
N ALA C 300 2.95 -40.51 -2.47
CA ALA C 300 1.90 -40.26 -3.46
C ALA C 300 2.27 -40.87 -4.82
N GLY C 301 3.53 -40.72 -5.21
CA GLY C 301 4.03 -41.26 -6.47
C GLY C 301 3.97 -42.79 -6.53
N LEU C 302 4.36 -43.44 -5.45
CA LEU C 302 4.32 -44.90 -5.40
C LEU C 302 2.89 -45.40 -5.28
N ALA C 303 2.04 -44.64 -4.59
CA ALA C 303 0.63 -45.00 -4.40
C ALA C 303 -0.18 -44.90 -5.69
N GLY C 304 0.24 -44.00 -6.58
CA GLY C 304 -0.42 -43.78 -7.85
C GLY C 304 0.01 -44.85 -8.83
N LEU C 305 1.25 -45.31 -8.64
CA LEU C 305 1.83 -46.35 -9.46
C LEU C 305 1.01 -47.62 -9.19
N TRP C 306 0.90 -47.97 -7.90
CA TRP C 306 0.14 -49.12 -7.43
C TRP C 306 -1.31 -48.89 -7.85
N GLY C 307 -1.70 -47.62 -7.87
CA GLY C 307 -3.05 -47.20 -8.24
C GLY C 307 -3.50 -47.61 -9.63
N VAL C 308 -2.64 -47.39 -10.63
CA VAL C 308 -2.97 -47.72 -12.02
C VAL C 308 -2.56 -49.13 -12.48
N THR C 309 -1.89 -49.87 -11.59
CA THR C 309 -1.44 -51.23 -11.88
C THR C 309 -2.31 -52.27 -11.18
N MET C 310 -1.92 -52.61 -9.95
CA MET C 310 -2.58 -53.60 -9.11
C MET C 310 -4.05 -53.30 -8.78
N LEU C 311 -4.29 -52.07 -8.31
CA LEU C 311 -5.62 -51.63 -7.94
C LEU C 311 -6.58 -51.64 -9.12
N LYS C 312 -6.12 -51.15 -10.27
CA LYS C 312 -6.95 -51.16 -11.47
C LYS C 312 -7.34 -52.60 -11.85
N ARG C 313 -6.38 -53.52 -11.73
CA ARG C 313 -6.59 -54.93 -12.03
C ARG C 313 -7.50 -55.64 -11.00
N LEU C 314 -7.52 -55.12 -9.78
CA LEU C 314 -8.33 -55.68 -8.71
C LEU C 314 -9.78 -55.23 -8.87
N LEU C 315 -9.97 -53.94 -9.17
CA LEU C 315 -11.29 -53.34 -9.34
C LEU C 315 -12.07 -53.80 -10.59
N ARG C 316 -11.35 -54.30 -11.60
CA ARG C 316 -11.96 -54.79 -12.85
C ARG C 316 -12.74 -53.68 -13.57
N VAL C 317 -12.22 -52.46 -13.52
CA VAL C 317 -12.86 -51.30 -14.14
C VAL C 317 -12.12 -50.82 -15.37
N ASP C 318 -12.87 -50.37 -16.37
CA ASP C 318 -12.26 -49.81 -17.57
C ASP C 318 -12.40 -48.31 -17.41
N ASP C 319 -11.46 -47.74 -16.67
CA ASP C 319 -11.41 -46.30 -16.39
C ASP C 319 -10.23 -45.76 -17.20
N PRO C 320 -10.48 -45.42 -18.48
CA PRO C 320 -9.41 -45.29 -19.47
C PRO C 320 -8.24 -44.39 -19.06
N CYS C 321 -8.55 -43.21 -18.54
CA CYS C 321 -7.52 -42.25 -18.12
C CYS C 321 -7.09 -42.39 -16.66
N ASP C 322 -7.42 -43.52 -16.05
CA ASP C 322 -7.09 -43.82 -14.64
C ASP C 322 -7.31 -42.65 -13.68
N VAL C 323 -8.51 -42.08 -13.75
CA VAL C 323 -8.91 -40.96 -12.90
C VAL C 323 -8.86 -41.37 -11.45
N PHE C 324 -9.49 -42.50 -11.13
CA PHE C 324 -9.49 -42.97 -9.76
C PHE C 324 -8.10 -43.40 -9.29
N GLY C 325 -7.46 -44.25 -10.09
CA GLY C 325 -6.12 -44.75 -9.77
C GLY C 325 -5.17 -43.64 -9.36
N VAL C 326 -5.42 -42.42 -9.84
CA VAL C 326 -4.56 -41.32 -9.48
C VAL C 326 -5.16 -40.31 -8.50
N HIS C 327 -6.26 -39.66 -8.89
CA HIS C 327 -6.91 -38.64 -8.07
C HIS C 327 -7.59 -39.15 -6.84
N GLY C 328 -8.08 -40.37 -6.90
CA GLY C 328 -8.76 -40.99 -5.77
C GLY C 328 -7.75 -41.46 -4.75
N VAL C 329 -6.87 -42.35 -5.21
CA VAL C 329 -5.85 -42.93 -4.36
C VAL C 329 -4.96 -41.87 -3.72
N CYS C 330 -4.36 -41.04 -4.57
CA CYS C 330 -3.48 -39.97 -4.10
C CYS C 330 -4.23 -38.92 -3.26
N GLY C 331 -5.52 -38.74 -3.58
CA GLY C 331 -6.38 -37.81 -2.84
C GLY C 331 -6.54 -38.32 -1.41
N ILE C 332 -6.91 -39.60 -1.29
CA ILE C 332 -7.06 -40.23 0.01
C ILE C 332 -5.71 -40.25 0.76
N VAL C 333 -4.66 -40.64 0.06
CA VAL C 333 -3.34 -40.69 0.68
C VAL C 333 -2.96 -39.31 1.24
N GLY C 334 -3.16 -38.27 0.43
CA GLY C 334 -2.86 -36.89 0.82
C GLY C 334 -3.70 -36.37 1.98
N CYS C 335 -5.00 -36.63 1.94
CA CYS C 335 -5.91 -36.19 3.01
C CYS C 335 -5.53 -36.80 4.35
N ILE C 336 -5.14 -38.08 4.32
CA ILE C 336 -4.71 -38.79 5.54
C ILE C 336 -3.38 -38.22 6.03
N MET C 337 -2.39 -38.16 5.14
CA MET C 337 -1.05 -37.66 5.45
C MET C 337 -0.99 -36.19 5.89
N THR C 338 -2.04 -35.42 5.60
CA THR C 338 -2.11 -34.02 6.03
C THR C 338 -2.26 -34.02 7.55
N GLY C 339 -3.14 -34.90 8.05
CA GLY C 339 -3.39 -35.04 9.48
C GLY C 339 -2.18 -35.45 10.29
N ILE C 340 -1.13 -35.88 9.59
CA ILE C 340 0.11 -36.28 10.22
C ILE C 340 1.10 -35.13 10.20
N PHE C 341 1.49 -34.74 8.98
CA PHE C 341 2.49 -33.70 8.77
C PHE C 341 2.11 -32.24 9.07
N ALA C 342 0.89 -32.02 9.57
CA ALA C 342 0.46 -30.67 9.95
C ALA C 342 1.01 -30.38 11.34
N ALA C 343 1.32 -31.43 12.11
CA ALA C 343 1.86 -31.31 13.47
C ALA C 343 3.11 -30.41 13.54
N SER C 344 3.25 -29.71 14.65
CA SER C 344 4.37 -28.79 14.87
C SER C 344 5.72 -29.52 14.92
N SER C 345 5.76 -30.63 15.64
CA SER C 345 6.98 -31.42 15.78
C SER C 345 7.47 -32.13 14.50
N LEU C 346 6.78 -31.90 13.38
CA LEU C 346 7.17 -32.51 12.12
C LEU C 346 7.34 -31.48 11.01
N GLY C 347 7.56 -30.23 11.42
CA GLY C 347 7.78 -29.14 10.47
C GLY C 347 6.52 -28.43 10.00
N GLY C 348 5.36 -28.92 10.41
CA GLY C 348 4.09 -28.32 10.01
C GLY C 348 3.75 -27.03 10.77
N VAL C 349 2.65 -26.41 10.38
CA VAL C 349 2.16 -25.17 10.98
C VAL C 349 1.43 -25.43 12.33
N GLY C 350 1.18 -26.70 12.64
CA GLY C 350 0.50 -27.09 13.88
C GLY C 350 -1.01 -27.20 13.70
N PHE C 351 -1.63 -27.92 14.63
CA PHE C 351 -3.08 -28.10 14.63
C PHE C 351 -3.77 -26.92 15.32
N ALA C 352 -5.11 -26.89 15.27
CA ALA C 352 -5.88 -25.84 15.92
C ALA C 352 -5.85 -26.08 17.45
N GLU C 353 -6.13 -25.03 18.22
CA GLU C 353 -6.11 -25.06 19.70
C GLU C 353 -6.79 -26.27 20.35
N GLY C 354 -6.00 -27.10 21.03
CA GLY C 354 -6.52 -28.28 21.71
C GLY C 354 -6.98 -29.42 20.82
N VAL C 355 -6.17 -29.75 19.82
CA VAL C 355 -6.46 -30.83 18.88
C VAL C 355 -5.22 -31.72 18.78
N THR C 356 -5.38 -32.99 19.11
CA THR C 356 -4.30 -33.96 19.06
C THR C 356 -4.22 -34.56 17.66
N MET C 357 -3.15 -35.30 17.38
CA MET C 357 -2.97 -35.92 16.08
C MET C 357 -4.00 -37.05 15.87
N GLY C 358 -4.25 -37.83 16.92
CA GLY C 358 -5.21 -38.92 16.87
C GLY C 358 -6.59 -38.40 16.49
N HIS C 359 -6.97 -37.27 17.08
CA HIS C 359 -8.26 -36.63 16.82
C HIS C 359 -8.39 -36.04 15.38
N GLN C 360 -7.29 -35.49 14.87
CA GLN C 360 -7.27 -34.91 13.53
C GLN C 360 -7.38 -35.97 12.43
N LEU C 361 -6.73 -37.11 12.66
CA LEU C 361 -6.75 -38.24 11.72
C LEU C 361 -8.15 -38.81 11.57
N LEU C 362 -8.88 -38.82 12.68
CA LEU C 362 -10.23 -39.33 12.68
C LEU C 362 -11.09 -38.42 11.83
N VAL C 363 -10.86 -37.11 11.96
CA VAL C 363 -11.59 -36.11 11.20
C VAL C 363 -11.30 -36.24 9.70
N GLN C 364 -10.03 -36.45 9.35
CA GLN C 364 -9.63 -36.59 7.95
C GLN C 364 -10.32 -37.78 7.30
N LEU C 365 -10.38 -38.89 8.03
CA LEU C 365 -11.03 -40.12 7.58
C LEU C 365 -12.52 -39.90 7.42
N GLU C 366 -13.07 -39.03 8.28
CA GLU C 366 -14.48 -38.67 8.32
C GLU C 366 -14.80 -37.85 7.08
N SER C 367 -13.87 -36.97 6.71
CA SER C 367 -14.01 -36.11 5.55
C SER C 367 -13.89 -36.94 4.28
N ILE C 368 -13.01 -37.95 4.32
CA ILE C 368 -12.83 -38.83 3.16
C ILE C 368 -14.08 -39.70 2.98
N ALA C 369 -14.58 -40.26 4.09
CA ALA C 369 -15.78 -41.11 4.07
C ALA C 369 -17.03 -40.39 3.54
N ILE C 370 -17.27 -39.18 4.04
CA ILE C 370 -18.42 -38.36 3.64
C ILE C 370 -18.31 -37.92 2.17
N THR C 371 -17.10 -37.65 1.70
CA THR C 371 -16.92 -37.22 0.31
C THR C 371 -17.14 -38.39 -0.66
N ILE C 372 -16.54 -39.54 -0.36
CA ILE C 372 -16.69 -40.71 -1.20
C ILE C 372 -18.15 -41.16 -1.27
N VAL C 373 -18.82 -41.12 -0.13
CA VAL C 373 -20.19 -41.54 -0.01
C VAL C 373 -21.21 -40.63 -0.71
N TRP C 374 -21.07 -39.32 -0.53
CA TRP C 374 -22.02 -38.37 -1.12
C TRP C 374 -21.91 -38.33 -2.63
N SER C 375 -20.68 -38.17 -3.11
CA SER C 375 -20.39 -38.05 -4.54
C SER C 375 -20.89 -39.29 -5.29
N GLY C 376 -20.65 -40.47 -4.70
CA GLY C 376 -21.05 -41.75 -5.27
C GLY C 376 -22.55 -41.89 -5.50
N VAL C 377 -23.34 -41.56 -4.48
CA VAL C 377 -24.78 -41.68 -4.60
C VAL C 377 -25.33 -40.65 -5.57
N VAL C 378 -24.81 -39.42 -5.48
CA VAL C 378 -25.25 -38.36 -6.37
C VAL C 378 -24.88 -38.73 -7.81
N ALA C 379 -23.65 -39.18 -8.02
CA ALA C 379 -23.22 -39.59 -9.36
C ALA C 379 -24.17 -40.66 -9.94
N PHE C 380 -24.62 -41.59 -9.10
CA PHE C 380 -25.54 -42.64 -9.55
C PHE C 380 -26.84 -42.07 -10.09
N ILE C 381 -27.47 -41.18 -9.33
CA ILE C 381 -28.73 -40.53 -9.74
C ILE C 381 -28.57 -39.82 -11.10
N GLY C 382 -27.43 -39.14 -11.26
CA GLY C 382 -27.08 -38.42 -12.48
C GLY C 382 -26.99 -39.29 -13.71
N TYR C 383 -26.16 -40.34 -13.65
CA TYR C 383 -26.00 -41.25 -14.78
C TYR C 383 -27.31 -41.95 -15.13
N LYS C 384 -28.13 -42.21 -14.12
CA LYS C 384 -29.44 -42.85 -14.30
C LYS C 384 -30.42 -41.90 -14.95
N LEU C 385 -30.37 -40.62 -14.57
CA LEU C 385 -31.24 -39.63 -15.15
C LEU C 385 -30.89 -39.50 -16.64
N ALA C 386 -29.60 -39.61 -16.93
CA ALA C 386 -29.07 -39.52 -18.29
C ALA C 386 -29.46 -40.73 -19.12
N ASP C 387 -29.47 -41.90 -18.48
CA ASP C 387 -29.82 -43.14 -19.17
C ASP C 387 -31.33 -43.26 -19.43
N LEU C 388 -32.14 -42.61 -18.59
CA LEU C 388 -33.60 -42.66 -18.73
C LEU C 388 -34.06 -41.77 -19.87
N THR C 389 -33.34 -40.69 -20.07
CA THR C 389 -33.68 -39.75 -21.11
C THR C 389 -32.92 -39.97 -22.42
N VAL C 390 -31.59 -39.89 -22.41
CA VAL C 390 -30.83 -40.09 -23.65
C VAL C 390 -30.08 -41.43 -23.87
N GLY C 391 -29.74 -42.12 -22.78
CA GLY C 391 -28.98 -43.37 -22.85
C GLY C 391 -27.51 -43.00 -22.71
N LEU C 392 -26.77 -43.70 -21.83
CA LEU C 392 -25.35 -43.40 -21.57
C LEU C 392 -24.34 -43.83 -22.62
N ARG C 393 -24.49 -45.04 -23.12
CA ARG C 393 -23.53 -45.56 -24.07
C ARG C 393 -23.92 -45.48 -25.54
N VAL C 394 -22.96 -45.15 -26.38
CA VAL C 394 -23.18 -45.10 -27.82
C VAL C 394 -23.14 -46.57 -28.26
N PRO C 395 -23.89 -46.92 -29.32
CA PRO C 395 -23.81 -48.31 -29.78
C PRO C 395 -22.41 -48.71 -30.23
N GLU C 396 -22.10 -49.99 -30.08
CA GLU C 396 -20.81 -50.58 -30.44
C GLU C 396 -20.15 -50.09 -31.74
N GLU C 397 -20.93 -50.02 -32.82
CA GLU C 397 -20.42 -49.59 -34.12
C GLU C 397 -19.95 -48.14 -34.16
N GLN C 398 -20.56 -47.30 -33.33
CA GLN C 398 -20.15 -45.89 -33.24
C GLN C 398 -18.84 -45.87 -32.49
N GLU C 399 -18.75 -46.77 -31.50
CA GLU C 399 -17.55 -46.91 -30.68
C GLU C 399 -16.35 -47.32 -31.53
N ARG C 400 -16.61 -48.08 -32.59
CA ARG C 400 -15.55 -48.55 -33.49
C ARG C 400 -15.06 -47.46 -34.44
N GLU C 401 -16.00 -46.79 -35.11
CA GLU C 401 -15.68 -45.71 -36.04
C GLU C 401 -15.03 -44.56 -35.31
N GLY C 402 -15.56 -44.25 -34.12
CA GLY C 402 -15.04 -43.19 -33.28
C GLY C 402 -16.13 -42.19 -32.97
N LEU C 403 -16.04 -41.59 -31.79
CA LEU C 403 -16.98 -40.60 -31.32
C LEU C 403 -16.87 -39.28 -32.07
N ASP C 404 -15.68 -39.03 -32.62
CA ASP C 404 -15.40 -37.79 -33.35
C ASP C 404 -16.33 -37.48 -34.51
N VAL C 405 -16.53 -38.45 -35.41
CA VAL C 405 -17.41 -38.26 -36.56
C VAL C 405 -18.87 -38.62 -36.25
N ASN C 406 -19.06 -39.57 -35.36
CA ASN C 406 -20.40 -40.02 -34.97
C ASN C 406 -21.14 -39.02 -34.07
N SER C 407 -20.44 -38.54 -33.04
CA SER C 407 -21.02 -37.60 -32.07
C SER C 407 -20.73 -36.13 -32.33
N HIS C 408 -19.66 -35.83 -33.06
CA HIS C 408 -19.28 -34.43 -33.31
C HIS C 408 -19.07 -34.08 -34.77
N GLY C 409 -19.27 -35.05 -35.66
CA GLY C 409 -19.09 -34.85 -37.09
C GLY C 409 -17.82 -34.16 -37.54
N GLU C 410 -16.68 -34.56 -37.00
CA GLU C 410 -15.37 -33.97 -37.35
C GLU C 410 -14.23 -34.99 -37.24
N ASN C 411 -13.17 -34.76 -38.01
CA ASN C 411 -11.98 -35.61 -38.03
C ASN C 411 -10.80 -34.73 -37.62
N ALA C 412 -10.11 -35.13 -36.55
CA ALA C 412 -8.98 -34.40 -35.96
C ALA C 412 -7.77 -34.01 -36.82
N TYR C 413 -7.28 -34.97 -37.60
CA TYR C 413 -6.10 -34.78 -38.45
C TYR C 413 -6.44 -35.05 -39.89
N ASN C 414 -6.23 -34.04 -40.72
CA ASN C 414 -6.55 -34.16 -42.14
C ASN C 414 -5.36 -33.76 -42.99
N ALA C 415 -5.56 -33.65 -44.31
CA ALA C 415 -4.49 -33.28 -45.24
C ALA C 415 -3.88 -31.89 -44.93
N HIS D 6 -13.35 2.05 -19.51
CA HIS D 6 -12.52 2.93 -18.66
C HIS D 6 -12.61 4.36 -19.17
N HIS D 7 -11.75 5.23 -18.65
CA HIS D 7 -11.71 6.64 -19.01
C HIS D 7 -12.94 7.49 -18.66
N HIS D 8 -14.04 6.85 -18.24
CA HIS D 8 -15.25 7.60 -17.85
C HIS D 8 -15.69 7.33 -16.41
N HIS D 9 -15.96 6.06 -16.09
CA HIS D 9 -16.37 5.68 -14.74
C HIS D 9 -15.14 5.31 -13.89
N HIS D 10 -13.97 5.46 -14.50
CA HIS D 10 -12.72 5.20 -13.80
C HIS D 10 -12.60 6.23 -12.67
N HIS D 11 -11.98 5.83 -11.56
CA HIS D 11 -11.80 6.73 -10.42
C HIS D 11 -10.50 6.43 -9.69
N ALA D 12 -9.82 7.47 -9.24
CA ALA D 12 -8.58 7.32 -8.49
C ALA D 12 -8.96 6.75 -7.14
N VAL D 13 -8.18 5.80 -6.66
CA VAL D 13 -8.48 5.18 -5.39
C VAL D 13 -7.78 5.99 -4.25
N ALA D 14 -8.47 6.21 -3.14
CA ALA D 14 -7.90 6.95 -2.03
C ALA D 14 -6.81 6.16 -1.29
N ASP D 15 -5.69 6.83 -1.00
CA ASP D 15 -4.61 6.18 -0.28
C ASP D 15 -4.74 6.51 1.20
N LYS D 16 -4.97 5.47 2.00
CA LYS D 16 -5.13 5.58 3.46
C LYS D 16 -4.03 6.36 4.17
N ALA D 17 -2.79 6.20 3.69
CA ALA D 17 -1.65 6.93 4.27
C ALA D 17 -1.82 8.43 3.98
N ASP D 18 -2.30 8.76 2.78
CA ASP D 18 -2.51 10.15 2.42
C ASP D 18 -3.69 10.71 3.19
N ASN D 19 -4.75 9.91 3.32
CA ASN D 19 -5.93 10.32 4.08
C ASN D 19 -5.52 10.70 5.50
N ALA D 20 -4.77 9.79 6.13
CA ALA D 20 -4.26 9.94 7.48
C ALA D 20 -3.46 11.22 7.60
N PHE D 21 -2.43 11.33 6.76
CA PHE D 21 -1.58 12.50 6.74
C PHE D 21 -2.39 13.79 6.58
N MET D 22 -3.27 13.82 5.59
CA MET D 22 -4.09 15.00 5.36
C MET D 22 -5.05 15.38 6.50
N MET D 23 -5.57 14.38 7.21
CA MET D 23 -6.48 14.68 8.32
C MET D 23 -5.67 15.21 9.49
N ILE D 24 -4.47 14.67 9.68
CA ILE D 24 -3.62 15.13 10.79
C ILE D 24 -3.16 16.56 10.48
N CYS D 25 -2.81 16.83 9.22
CA CYS D 25 -2.39 18.17 8.78
C CYS D 25 -3.55 19.14 8.96
N THR D 26 -4.78 18.69 8.66
CA THR D 26 -5.92 19.57 8.85
C THR D 26 -6.04 19.92 10.35
N ALA D 27 -5.85 18.92 11.21
CA ALA D 27 -5.93 19.15 12.64
C ALA D 27 -4.85 20.13 13.10
N LEU D 28 -3.68 20.06 12.46
CA LEU D 28 -2.58 20.95 12.79
C LEU D 28 -2.83 22.41 12.35
N VAL D 29 -3.48 22.60 11.20
CA VAL D 29 -3.78 23.95 10.73
C VAL D 29 -4.85 24.56 11.61
N LEU D 30 -5.81 23.75 12.06
CA LEU D 30 -6.88 24.22 12.94
C LEU D 30 -6.23 24.68 14.23
N PHE D 31 -5.26 23.87 14.70
CA PHE D 31 -4.46 24.14 15.90
C PHE D 31 -3.84 25.53 15.83
N MET D 32 -3.49 25.98 14.62
CA MET D 32 -2.88 27.30 14.38
C MET D 32 -3.80 28.47 14.74
N THR D 33 -5.10 28.27 14.58
CA THR D 33 -6.08 29.30 14.90
C THR D 33 -6.56 29.12 16.33
N ILE D 34 -6.96 27.89 16.63
CA ILE D 34 -7.50 27.52 17.93
C ILE D 34 -6.52 26.59 18.64
N PRO D 35 -5.69 27.13 19.57
CA PRO D 35 -5.64 28.51 20.06
C PRO D 35 -4.48 29.39 19.55
N GLY D 36 -3.67 28.86 18.65
CA GLY D 36 -2.49 29.53 18.10
C GLY D 36 -2.49 31.05 18.07
N ILE D 37 -3.06 31.59 16.99
CA ILE D 37 -3.14 33.02 16.75
C ILE D 37 -3.83 33.79 17.87
N ALA D 38 -4.80 33.17 18.52
CA ALA D 38 -5.52 33.82 19.61
C ALA D 38 -4.60 34.11 20.81
N LEU D 39 -3.72 33.16 21.16
CA LEU D 39 -2.79 33.41 22.27
C LEU D 39 -1.70 34.36 21.82
N PHE D 40 -1.25 34.20 20.57
CA PHE D 40 -0.21 35.07 20.00
C PHE D 40 -0.62 36.54 20.13
N TYR D 41 -1.79 36.86 19.56
CA TYR D 41 -2.34 38.21 19.59
C TYR D 41 -2.78 38.58 21.00
N GLY D 42 -3.41 37.65 21.69
CA GLY D 42 -3.88 37.91 23.05
C GLY D 42 -2.78 38.34 24.00
N GLY D 43 -1.61 37.70 23.88
CA GLY D 43 -0.46 38.02 24.73
C GLY D 43 0.20 39.37 24.46
N LEU D 44 0.06 39.85 23.21
CA LEU D 44 0.63 41.13 22.74
C LEU D 44 -0.15 42.38 23.11
N ILE D 45 -1.41 42.23 23.49
CA ILE D 45 -2.22 43.39 23.87
C ILE D 45 -2.34 43.49 25.38
N ARG D 46 -2.93 44.56 25.89
CA ARG D 46 -3.09 44.74 27.34
C ARG D 46 -4.14 43.82 27.96
N GLY D 47 -3.95 43.48 29.24
CA GLY D 47 -4.86 42.58 29.97
C GLY D 47 -6.35 42.87 29.93
N LYS D 48 -6.70 44.14 29.77
CA LYS D 48 -8.10 44.52 29.74
C LYS D 48 -8.81 44.21 28.40
N ASN D 49 -8.07 43.72 27.41
CA ASN D 49 -8.62 43.41 26.09
C ASN D 49 -8.32 42.00 25.59
N VAL D 50 -7.63 41.20 26.38
CA VAL D 50 -7.30 39.84 25.94
C VAL D 50 -8.54 39.05 25.52
N LEU D 51 -9.62 39.12 26.32
CA LEU D 51 -10.84 38.38 26.00
C LEU D 51 -11.47 38.78 24.68
N SER D 52 -11.45 40.07 24.37
CA SER D 52 -12.00 40.57 23.12
C SER D 52 -11.32 39.87 21.95
N MET D 53 -9.99 39.67 22.08
CA MET D 53 -9.18 39.00 21.06
C MET D 53 -9.59 37.53 20.93
N LEU D 54 -9.52 36.81 22.06
CA LEU D 54 -9.87 35.38 22.14
C LEU D 54 -11.29 35.10 21.61
N THR D 55 -12.25 35.94 21.98
CA THR D 55 -13.64 35.80 21.53
C THR D 55 -13.80 36.04 20.02
N GLN D 56 -13.12 37.06 19.52
CA GLN D 56 -13.15 37.43 18.10
C GLN D 56 -12.62 36.30 17.22
N VAL D 57 -11.51 35.69 17.63
CA VAL D 57 -10.91 34.60 16.86
C VAL D 57 -11.85 33.38 16.90
N THR D 58 -12.37 33.08 18.08
CA THR D 58 -13.26 31.93 18.26
C THR D 58 -14.54 32.01 17.43
N VAL D 59 -15.17 33.18 17.42
CA VAL D 59 -16.43 33.34 16.67
C VAL D 59 -16.21 33.51 15.17
N THR D 60 -15.14 34.18 14.76
CA THR D 60 -14.87 34.32 13.32
C THR D 60 -14.56 32.94 12.77
N PHE D 61 -13.73 32.18 13.51
CA PHE D 61 -13.36 30.83 13.15
C PHE D 61 -14.65 30.01 12.93
N ALA D 62 -15.55 30.07 13.90
CA ALA D 62 -16.82 29.35 13.81
C ALA D 62 -17.62 29.83 12.60
N LEU D 63 -17.71 31.15 12.41
CA LEU D 63 -18.43 31.76 11.28
C LEU D 63 -17.83 31.31 9.93
N VAL D 64 -16.50 31.30 9.86
CA VAL D 64 -15.80 30.87 8.67
C VAL D 64 -16.08 29.38 8.33
N CYS D 65 -15.97 28.51 9.33
CA CYS D 65 -16.23 27.09 9.14
C CYS D 65 -17.60 26.85 8.48
N ILE D 66 -18.61 27.57 8.97
CA ILE D 66 -20.00 27.46 8.48
C ILE D 66 -20.17 27.95 7.04
N LEU D 67 -19.64 29.13 6.72
CA LEU D 67 -19.74 29.70 5.39
C LEU D 67 -18.99 28.85 4.37
N TRP D 68 -17.89 28.24 4.82
CA TRP D 68 -17.08 27.38 3.98
C TRP D 68 -17.84 26.14 3.48
N VAL D 69 -18.50 25.42 4.40
CA VAL D 69 -19.26 24.24 3.98
C VAL D 69 -20.51 24.63 3.18
N VAL D 70 -21.17 25.73 3.58
CA VAL D 70 -22.36 26.18 2.86
C VAL D 70 -22.08 26.55 1.40
N TYR D 71 -21.11 27.45 1.16
CA TYR D 71 -20.80 27.87 -0.22
C TYR D 71 -19.34 28.23 -0.51
N GLY D 72 -18.53 28.36 0.55
CA GLY D 72 -17.12 28.73 0.44
C GLY D 72 -16.29 27.77 -0.42
N TYR D 73 -16.29 26.51 -0.01
CA TYR D 73 -15.56 25.46 -0.72
C TYR D 73 -15.93 25.38 -2.22
N SER D 74 -17.24 25.43 -2.48
CA SER D 74 -17.77 25.34 -3.84
C SER D 74 -17.39 26.53 -4.73
N LEU D 75 -17.44 27.75 -4.18
CA LEU D 75 -17.11 28.91 -5.00
C LEU D 75 -15.62 29.11 -5.21
N ALA D 76 -14.81 28.48 -4.36
CA ALA D 76 -13.37 28.58 -4.45
C ALA D 76 -12.76 27.47 -5.31
N PHE D 77 -13.12 26.22 -4.99
CA PHE D 77 -12.57 25.08 -5.72
C PHE D 77 -13.44 24.41 -6.79
N GLY D 78 -14.56 25.03 -7.12
CA GLY D 78 -15.47 24.48 -8.16
C GLY D 78 -15.09 25.04 -9.53
N GLU D 79 -15.56 24.39 -10.59
CA GLU D 79 -15.24 24.88 -11.93
C GLU D 79 -16.10 26.09 -12.30
N GLY D 80 -15.44 27.11 -12.88
CA GLY D 80 -16.12 28.33 -13.28
C GLY D 80 -15.25 29.10 -14.26
N ASN D 81 -15.02 30.38 -13.93
CA ASN D 81 -14.21 31.27 -14.74
C ASN D 81 -12.83 31.48 -14.11
N ASN D 82 -12.16 32.57 -14.46
CA ASN D 82 -10.83 32.87 -13.92
C ASN D 82 -10.83 33.43 -12.49
N PHE D 83 -12.02 33.75 -11.95
CA PHE D 83 -12.16 34.33 -10.61
C PHE D 83 -13.01 33.56 -9.60
N PHE D 84 -14.11 32.97 -10.06
CA PHE D 84 -15.01 32.24 -9.17
C PHE D 84 -15.31 30.82 -9.63
N GLY D 85 -15.80 30.00 -8.70
CA GLY D 85 -16.17 28.61 -8.98
C GLY D 85 -17.65 28.57 -9.31
N ASN D 86 -18.37 27.63 -8.72
CA ASN D 86 -19.82 27.48 -8.92
C ASN D 86 -20.45 27.05 -7.60
N ILE D 87 -21.78 26.97 -7.52
CA ILE D 87 -22.46 26.55 -6.27
C ILE D 87 -23.01 25.12 -6.23
N ASN D 88 -22.62 24.26 -7.18
CA ASN D 88 -23.10 22.88 -7.21
C ASN D 88 -22.63 21.97 -6.06
N TRP D 89 -21.74 22.50 -5.23
CA TRP D 89 -21.23 21.81 -4.04
C TRP D 89 -21.74 22.55 -2.79
N LEU D 90 -22.93 23.10 -2.92
CA LEU D 90 -23.60 23.83 -1.85
C LEU D 90 -23.88 22.82 -0.75
N MET D 91 -23.41 23.10 0.46
CA MET D 91 -23.59 22.20 1.61
C MET D 91 -23.08 20.79 1.29
N LEU D 92 -22.01 20.74 0.50
CA LEU D 92 -21.35 19.50 0.07
C LEU D 92 -22.19 18.54 -0.79
N LYS D 93 -23.33 19.03 -1.30
CA LYS D 93 -24.17 18.18 -2.13
C LYS D 93 -23.47 17.86 -3.44
N ASN D 94 -23.78 16.68 -4.00
CA ASN D 94 -23.19 16.18 -5.26
C ASN D 94 -21.81 15.58 -5.10
N ILE D 95 -21.25 15.71 -3.90
CA ILE D 95 -19.94 15.13 -3.57
C ILE D 95 -20.23 13.84 -2.82
N GLU D 96 -19.86 12.71 -3.44
CA GLU D 96 -20.06 11.38 -2.84
C GLU D 96 -19.00 11.16 -1.76
N LEU D 97 -19.39 10.61 -0.63
CA LEU D 97 -18.44 10.40 0.47
C LEU D 97 -17.17 9.66 0.00
N THR D 98 -17.30 8.89 -1.09
CA THR D 98 -16.18 8.14 -1.65
C THR D 98 -15.48 8.87 -2.79
N ALA D 99 -15.77 10.16 -2.94
CA ALA D 99 -15.16 10.99 -3.96
C ALA D 99 -13.70 11.20 -3.62
N VAL D 100 -12.82 10.99 -4.60
CA VAL D 100 -11.38 11.16 -4.43
C VAL D 100 -10.81 12.37 -5.17
N MET D 101 -10.07 13.19 -4.42
CA MET D 101 -9.42 14.40 -4.92
C MET D 101 -7.91 14.15 -4.84
N GLY D 102 -7.29 13.80 -5.96
CA GLY D 102 -5.85 13.51 -5.97
C GLY D 102 -5.67 12.10 -5.45
N SER D 103 -5.27 11.98 -4.19
CA SER D 103 -5.08 10.64 -3.60
C SER D 103 -5.76 10.52 -2.22
N ILE D 104 -6.64 11.49 -1.91
CA ILE D 104 -7.40 11.52 -0.66
C ILE D 104 -8.90 11.68 -0.93
N TYR D 105 -9.73 11.45 0.09
CA TYR D 105 -11.18 11.62 -0.10
C TYR D 105 -11.43 13.13 -0.14
N GLN D 106 -12.33 13.57 -1.03
CA GLN D 106 -12.62 15.01 -1.17
C GLN D 106 -13.06 15.70 0.13
N TYR D 107 -13.69 14.96 1.02
CA TYR D 107 -14.14 15.53 2.28
C TYR D 107 -12.96 16.07 3.10
N ILE D 108 -11.82 15.38 3.00
CA ILE D 108 -10.61 15.78 3.69
C ILE D 108 -10.12 17.07 3.05
N HIS D 109 -10.28 17.17 1.73
CA HIS D 109 -9.87 18.37 0.99
C HIS D 109 -10.67 19.59 1.47
N VAL D 110 -11.98 19.40 1.67
CA VAL D 110 -12.87 20.45 2.17
C VAL D 110 -12.36 20.96 3.52
N ALA D 111 -12.09 20.02 4.44
CA ALA D 111 -11.61 20.40 5.76
C ALA D 111 -10.24 21.07 5.74
N PHE D 112 -9.33 20.51 4.97
CA PHE D 112 -7.98 21.06 4.84
C PHE D 112 -7.98 22.47 4.29
N GLN D 113 -8.69 22.67 3.19
CA GLN D 113 -8.75 24.00 2.60
C GLN D 113 -9.55 25.00 3.43
N GLY D 114 -10.50 24.50 4.22
CA GLY D 114 -11.33 25.31 5.10
C GLY D 114 -10.54 25.85 6.27
N SER D 115 -9.53 25.09 6.71
CA SER D 115 -8.71 25.55 7.83
C SER D 115 -7.81 26.72 7.37
N PHE D 116 -7.47 26.74 6.09
CA PHE D 116 -6.65 27.82 5.53
C PHE D 116 -7.46 29.11 5.57
N ALA D 117 -8.78 29.02 5.37
CA ALA D 117 -9.64 30.20 5.43
C ALA D 117 -9.72 30.70 6.87
N CYS D 118 -9.77 29.77 7.83
CA CYS D 118 -9.84 30.13 9.25
C CYS D 118 -8.63 30.93 9.71
N ILE D 119 -7.43 30.39 9.51
CA ILE D 119 -6.21 31.09 9.93
C ILE D 119 -6.05 32.46 9.24
N THR D 120 -6.46 32.57 7.98
CA THR D 120 -6.38 33.82 7.24
C THR D 120 -7.24 34.92 7.89
N VAL D 121 -8.49 34.56 8.23
CA VAL D 121 -9.38 35.54 8.88
C VAL D 121 -8.81 35.87 10.27
N GLY D 122 -8.31 34.85 10.97
CA GLY D 122 -7.73 35.03 12.30
C GLY D 122 -6.57 36.03 12.30
N LEU D 123 -5.78 36.02 11.23
CA LEU D 123 -4.63 36.92 11.10
C LEU D 123 -5.01 38.40 11.07
N ILE D 124 -6.10 38.70 10.35
CA ILE D 124 -6.59 40.06 10.20
C ILE D 124 -6.91 40.74 11.52
N VAL D 125 -7.60 39.99 12.35
CA VAL D 125 -8.06 40.45 13.66
C VAL D 125 -7.04 41.11 14.59
N GLY D 126 -5.76 40.83 14.37
CA GLY D 126 -4.70 41.44 15.18
C GLY D 126 -4.48 42.92 14.89
N ALA D 127 -4.75 43.33 13.65
CA ALA D 127 -4.57 44.72 13.24
C ALA D 127 -5.66 45.66 13.73
N LEU D 128 -6.79 45.09 14.16
CA LEU D 128 -7.95 45.85 14.63
C LEU D 128 -8.09 45.92 16.14
N ALA D 129 -7.23 45.17 16.83
CA ALA D 129 -7.24 45.07 18.29
C ALA D 129 -7.39 46.33 19.15
N GLU D 130 -8.15 46.14 20.23
CA GLU D 130 -8.41 47.11 21.29
C GLU D 130 -9.36 48.28 21.04
N ARG D 131 -9.84 48.47 19.82
CA ARG D 131 -10.76 49.59 19.62
C ARG D 131 -11.95 49.23 18.76
N ILE D 132 -11.85 48.11 18.06
CA ILE D 132 -12.93 47.68 17.18
C ILE D 132 -14.16 47.12 17.92
N ARG D 133 -15.36 47.37 17.39
CA ARG D 133 -16.56 46.83 18.04
C ARG D 133 -16.79 45.41 17.48
N PHE D 134 -17.04 44.47 18.39
CA PHE D 134 -17.23 43.04 18.07
C PHE D 134 -18.06 42.74 16.83
N SER D 135 -19.30 43.22 16.84
CA SER D 135 -20.23 43.01 15.73
C SER D 135 -19.71 43.56 14.40
N ALA D 136 -18.87 44.60 14.43
CA ALA D 136 -18.32 45.14 13.19
C ALA D 136 -17.42 44.09 12.56
N VAL D 137 -16.67 43.38 13.40
CA VAL D 137 -15.76 42.33 12.96
C VAL D 137 -16.48 41.20 12.25
N LEU D 138 -17.61 40.80 12.80
CA LEU D 138 -18.39 39.71 12.20
C LEU D 138 -18.92 40.07 10.83
N ILE D 139 -19.46 41.29 10.72
CA ILE D 139 -20.03 41.79 9.45
C ILE D 139 -18.94 41.85 8.39
N PHE D 140 -17.74 42.28 8.79
CA PHE D 140 -16.61 42.39 7.89
C PHE D 140 -16.16 41.05 7.34
N VAL D 141 -16.10 40.05 8.22
CA VAL D 141 -15.65 38.70 7.85
C VAL D 141 -16.59 38.05 6.83
N VAL D 142 -17.87 38.35 6.93
CA VAL D 142 -18.83 37.80 6.00
C VAL D 142 -18.56 38.41 4.63
N VAL D 143 -18.34 39.72 4.60
CA VAL D 143 -18.07 40.42 3.34
C VAL D 143 -16.71 40.01 2.75
N TRP D 144 -15.66 40.18 3.53
CA TRP D 144 -14.30 39.88 3.07
C TRP D 144 -13.99 38.42 2.70
N LEU D 145 -14.47 37.46 3.47
CA LEU D 145 -14.21 36.06 3.14
C LEU D 145 -14.86 35.71 1.79
N THR D 146 -16.11 36.15 1.63
CA THR D 146 -16.94 35.91 0.44
C THR D 146 -16.44 36.58 -0.86
N LEU D 147 -16.00 37.84 -0.76
CA LEU D 147 -15.54 38.56 -1.95
C LEU D 147 -14.03 38.67 -2.09
N SER D 148 -13.27 38.26 -1.08
CA SER D 148 -11.82 38.37 -1.20
C SER D 148 -11.14 37.03 -1.11
N TYR D 149 -11.34 36.32 0.00
CA TYR D 149 -10.71 35.04 0.14
C TYR D 149 -11.09 34.03 -0.98
N ILE D 150 -12.39 33.81 -1.15
CA ILE D 150 -12.89 32.87 -2.17
C ILE D 150 -12.30 33.09 -3.59
N PRO D 151 -12.41 34.31 -4.13
CA PRO D 151 -11.85 34.50 -5.46
C PRO D 151 -10.33 34.36 -5.52
N ILE D 152 -9.62 34.91 -4.54
CA ILE D 152 -8.16 34.81 -4.55
C ILE D 152 -7.76 33.33 -4.48
N ALA D 153 -8.44 32.58 -3.61
CA ALA D 153 -8.19 31.14 -3.48
C ALA D 153 -8.43 30.43 -4.82
N HIS D 154 -9.49 30.80 -5.52
CA HIS D 154 -9.81 30.22 -6.82
C HIS D 154 -8.80 30.64 -7.89
N MET D 155 -8.40 31.92 -7.88
CA MET D 155 -7.43 32.44 -8.83
C MET D 155 -6.07 31.79 -8.72
N VAL D 156 -5.68 31.44 -7.50
CA VAL D 156 -4.38 30.83 -7.27
C VAL D 156 -4.36 29.29 -7.15
N TRP D 157 -5.36 28.71 -6.48
CA TRP D 157 -5.42 27.26 -6.31
C TRP D 157 -6.64 26.57 -6.93
N GLY D 158 -7.52 27.33 -7.56
CA GLY D 158 -8.70 26.73 -8.17
C GLY D 158 -8.63 26.73 -9.68
N GLY D 159 -7.44 26.97 -10.23
CA GLY D 159 -7.23 26.98 -11.68
C GLY D 159 -7.70 28.25 -12.37
N GLY D 160 -7.80 29.34 -11.60
CA GLY D 160 -8.22 30.62 -12.17
C GLY D 160 -7.10 31.39 -12.86
N LEU D 161 -7.25 32.70 -12.92
CA LEU D 161 -6.29 33.59 -13.55
C LEU D 161 -4.79 33.34 -13.24
N LEU D 162 -4.39 33.54 -11.98
CA LEU D 162 -2.98 33.38 -11.60
C LEU D 162 -2.38 31.99 -11.78
N ALA D 163 -3.19 30.96 -11.63
CA ALA D 163 -2.72 29.59 -11.80
C ALA D 163 -2.40 29.32 -13.29
N SER D 164 -3.22 29.86 -14.18
CA SER D 164 -3.05 29.69 -15.62
C SER D 164 -1.96 30.62 -16.19
N HIS D 165 -1.25 31.32 -15.29
CA HIS D 165 -0.17 32.24 -15.68
C HIS D 165 1.15 31.69 -15.12
N GLY D 166 1.03 30.53 -14.48
CA GLY D 166 2.17 29.85 -13.88
C GLY D 166 2.67 30.43 -12.56
N ALA D 167 1.78 31.04 -11.77
CA ALA D 167 2.21 31.60 -10.50
C ALA D 167 2.66 30.49 -9.56
N LEU D 168 3.68 30.77 -8.77
CA LEU D 168 4.21 29.80 -7.82
C LEU D 168 3.89 30.29 -6.41
N ASP D 169 3.05 29.52 -5.72
CA ASP D 169 2.64 29.84 -4.36
C ASP D 169 2.22 28.52 -3.72
N PHE D 170 3.20 27.80 -3.22
CA PHE D 170 2.97 26.51 -2.62
C PHE D 170 1.98 26.47 -1.44
N ALA D 171 2.20 27.26 -0.39
CA ALA D 171 1.27 27.18 0.74
C ALA D 171 0.45 28.41 1.10
N GLY D 172 0.55 29.49 0.32
CA GLY D 172 -0.24 30.68 0.60
C GLY D 172 0.40 32.01 0.91
N GLY D 173 1.44 32.38 0.17
CA GLY D 173 2.10 33.65 0.37
C GLY D 173 1.15 34.79 0.01
N THR D 174 0.39 34.59 -1.07
CA THR D 174 -0.59 35.55 -1.54
C THR D 174 -1.97 35.29 -0.96
N VAL D 175 -2.47 34.08 -1.22
CA VAL D 175 -3.80 33.62 -0.76
C VAL D 175 -4.06 33.88 0.73
N VAL D 176 -3.04 33.62 1.55
CA VAL D 176 -3.15 33.79 2.99
C VAL D 176 -2.48 35.05 3.58
N HIS D 177 -1.16 35.13 3.46
CA HIS D 177 -0.39 36.22 4.05
C HIS D 177 -0.61 37.63 3.54
N ILE D 178 -0.33 37.87 2.27
CA ILE D 178 -0.51 39.20 1.69
C ILE D 178 -1.98 39.63 1.77
N ASN D 179 -2.87 38.69 1.46
CA ASN D 179 -4.33 38.87 1.50
C ASN D 179 -4.82 39.40 2.86
N ALA D 180 -4.39 38.73 3.94
CA ALA D 180 -4.79 39.13 5.28
C ALA D 180 -4.11 40.43 5.72
N ALA D 181 -2.81 40.54 5.46
CA ALA D 181 -2.05 41.74 5.82
C ALA D 181 -2.66 43.04 5.29
N ILE D 182 -3.11 43.05 4.04
CA ILE D 182 -3.72 44.26 3.47
C ILE D 182 -5.08 44.54 4.11
N ALA D 183 -5.88 43.49 4.32
CA ALA D 183 -7.19 43.64 4.96
C ALA D 183 -6.97 44.28 6.33
N GLY D 184 -5.86 43.91 6.98
CA GLY D 184 -5.50 44.48 8.28
C GLY D 184 -5.10 45.94 8.15
N LEU D 185 -4.18 46.22 7.24
CA LEU D 185 -3.67 47.58 6.98
C LEU D 185 -4.82 48.57 6.74
N VAL D 186 -5.75 48.21 5.85
CA VAL D 186 -6.90 49.04 5.56
C VAL D 186 -7.72 49.25 6.85
N GLY D 187 -7.95 48.16 7.60
CA GLY D 187 -8.70 48.20 8.85
C GLY D 187 -8.12 49.18 9.82
N ALA D 188 -6.83 48.99 10.11
CA ALA D 188 -6.08 49.87 11.03
C ALA D 188 -6.18 51.37 10.64
N TYR D 189 -6.05 51.68 9.36
CA TYR D 189 -6.16 53.07 8.87
C TYR D 189 -7.58 53.66 9.02
N LEU D 190 -8.59 52.83 8.77
CA LEU D 190 -9.97 53.29 8.85
C LEU D 190 -10.50 53.48 10.29
N ILE D 191 -10.02 52.69 11.25
CA ILE D 191 -10.49 52.87 12.63
C ILE D 191 -9.67 53.93 13.40
N GLY D 192 -8.46 54.20 12.93
CA GLY D 192 -7.62 55.19 13.59
C GLY D 192 -6.79 54.61 14.72
N LYS D 193 -5.91 55.45 15.26
CA LYS D 193 -5.00 55.08 16.34
C LYS D 193 -5.74 54.87 17.66
N ARG D 194 -5.17 54.01 18.50
CA ARG D 194 -5.74 53.74 19.81
C ARG D 194 -5.67 55.01 20.64
N VAL D 195 -6.59 55.13 21.60
CA VAL D 195 -6.61 56.30 22.48
C VAL D 195 -5.32 56.25 23.29
N GLY D 196 -4.60 57.37 23.33
CA GLY D 196 -3.33 57.45 24.05
C GLY D 196 -2.13 56.92 23.29
N PHE D 197 -2.30 56.62 22.01
CA PHE D 197 -1.21 56.11 21.20
C PHE D 197 -0.10 57.14 21.07
N GLY D 198 1.05 56.84 21.66
CA GLY D 198 2.20 57.75 21.61
C GLY D 198 2.50 58.42 22.92
N LYS D 199 1.55 58.38 23.86
CA LYS D 199 1.72 58.99 25.17
C LYS D 199 1.48 58.01 26.34
N GLU D 200 1.00 56.82 26.01
CA GLU D 200 0.71 55.78 27.00
C GLU D 200 1.47 54.49 26.67
N ALA D 201 1.56 53.58 27.63
CA ALA D 201 2.27 52.31 27.43
C ALA D 201 1.34 51.24 26.88
N PHE D 202 1.78 50.60 25.79
CA PHE D 202 1.01 49.54 25.17
C PHE D 202 1.82 48.25 25.14
N LYS D 203 2.42 47.91 26.29
CA LYS D 203 3.25 46.70 26.42
C LYS D 203 2.41 45.41 26.31
N PRO D 204 3.01 44.32 25.77
CA PRO D 204 2.40 42.98 25.86
C PRO D 204 2.13 42.62 27.31
N HIS D 205 0.88 42.31 27.65
CA HIS D 205 0.50 41.99 29.02
C HIS D 205 1.04 40.66 29.56
N ASN D 206 1.26 39.70 28.66
CA ASN D 206 1.76 38.37 29.00
C ASN D 206 2.65 37.79 27.90
N LEU D 207 3.97 37.99 27.99
CA LEU D 207 4.89 37.47 26.95
C LEU D 207 5.04 35.96 26.85
N PRO D 208 5.03 35.22 28.00
CA PRO D 208 4.99 33.76 27.89
C PRO D 208 3.81 33.28 27.04
N MET D 209 2.68 33.99 27.13
CA MET D 209 1.50 33.64 26.35
C MET D 209 1.81 33.81 24.87
N VAL D 210 2.50 34.90 24.53
CA VAL D 210 2.88 35.19 23.15
C VAL D 210 3.74 34.03 22.64
N PHE D 211 4.71 33.63 23.45
CA PHE D 211 5.60 32.54 23.10
C PHE D 211 4.81 31.25 22.89
N THR D 212 3.88 30.97 23.78
CA THR D 212 3.07 29.76 23.69
C THR D 212 2.34 29.79 22.36
N GLY D 213 1.76 30.94 22.05
CA GLY D 213 1.04 31.12 20.79
C GLY D 213 1.96 30.91 19.61
N THR D 214 3.19 31.45 19.68
CA THR D 214 4.18 31.32 18.59
C THR D 214 4.57 29.86 18.34
N ALA D 215 4.71 29.13 19.44
CA ALA D 215 5.08 27.75 19.35
C ALA D 215 3.98 26.91 18.69
N ILE D 216 2.72 27.15 19.05
CA ILE D 216 1.58 26.39 18.47
C ILE D 216 1.42 26.68 16.97
N LEU D 217 1.70 27.92 16.57
CA LEU D 217 1.61 28.29 15.16
C LEU D 217 2.72 27.56 14.43
N TYR D 218 3.91 27.54 15.04
CA TYR D 218 5.07 26.87 14.46
C TYR D 218 4.84 25.39 14.23
N ILE D 219 4.39 24.68 15.26
CA ILE D 219 4.11 23.26 15.15
C ILE D 219 2.96 23.01 14.19
N GLY D 220 1.97 23.91 14.18
CA GLY D 220 0.82 23.80 13.28
C GLY D 220 1.19 24.07 11.83
N TRP D 221 2.16 24.96 11.61
CA TRP D 221 2.61 25.30 10.26
C TRP D 221 3.13 24.11 9.44
N PHE D 222 3.52 23.03 10.11
CA PHE D 222 4.01 21.84 9.42
C PHE D 222 2.86 21.15 8.68
N GLY D 223 1.66 21.25 9.26
CA GLY D 223 0.48 20.70 8.63
C GLY D 223 0.10 21.64 7.49
N PHE D 224 0.36 22.92 7.71
CA PHE D 224 0.09 23.98 6.77
C PHE D 224 0.97 23.86 5.52
N ASN D 225 2.29 23.78 5.74
CA ASN D 225 3.22 23.69 4.62
C ASN D 225 3.34 22.34 3.96
N ALA D 226 3.74 21.34 4.73
CA ALA D 226 3.91 20.00 4.21
C ALA D 226 2.61 19.45 3.67
N GLY D 227 1.52 19.75 4.38
CA GLY D 227 0.18 19.31 3.99
C GLY D 227 -0.17 19.82 2.62
N SER D 228 0.40 20.96 2.25
CA SER D 228 0.14 21.54 0.94
C SER D 228 0.60 20.68 -0.22
N ALA D 229 1.36 19.62 0.09
CA ALA D 229 1.81 18.67 -0.93
C ALA D 229 0.63 17.75 -1.24
N GLY D 230 -0.33 17.65 -0.32
CA GLY D 230 -1.53 16.83 -0.55
C GLY D 230 -1.33 15.32 -0.43
N THR D 231 -0.10 14.93 -0.14
CA THR D 231 0.26 13.52 0.03
C THR D 231 1.53 13.45 0.87
N ALA D 232 1.74 12.29 1.51
CA ALA D 232 2.93 12.07 2.33
C ALA D 232 4.06 11.59 1.41
N ASN D 233 4.47 12.46 0.48
CA ASN D 233 5.51 12.14 -0.48
C ASN D 233 6.82 12.91 -0.26
N GLU D 234 7.69 12.92 -1.27
CA GLU D 234 8.96 13.61 -1.17
C GLU D 234 8.82 15.14 -1.15
N ILE D 235 7.75 15.66 -1.76
CA ILE D 235 7.48 17.12 -1.76
C ILE D 235 7.08 17.50 -0.33
N ALA D 236 6.39 16.61 0.37
CA ALA D 236 6.00 16.86 1.76
C ALA D 236 7.25 16.91 2.64
N ALA D 237 8.17 15.97 2.40
CA ALA D 237 9.43 15.88 3.15
C ALA D 237 10.30 17.14 2.93
N LEU D 238 10.32 17.65 1.70
CA LEU D 238 11.06 18.87 1.33
C LEU D 238 10.47 20.09 2.05
N ALA D 239 9.16 20.28 1.90
CA ALA D 239 8.45 21.38 2.53
C ALA D 239 8.68 21.35 4.05
N PHE D 240 8.62 20.16 4.62
CA PHE D 240 8.81 19.98 6.04
C PHE D 240 10.20 20.49 6.43
N VAL D 241 11.24 20.00 5.76
CA VAL D 241 12.63 20.40 6.06
C VAL D 241 12.88 21.90 5.84
N ASN D 242 12.36 22.44 4.74
CA ASN D 242 12.50 23.87 4.44
C ASN D 242 11.81 24.73 5.50
N THR D 243 10.76 24.18 6.09
CA THR D 243 10.02 24.84 7.14
C THR D 243 10.91 24.95 8.37
N VAL D 244 11.51 23.84 8.76
CA VAL D 244 12.41 23.83 9.92
C VAL D 244 13.56 24.83 9.69
N VAL D 245 14.21 24.71 8.53
CA VAL D 245 15.36 25.53 8.18
C VAL D 245 15.13 27.04 8.12
N ALA D 246 14.08 27.46 7.41
CA ALA D 246 13.76 28.88 7.27
C ALA D 246 13.41 29.53 8.61
N THR D 247 12.65 28.82 9.44
CA THR D 247 12.25 29.29 10.76
C THR D 247 13.48 29.53 11.63
N ALA D 248 14.40 28.57 11.61
CA ALA D 248 15.60 28.70 12.40
C ALA D 248 16.44 29.89 11.91
N ALA D 249 16.56 30.00 10.58
CA ALA D 249 17.32 31.08 9.95
C ALA D 249 16.72 32.44 10.25
N ALA D 250 15.40 32.52 10.21
CA ALA D 250 14.68 33.75 10.46
C ALA D 250 14.84 34.20 11.92
N ILE D 251 14.70 33.25 12.84
CA ILE D 251 14.85 33.52 14.27
C ILE D 251 16.20 34.17 14.52
N LEU D 252 17.27 33.53 14.03
CA LEU D 252 18.64 34.02 14.19
C LEU D 252 18.84 35.35 13.51
N GLY D 253 18.16 35.53 12.37
CA GLY D 253 18.24 36.76 11.59
C GLY D 253 17.72 37.96 12.36
N TRP D 254 16.50 37.82 12.88
CA TRP D 254 15.86 38.86 13.66
C TRP D 254 16.62 39.13 14.96
N ILE D 255 17.07 38.06 15.62
CA ILE D 255 17.81 38.17 16.87
C ILE D 255 19.13 38.91 16.66
N PHE D 256 19.88 38.55 15.63
CA PHE D 256 21.15 39.24 15.40
C PHE D 256 20.88 40.65 14.86
N GLY D 257 19.74 40.82 14.19
CA GLY D 257 19.31 42.12 13.68
C GLY D 257 19.03 43.05 14.84
N GLU D 258 18.22 42.57 15.80
CA GLU D 258 17.87 43.34 17.00
C GLU D 258 19.10 43.66 17.84
N TRP D 259 19.99 42.68 17.96
CA TRP D 259 21.22 42.81 18.75
C TRP D 259 22.06 43.98 18.25
N ALA D 260 22.11 44.09 16.93
CA ALA D 260 22.87 45.11 16.23
C ALA D 260 22.21 46.49 16.27
N LEU D 261 20.89 46.53 16.38
CA LEU D 261 20.19 47.82 16.41
C LEU D 261 20.04 48.38 17.81
N ARG D 262 19.51 47.57 18.72
CA ARG D 262 19.28 48.00 20.10
C ARG D 262 20.18 47.42 21.20
N GLY D 263 21.10 46.54 20.84
CA GLY D 263 22.01 45.97 21.82
C GLY D 263 21.61 44.73 22.61
N LYS D 264 20.39 44.22 22.41
CA LYS D 264 19.92 43.03 23.14
C LYS D 264 19.04 42.12 22.29
N PRO D 265 19.24 40.79 22.43
CA PRO D 265 18.30 39.86 21.83
C PRO D 265 17.10 39.69 22.74
N SER D 266 15.89 39.88 22.20
CA SER D 266 14.67 39.76 23.01
C SER D 266 13.81 38.55 22.64
N LEU D 267 12.93 38.15 23.56
CA LEU D 267 12.04 37.02 23.33
C LEU D 267 11.03 37.37 22.23
N LEU D 268 10.36 38.51 22.38
CA LEU D 268 9.40 38.93 21.37
C LEU D 268 10.11 38.97 20.02
N GLY D 269 11.41 39.28 20.06
CA GLY D 269 12.22 39.33 18.86
C GLY D 269 12.38 37.96 18.23
N ALA D 270 12.64 36.96 19.07
CA ALA D 270 12.83 35.60 18.61
C ALA D 270 11.55 35.00 18.04
N CYS D 271 10.44 35.31 18.69
CA CYS D 271 9.14 34.80 18.26
C CYS D 271 8.76 35.39 16.93
N SER D 272 8.99 36.70 16.83
CA SER D 272 8.69 37.44 15.62
C SER D 272 9.52 36.91 14.46
N GLY D 273 10.78 36.59 14.75
CA GLY D 273 11.68 36.01 13.77
C GLY D 273 11.10 34.71 13.27
N ALA D 274 10.62 33.86 14.19
CA ALA D 274 10.01 32.58 13.80
C ALA D 274 8.84 32.74 12.82
N ILE D 275 7.96 33.73 13.06
CA ILE D 275 6.81 33.95 12.18
C ILE D 275 7.26 34.51 10.84
N ALA D 276 8.24 35.40 10.89
CA ALA D 276 8.77 36.00 9.69
C ALA D 276 9.29 34.91 8.73
N GLY D 277 9.99 33.94 9.30
CA GLY D 277 10.55 32.83 8.54
C GLY D 277 9.49 31.92 7.96
N LEU D 278 8.47 31.64 8.76
CA LEU D 278 7.36 30.78 8.34
C LEU D 278 6.51 31.42 7.25
N VAL D 279 6.37 32.75 7.32
CA VAL D 279 5.61 33.48 6.33
C VAL D 279 6.41 33.48 5.04
N GLY D 280 7.70 33.77 5.17
CA GLY D 280 8.61 33.83 4.03
C GLY D 280 8.70 32.53 3.27
N VAL D 281 8.85 31.42 3.99
CA VAL D 281 8.97 30.12 3.35
C VAL D 281 7.64 29.54 2.86
N THR D 282 6.51 30.11 3.31
CA THR D 282 5.16 29.63 2.91
C THR D 282 4.94 29.42 1.39
N PRO D 283 5.17 30.46 0.57
CA PRO D 283 5.02 30.17 -0.87
C PRO D 283 6.16 29.37 -1.52
N ALA D 284 7.29 29.22 -0.84
CA ALA D 284 8.45 28.53 -1.40
C ALA D 284 8.79 27.12 -0.90
N CYS D 285 8.36 26.80 0.32
CA CYS D 285 8.65 25.51 0.95
C CYS D 285 8.71 24.29 0.06
N GLY D 286 7.78 24.16 -0.89
CA GLY D 286 7.77 23.00 -1.77
C GLY D 286 8.56 23.08 -3.06
N TYR D 287 9.04 24.30 -3.40
CA TYR D 287 9.78 24.54 -4.64
C TYR D 287 11.29 24.78 -4.52
N ILE D 288 11.80 24.95 -3.31
CA ILE D 288 13.21 25.28 -3.18
C ILE D 288 14.04 24.26 -2.45
N GLY D 289 15.36 24.43 -2.52
CA GLY D 289 16.31 23.56 -1.82
C GLY D 289 16.63 24.09 -0.44
N VAL D 290 17.32 23.28 0.37
CA VAL D 290 17.68 23.63 1.74
C VAL D 290 18.47 24.96 1.80
N GLY D 291 19.37 25.15 0.82
CA GLY D 291 20.19 26.36 0.73
C GLY D 291 19.30 27.57 0.54
N GLY D 292 18.27 27.45 -0.30
CA GLY D 292 17.34 28.55 -0.54
C GLY D 292 16.52 28.89 0.70
N ALA D 293 16.24 27.86 1.50
CA ALA D 293 15.48 28.04 2.73
C ALA D 293 16.28 28.87 3.74
N LEU D 294 17.57 28.59 3.80
CA LEU D 294 18.46 29.30 4.70
C LEU D 294 18.48 30.78 4.34
N ILE D 295 18.60 31.06 3.04
CA ILE D 295 18.65 32.42 2.54
C ILE D 295 17.33 33.13 2.83
N ILE D 296 16.23 32.62 2.27
CA ILE D 296 14.91 33.21 2.46
C ILE D 296 14.65 33.51 3.94
N GLY D 297 15.02 32.54 4.79
CA GLY D 297 14.84 32.66 6.24
C GLY D 297 15.56 33.86 6.81
N VAL D 298 16.84 34.03 6.47
CA VAL D 298 17.59 35.18 6.98
C VAL D 298 16.99 36.47 6.44
N VAL D 299 16.76 36.53 5.14
CA VAL D 299 16.21 37.73 4.52
C VAL D 299 14.89 38.16 5.16
N ALA D 300 13.97 37.20 5.29
CA ALA D 300 12.66 37.42 5.90
C ALA D 300 12.78 37.92 7.34
N GLY D 301 13.74 37.34 8.06
CA GLY D 301 14.00 37.69 9.45
C GLY D 301 14.35 39.15 9.57
N LEU D 302 15.24 39.61 8.71
CA LEU D 302 15.62 41.01 8.73
C LEU D 302 14.53 41.91 8.17
N ALA D 303 13.83 41.44 7.12
CA ALA D 303 12.76 42.22 6.50
C ALA D 303 11.61 42.51 7.44
N GLY D 304 11.28 41.52 8.27
CA GLY D 304 10.19 41.64 9.23
C GLY D 304 10.52 42.69 10.27
N LEU D 305 11.77 42.65 10.73
CA LEU D 305 12.31 43.59 11.74
C LEU D 305 12.19 45.02 11.23
N TRP D 306 12.62 45.24 9.99
CA TRP D 306 12.52 46.53 9.35
C TRP D 306 11.02 46.86 9.18
N GLY D 307 10.23 45.82 8.87
CA GLY D 307 8.79 45.96 8.68
C GLY D 307 8.07 46.51 9.90
N VAL D 308 8.46 46.05 11.09
CA VAL D 308 7.82 46.49 12.32
C VAL D 308 8.52 47.70 12.98
N THR D 309 9.61 48.15 12.36
CA THR D 309 10.36 49.29 12.88
C THR D 309 10.23 50.48 11.95
N MET D 310 11.12 50.56 10.97
CA MET D 310 11.18 51.65 10.00
C MET D 310 9.90 51.82 9.19
N LEU D 311 9.44 50.73 8.60
CA LEU D 311 8.26 50.75 7.74
C LEU D 311 7.02 51.20 8.50
N LYS D 312 6.88 50.70 9.73
CA LYS D 312 5.73 51.07 10.55
C LYS D 312 5.60 52.57 10.80
N ARG D 313 6.70 53.23 11.20
CA ARG D 313 6.67 54.66 11.49
C ARG D 313 6.50 55.52 10.24
N LEU D 314 6.88 54.97 9.11
CA LEU D 314 6.75 55.65 7.84
C LEU D 314 5.28 55.65 7.41
N LEU D 315 4.62 54.51 7.60
CA LEU D 315 3.21 54.36 7.25
C LEU D 315 2.26 55.06 8.23
N ARG D 316 2.75 55.34 9.45
CA ARG D 316 1.98 56.03 10.49
C ARG D 316 0.64 55.37 10.83
N VAL D 317 0.64 54.05 11.03
CA VAL D 317 -0.57 53.30 11.36
C VAL D 317 -0.49 52.55 12.67
N ASP D 318 -1.59 52.55 13.41
CA ASP D 318 -1.64 51.84 14.67
C ASP D 318 -2.13 50.41 14.39
N ASP D 319 -1.16 49.52 14.19
CA ASP D 319 -1.37 48.09 13.90
C ASP D 319 -0.83 47.29 15.10
N PRO D 320 -1.66 47.11 16.14
CA PRO D 320 -1.13 46.68 17.45
C PRO D 320 -0.33 45.39 17.43
N CYS D 321 -0.61 44.50 16.50
CA CYS D 321 0.11 43.23 16.43
C CYS D 321 1.05 43.11 15.23
N ASP D 322 1.23 44.21 14.50
CA ASP D 322 2.11 44.25 13.35
C ASP D 322 1.81 43.16 12.32
N VAL D 323 0.54 43.01 11.97
CA VAL D 323 0.17 41.99 10.99
C VAL D 323 0.76 42.32 9.61
N PHE D 324 0.79 43.61 9.26
CA PHE D 324 1.34 43.98 7.97
C PHE D 324 2.88 43.96 7.93
N GLY D 325 3.50 44.43 9.02
CA GLY D 325 4.96 44.47 9.13
C GLY D 325 5.60 43.09 9.07
N VAL D 326 4.83 42.07 9.41
CA VAL D 326 5.32 40.71 9.38
C VAL D 326 4.70 39.88 8.25
N HIS D 327 3.36 39.81 8.19
CA HIS D 327 2.69 39.00 7.16
C HIS D 327 2.69 39.60 5.77
N GLY D 328 2.67 40.92 5.69
CA GLY D 328 2.69 41.59 4.41
C GLY D 328 4.09 41.69 3.85
N VAL D 329 5.00 42.28 4.62
CA VAL D 329 6.38 42.45 4.18
C VAL D 329 7.05 41.11 3.85
N CYS D 330 6.94 40.15 4.76
CA CYS D 330 7.55 38.84 4.51
C CYS D 330 6.80 37.98 3.51
N GLY D 331 5.55 38.36 3.21
CA GLY D 331 4.75 37.64 2.24
C GLY D 331 5.25 38.05 0.86
N ILE D 332 5.39 39.37 0.67
CA ILE D 332 5.90 39.95 -0.58
C ILE D 332 7.29 39.38 -0.84
N VAL D 333 8.18 39.53 0.14
CA VAL D 333 9.55 39.02 0.08
C VAL D 333 9.56 37.54 -0.32
N GLY D 334 8.74 36.72 0.35
CA GLY D 334 8.63 35.29 0.08
C GLY D 334 8.20 34.95 -1.33
N CYS D 335 7.13 35.60 -1.78
CA CYS D 335 6.62 35.37 -3.11
C CYS D 335 7.63 35.76 -4.18
N ILE D 336 8.39 36.82 -3.91
CA ILE D 336 9.40 37.29 -4.84
C ILE D 336 10.56 36.29 -4.92
N MET D 337 11.03 35.81 -3.77
CA MET D 337 12.15 34.87 -3.74
C MET D 337 11.82 33.43 -4.19
N THR D 338 10.54 33.06 -4.16
CA THR D 338 10.14 31.73 -4.63
C THR D 338 10.41 31.71 -6.12
N GLY D 339 10.14 32.84 -6.78
CA GLY D 339 10.36 33.02 -8.21
C GLY D 339 11.84 33.03 -8.58
N ILE D 340 12.69 33.12 -7.57
CA ILE D 340 14.13 33.13 -7.75
C ILE D 340 14.72 31.78 -7.42
N PHE D 341 14.52 31.35 -6.18
CA PHE D 341 15.08 30.09 -5.68
C PHE D 341 14.50 28.77 -6.16
N ALA D 342 13.46 28.84 -6.98
CA ALA D 342 12.87 27.64 -7.53
C ALA D 342 13.77 27.15 -8.67
N ALA D 343 14.64 28.03 -9.19
CA ALA D 343 15.56 27.67 -10.29
C ALA D 343 16.43 26.44 -9.98
N SER D 344 16.68 25.63 -11.00
CA SER D 344 17.51 24.43 -10.86
C SER D 344 18.92 24.75 -10.32
N SER D 345 19.56 25.76 -10.89
CA SER D 345 20.91 26.17 -10.47
C SER D 345 21.01 26.73 -9.04
N LEU D 346 19.88 26.91 -8.37
CA LEU D 346 19.91 27.42 -6.99
C LEU D 346 19.45 26.37 -5.98
N GLY D 347 19.48 25.09 -6.36
CA GLY D 347 19.05 24.01 -5.48
C GLY D 347 17.53 23.81 -5.55
N GLY D 348 16.91 24.56 -6.46
CA GLY D 348 15.47 24.52 -6.69
C GLY D 348 14.97 23.30 -7.44
N VAL D 349 13.64 23.17 -7.45
CA VAL D 349 12.91 22.10 -8.08
C VAL D 349 12.78 22.36 -9.57
N GLY D 350 13.10 23.58 -10.00
CA GLY D 350 13.02 23.97 -11.40
C GLY D 350 11.69 24.61 -11.79
N PHE D 351 11.75 25.53 -12.75
CA PHE D 351 10.57 26.22 -13.24
C PHE D 351 9.81 25.30 -14.20
N ALA D 352 8.67 25.77 -14.68
CA ALA D 352 7.86 25.02 -15.63
C ALA D 352 8.64 24.97 -16.94
N GLU D 353 8.30 24.01 -17.81
CA GLU D 353 8.97 23.85 -19.09
C GLU D 353 8.98 25.16 -19.90
N GLY D 354 10.17 25.58 -20.34
CA GLY D 354 10.34 26.81 -21.12
C GLY D 354 10.16 28.12 -20.37
N VAL D 355 10.23 28.09 -19.03
CA VAL D 355 10.08 29.31 -18.22
C VAL D 355 11.45 29.76 -17.70
N THR D 356 11.71 31.06 -17.79
CA THR D 356 12.95 31.65 -17.31
C THR D 356 12.66 32.38 -16.01
N MET D 357 13.70 32.68 -15.23
CA MET D 357 13.53 33.39 -13.96
C MET D 357 12.95 34.80 -14.18
N GLY D 358 13.46 35.50 -15.19
CA GLY D 358 12.99 36.85 -15.53
C GLY D 358 11.49 36.81 -15.76
N HIS D 359 11.03 35.75 -16.43
CA HIS D 359 9.62 35.57 -16.70
C HIS D 359 8.82 35.29 -15.43
N GLN D 360 9.22 34.27 -14.67
CA GLN D 360 8.53 33.92 -13.43
C GLN D 360 8.38 35.11 -12.48
N LEU D 361 9.45 35.89 -12.34
CA LEU D 361 9.45 37.08 -11.48
C LEU D 361 8.37 38.11 -11.85
N LEU D 362 8.09 38.23 -13.14
CA LEU D 362 7.05 39.15 -13.60
C LEU D 362 5.68 38.62 -13.20
N VAL D 363 5.55 37.29 -13.19
CA VAL D 363 4.30 36.63 -12.81
C VAL D 363 4.10 36.74 -11.29
N GLN D 364 5.19 36.66 -10.54
CA GLN D 364 5.13 36.76 -9.09
C GLN D 364 4.69 38.18 -8.75
N LEU D 365 5.30 39.16 -9.41
CA LEU D 365 4.97 40.57 -9.21
C LEU D 365 3.52 40.89 -9.60
N GLU D 366 3.05 40.27 -10.67
CA GLU D 366 1.69 40.49 -11.11
C GLU D 366 0.74 39.91 -10.08
N SER D 367 1.02 38.68 -9.64
CA SER D 367 0.19 38.00 -8.64
C SER D 367 0.06 38.84 -7.37
N ILE D 368 1.16 39.39 -6.90
CA ILE D 368 1.15 40.23 -5.71
C ILE D 368 0.33 41.52 -5.94
N ALA D 369 0.58 42.20 -7.05
CA ALA D 369 -0.15 43.44 -7.37
C ALA D 369 -1.67 43.19 -7.34
N ILE D 370 -2.10 42.11 -7.98
CA ILE D 370 -3.50 41.76 -8.00
C ILE D 370 -4.06 41.52 -6.60
N THR D 371 -3.34 40.73 -5.80
CA THR D 371 -3.76 40.42 -4.42
C THR D 371 -3.86 41.67 -3.52
N ILE D 372 -2.99 42.64 -3.74
CA ILE D 372 -3.00 43.87 -2.94
C ILE D 372 -4.18 44.78 -3.31
N VAL D 373 -4.48 44.85 -4.60
CA VAL D 373 -5.58 45.67 -5.08
C VAL D 373 -6.92 44.99 -4.76
N TRP D 374 -6.99 43.68 -4.96
CA TRP D 374 -8.22 42.92 -4.69
C TRP D 374 -8.61 42.95 -3.23
N SER D 375 -7.70 42.52 -2.35
CA SER D 375 -7.95 42.50 -0.92
C SER D 375 -8.21 43.91 -0.35
N GLY D 376 -7.45 44.90 -0.82
CA GLY D 376 -7.61 46.28 -0.37
C GLY D 376 -8.97 46.86 -0.67
N VAL D 377 -9.44 46.65 -1.91
CA VAL D 377 -10.75 47.14 -2.34
C VAL D 377 -11.89 46.46 -1.55
N VAL D 378 -11.85 45.13 -1.48
CA VAL D 378 -12.89 44.37 -0.77
C VAL D 378 -12.89 44.74 0.74
N ALA D 379 -11.72 44.76 1.36
CA ALA D 379 -11.61 45.12 2.77
C ALA D 379 -12.25 46.49 3.01
N PHE D 380 -11.98 47.43 2.11
CA PHE D 380 -12.55 48.77 2.23
C PHE D 380 -14.08 48.65 2.23
N ILE D 381 -14.62 47.85 1.31
CA ILE D 381 -16.07 47.65 1.21
C ILE D 381 -16.61 47.08 2.51
N GLY D 382 -15.95 46.04 3.03
CA GLY D 382 -16.33 45.42 4.28
C GLY D 382 -16.35 46.34 5.50
N TYR D 383 -15.32 47.17 5.65
CA TYR D 383 -15.24 48.08 6.79
C TYR D 383 -16.30 49.16 6.77
N LYS D 384 -16.56 49.73 5.60
CA LYS D 384 -17.57 50.78 5.47
C LYS D 384 -18.98 50.23 5.70
N LEU D 385 -19.22 49.03 5.19
CA LEU D 385 -20.51 48.38 5.37
C LEU D 385 -20.71 48.06 6.86
N ALA D 386 -19.61 47.81 7.56
CA ALA D 386 -19.68 47.52 8.99
C ALA D 386 -19.88 48.83 9.73
N ASP D 387 -19.25 49.90 9.23
CA ASP D 387 -19.33 51.23 9.81
C ASP D 387 -20.72 51.84 9.68
N LEU D 388 -21.38 51.59 8.57
CA LEU D 388 -22.73 52.10 8.32
C LEU D 388 -23.81 51.31 9.05
N THR D 389 -23.53 50.07 9.42
CA THR D 389 -24.51 49.23 10.11
C THR D 389 -24.39 49.27 11.64
N VAL D 390 -23.19 49.04 12.16
CA VAL D 390 -23.00 49.03 13.61
C VAL D 390 -22.03 50.07 14.15
N GLY D 391 -21.14 50.54 13.29
CA GLY D 391 -20.10 51.50 13.66
C GLY D 391 -18.87 50.64 13.91
N LEU D 392 -17.74 51.04 13.32
CA LEU D 392 -16.49 50.30 13.45
C LEU D 392 -15.80 50.46 14.82
N ARG D 393 -15.72 51.69 15.29
CA ARG D 393 -15.04 51.97 16.52
C ARG D 393 -15.91 52.16 17.74
N VAL D 394 -15.42 51.57 18.83
CA VAL D 394 -16.01 51.62 20.14
C VAL D 394 -15.79 53.04 20.65
N PRO D 395 -16.75 53.59 21.44
CA PRO D 395 -16.60 54.92 22.07
C PRO D 395 -15.36 54.99 22.98
N GLU D 396 -14.69 56.14 22.99
CA GLU D 396 -13.48 56.34 23.77
C GLU D 396 -13.53 55.91 25.23
N GLU D 397 -14.66 56.18 25.89
CA GLU D 397 -14.85 55.80 27.29
C GLU D 397 -14.79 54.29 27.50
N GLN D 398 -15.29 53.53 26.53
CA GLN D 398 -15.27 52.08 26.63
C GLN D 398 -13.88 51.55 26.32
N GLU D 399 -13.16 52.25 25.44
CA GLU D 399 -11.81 51.84 25.07
C GLU D 399 -10.88 51.99 26.29
N ARG D 400 -11.04 53.07 27.05
CA ARG D 400 -10.22 53.31 28.24
C ARG D 400 -10.43 52.22 29.32
N GLU D 401 -11.67 51.80 29.53
CA GLU D 401 -11.91 50.76 30.54
C GLU D 401 -11.71 49.33 30.03
N GLY D 402 -11.53 49.15 28.72
CA GLY D 402 -11.31 47.82 28.13
C GLY D 402 -12.50 47.17 27.47
N LEU D 403 -12.25 46.46 26.37
CA LEU D 403 -13.32 45.79 25.63
C LEU D 403 -13.92 44.56 26.32
N ASP D 404 -13.12 43.87 27.13
CA ASP D 404 -13.58 42.67 27.86
C ASP D 404 -14.86 42.92 28.67
N VAL D 405 -14.83 43.88 29.59
CA VAL D 405 -16.03 44.15 30.40
C VAL D 405 -17.17 44.74 29.56
N ASN D 406 -16.85 45.73 28.73
CA ASN D 406 -17.84 46.38 27.89
C ASN D 406 -18.49 45.56 26.77
N SER D 407 -17.67 44.80 26.03
CA SER D 407 -18.20 44.02 24.92
C SER D 407 -18.61 42.60 25.25
N HIS D 408 -18.00 42.02 26.27
CA HIS D 408 -18.27 40.64 26.61
C HIS D 408 -18.74 40.36 28.03
N GLY D 409 -18.79 41.40 28.86
CA GLY D 409 -19.22 41.25 30.26
C GLY D 409 -18.37 40.31 31.10
N GLU D 410 -17.07 40.24 30.78
CA GLU D 410 -16.15 39.38 31.52
C GLU D 410 -14.79 40.03 31.80
N ASN D 411 -14.16 39.58 32.89
CA ASN D 411 -12.84 40.04 33.29
C ASN D 411 -11.93 38.82 33.16
N ALA D 412 -10.77 39.00 32.54
CA ALA D 412 -9.83 37.90 32.30
C ALA D 412 -9.22 37.22 33.54
N TYR D 413 -8.78 38.03 34.49
CA TYR D 413 -8.11 37.52 35.67
C TYR D 413 -8.80 37.90 36.96
N ASN D 414 -9.26 36.88 37.68
CA ASN D 414 -9.95 37.11 38.93
C ASN D 414 -9.25 36.35 40.06
N ALA D 415 -9.62 36.64 41.30
CA ALA D 415 -9.03 36.00 42.49
C ALA D 415 -8.63 34.50 42.34
N HIS E 7 21.65 -4.82 -10.50
CA HIS E 7 21.79 -4.95 -9.02
C HIS E 7 22.22 -3.65 -8.32
N HIS E 8 23.35 -3.08 -8.73
CA HIS E 8 23.88 -1.84 -8.12
C HIS E 8 22.95 -0.62 -8.14
N HIS E 9 22.07 -0.55 -9.14
CA HIS E 9 21.13 0.56 -9.28
C HIS E 9 19.83 0.37 -8.47
N HIS E 10 19.65 -0.82 -7.91
CA HIS E 10 18.48 -1.10 -7.09
C HIS E 10 18.49 -0.20 -5.85
N HIS E 11 17.30 0.24 -5.45
CA HIS E 11 17.10 1.09 -4.30
C HIS E 11 15.78 0.65 -3.65
N ALA E 12 15.55 1.09 -2.43
CA ALA E 12 14.31 0.78 -1.72
C ALA E 12 13.28 1.85 -2.07
N VAL E 13 12.04 1.62 -1.67
CA VAL E 13 10.95 2.55 -1.94
C VAL E 13 10.35 3.00 -0.61
N ALA E 14 10.10 4.30 -0.47
CA ALA E 14 9.51 4.79 0.77
C ALA E 14 8.06 4.32 0.89
N ASP E 15 7.65 3.99 2.10
CA ASP E 15 6.30 3.57 2.37
C ASP E 15 5.63 4.85 2.86
N LYS E 16 4.59 5.31 2.15
CA LYS E 16 3.87 6.54 2.52
C LYS E 16 3.35 6.52 3.96
N ALA E 17 2.82 5.38 4.39
CA ALA E 17 2.31 5.19 5.76
C ALA E 17 3.39 5.59 6.76
N ASP E 18 4.60 5.08 6.52
CA ASP E 18 5.77 5.38 7.34
C ASP E 18 6.22 6.84 7.23
N ASN E 19 6.07 7.42 6.03
CA ASN E 19 6.44 8.83 5.83
C ASN E 19 5.56 9.74 6.67
N ALA E 20 4.26 9.50 6.55
CA ALA E 20 3.26 10.26 7.29
C ALA E 20 3.54 10.14 8.78
N PHE E 21 3.73 8.91 9.24
CA PHE E 21 4.00 8.63 10.65
C PHE E 21 5.28 9.32 11.14
N MET E 22 6.34 9.29 10.31
CA MET E 22 7.62 9.90 10.69
C MET E 22 7.63 11.44 10.59
N MET E 23 6.77 12.00 9.75
CA MET E 23 6.70 13.45 9.69
C MET E 23 5.95 13.92 10.92
N ILE E 24 4.82 13.29 11.21
CA ILE E 24 4.01 13.68 12.38
C ILE E 24 4.78 13.51 13.70
N CYS E 25 5.52 12.41 13.83
CA CYS E 25 6.33 12.15 15.02
C CYS E 25 7.41 13.24 15.18
N THR E 26 7.97 13.70 14.04
CA THR E 26 8.99 14.76 14.04
C THR E 26 8.39 16.07 14.58
N ALA E 27 7.15 16.37 14.19
CA ALA E 27 6.45 17.57 14.65
C ALA E 27 6.22 17.48 16.17
N LEU E 28 5.84 16.30 16.63
CA LEU E 28 5.60 16.04 18.05
C LEU E 28 6.90 16.22 18.86
N VAL E 29 8.02 15.77 18.29
CA VAL E 29 9.30 15.92 18.98
C VAL E 29 9.71 17.39 19.06
N LEU E 30 9.40 18.16 18.02
CA LEU E 30 9.73 19.59 18.02
C LEU E 30 8.78 20.27 19.01
N PHE E 31 7.60 19.68 19.17
CA PHE E 31 6.59 20.17 20.11
C PHE E 31 7.14 20.08 21.55
N MET E 32 7.93 19.04 21.82
CA MET E 32 8.57 18.80 23.13
C MET E 32 9.53 19.92 23.57
N THR E 33 10.21 20.55 22.62
CA THR E 33 11.13 21.65 22.90
C THR E 33 10.39 22.98 22.75
N ILE E 34 9.67 23.10 21.64
CA ILE E 34 8.91 24.29 21.29
C ILE E 34 7.41 24.00 21.35
N PRO E 35 6.76 24.32 22.49
CA PRO E 35 7.21 25.02 23.70
C PRO E 35 7.42 24.17 24.95
N GLY E 36 7.17 22.86 24.86
CA GLY E 36 7.29 21.93 25.99
C GLY E 36 8.28 22.21 27.10
N ILE E 37 9.55 21.93 26.85
CA ILE E 37 10.60 22.13 27.84
C ILE E 37 10.76 23.58 28.29
N ALA E 38 10.52 24.51 27.36
CA ALA E 38 10.64 25.95 27.63
C ALA E 38 9.64 26.40 28.70
N LEU E 39 8.41 25.88 28.61
CA LEU E 39 7.37 26.21 29.56
C LEU E 39 7.70 25.52 30.88
N PHE E 40 8.09 24.25 30.78
CA PHE E 40 8.43 23.44 31.94
C PHE E 40 9.52 24.11 32.81
N TYR E 41 10.59 24.58 32.16
CA TYR E 41 11.68 25.27 32.84
C TYR E 41 11.30 26.71 33.17
N GLY E 42 10.49 27.31 32.30
CA GLY E 42 10.03 28.69 32.48
C GLY E 42 9.21 28.87 33.74
N GLY E 43 8.33 27.90 34.01
CA GLY E 43 7.49 27.95 35.20
C GLY E 43 8.21 27.62 36.49
N LEU E 44 9.31 26.87 36.41
CA LEU E 44 10.09 26.46 37.60
C LEU E 44 10.95 27.55 38.23
N ILE E 45 11.38 28.52 37.42
CA ILE E 45 12.20 29.63 37.91
C ILE E 45 11.30 30.85 38.23
N ARG E 46 11.92 31.93 38.70
CA ARG E 46 11.22 33.18 39.07
C ARG E 46 10.78 34.06 37.88
N GLY E 47 9.71 34.82 38.09
CA GLY E 47 9.14 35.71 37.06
C GLY E 47 10.11 36.68 36.40
N LYS E 48 11.09 37.17 37.17
CA LYS E 48 12.08 38.09 36.64
C LYS E 48 13.11 37.40 35.76
N ASN E 49 12.95 36.08 35.56
CA ASN E 49 13.88 35.29 34.74
C ASN E 49 13.21 34.40 33.69
N VAL E 50 11.88 34.36 33.70
CA VAL E 50 11.12 33.52 32.77
C VAL E 50 11.47 33.70 31.28
N LEU E 51 11.67 34.94 30.85
CA LEU E 51 12.00 35.24 29.44
C LEU E 51 13.39 34.79 28.99
N SER E 52 14.35 34.81 29.92
CA SER E 52 15.71 34.35 29.59
C SER E 52 15.64 32.88 29.18
N MET E 53 14.86 32.12 29.96
CA MET E 53 14.65 30.70 29.74
C MET E 53 13.99 30.41 28.40
N LEU E 54 12.96 31.18 28.06
CA LEU E 54 12.22 31.01 26.81
C LEU E 54 13.10 31.41 25.62
N THR E 55 13.86 32.49 25.76
CA THR E 55 14.74 32.96 24.69
C THR E 55 15.87 31.96 24.45
N GLN E 56 16.49 31.48 25.52
CA GLN E 56 17.59 30.52 25.43
C GLN E 56 17.18 29.26 24.66
N VAL E 57 16.08 28.65 25.09
CA VAL E 57 15.56 27.44 24.45
C VAL E 57 15.23 27.71 22.97
N THR E 58 14.58 28.83 22.68
CA THR E 58 14.24 29.18 21.30
C THR E 58 15.48 29.40 20.42
N VAL E 59 16.40 30.24 20.88
CA VAL E 59 17.62 30.54 20.12
C VAL E 59 18.57 29.34 19.97
N THR E 60 18.72 28.51 21.02
CA THR E 60 19.59 27.33 20.90
C THR E 60 18.94 26.32 19.95
N PHE E 61 17.62 26.26 19.98
CA PHE E 61 16.86 25.37 19.14
C PHE E 61 17.16 25.73 17.69
N ALA E 62 17.07 27.02 17.39
CA ALA E 62 17.34 27.52 16.05
C ALA E 62 18.78 27.24 15.65
N LEU E 63 19.72 27.45 16.57
CA LEU E 63 21.14 27.19 16.33
C LEU E 63 21.41 25.71 16.00
N VAL E 64 20.80 24.83 16.79
CA VAL E 64 20.95 23.39 16.59
C VAL E 64 20.32 22.97 15.24
N CYS E 65 19.15 23.52 14.92
CA CYS E 65 18.49 23.19 13.66
C CYS E 65 19.41 23.45 12.46
N ILE E 66 20.05 24.63 12.48
CA ILE E 66 20.96 25.03 11.41
C ILE E 66 22.21 24.16 11.36
N LEU E 67 22.90 24.02 12.49
CA LEU E 67 24.13 23.21 12.53
C LEU E 67 23.86 21.76 12.11
N TRP E 68 22.69 21.25 12.46
CA TRP E 68 22.30 19.90 12.12
C TRP E 68 22.29 19.69 10.61
N VAL E 69 21.63 20.59 9.89
CA VAL E 69 21.54 20.51 8.44
C VAL E 69 22.89 20.79 7.75
N VAL E 70 23.65 21.74 8.29
CA VAL E 70 24.96 22.08 7.73
C VAL E 70 25.89 20.86 7.75
N TYR E 71 26.20 20.36 8.95
CA TYR E 71 27.11 19.22 9.08
C TYR E 71 26.68 18.12 10.08
N GLY E 72 25.89 18.51 11.08
CA GLY E 72 25.41 17.60 12.13
C GLY E 72 25.00 16.20 11.71
N TYR E 73 23.96 16.12 10.89
CA TYR E 73 23.43 14.87 10.40
C TYR E 73 24.49 14.02 9.71
N SER E 74 25.24 14.66 8.81
CA SER E 74 26.29 13.99 8.05
C SER E 74 27.35 13.30 8.90
N LEU E 75 27.80 14.00 9.96
CA LEU E 75 28.85 13.49 10.85
C LEU E 75 28.35 12.42 11.82
N ALA E 76 27.06 12.47 12.14
CA ALA E 76 26.49 11.53 13.06
C ALA E 76 25.94 10.27 12.38
N PHE E 77 25.17 10.45 11.31
CA PHE E 77 24.56 9.32 10.61
C PHE E 77 25.24 8.82 9.33
N GLY E 78 26.37 9.43 8.98
CA GLY E 78 27.14 8.99 7.81
C GLY E 78 28.10 7.90 8.27
N GLU E 79 28.47 6.98 7.39
CA GLU E 79 29.38 5.89 7.79
C GLU E 79 30.88 6.25 7.82
N GLY E 80 31.44 6.18 9.03
CA GLY E 80 32.85 6.47 9.28
C GLY E 80 33.44 5.40 10.19
N ASN E 81 34.27 5.82 11.15
CA ASN E 81 34.87 4.86 12.11
C ASN E 81 33.95 4.57 13.31
N ASN E 82 34.49 4.48 14.51
CA ASN E 82 33.69 4.20 15.71
C ASN E 82 33.32 5.43 16.56
N PHE E 83 33.71 6.62 16.10
CA PHE E 83 33.44 7.87 16.82
C PHE E 83 32.65 8.92 16.01
N PHE E 84 33.21 9.36 14.89
CA PHE E 84 32.57 10.35 14.01
C PHE E 84 32.15 9.66 12.73
N GLY E 85 31.33 10.34 11.92
CA GLY E 85 30.87 9.80 10.64
C GLY E 85 31.66 10.45 9.50
N ASN E 86 31.18 10.30 8.26
CA ASN E 86 31.86 10.89 7.11
C ASN E 86 31.36 12.30 6.77
N ILE E 87 31.98 12.93 5.78
CA ILE E 87 31.61 14.29 5.36
C ILE E 87 30.96 14.31 3.97
N ASN E 88 30.22 13.24 3.65
CA ASN E 88 29.55 13.08 2.35
C ASN E 88 28.20 13.80 2.22
N TRP E 89 27.50 13.98 3.34
CA TRP E 89 26.20 14.64 3.34
C TRP E 89 26.20 16.04 3.98
N LEU E 90 27.25 16.82 3.71
CA LEU E 90 27.34 18.18 4.26
C LEU E 90 26.34 19.06 3.52
N MET E 91 25.39 19.63 4.25
CA MET E 91 24.33 20.49 3.68
C MET E 91 23.30 19.69 2.87
N LEU E 92 23.15 18.42 3.26
CA LEU E 92 22.23 17.46 2.63
C LEU E 92 22.60 17.19 1.17
N LYS E 93 23.88 17.40 0.86
CA LYS E 93 24.42 17.15 -0.48
C LYS E 93 24.64 15.64 -0.55
N ASN E 94 24.43 15.07 -1.74
CA ASN E 94 24.56 13.63 -1.95
C ASN E 94 23.33 12.86 -1.50
N ILE E 95 22.42 13.55 -0.82
CA ILE E 95 21.17 12.96 -0.41
C ILE E 95 20.18 13.41 -1.48
N GLU E 96 19.85 12.50 -2.40
CA GLU E 96 18.90 12.81 -3.46
C GLU E 96 17.56 12.96 -2.77
N LEU E 97 16.70 13.83 -3.29
CA LEU E 97 15.40 14.03 -2.64
C LEU E 97 14.61 12.73 -2.52
N THR E 98 14.83 11.79 -3.46
CA THR E 98 14.14 10.48 -3.46
C THR E 98 14.87 9.36 -2.69
N ALA E 99 16.03 9.69 -2.12
CA ALA E 99 16.80 8.74 -1.34
C ALA E 99 15.94 8.23 -0.18
N VAL E 100 15.98 6.91 0.02
CA VAL E 100 15.22 6.22 1.06
C VAL E 100 16.13 5.64 2.15
N MET E 101 15.79 5.96 3.40
CA MET E 101 16.51 5.48 4.56
C MET E 101 15.51 4.58 5.30
N GLY E 102 15.74 3.26 5.23
CA GLY E 102 14.83 2.29 5.85
C GLY E 102 13.60 2.15 4.97
N SER E 103 12.49 2.71 5.42
CA SER E 103 11.23 2.67 4.66
C SER E 103 10.65 4.08 4.51
N ILE E 104 11.48 5.09 4.79
CA ILE E 104 11.09 6.50 4.68
C ILE E 104 12.12 7.29 3.86
N TYR E 105 11.73 8.47 3.41
CA TYR E 105 12.63 9.34 2.65
C TYR E 105 13.66 9.86 3.61
N GLN E 106 14.92 9.83 3.20
CA GLN E 106 16.02 10.29 4.04
C GLN E 106 15.77 11.67 4.66
N TYR E 107 15.15 12.58 3.89
CA TYR E 107 14.83 13.92 4.40
C TYR E 107 14.03 13.87 5.71
N ILE E 108 13.15 12.88 5.83
CA ILE E 108 12.37 12.74 7.04
C ILE E 108 13.27 12.27 8.19
N HIS E 109 14.19 11.36 7.87
CA HIS E 109 15.11 10.85 8.88
C HIS E 109 15.99 11.99 9.41
N VAL E 110 16.43 12.87 8.52
CA VAL E 110 17.26 14.04 8.89
C VAL E 110 16.52 14.91 9.91
N ALA E 111 15.31 15.33 9.54
CA ALA E 111 14.47 16.17 10.39
C ALA E 111 14.15 15.46 11.71
N PHE E 112 13.80 14.16 11.64
CA PHE E 112 13.47 13.42 12.85
C PHE E 112 14.67 13.41 13.82
N GLN E 113 15.82 12.97 13.34
CA GLN E 113 17.00 12.94 14.17
C GLN E 113 17.40 14.33 14.63
N GLY E 114 17.01 15.35 13.85
CA GLY E 114 17.30 16.74 14.17
C GLY E 114 16.50 17.17 15.39
N SER E 115 15.26 16.70 15.48
CA SER E 115 14.41 17.05 16.62
C SER E 115 14.98 16.49 17.94
N PHE E 116 15.68 15.34 17.85
CA PHE E 116 16.32 14.71 19.01
C PHE E 116 17.49 15.54 19.52
N ALA E 117 18.20 16.18 18.58
CA ALA E 117 19.33 17.04 18.96
C ALA E 117 18.82 18.30 19.69
N CYS E 118 17.79 18.93 19.11
CA CYS E 118 17.18 20.14 19.68
C CYS E 118 16.77 20.00 21.15
N ILE E 119 16.01 18.96 21.44
CA ILE E 119 15.55 18.71 22.80
C ILE E 119 16.70 18.41 23.76
N THR E 120 17.70 17.65 23.28
CA THR E 120 18.83 17.29 24.11
C THR E 120 19.51 18.55 24.61
N VAL E 121 19.64 19.53 23.72
CA VAL E 121 20.28 20.80 24.09
C VAL E 121 19.37 21.68 24.96
N GLY E 122 18.06 21.57 24.75
CA GLY E 122 17.08 22.33 25.53
C GLY E 122 17.07 21.85 26.97
N LEU E 123 17.30 20.55 27.15
CA LEU E 123 17.33 19.96 28.49
C LEU E 123 18.46 20.53 29.35
N ILE E 124 19.62 20.76 28.74
CA ILE E 124 20.77 21.31 29.46
C ILE E 124 20.53 22.70 30.05
N VAL E 125 19.88 23.56 29.27
CA VAL E 125 19.59 24.95 29.63
C VAL E 125 19.06 25.16 31.05
N GLY E 126 18.16 24.29 31.49
CA GLY E 126 17.57 24.35 32.83
C GLY E 126 18.50 24.32 34.03
N ALA E 127 19.73 23.86 33.84
CA ALA E 127 20.70 23.78 34.93
C ALA E 127 21.53 25.07 35.08
N LEU E 128 21.49 25.89 34.05
CA LEU E 128 22.23 27.14 33.96
C LEU E 128 21.39 28.35 34.30
N ALA E 129 20.09 28.12 34.42
CA ALA E 129 19.09 29.12 34.70
C ALA E 129 19.42 30.16 35.77
N GLU E 130 18.92 31.38 35.52
CA GLU E 130 19.04 32.54 36.43
C GLU E 130 20.37 33.22 36.68
N ARG E 131 21.47 32.71 36.11
CA ARG E 131 22.79 33.36 36.33
C ARG E 131 23.76 33.31 35.16
N ILE E 132 23.36 32.68 34.06
CA ILE E 132 24.25 32.55 32.92
C ILE E 132 24.10 33.69 31.93
N ARG E 133 25.20 34.05 31.26
CA ARG E 133 25.21 35.09 30.24
C ARG E 133 24.69 34.44 28.95
N PHE E 134 23.72 35.08 28.31
CA PHE E 134 23.11 34.59 27.09
C PHE E 134 24.12 34.14 26.00
N SER E 135 25.07 35.04 25.65
CA SER E 135 26.08 34.76 24.64
C SER E 135 26.94 33.53 24.93
N ALA E 136 27.15 33.26 26.23
CA ALA E 136 27.94 32.12 26.68
C ALA E 136 27.20 30.82 26.40
N VAL E 137 25.88 30.85 26.57
CA VAL E 137 25.04 29.69 26.30
C VAL E 137 25.21 29.22 24.86
N LEU E 138 25.26 30.18 23.95
CA LEU E 138 25.40 29.92 22.52
C LEU E 138 26.76 29.34 22.12
N ILE E 139 27.81 29.83 22.75
CA ILE E 139 29.16 29.34 22.47
C ILE E 139 29.28 27.87 22.91
N PHE E 140 28.76 27.57 24.10
CA PHE E 140 28.77 26.21 24.64
C PHE E 140 28.05 25.21 23.73
N VAL E 141 26.85 25.59 23.27
CA VAL E 141 26.06 24.71 22.40
C VAL E 141 26.84 24.24 21.17
N VAL E 142 27.37 25.20 20.41
CA VAL E 142 28.14 24.88 19.20
C VAL E 142 29.20 23.84 19.52
N VAL E 143 29.96 24.07 20.59
CA VAL E 143 31.03 23.16 21.01
C VAL E 143 30.53 21.78 21.44
N TRP E 144 29.55 21.75 22.34
CA TRP E 144 28.98 20.50 22.87
C TRP E 144 28.22 19.63 21.86
N LEU E 145 27.36 20.24 21.06
CA LEU E 145 26.60 19.51 20.06
C LEU E 145 27.56 18.88 19.04
N THR E 146 28.60 19.64 18.70
CA THR E 146 29.60 19.21 17.73
C THR E 146 30.50 18.12 18.25
N LEU E 147 31.07 18.35 19.43
CA LEU E 147 32.00 17.40 20.04
C LEU E 147 31.45 16.32 20.98
N SER E 148 30.20 16.45 21.41
CA SER E 148 29.62 15.45 22.31
C SER E 148 28.36 14.80 21.77
N TYR E 149 27.36 15.60 21.39
CA TYR E 149 26.13 14.99 20.88
C TYR E 149 26.35 14.15 19.62
N ILE E 150 26.97 14.76 18.61
CA ILE E 150 27.26 14.10 17.32
C ILE E 150 28.03 12.79 17.44
N PRO E 151 29.21 12.82 18.09
CA PRO E 151 29.95 11.58 18.32
C PRO E 151 29.17 10.53 19.09
N ILE E 152 28.45 10.93 20.15
CA ILE E 152 27.69 9.98 20.97
C ILE E 152 26.54 9.35 20.19
N ALA E 153 25.84 10.17 19.39
CA ALA E 153 24.76 9.65 18.57
C ALA E 153 25.35 8.68 17.54
N HIS E 154 26.53 9.00 17.01
CA HIS E 154 27.17 8.10 16.06
C HIS E 154 27.55 6.77 16.71
N MET E 155 28.09 6.84 17.93
CA MET E 155 28.48 5.65 18.68
C MET E 155 27.34 4.70 19.02
N VAL E 156 26.18 5.27 19.33
CA VAL E 156 25.01 4.48 19.71
C VAL E 156 24.04 4.14 18.57
N TRP E 157 23.73 5.12 17.73
CA TRP E 157 22.78 4.93 16.64
C TRP E 157 23.31 4.97 15.23
N GLY E 158 24.63 5.04 15.07
CA GLY E 158 25.22 5.09 13.75
C GLY E 158 26.17 3.94 13.53
N GLY E 159 25.75 2.75 13.96
CA GLY E 159 26.56 1.53 13.81
C GLY E 159 27.96 1.67 14.38
N GLY E 160 28.15 2.60 15.30
CA GLY E 160 29.44 2.86 15.93
C GLY E 160 29.83 1.85 17.02
N LEU E 161 30.77 2.27 17.85
CA LEU E 161 31.31 1.45 18.95
C LEU E 161 30.28 0.72 19.83
N LEU E 162 29.37 1.47 20.44
CA LEU E 162 28.34 0.90 21.32
C LEU E 162 27.32 0.04 20.59
N ALA E 163 26.97 0.44 19.37
CA ALA E 163 26.03 -0.33 18.57
C ALA E 163 26.68 -1.63 18.06
N SER E 164 28.00 -1.63 17.90
CA SER E 164 28.73 -2.82 17.45
C SER E 164 28.97 -3.77 18.63
N HIS E 165 28.56 -3.35 19.82
CA HIS E 165 28.69 -4.15 21.02
C HIS E 165 27.32 -4.68 21.45
N GLY E 166 26.28 -4.24 20.75
CA GLY E 166 24.91 -4.66 21.01
C GLY E 166 24.09 -3.84 22.01
N ALA E 167 24.53 -2.62 22.31
CA ALA E 167 23.83 -1.71 23.25
C ALA E 167 22.33 -1.59 23.00
N LEU E 168 21.55 -1.53 24.07
CA LEU E 168 20.10 -1.39 23.98
C LEU E 168 19.67 0.00 24.44
N ASP E 169 19.38 0.88 23.50
CA ASP E 169 18.90 2.23 23.82
C ASP E 169 17.88 2.63 22.75
N PHE E 170 16.68 2.11 22.88
CA PHE E 170 15.65 2.36 21.90
C PHE E 170 15.42 3.82 21.50
N ALA E 171 15.26 4.72 22.47
CA ALA E 171 14.99 6.13 22.14
C ALA E 171 15.88 7.22 22.73
N GLY E 172 17.03 6.88 23.32
CA GLY E 172 17.92 7.92 23.85
C GLY E 172 18.09 8.08 25.34
N GLY E 173 18.32 6.97 26.04
CA GLY E 173 18.56 6.99 27.50
C GLY E 173 19.93 7.61 27.68
N THR E 174 20.87 7.20 26.83
CA THR E 174 22.24 7.72 26.84
C THR E 174 22.38 8.97 25.98
N VAL E 175 22.09 8.82 24.68
CA VAL E 175 22.20 9.87 23.67
C VAL E 175 21.54 11.20 24.05
N VAL E 176 20.33 11.11 24.58
CA VAL E 176 19.60 12.29 24.96
C VAL E 176 19.70 12.60 26.45
N HIS E 177 19.05 11.77 27.27
CA HIS E 177 18.96 11.96 28.72
C HIS E 177 20.21 12.02 29.57
N ILE E 178 21.07 11.01 29.51
CA ILE E 178 22.31 11.02 30.32
C ILE E 178 23.28 12.09 29.81
N ASN E 179 23.39 12.19 28.48
CA ASN E 179 24.26 13.15 27.79
C ASN E 179 24.01 14.58 28.28
N ALA E 180 22.75 15.00 28.21
CA ALA E 180 22.34 16.34 28.61
C ALA E 180 22.50 16.57 30.11
N ALA E 181 22.08 15.58 30.89
CA ALA E 181 22.17 15.59 32.35
C ALA E 181 23.58 15.95 32.83
N ILE E 182 24.60 15.31 32.24
CA ILE E 182 25.99 15.58 32.62
C ILE E 182 26.40 17.00 32.23
N ALA E 183 26.15 17.35 30.98
CA ALA E 183 26.45 18.69 30.46
C ALA E 183 25.86 19.72 31.40
N GLY E 184 24.65 19.43 31.88
CA GLY E 184 23.94 20.30 32.81
C GLY E 184 24.57 20.35 34.19
N LEU E 185 24.96 19.19 34.72
CA LEU E 185 25.58 19.09 36.05
C LEU E 185 26.93 19.82 36.11
N VAL E 186 27.75 19.63 35.08
CA VAL E 186 29.08 20.26 35.00
C VAL E 186 28.93 21.78 34.98
N GLY E 187 28.02 22.26 34.14
CA GLY E 187 27.73 23.69 34.01
C GLY E 187 27.36 24.39 35.30
N ALA E 188 26.40 23.83 36.02
CA ALA E 188 25.94 24.39 37.29
C ALA E 188 27.09 24.41 38.30
N TYR E 189 27.98 23.42 38.22
CA TYR E 189 29.14 23.31 39.09
C TYR E 189 30.10 24.46 38.87
N LEU E 190 30.42 24.69 37.60
CA LEU E 190 31.36 25.72 37.19
C LEU E 190 30.88 27.14 37.44
N ILE E 191 29.64 27.43 37.04
CA ILE E 191 29.05 28.76 37.23
C ILE E 191 28.65 29.05 38.68
N GLY E 192 28.50 28.01 39.50
CA GLY E 192 28.14 28.19 40.91
C GLY E 192 26.70 28.47 41.26
N LYS E 193 26.47 28.62 42.56
CA LYS E 193 25.16 28.85 43.12
C LYS E 193 24.59 30.25 42.89
N ARG E 194 23.27 30.33 42.85
CA ARG E 194 22.56 31.59 42.67
C ARG E 194 22.80 32.45 43.92
N VAL E 195 22.67 33.78 43.78
CA VAL E 195 22.83 34.68 44.91
C VAL E 195 21.64 34.42 45.84
N GLY E 196 21.94 34.14 47.10
CA GLY E 196 20.89 33.87 48.09
C GLY E 196 20.57 32.41 48.38
N PHE E 197 21.13 31.50 47.57
CA PHE E 197 20.93 30.06 47.74
C PHE E 197 21.22 29.68 49.18
N GLY E 198 20.23 29.11 49.87
CA GLY E 198 20.42 28.72 51.26
C GLY E 198 19.69 29.57 52.29
N LYS E 199 19.08 30.67 51.84
CA LYS E 199 18.32 31.56 52.74
C LYS E 199 17.18 32.29 52.00
N GLU E 200 17.34 32.48 50.69
CA GLU E 200 16.34 33.14 49.86
C GLU E 200 15.33 32.10 49.33
N ALA E 201 14.11 32.53 49.06
CA ALA E 201 13.08 31.61 48.56
C ALA E 201 13.16 31.49 47.05
N PHE E 202 13.11 30.26 46.55
CA PHE E 202 13.18 30.02 45.11
C PHE E 202 12.00 29.22 44.57
N LYS E 203 10.78 29.68 44.87
CA LYS E 203 9.58 28.99 44.40
C LYS E 203 9.40 29.10 42.88
N PRO E 204 8.86 28.05 42.25
CA PRO E 204 8.38 28.17 40.86
C PRO E 204 7.40 29.33 40.78
N HIS E 205 7.55 30.21 39.78
CA HIS E 205 6.66 31.37 39.69
C HIS E 205 5.27 31.02 39.18
N ASN E 206 5.21 30.08 38.24
CA ASN E 206 3.97 29.67 37.61
C ASN E 206 3.80 28.16 37.45
N LEU E 207 3.14 27.53 38.42
CA LEU E 207 2.92 26.07 38.37
C LEU E 207 2.00 25.55 37.26
N PRO E 208 0.86 26.21 36.99
CA PRO E 208 0.12 25.81 35.77
C PRO E 208 0.97 25.86 34.49
N MET E 209 1.95 26.76 34.45
CA MET E 209 2.85 26.83 33.28
C MET E 209 3.75 25.57 33.29
N VAL E 210 4.16 25.14 34.48
CA VAL E 210 5.01 23.95 34.60
C VAL E 210 4.19 22.74 34.18
N PHE E 211 2.92 22.72 34.58
CA PHE E 211 2.01 21.63 34.22
C PHE E 211 1.77 21.55 32.71
N THR E 212 1.60 22.71 32.06
CA THR E 212 1.35 22.80 30.61
C THR E 212 2.56 22.28 29.84
N GLY E 213 3.76 22.63 30.31
CA GLY E 213 4.98 22.14 29.68
C GLY E 213 5.08 20.62 29.83
N THR E 214 4.75 20.13 31.03
CA THR E 214 4.80 18.69 31.33
C THR E 214 3.87 17.92 30.40
N ALA E 215 2.65 18.43 30.25
CA ALA E 215 1.64 17.81 29.41
C ALA E 215 2.09 17.80 27.95
N ILE E 216 2.62 18.93 27.49
CA ILE E 216 3.08 19.03 26.11
C ILE E 216 4.22 18.02 25.88
N LEU E 217 5.14 17.95 26.84
CA LEU E 217 6.26 17.00 26.77
C LEU E 217 5.75 15.59 26.68
N TYR E 218 4.78 15.27 27.54
CA TYR E 218 4.17 13.96 27.57
C TYR E 218 3.61 13.59 26.21
N ILE E 219 2.77 14.44 25.64
CA ILE E 219 2.16 14.18 24.32
C ILE E 219 3.20 14.04 23.22
N GLY E 220 4.16 14.97 23.17
CA GLY E 220 5.22 14.94 22.16
C GLY E 220 6.13 13.73 22.27
N TRP E 221 6.17 13.15 23.48
CA TRP E 221 7.01 11.99 23.76
C TRP E 221 6.55 10.72 23.02
N PHE E 222 5.33 10.76 22.47
CA PHE E 222 4.83 9.60 21.72
C PHE E 222 5.51 9.52 20.37
N GLY E 223 5.92 10.69 19.86
CA GLY E 223 6.64 10.75 18.60
C GLY E 223 8.07 10.34 18.90
N PHE E 224 8.58 10.83 20.04
CA PHE E 224 9.92 10.54 20.53
C PHE E 224 10.14 9.04 20.64
N ASN E 225 9.31 8.40 21.47
CA ASN E 225 9.41 6.98 21.69
C ASN E 225 8.98 6.06 20.54
N ALA E 226 7.74 6.18 20.10
CA ALA E 226 7.23 5.33 19.02
C ALA E 226 7.91 5.63 17.67
N GLY E 227 8.19 6.91 17.43
CA GLY E 227 8.85 7.30 16.18
C GLY E 227 10.14 6.54 16.00
N SER E 228 10.81 6.25 17.12
CA SER E 228 12.10 5.51 17.13
C SER E 228 12.06 4.13 16.49
N ALA E 229 10.86 3.67 16.13
CA ALA E 229 10.68 2.39 15.47
C ALA E 229 10.94 2.62 13.98
N GLY E 230 10.75 3.87 13.57
CA GLY E 230 10.97 4.28 12.18
C GLY E 230 9.87 3.85 11.23
N THR E 231 8.83 3.25 11.78
CA THR E 231 7.70 2.75 10.99
C THR E 231 6.51 2.49 11.90
N ALA E 232 5.30 2.58 11.35
CA ALA E 232 4.08 2.34 12.13
C ALA E 232 3.80 0.83 12.22
N ASN E 233 4.78 0.11 12.76
CA ASN E 233 4.68 -1.33 12.93
C ASN E 233 4.31 -1.69 14.40
N GLU E 234 4.42 -2.98 14.72
CA GLU E 234 4.10 -3.51 16.05
C GLU E 234 5.06 -3.03 17.17
N ILE E 235 6.28 -2.67 16.79
CA ILE E 235 7.29 -2.16 17.72
C ILE E 235 6.84 -0.77 18.16
N ALA E 236 6.33 -0.01 17.21
CA ALA E 236 5.84 1.34 17.47
C ALA E 236 4.63 1.20 18.38
N ALA E 237 3.88 0.12 18.20
CA ALA E 237 2.70 -0.16 19.00
C ALA E 237 3.13 -0.43 20.44
N LEU E 238 4.07 -1.35 20.62
CA LEU E 238 4.60 -1.69 21.96
C LEU E 238 5.20 -0.46 22.69
N ALA E 239 6.05 0.30 22.00
CA ALA E 239 6.68 1.49 22.58
C ALA E 239 5.63 2.52 23.02
N PHE E 240 4.56 2.65 22.25
CA PHE E 240 3.47 3.56 22.59
C PHE E 240 2.81 3.17 23.92
N VAL E 241 2.40 1.91 24.01
CA VAL E 241 1.76 1.34 25.20
C VAL E 241 2.66 1.43 26.42
N ASN E 242 3.94 1.10 26.25
CA ASN E 242 4.92 1.17 27.34
C ASN E 242 5.09 2.59 27.89
N THR E 243 4.89 3.58 27.02
CA THR E 243 4.98 4.98 27.37
C THR E 243 3.86 5.35 28.31
N VAL E 244 2.63 5.00 27.93
CA VAL E 244 1.44 5.25 28.72
C VAL E 244 1.64 4.59 30.10
N VAL E 245 1.95 3.29 30.09
CA VAL E 245 2.15 2.53 31.32
C VAL E 245 3.27 3.09 32.21
N ALA E 246 4.50 3.17 31.69
CA ALA E 246 5.60 3.70 32.50
C ALA E 246 5.34 5.09 33.11
N THR E 247 4.79 6.03 32.33
CA THR E 247 4.47 7.39 32.81
C THR E 247 3.51 7.34 33.99
N ALA E 248 2.46 6.51 33.86
CA ALA E 248 1.44 6.33 34.91
C ALA E 248 2.09 5.74 36.15
N ALA E 249 2.83 4.65 35.96
CA ALA E 249 3.51 3.98 37.07
C ALA E 249 4.38 4.94 37.85
N ALA E 250 5.13 5.78 37.12
CA ALA E 250 6.05 6.76 37.71
C ALA E 250 5.36 7.87 38.45
N ILE E 251 4.21 8.31 37.94
CA ILE E 251 3.42 9.35 38.58
C ILE E 251 2.97 8.85 39.96
N LEU E 252 2.47 7.62 40.00
CA LEU E 252 2.00 7.00 41.23
C LEU E 252 3.11 6.80 42.25
N GLY E 253 4.25 6.29 41.78
CA GLY E 253 5.43 6.03 42.62
C GLY E 253 5.88 7.30 43.31
N TRP E 254 6.03 8.36 42.53
CA TRP E 254 6.45 9.67 43.05
C TRP E 254 5.38 10.20 44.02
N ILE E 255 4.13 10.25 43.55
CA ILE E 255 3.01 10.73 44.35
C ILE E 255 2.90 10.05 45.71
N PHE E 256 2.81 8.72 45.70
CA PHE E 256 2.69 7.95 46.94
C PHE E 256 3.96 8.10 47.81
N GLY E 257 5.11 8.11 47.15
CA GLY E 257 6.39 8.25 47.83
C GLY E 257 6.49 9.59 48.52
N GLU E 258 6.08 10.64 47.80
CA GLU E 258 6.12 12.01 48.29
C GLU E 258 5.09 12.22 49.39
N TRP E 259 3.99 11.49 49.28
CA TRP E 259 2.91 11.55 50.24
C TRP E 259 3.40 10.93 51.54
N ALA E 260 3.73 9.64 51.47
CA ALA E 260 4.19 8.87 52.61
C ALA E 260 5.46 9.40 53.29
N LEU E 261 6.25 10.20 52.58
CA LEU E 261 7.49 10.72 53.15
C LEU E 261 7.43 12.17 53.60
N ARG E 262 6.58 12.97 52.95
CA ARG E 262 6.47 14.39 53.30
C ARG E 262 5.11 14.84 53.82
N GLY E 263 4.09 14.01 53.58
CA GLY E 263 2.74 14.30 54.05
C GLY E 263 1.71 14.73 53.04
N LYS E 264 2.16 15.24 51.89
CA LYS E 264 1.25 15.72 50.84
C LYS E 264 1.72 15.31 49.43
N PRO E 265 0.76 14.89 48.57
CA PRO E 265 1.06 14.72 47.16
C PRO E 265 0.91 16.07 46.43
N SER E 266 2.01 16.58 45.89
CA SER E 266 2.03 17.88 45.20
C SER E 266 1.83 17.82 43.69
N LEU E 267 1.46 18.95 43.08
CA LEU E 267 1.28 19.01 41.64
C LEU E 267 2.64 18.86 40.97
N LEU E 268 3.64 19.54 41.53
CA LEU E 268 4.99 19.48 40.98
C LEU E 268 5.52 18.04 41.06
N GLY E 269 5.16 17.33 42.14
CA GLY E 269 5.53 15.93 42.35
C GLY E 269 4.93 15.04 41.28
N ALA E 270 3.66 15.29 40.93
CA ALA E 270 2.98 14.51 39.88
C ALA E 270 3.63 14.77 38.52
N CYS E 271 3.93 16.04 38.23
CA CYS E 271 4.58 16.44 36.98
C CYS E 271 5.98 15.84 36.85
N SER E 272 6.74 15.87 37.94
CA SER E 272 8.09 15.33 37.94
C SER E 272 8.08 13.79 37.86
N GLY E 273 7.03 13.16 38.40
CA GLY E 273 6.91 11.70 38.34
C GLY E 273 6.72 11.33 36.88
N ALA E 274 5.88 12.10 36.19
CA ALA E 274 5.62 11.91 34.78
C ALA E 274 6.91 11.90 33.96
N ILE E 275 7.73 12.94 34.11
CA ILE E 275 9.00 13.04 33.38
C ILE E 275 9.97 11.91 33.77
N ALA E 276 9.99 11.56 35.05
CA ALA E 276 10.84 10.49 35.55
C ALA E 276 10.54 9.14 34.86
N GLY E 277 9.25 8.87 34.70
CA GLY E 277 8.81 7.64 34.04
C GLY E 277 9.18 7.67 32.57
N LEU E 278 8.83 8.78 31.90
CA LEU E 278 9.11 8.99 30.48
C LEU E 278 10.59 8.81 30.17
N VAL E 279 11.45 9.34 31.04
CA VAL E 279 12.90 9.24 30.90
C VAL E 279 13.34 7.80 31.13
N GLY E 280 12.73 7.16 32.13
CA GLY E 280 13.05 5.78 32.47
C GLY E 280 12.76 4.77 31.38
N VAL E 281 11.62 4.95 30.71
CA VAL E 281 11.22 4.01 29.67
C VAL E 281 11.85 4.36 28.33
N THR E 282 12.36 5.59 28.20
CA THR E 282 12.96 6.03 26.94
C THR E 282 13.85 4.95 26.33
N PRO E 283 14.91 4.52 27.04
CA PRO E 283 15.78 3.55 26.38
C PRO E 283 15.19 2.16 26.26
N ALA E 284 14.17 1.85 27.07
CA ALA E 284 13.52 0.52 27.14
C ALA E 284 12.27 0.23 26.33
N CYS E 285 11.44 1.27 26.15
CA CYS E 285 10.12 1.20 25.49
C CYS E 285 9.87 0.20 24.35
N GLY E 286 10.83 0.04 23.45
CA GLY E 286 10.65 -0.89 22.34
C GLY E 286 11.18 -2.28 22.58
N TYR E 287 11.79 -2.50 23.75
CA TYR E 287 12.37 -3.81 24.07
C TYR E 287 11.63 -4.65 25.14
N ILE E 288 10.84 -4.00 25.98
CA ILE E 288 10.14 -4.67 27.07
C ILE E 288 8.63 -4.87 26.87
N GLY E 289 8.00 -5.52 27.84
CA GLY E 289 6.54 -5.77 27.81
C GLY E 289 5.86 -4.86 28.82
N VAL E 290 4.52 -4.90 28.86
CA VAL E 290 3.73 -4.08 29.79
C VAL E 290 4.12 -4.27 31.27
N GLY E 291 4.54 -5.48 31.61
CA GLY E 291 4.97 -5.81 32.98
C GLY E 291 6.24 -5.10 33.42
N GLY E 292 7.21 -5.00 32.50
CA GLY E 292 8.47 -4.32 32.77
C GLY E 292 8.28 -2.82 32.82
N ALA E 293 7.40 -2.32 31.95
CA ALA E 293 7.10 -0.90 31.89
C ALA E 293 6.58 -0.43 33.25
N LEU E 294 5.69 -1.22 33.83
CA LEU E 294 5.12 -0.95 35.13
C LEU E 294 6.21 -0.87 36.20
N ILE E 295 7.11 -1.85 36.19
CA ILE E 295 8.23 -1.91 37.15
C ILE E 295 9.22 -0.74 36.96
N ILE E 296 9.64 -0.49 35.72
CA ILE E 296 10.55 0.62 35.40
C ILE E 296 9.90 1.96 35.80
N GLY E 297 8.60 2.10 35.54
CA GLY E 297 7.86 3.31 35.88
C GLY E 297 7.97 3.59 37.37
N VAL E 298 7.42 2.68 38.18
CA VAL E 298 7.46 2.78 39.64
C VAL E 298 8.87 3.09 40.17
N VAL E 299 9.86 2.28 39.78
CA VAL E 299 11.26 2.49 40.19
C VAL E 299 11.80 3.88 39.78
N ALA E 300 11.53 4.28 38.54
CA ALA E 300 11.99 5.59 38.04
C ALA E 300 11.39 6.76 38.81
N GLY E 301 10.12 6.62 39.20
CA GLY E 301 9.40 7.65 39.94
C GLY E 301 10.03 7.86 41.32
N LEU E 302 10.38 6.75 41.98
CA LEU E 302 11.02 6.79 43.30
C LEU E 302 12.48 7.23 43.15
N ALA E 303 13.15 6.81 42.07
CA ALA E 303 14.54 7.22 41.84
C ALA E 303 14.63 8.74 41.57
N GLY E 304 13.62 9.28 40.89
CA GLY E 304 13.56 10.71 40.60
C GLY E 304 13.35 11.50 41.87
N LEU E 305 12.53 10.95 42.77
CA LEU E 305 12.24 11.57 44.06
C LEU E 305 13.50 11.57 44.92
N TRP E 306 14.23 10.45 44.91
CA TRP E 306 15.47 10.35 45.67
C TRP E 306 16.48 11.34 45.05
N GLY E 307 16.44 11.46 43.73
CA GLY E 307 17.31 12.33 42.93
C GLY E 307 17.27 13.83 43.23
N VAL E 308 16.07 14.38 43.36
CA VAL E 308 15.91 15.81 43.63
C VAL E 308 15.86 16.14 45.13
N THR E 309 15.96 15.12 45.99
CA THR E 309 15.90 15.33 47.45
C THR E 309 17.19 14.98 48.21
N MET E 310 17.56 13.69 48.19
CA MET E 310 18.75 13.23 48.89
C MET E 310 20.00 13.50 48.06
N LEU E 311 19.96 13.09 46.79
CA LEU E 311 21.07 13.26 45.86
C LEU E 311 21.47 14.73 45.66
N LYS E 312 20.47 15.61 45.58
CA LYS E 312 20.70 17.04 45.41
C LYS E 312 21.51 17.67 46.54
N ARG E 313 21.15 17.39 47.79
CA ARG E 313 21.91 17.96 48.93
C ARG E 313 23.29 17.31 49.07
N LEU E 314 23.43 16.10 48.54
CA LEU E 314 24.70 15.36 48.57
C LEU E 314 25.67 15.95 47.57
N LEU E 315 25.17 16.29 46.38
CA LEU E 315 26.03 16.87 45.34
C LEU E 315 26.42 18.32 45.63
N ARG E 316 25.63 19.02 46.45
CA ARG E 316 25.87 20.43 46.81
C ARG E 316 25.97 21.32 45.57
N VAL E 317 25.10 21.04 44.60
CA VAL E 317 25.06 21.77 43.32
C VAL E 317 23.72 22.44 43.13
N ASP E 318 23.74 23.71 42.72
CA ASP E 318 22.50 24.45 42.48
C ASP E 318 22.06 24.28 41.02
N ASP E 319 21.34 23.20 40.75
CA ASP E 319 20.79 22.90 39.42
C ASP E 319 19.29 23.20 39.55
N PRO E 320 18.87 24.41 39.15
CA PRO E 320 17.57 24.95 39.55
C PRO E 320 16.37 24.16 39.04
N CYS E 321 16.53 23.50 37.90
CA CYS E 321 15.44 22.72 37.32
C CYS E 321 15.64 21.21 37.47
N ASP E 322 16.57 20.83 38.34
CA ASP E 322 16.89 19.42 38.64
C ASP E 322 17.07 18.51 37.42
N VAL E 323 17.88 18.97 36.49
CA VAL E 323 18.14 18.22 35.28
C VAL E 323 18.77 16.86 35.58
N PHE E 324 19.79 16.84 36.43
CA PHE E 324 20.47 15.59 36.77
C PHE E 324 19.62 14.66 37.64
N GLY E 325 18.95 15.22 38.64
CA GLY E 325 18.11 14.44 39.55
C GLY E 325 17.06 13.62 38.81
N VAL E 326 16.62 14.13 37.67
CA VAL E 326 15.61 13.40 36.90
C VAL E 326 16.17 12.69 35.68
N HIS E 327 16.65 13.47 34.70
CA HIS E 327 17.20 12.91 33.46
C HIS E 327 18.42 12.00 33.68
N GLY E 328 19.33 12.44 34.55
CA GLY E 328 20.53 11.67 34.86
C GLY E 328 20.21 10.39 35.61
N VAL E 329 19.60 10.51 36.80
CA VAL E 329 19.25 9.35 37.63
C VAL E 329 18.34 8.33 36.92
N CYS E 330 17.25 8.83 36.33
CA CYS E 330 16.26 7.98 35.66
C CYS E 330 16.79 7.42 34.34
N GLY E 331 17.69 8.17 33.72
CA GLY E 331 18.30 7.74 32.46
C GLY E 331 19.14 6.53 32.76
N ILE E 332 20.00 6.67 33.77
CA ILE E 332 20.89 5.63 34.27
C ILE E 332 20.11 4.37 34.66
N VAL E 333 19.06 4.56 35.44
CA VAL E 333 18.20 3.47 35.90
C VAL E 333 17.55 2.79 34.70
N GLY E 334 16.93 3.59 33.83
CA GLY E 334 16.26 3.11 32.63
C GLY E 334 17.12 2.28 31.71
N CYS E 335 18.39 2.66 31.59
CA CYS E 335 19.35 1.94 30.74
C CYS E 335 19.69 0.57 31.32
N ILE E 336 19.92 0.53 32.63
CA ILE E 336 20.26 -0.72 33.31
C ILE E 336 19.08 -1.69 33.25
N MET E 337 17.89 -1.19 33.60
CA MET E 337 16.66 -2.00 33.61
C MET E 337 16.24 -2.51 32.24
N THR E 338 16.77 -1.92 31.19
CA THR E 338 16.50 -2.34 29.83
C THR E 338 17.27 -3.63 29.62
N GLY E 339 18.46 -3.73 30.23
CA GLY E 339 19.30 -4.91 30.12
C GLY E 339 18.72 -6.13 30.83
N ILE E 340 17.69 -5.91 31.65
CA ILE E 340 17.05 -6.98 32.41
C ILE E 340 15.71 -7.37 31.78
N PHE E 341 14.79 -6.42 31.68
CA PHE E 341 13.46 -6.66 31.12
C PHE E 341 13.35 -6.90 29.60
N ALA E 342 14.46 -6.85 28.89
CA ALA E 342 14.42 -7.11 27.45
C ALA E 342 14.31 -8.63 27.26
N ALA E 343 14.73 -9.37 28.27
CA ALA E 343 14.70 -10.84 28.26
C ALA E 343 13.32 -11.40 27.90
N SER E 344 13.30 -12.46 27.11
CA SER E 344 12.05 -13.12 26.70
C SER E 344 11.28 -13.64 27.91
N SER E 345 12.03 -14.14 28.90
CA SER E 345 11.45 -14.70 30.13
C SER E 345 10.77 -13.67 31.05
N LEU E 346 11.03 -12.40 30.84
CA LEU E 346 10.39 -11.35 31.64
C LEU E 346 9.37 -10.60 30.78
N GLY E 347 8.94 -11.24 29.70
CA GLY E 347 7.96 -10.66 28.78
C GLY E 347 8.52 -9.66 27.79
N GLY E 348 9.84 -9.60 27.70
CA GLY E 348 10.50 -8.67 26.78
C GLY E 348 10.63 -9.26 25.39
N VAL E 349 11.15 -8.46 24.47
CA VAL E 349 11.35 -8.86 23.09
C VAL E 349 12.47 -9.90 22.87
N GLY E 350 13.28 -10.14 23.91
CA GLY E 350 14.39 -11.10 23.83
C GLY E 350 15.65 -10.44 23.31
N PHE E 351 16.81 -10.91 23.76
CA PHE E 351 18.08 -10.33 23.32
C PHE E 351 18.48 -10.83 21.91
N ALA E 352 19.59 -10.31 21.41
CA ALA E 352 20.13 -10.72 20.12
C ALA E 352 20.66 -12.14 20.27
N GLU E 353 20.54 -12.95 19.22
CA GLU E 353 21.03 -14.33 19.28
C GLU E 353 22.39 -14.44 19.99
N GLY E 354 22.52 -15.43 20.88
CA GLY E 354 23.77 -15.63 21.61
C GLY E 354 24.12 -14.70 22.76
N VAL E 355 23.23 -13.77 23.09
CA VAL E 355 23.48 -12.83 24.18
C VAL E 355 22.67 -13.18 25.42
N THR E 356 23.31 -13.13 26.58
CA THR E 356 22.63 -13.44 27.83
C THR E 356 22.37 -12.17 28.62
N MET E 357 21.59 -12.29 29.69
CA MET E 357 21.27 -11.15 30.52
C MET E 357 22.54 -10.50 31.06
N GLY E 358 23.41 -11.31 31.66
CA GLY E 358 24.67 -10.84 32.22
C GLY E 358 25.41 -10.00 31.20
N HIS E 359 25.58 -10.57 30.01
CA HIS E 359 26.24 -9.96 28.87
C HIS E 359 25.67 -8.56 28.56
N GLN E 360 24.36 -8.48 28.33
CA GLN E 360 23.69 -7.21 28.03
C GLN E 360 23.86 -6.14 29.11
N LEU E 361 23.80 -6.55 30.37
CA LEU E 361 23.97 -5.64 31.51
C LEU E 361 25.33 -4.95 31.49
N LEU E 362 26.36 -5.67 31.04
CA LEU E 362 27.69 -5.09 30.97
C LEU E 362 27.72 -4.03 29.87
N VAL E 363 27.06 -4.32 28.75
CA VAL E 363 27.02 -3.36 27.64
C VAL E 363 26.25 -2.10 28.02
N GLN E 364 25.14 -2.26 28.75
CA GLN E 364 24.35 -1.11 29.18
C GLN E 364 25.20 -0.21 30.09
N LEU E 365 25.90 -0.82 31.03
CA LEU E 365 26.76 -0.07 31.95
C LEU E 365 27.95 0.60 31.26
N GLU E 366 28.53 -0.06 30.25
CA GLU E 366 29.65 0.47 29.48
C GLU E 366 29.23 1.74 28.71
N SER E 367 28.05 1.69 28.10
CA SER E 367 27.51 2.82 27.34
C SER E 367 27.28 4.03 28.24
N ILE E 368 26.79 3.78 29.45
CA ILE E 368 26.53 4.84 30.42
C ILE E 368 27.83 5.53 30.82
N ALA E 369 28.82 4.72 31.19
CA ALA E 369 30.12 5.24 31.63
C ALA E 369 30.85 6.08 30.58
N ILE E 370 30.73 5.68 29.31
CA ILE E 370 31.36 6.42 28.21
C ILE E 370 30.59 7.73 27.97
N THR E 371 29.27 7.68 28.11
CA THR E 371 28.46 8.89 27.92
C THR E 371 28.80 9.93 29.00
N ILE E 372 28.77 9.51 30.26
CA ILE E 372 29.09 10.39 31.37
C ILE E 372 30.44 11.09 31.15
N VAL E 373 31.48 10.29 30.93
CA VAL E 373 32.85 10.77 30.71
C VAL E 373 33.01 11.65 29.48
N TRP E 374 32.51 11.19 28.33
CA TRP E 374 32.59 11.92 27.08
C TRP E 374 31.93 13.29 27.21
N SER E 375 30.63 13.29 27.50
CA SER E 375 29.88 14.55 27.65
C SER E 375 30.50 15.44 28.71
N GLY E 376 30.96 14.83 29.80
CA GLY E 376 31.57 15.56 30.89
C GLY E 376 32.81 16.37 30.50
N VAL E 377 33.72 15.73 29.79
CA VAL E 377 34.95 16.39 29.37
C VAL E 377 34.62 17.49 28.36
N VAL E 378 33.86 17.13 27.34
CA VAL E 378 33.46 18.09 26.31
C VAL E 378 32.77 19.31 26.95
N ALA E 379 31.84 19.05 27.89
CA ALA E 379 31.12 20.12 28.60
C ALA E 379 32.10 21.12 29.22
N PHE E 380 33.13 20.61 29.90
CA PHE E 380 34.16 21.42 30.55
C PHE E 380 34.88 22.27 29.52
N ILE E 381 35.15 21.71 28.35
CA ILE E 381 35.84 22.44 27.29
C ILE E 381 34.93 23.58 26.80
N GLY E 382 33.64 23.29 26.66
CA GLY E 382 32.66 24.26 26.21
C GLY E 382 32.46 25.42 27.17
N TYR E 383 32.35 25.12 28.47
CA TYR E 383 32.15 26.17 29.47
C TYR E 383 33.35 27.08 29.63
N LYS E 384 34.55 26.51 29.60
CA LYS E 384 35.81 27.27 29.73
C LYS E 384 36.08 28.13 28.50
N LEU E 385 35.70 27.63 27.32
CA LEU E 385 35.86 28.37 26.09
C LEU E 385 34.97 29.62 26.21
N ALA E 386 33.76 29.40 26.69
CA ALA E 386 32.77 30.47 26.89
C ALA E 386 33.21 31.42 28.00
N ASP E 387 33.86 30.88 29.05
CA ASP E 387 34.32 31.71 30.16
C ASP E 387 35.50 32.59 29.78
N LEU E 388 36.31 32.12 28.84
CA LEU E 388 37.47 32.87 28.36
C LEU E 388 37.12 33.95 27.34
N THR E 389 36.12 33.69 26.50
CA THR E 389 35.71 34.65 25.47
C THR E 389 34.75 35.75 25.96
N VAL E 390 33.57 35.37 26.46
CA VAL E 390 32.59 36.35 26.93
C VAL E 390 32.30 36.33 28.43
N GLY E 391 32.71 35.25 29.11
CA GLY E 391 32.45 35.09 30.54
C GLY E 391 31.14 34.34 30.73
N LEU E 392 31.14 33.33 31.62
CA LEU E 392 29.96 32.51 31.86
C LEU E 392 28.88 33.14 32.72
N ARG E 393 29.27 33.65 33.88
CA ARG E 393 28.36 34.22 34.85
C ARG E 393 28.12 35.73 34.77
N VAL E 394 26.86 36.09 34.92
CA VAL E 394 26.41 37.47 34.91
C VAL E 394 26.79 38.10 36.26
N PRO E 395 27.21 39.40 36.27
CA PRO E 395 27.56 40.03 37.55
C PRO E 395 26.37 40.05 38.54
N GLU E 396 26.67 39.90 39.82
CA GLU E 396 25.68 39.85 40.91
C GLU E 396 24.51 40.84 40.84
N GLU E 397 24.78 42.11 40.58
CA GLU E 397 23.71 43.12 40.52
C GLU E 397 22.69 42.77 39.45
N GLN E 398 23.15 42.32 38.28
CA GLN E 398 22.26 41.93 37.20
C GLN E 398 21.45 40.68 37.53
N GLU E 399 21.99 39.83 38.41
CA GLU E 399 21.32 38.60 38.83
C GLU E 399 20.15 38.91 39.77
N ARG E 400 20.34 39.86 40.68
CA ARG E 400 19.30 40.24 41.64
C ARG E 400 18.13 41.00 40.97
N GLU E 401 18.42 41.77 39.93
CA GLU E 401 17.40 42.52 39.22
C GLU E 401 16.65 41.62 38.22
N GLY E 402 17.26 40.52 37.84
CA GLY E 402 16.62 39.62 36.89
C GLY E 402 17.29 39.71 35.56
N LEU E 403 17.33 38.58 34.87
CA LEU E 403 17.97 38.47 33.56
C LEU E 403 17.12 38.98 32.43
N ASP E 404 15.80 38.96 32.61
CA ASP E 404 14.87 39.41 31.57
C ASP E 404 15.09 40.87 31.15
N VAL E 405 15.17 41.79 32.11
CA VAL E 405 15.38 43.20 31.80
C VAL E 405 16.83 43.48 31.43
N ASN E 406 17.76 42.77 32.08
CA ASN E 406 19.19 42.94 31.86
C ASN E 406 19.77 42.39 30.55
N SER E 407 19.34 41.19 30.17
CA SER E 407 19.81 40.55 28.95
C SER E 407 18.86 40.68 27.76
N HIS E 408 17.58 40.84 28.03
CA HIS E 408 16.60 40.92 26.94
C HIS E 408 15.74 42.17 26.86
N GLY E 409 15.94 43.10 27.81
CA GLY E 409 15.18 44.36 27.85
C GLY E 409 13.66 44.17 27.79
N GLU E 410 13.16 43.17 28.49
CA GLU E 410 11.72 42.90 28.47
C GLU E 410 11.23 42.38 29.80
N ASN E 411 9.98 42.73 30.12
CA ASN E 411 9.32 42.30 31.33
C ASN E 411 8.23 41.35 30.87
N ALA E 412 8.12 40.21 31.53
CA ALA E 412 7.13 39.20 31.16
C ALA E 412 5.69 39.60 31.41
N TYR E 413 5.38 40.14 32.58
CA TYR E 413 3.99 40.48 32.89
C TYR E 413 3.72 41.96 33.10
N ASN E 414 2.90 42.52 32.22
CA ASN E 414 2.56 43.94 32.26
C ASN E 414 1.08 44.24 32.36
N ALA E 415 0.74 45.49 32.65
CA ALA E 415 -0.65 45.93 32.75
C ALA E 415 -1.60 45.33 31.65
N HIS F 7 -8.86 -21.31 6.49
CA HIS F 7 -7.89 -22.16 7.24
C HIS F 7 -7.48 -21.54 8.58
N HIS F 8 -7.54 -22.35 9.64
CA HIS F 8 -7.23 -21.94 11.02
C HIS F 8 -5.96 -21.12 11.28
N HIS F 9 -4.94 -21.27 10.43
CA HIS F 9 -3.65 -20.53 10.61
C HIS F 9 -3.54 -19.18 9.87
N HIS F 10 -4.57 -18.82 9.11
CA HIS F 10 -4.57 -17.55 8.41
C HIS F 10 -4.79 -16.44 9.44
N HIS F 11 -4.30 -15.25 9.11
CA HIS F 11 -4.43 -14.08 9.98
C HIS F 11 -4.39 -12.85 9.09
N ALA F 12 -5.11 -11.82 9.50
CA ALA F 12 -5.14 -10.58 8.77
C ALA F 12 -3.86 -9.80 9.09
N VAL F 13 -3.42 -8.97 8.16
CA VAL F 13 -2.22 -8.13 8.36
C VAL F 13 -2.68 -6.73 8.72
N ALA F 14 -1.89 -6.05 9.55
CA ALA F 14 -2.21 -4.69 9.93
C ALA F 14 -1.87 -3.73 8.78
N ASP F 15 -2.68 -2.69 8.61
CA ASP F 15 -2.44 -1.71 7.57
C ASP F 15 -1.62 -0.62 8.23
N LYS F 16 -0.35 -0.54 7.86
CA LYS F 16 0.55 0.43 8.43
C LYS F 16 -0.06 1.83 8.52
N ALA F 17 -0.85 2.19 7.51
CA ALA F 17 -1.51 3.50 7.46
C ALA F 17 -2.50 3.66 8.61
N ASP F 18 -3.24 2.58 8.90
CA ASP F 18 -4.22 2.61 9.98
C ASP F 18 -3.53 2.63 11.35
N ASN F 19 -2.42 1.90 11.49
CA ASN F 19 -1.67 1.90 12.74
C ASN F 19 -1.29 3.35 13.04
N ALA F 20 -0.62 3.98 12.07
CA ALA F 20 -0.16 5.36 12.18
C ALA F 20 -1.26 6.35 12.60
N PHE F 21 -2.37 6.30 11.88
CA PHE F 21 -3.52 7.17 12.12
C PHE F 21 -4.13 6.93 13.49
N MET F 22 -4.24 5.65 13.87
CA MET F 22 -4.79 5.28 15.16
C MET F 22 -3.89 5.63 16.34
N MET F 23 -2.57 5.55 16.13
CA MET F 23 -1.61 5.92 17.17
C MET F 23 -1.63 7.45 17.34
N ILE F 24 -1.79 8.19 16.23
CA ILE F 24 -1.83 9.65 16.36
C ILE F 24 -3.15 10.07 17.01
N CYS F 25 -4.24 9.40 16.63
CA CYS F 25 -5.55 9.72 17.21
C CYS F 25 -5.54 9.46 18.70
N THR F 26 -4.74 8.49 19.13
CA THR F 26 -4.61 8.13 20.55
C THR F 26 -3.88 9.25 21.27
N ALA F 27 -2.79 9.73 20.67
CA ALA F 27 -2.01 10.82 21.23
C ALA F 27 -2.92 12.03 21.45
N LEU F 28 -3.73 12.35 20.45
CA LEU F 28 -4.70 13.45 20.50
C LEU F 28 -5.76 13.26 21.59
N VAL F 29 -6.27 12.03 21.75
CA VAL F 29 -7.28 11.79 22.80
C VAL F 29 -6.65 12.02 24.17
N LEU F 30 -5.41 11.59 24.33
CA LEU F 30 -4.68 11.78 25.57
C LEU F 30 -4.48 13.28 25.79
N PHE F 31 -4.32 14.01 24.69
CA PHE F 31 -4.11 15.45 24.71
C PHE F 31 -5.31 16.15 25.33
N MET F 32 -6.53 15.65 25.06
CA MET F 32 -7.74 16.23 25.63
C MET F 32 -7.71 16.21 27.18
N THR F 33 -7.15 15.16 27.76
CA THR F 33 -7.08 15.09 29.21
C THR F 33 -5.83 15.84 29.69
N ILE F 34 -4.68 15.46 29.12
CA ILE F 34 -3.39 16.05 29.47
C ILE F 34 -2.87 16.99 28.34
N PRO F 35 -3.09 18.32 28.47
CA PRO F 35 -3.66 19.11 29.56
C PRO F 35 -5.07 19.69 29.37
N GLY F 36 -5.69 19.38 28.23
CA GLY F 36 -7.03 19.89 27.88
C GLY F 36 -8.05 20.17 28.98
N ILE F 37 -8.60 19.09 29.51
CA ILE F 37 -9.61 19.19 30.55
C ILE F 37 -9.10 19.86 31.84
N ALA F 38 -7.85 19.57 32.19
CA ALA F 38 -7.24 20.10 33.40
C ALA F 38 -7.13 21.60 33.35
N LEU F 39 -6.73 22.13 32.20
CA LEU F 39 -6.60 23.58 32.02
C LEU F 39 -7.98 24.22 31.93
N PHE F 40 -8.92 23.52 31.30
CA PHE F 40 -10.29 24.01 31.15
C PHE F 40 -10.94 24.18 32.52
N TYR F 41 -10.95 23.13 33.33
CA TYR F 41 -11.53 23.18 34.67
C TYR F 41 -10.69 24.06 35.59
N GLY F 42 -9.36 23.97 35.46
CA GLY F 42 -8.46 24.78 36.27
C GLY F 42 -8.77 26.27 36.16
N GLY F 43 -8.93 26.75 34.93
CA GLY F 43 -9.25 28.16 34.72
C GLY F 43 -10.62 28.58 35.23
N LEU F 44 -11.58 27.64 35.20
CA LEU F 44 -12.96 27.92 35.66
C LEU F 44 -13.12 28.18 37.14
N ILE F 45 -12.20 27.62 37.93
CA ILE F 45 -12.23 27.77 39.40
C ILE F 45 -11.28 28.85 39.91
N ARG F 46 -11.33 29.09 41.22
CA ARG F 46 -10.49 30.13 41.83
C ARG F 46 -9.00 29.76 41.96
N GLY F 47 -8.15 30.78 41.98
CA GLY F 47 -6.71 30.61 42.08
C GLY F 47 -6.23 29.72 43.21
N LYS F 48 -6.92 29.81 44.34
CA LYS F 48 -6.57 29.01 45.52
C LYS F 48 -6.77 27.49 45.35
N ASN F 49 -7.47 27.08 44.29
CA ASN F 49 -7.75 25.65 44.02
C ASN F 49 -7.32 25.12 42.66
N VAL F 50 -6.66 25.94 41.85
CA VAL F 50 -6.25 25.49 40.52
C VAL F 50 -5.35 24.25 40.54
N LEU F 51 -4.35 24.24 41.43
CA LEU F 51 -3.42 23.10 41.50
C LEU F 51 -4.11 21.77 41.84
N SER F 52 -5.09 21.82 42.76
CA SER F 52 -5.82 20.60 43.15
C SER F 52 -6.52 20.01 41.93
N MET F 53 -7.05 20.89 41.06
CA MET F 53 -7.74 20.45 39.87
C MET F 53 -6.77 19.81 38.88
N LEU F 54 -5.57 20.39 38.79
CA LEU F 54 -4.56 19.87 37.86
C LEU F 54 -3.99 18.57 38.37
N THR F 55 -3.78 18.52 39.69
CA THR F 55 -3.27 17.34 40.38
C THR F 55 -4.30 16.20 40.38
N GLN F 56 -5.58 16.53 40.47
CA GLN F 56 -6.63 15.52 40.48
C GLN F 56 -6.73 14.81 39.15
N VAL F 57 -6.64 15.56 38.06
CA VAL F 57 -6.72 14.99 36.74
C VAL F 57 -5.48 14.14 36.46
N THR F 58 -4.30 14.70 36.75
CA THR F 58 -3.04 13.99 36.54
C THR F 58 -2.96 12.63 37.27
N VAL F 59 -3.27 12.64 38.56
CA VAL F 59 -3.23 11.40 39.34
C VAL F 59 -4.33 10.41 38.92
N THR F 60 -5.55 10.89 38.67
CA THR F 60 -6.64 9.99 38.23
C THR F 60 -6.27 9.37 36.89
N PHE F 61 -5.71 10.18 36.00
CA PHE F 61 -5.25 9.74 34.68
C PHE F 61 -4.23 8.63 34.82
N ALA F 62 -3.24 8.83 35.69
CA ALA F 62 -2.22 7.81 35.92
C ALA F 62 -2.88 6.51 36.42
N LEU F 63 -3.81 6.67 37.37
CA LEU F 63 -4.56 5.56 37.96
C LEU F 63 -5.38 4.77 36.93
N VAL F 64 -6.14 5.50 36.10
CA VAL F 64 -6.97 4.88 35.07
C VAL F 64 -6.10 4.04 34.13
N CYS F 65 -4.99 4.61 33.67
CA CYS F 65 -4.04 3.95 32.78
C CYS F 65 -3.60 2.59 33.29
N ILE F 66 -3.20 2.53 34.57
CA ILE F 66 -2.77 1.26 35.18
C ILE F 66 -3.92 0.26 35.33
N LEU F 67 -5.07 0.71 35.85
CA LEU F 67 -6.22 -0.17 36.03
C LEU F 67 -6.66 -0.76 34.67
N TRP F 68 -6.61 0.05 33.63
CA TRP F 68 -6.99 -0.36 32.28
C TRP F 68 -6.15 -1.50 31.72
N VAL F 69 -4.82 -1.35 31.75
CA VAL F 69 -3.94 -2.41 31.25
C VAL F 69 -3.98 -3.67 32.15
N VAL F 70 -4.08 -3.48 33.46
CA VAL F 70 -4.13 -4.61 34.40
C VAL F 70 -5.36 -5.51 34.19
N TYR F 71 -6.54 -4.91 34.05
CA TYR F 71 -7.77 -5.71 33.84
C TYR F 71 -8.85 -5.02 33.05
N GLY F 72 -8.83 -3.69 33.08
CA GLY F 72 -9.83 -2.84 32.40
C GLY F 72 -10.19 -3.26 30.99
N TYR F 73 -9.17 -3.36 30.14
CA TYR F 73 -9.34 -3.73 28.74
C TYR F 73 -9.94 -5.14 28.55
N SER F 74 -9.41 -6.10 29.30
CA SER F 74 -9.84 -7.48 29.27
C SER F 74 -11.33 -7.61 29.60
N LEU F 75 -11.74 -6.96 30.69
CA LEU F 75 -13.15 -6.99 31.13
C LEU F 75 -14.05 -6.14 30.25
N ALA F 76 -13.47 -5.15 29.59
CA ALA F 76 -14.24 -4.27 28.72
C ALA F 76 -14.39 -4.82 27.32
N PHE F 77 -13.30 -5.36 26.75
CA PHE F 77 -13.34 -5.87 25.37
C PHE F 77 -13.27 -7.37 25.08
N GLY F 78 -12.99 -8.19 26.09
CA GLY F 78 -12.93 -9.64 25.89
C GLY F 78 -14.32 -10.20 25.61
N GLU F 79 -14.41 -11.48 25.28
CA GLU F 79 -15.73 -12.07 25.02
C GLU F 79 -16.33 -12.55 26.34
N GLY F 80 -17.53 -12.08 26.65
CA GLY F 80 -18.23 -12.45 27.88
C GLY F 80 -19.73 -12.45 27.70
N ASN F 81 -20.46 -12.04 28.73
CA ASN F 81 -21.92 -12.00 28.69
C ASN F 81 -22.41 -10.70 28.03
N ASN F 82 -23.40 -10.06 28.63
CA ASN F 82 -23.95 -8.80 28.09
C ASN F 82 -23.49 -7.56 28.88
N PHE F 83 -22.68 -7.79 29.91
CA PHE F 83 -22.18 -6.71 30.78
C PHE F 83 -20.65 -6.67 30.94
N PHE F 84 -20.03 -7.82 31.22
CA PHE F 84 -18.59 -7.92 31.41
C PHE F 84 -17.96 -8.83 30.36
N GLY F 85 -16.63 -8.80 30.25
CA GLY F 85 -15.90 -9.63 29.31
C GLY F 85 -15.33 -10.85 30.02
N ASN F 86 -14.00 -10.90 30.14
CA ASN F 86 -13.30 -12.00 30.83
C ASN F 86 -11.95 -11.54 31.38
N ILE F 87 -11.30 -12.38 32.18
CA ILE F 87 -9.98 -12.03 32.73
C ILE F 87 -8.85 -12.73 31.96
N ASN F 88 -9.11 -12.97 30.67
CA ASN F 88 -8.14 -13.64 29.79
C ASN F 88 -6.97 -12.74 29.42
N TRP F 89 -7.24 -11.44 29.29
CA TRP F 89 -6.24 -10.45 28.92
C TRP F 89 -5.72 -9.63 30.10
N LEU F 90 -5.53 -10.34 31.22
CA LEU F 90 -5.03 -9.74 32.45
C LEU F 90 -3.60 -9.27 32.14
N MET F 91 -3.35 -7.96 32.29
CA MET F 91 -2.06 -7.36 32.02
C MET F 91 -1.57 -7.61 30.59
N LEU F 92 -2.53 -7.67 29.67
CA LEU F 92 -2.31 -7.92 28.24
C LEU F 92 -1.75 -9.30 27.88
N LYS F 93 -1.92 -10.28 28.76
CA LYS F 93 -1.46 -11.64 28.49
C LYS F 93 -2.49 -12.24 27.51
N ASN F 94 -2.03 -13.17 26.67
CA ASN F 94 -2.87 -13.83 25.66
C ASN F 94 -3.09 -13.00 24.40
N ILE F 95 -2.59 -11.77 24.41
CA ILE F 95 -2.68 -10.90 23.25
C ILE F 95 -1.26 -10.85 22.66
N GLU F 96 -1.03 -11.59 21.58
CA GLU F 96 0.30 -11.60 20.95
C GLU F 96 0.56 -10.20 20.37
N LEU F 97 1.81 -9.74 20.44
CA LEU F 97 2.19 -8.42 19.95
C LEU F 97 1.75 -8.16 18.50
N THR F 98 1.62 -9.23 17.71
CA THR F 98 1.21 -9.12 16.29
C THR F 98 -0.29 -9.29 16.05
N ALA F 99 -1.03 -9.55 17.12
CA ALA F 99 -2.48 -9.71 17.06
C ALA F 99 -3.12 -8.52 16.37
N VAL F 100 -3.91 -8.84 15.34
CA VAL F 100 -4.57 -7.81 14.58
C VAL F 100 -6.04 -7.72 14.94
N MET F 101 -6.50 -6.49 15.16
CA MET F 101 -7.88 -6.15 15.49
C MET F 101 -8.34 -5.20 14.38
N GLY F 102 -9.20 -5.66 13.48
CA GLY F 102 -9.66 -4.84 12.37
C GLY F 102 -8.49 -4.79 11.40
N SER F 103 -7.86 -3.62 11.27
CA SER F 103 -6.69 -3.45 10.39
C SER F 103 -5.52 -2.82 11.16
N ILE F 104 -5.69 -2.73 12.49
CA ILE F 104 -4.65 -2.18 13.36
C ILE F 104 -4.19 -3.27 14.33
N TYR F 105 -2.96 -3.12 14.84
CA TYR F 105 -2.44 -4.09 15.81
C TYR F 105 -3.25 -3.89 17.08
N GLN F 106 -3.77 -4.99 17.64
CA GLN F 106 -4.59 -4.92 18.84
C GLN F 106 -4.03 -3.99 19.91
N TYR F 107 -2.71 -4.02 20.11
CA TYR F 107 -2.05 -3.16 21.10
C TYR F 107 -2.39 -1.67 20.95
N ILE F 108 -2.74 -1.27 19.74
CA ILE F 108 -3.11 0.11 19.47
C ILE F 108 -4.55 0.32 19.92
N HIS F 109 -5.38 -0.71 19.73
CA HIS F 109 -6.78 -0.67 20.16
C HIS F 109 -6.82 -0.48 21.68
N VAL F 110 -5.96 -1.20 22.39
CA VAL F 110 -5.87 -1.07 23.86
C VAL F 110 -5.61 0.40 24.25
N ALA F 111 -4.55 0.98 23.69
CA ALA F 111 -4.20 2.38 23.99
C ALA F 111 -5.31 3.36 23.57
N PHE F 112 -5.87 3.16 22.38
CA PHE F 112 -6.95 4.04 21.92
C PHE F 112 -8.13 4.01 22.90
N GLN F 113 -8.63 2.81 23.18
CA GLN F 113 -9.76 2.65 24.11
C GLN F 113 -9.46 3.09 25.54
N GLY F 114 -8.20 2.97 25.95
CA GLY F 114 -7.79 3.37 27.29
C GLY F 114 -7.83 4.88 27.43
N SER F 115 -7.51 5.58 26.34
CA SER F 115 -7.51 7.05 26.34
C SER F 115 -8.92 7.60 26.53
N PHE F 116 -9.92 6.79 26.17
CA PHE F 116 -11.33 7.17 26.33
C PHE F 116 -11.72 7.10 27.80
N ALA F 117 -11.21 6.08 28.47
CA ALA F 117 -11.48 5.88 29.88
C ALA F 117 -10.90 7.04 30.69
N CYS F 118 -9.74 7.56 30.26
CA CYS F 118 -9.08 8.68 30.94
C CYS F 118 -9.90 9.96 30.85
N ILE F 119 -10.32 10.31 29.63
CA ILE F 119 -11.12 11.51 29.42
C ILE F 119 -12.45 11.45 30.19
N THR F 120 -13.09 10.28 30.20
CA THR F 120 -14.35 10.13 30.91
C THR F 120 -14.17 10.47 32.41
N VAL F 121 -13.12 9.93 32.99
CA VAL F 121 -12.81 10.18 34.40
C VAL F 121 -12.40 11.65 34.61
N GLY F 122 -11.71 12.21 33.62
CA GLY F 122 -11.27 13.60 33.66
C GLY F 122 -12.43 14.57 33.64
N LEU F 123 -13.50 14.22 32.95
CA LEU F 123 -14.66 15.10 32.88
C LEU F 123 -15.39 15.24 34.22
N ILE F 124 -15.43 14.16 35.00
CA ILE F 124 -16.14 14.12 36.30
C ILE F 124 -15.62 15.09 37.38
N VAL F 125 -14.31 15.10 37.56
CA VAL F 125 -13.63 15.94 38.56
C VAL F 125 -14.08 17.41 38.64
N GLY F 126 -14.55 17.98 37.52
CA GLY F 126 -15.00 19.37 37.52
C GLY F 126 -16.24 19.62 38.35
N ALA F 127 -17.00 18.57 38.65
CA ALA F 127 -18.22 18.70 39.44
C ALA F 127 -17.94 18.67 40.93
N LEU F 128 -16.78 18.13 41.28
CA LEU F 128 -16.39 17.98 42.67
C LEU F 128 -15.41 19.03 43.14
N ALA F 129 -15.03 19.93 42.25
CA ALA F 129 -14.05 20.97 42.55
C ALA F 129 -14.32 21.81 43.79
N GLU F 130 -13.21 22.30 44.36
CA GLU F 130 -13.16 23.21 45.52
C GLU F 130 -13.56 22.73 46.91
N ARG F 131 -14.07 21.50 47.04
CA ARG F 131 -14.45 20.99 48.38
C ARG F 131 -14.18 19.50 48.65
N ILE F 132 -13.93 18.72 47.60
CA ILE F 132 -13.66 17.29 47.79
C ILE F 132 -12.26 17.02 48.34
N ARG F 133 -12.12 15.89 49.05
CA ARG F 133 -10.84 15.48 49.60
C ARG F 133 -10.12 14.67 48.52
N PHE F 134 -8.82 14.94 48.35
CA PHE F 134 -8.01 14.28 47.33
C PHE F 134 -8.07 12.74 47.39
N SER F 135 -7.79 12.16 48.56
CA SER F 135 -7.82 10.70 48.74
C SER F 135 -9.19 10.09 48.42
N ALA F 136 -10.23 10.85 48.71
CA ALA F 136 -11.61 10.43 48.44
C ALA F 136 -11.85 10.26 46.95
N VAL F 137 -11.24 11.14 46.15
CA VAL F 137 -11.44 11.09 44.70
C VAL F 137 -10.85 9.82 44.09
N LEU F 138 -9.67 9.44 44.56
CA LEU F 138 -8.97 8.23 44.13
C LEU F 138 -9.82 6.98 44.40
N ILE F 139 -10.40 6.93 45.59
CA ILE F 139 -11.26 5.81 45.97
C ILE F 139 -12.44 5.71 44.99
N PHE F 140 -13.09 6.85 44.75
CA PHE F 140 -14.22 6.90 43.83
C PHE F 140 -13.88 6.37 42.46
N VAL F 141 -12.79 6.88 41.89
CA VAL F 141 -12.32 6.53 40.55
C VAL F 141 -12.16 5.03 40.35
N VAL F 142 -11.61 4.36 41.35
CA VAL F 142 -11.39 2.92 41.31
C VAL F 142 -12.71 2.14 41.25
N VAL F 143 -13.70 2.56 42.02
CA VAL F 143 -15.00 1.88 42.04
C VAL F 143 -15.82 2.19 40.78
N TRP F 144 -15.75 3.44 40.31
CA TRP F 144 -16.51 3.89 39.15
C TRP F 144 -16.02 3.36 37.80
N LEU F 145 -14.71 3.36 37.62
CA LEU F 145 -14.10 2.85 36.43
C LEU F 145 -14.45 1.37 36.27
N THR F 146 -14.17 0.62 37.34
CA THR F 146 -14.37 -0.80 37.40
C THR F 146 -15.81 -1.29 37.26
N LEU F 147 -16.70 -0.76 38.08
CA LEU F 147 -18.10 -1.18 38.06
C LEU F 147 -19.03 -0.38 37.14
N SER F 148 -18.57 0.74 36.57
CA SER F 148 -19.45 1.54 35.69
C SER F 148 -18.91 1.79 34.29
N TYR F 149 -17.72 2.35 34.17
CA TYR F 149 -17.19 2.61 32.84
C TYR F 149 -16.96 1.29 32.07
N ILE F 150 -16.32 0.33 32.72
CA ILE F 150 -16.03 -0.96 32.08
C ILE F 150 -17.27 -1.70 31.56
N PRO F 151 -18.27 -2.00 32.43
CA PRO F 151 -19.49 -2.63 31.88
C PRO F 151 -20.23 -1.84 30.79
N ILE F 152 -20.33 -0.52 30.94
CA ILE F 152 -21.02 0.32 29.94
C ILE F 152 -20.28 0.29 28.60
N ALA F 153 -18.95 0.26 28.65
CA ALA F 153 -18.16 0.19 27.42
C ALA F 153 -18.40 -1.18 26.77
N HIS F 154 -18.54 -2.21 27.60
CA HIS F 154 -18.78 -3.55 27.07
C HIS F 154 -20.18 -3.64 26.42
N MET F 155 -21.15 -2.95 27.02
CA MET F 155 -22.53 -2.96 26.54
C MET F 155 -22.73 -2.26 25.18
N VAL F 156 -22.09 -1.10 25.01
CA VAL F 156 -22.22 -0.33 23.77
C VAL F 156 -21.22 -0.70 22.70
N TRP F 157 -19.96 -0.88 23.09
CA TRP F 157 -18.89 -1.20 22.14
C TRP F 157 -18.24 -2.59 22.23
N GLY F 158 -18.55 -3.37 23.27
CA GLY F 158 -17.96 -4.71 23.43
C GLY F 158 -18.87 -5.87 23.09
N GLY F 159 -19.85 -5.61 22.22
CA GLY F 159 -20.82 -6.62 21.79
C GLY F 159 -21.80 -7.04 22.87
N GLY F 160 -22.08 -6.12 23.79
CA GLY F 160 -23.00 -6.34 24.89
C GLY F 160 -24.46 -6.05 24.63
N LEU F 161 -25.21 -5.87 25.71
CA LEU F 161 -26.67 -5.60 25.70
C LEU F 161 -27.13 -4.50 24.73
N LEU F 162 -26.53 -3.32 24.80
CA LEU F 162 -26.93 -2.20 23.93
C LEU F 162 -26.52 -2.39 22.47
N ALA F 163 -25.33 -2.93 22.25
CA ALA F 163 -24.82 -3.19 20.91
C ALA F 163 -25.75 -4.18 20.22
N SER F 164 -26.05 -5.29 20.91
CA SER F 164 -26.93 -6.35 20.39
C SER F 164 -28.36 -5.85 20.09
N HIS F 165 -28.71 -4.66 20.58
CA HIS F 165 -30.03 -4.08 20.35
C HIS F 165 -30.01 -3.13 19.14
N GLY F 166 -28.81 -2.78 18.68
CA GLY F 166 -28.64 -1.91 17.54
C GLY F 166 -28.51 -0.43 17.88
N ALA F 167 -27.95 -0.15 19.06
CA ALA F 167 -27.76 1.21 19.53
C ALA F 167 -26.73 1.93 18.68
N LEU F 168 -26.98 3.21 18.43
CA LEU F 168 -26.09 4.03 17.66
C LEU F 168 -25.36 5.00 18.58
N ASP F 169 -24.06 4.78 18.74
CA ASP F 169 -23.18 5.64 19.54
C ASP F 169 -21.77 5.51 18.96
N PHE F 170 -21.48 6.36 17.98
CA PHE F 170 -20.21 6.36 17.28
C PHE F 170 -18.97 6.63 18.11
N ALA F 171 -18.98 7.70 18.92
CA ALA F 171 -17.78 8.02 19.69
C ALA F 171 -17.89 8.17 21.19
N GLY F 172 -19.06 7.93 21.77
CA GLY F 172 -19.19 8.03 23.23
C GLY F 172 -20.28 8.85 23.90
N GLY F 173 -21.39 9.11 23.21
CA GLY F 173 -22.49 9.86 23.80
C GLY F 173 -22.89 9.22 25.13
N THR F 174 -23.10 7.90 25.13
CA THR F 174 -23.45 7.22 26.36
C THR F 174 -22.20 6.89 27.19
N VAL F 175 -21.32 6.08 26.61
CA VAL F 175 -20.09 5.63 27.25
C VAL F 175 -19.26 6.75 27.90
N VAL F 176 -19.16 7.90 27.24
CA VAL F 176 -18.36 9.03 27.74
C VAL F 176 -19.12 10.19 28.39
N HIS F 177 -20.03 10.80 27.64
CA HIS F 177 -20.75 11.98 28.13
C HIS F 177 -21.81 11.84 29.20
N ILE F 178 -22.86 11.09 28.91
CA ILE F 178 -23.95 10.85 29.86
C ILE F 178 -23.41 10.07 31.06
N ASN F 179 -22.52 9.11 30.80
CA ASN F 179 -21.87 8.31 31.82
C ASN F 179 -21.14 9.19 32.84
N ALA F 180 -20.36 10.15 32.36
CA ALA F 180 -19.60 11.04 33.25
C ALA F 180 -20.47 12.12 33.89
N ALA F 181 -21.36 12.71 33.08
CA ALA F 181 -22.24 13.76 33.56
C ALA F 181 -23.06 13.34 34.79
N ILE F 182 -23.54 12.10 34.80
CA ILE F 182 -24.34 11.58 35.92
C ILE F 182 -23.45 11.37 37.15
N ALA F 183 -22.27 10.79 36.94
CA ALA F 183 -21.34 10.55 38.03
C ALA F 183 -21.04 11.91 38.68
N GLY F 184 -20.88 12.92 37.84
CA GLY F 184 -20.62 14.29 38.28
C GLY F 184 -21.78 14.83 39.10
N LEU F 185 -23.00 14.73 38.55
CA LEU F 185 -24.22 15.20 39.22
C LEU F 185 -24.40 14.59 40.61
N VAL F 186 -24.30 13.27 40.70
CA VAL F 186 -24.47 12.57 41.97
C VAL F 186 -23.42 13.01 42.99
N GLY F 187 -22.17 13.14 42.55
CA GLY F 187 -21.06 13.58 43.41
C GLY F 187 -21.27 14.99 43.95
N ALA F 188 -21.62 15.91 43.06
CA ALA F 188 -21.88 17.30 43.43
C ALA F 188 -23.05 17.38 44.42
N TYR F 189 -24.06 16.55 44.20
CA TYR F 189 -25.21 16.54 45.08
C TYR F 189 -24.85 16.04 46.49
N LEU F 190 -24.12 14.94 46.58
CA LEU F 190 -23.73 14.36 47.86
C LEU F 190 -22.75 15.21 48.69
N ILE F 191 -21.74 15.78 48.04
CA ILE F 191 -20.73 16.61 48.74
C ILE F 191 -21.32 17.89 49.29
N GLY F 192 -22.31 18.44 48.61
CA GLY F 192 -22.96 19.65 49.06
C GLY F 192 -22.42 20.90 48.41
N LYS F 193 -23.13 22.00 48.63
CA LYS F 193 -22.81 23.32 48.09
C LYS F 193 -21.54 23.89 48.68
N ARG F 194 -20.80 24.64 47.85
CA ARG F 194 -19.58 25.29 48.28
C ARG F 194 -19.92 26.32 49.32
N VAL F 195 -19.03 26.50 50.31
CA VAL F 195 -19.27 27.47 51.37
C VAL F 195 -19.21 28.86 50.74
N GLY F 196 -20.16 29.70 51.10
CA GLY F 196 -20.26 31.07 50.56
C GLY F 196 -21.17 31.20 49.34
N PHE F 197 -21.93 30.15 49.04
CA PHE F 197 -22.86 30.07 47.89
C PHE F 197 -24.01 31.08 47.95
N GLY F 198 -23.71 32.34 47.64
CA GLY F 198 -24.74 33.37 47.67
C GLY F 198 -24.21 34.75 48.00
N LYS F 199 -23.27 34.83 48.95
CA LYS F 199 -22.70 36.12 49.35
C LYS F 199 -21.31 36.38 48.78
N GLU F 200 -20.57 35.31 48.49
CA GLU F 200 -19.21 35.42 47.97
C GLU F 200 -19.16 35.21 46.45
N ALA F 201 -18.13 35.75 45.80
CA ALA F 201 -17.96 35.62 44.35
C ALA F 201 -17.20 34.35 43.98
N PHE F 202 -17.61 33.72 42.88
CA PHE F 202 -16.96 32.49 42.41
C PHE F 202 -16.60 32.62 40.93
N LYS F 203 -15.85 33.68 40.60
CA LYS F 203 -15.43 33.95 39.22
C LYS F 203 -14.29 33.04 38.76
N PRO F 204 -14.27 32.69 37.45
CA PRO F 204 -13.10 31.99 36.91
C PRO F 204 -11.89 32.86 37.15
N HIS F 205 -10.80 32.25 37.60
CA HIS F 205 -9.60 33.01 37.91
C HIS F 205 -8.74 33.30 36.69
N ASN F 206 -8.86 32.45 35.68
CA ASN F 206 -8.07 32.57 34.48
C ASN F 206 -8.85 32.18 33.24
N LEU F 207 -9.54 33.14 32.64
CA LEU F 207 -10.33 32.84 31.45
C LEU F 207 -9.50 32.52 30.19
N PRO F 208 -8.33 33.20 29.99
CA PRO F 208 -7.50 32.76 28.87
C PRO F 208 -7.03 31.30 29.04
N MET F 209 -6.82 30.86 30.29
CA MET F 209 -6.43 29.47 30.56
C MET F 209 -7.58 28.55 30.14
N VAL F 210 -8.82 28.99 30.42
CA VAL F 210 -10.03 28.24 30.08
C VAL F 210 -10.08 28.00 28.57
N PHE F 211 -9.86 29.07 27.82
CA PHE F 211 -9.84 29.05 26.36
C PHE F 211 -8.82 28.06 25.83
N THR F 212 -7.60 28.14 26.37
CA THR F 212 -6.49 27.25 26.00
C THR F 212 -6.90 25.79 26.18
N GLY F 213 -7.56 25.49 27.30
CA GLY F 213 -8.01 24.13 27.56
C GLY F 213 -9.04 23.71 26.54
N THR F 214 -10.01 24.61 26.28
CA THR F 214 -11.10 24.40 25.32
C THR F 214 -10.54 24.09 23.93
N ALA F 215 -9.50 24.81 23.56
CA ALA F 215 -8.88 24.64 22.25
C ALA F 215 -8.22 23.27 22.15
N ILE F 216 -7.52 22.89 23.20
CA ILE F 216 -6.82 21.60 23.24
C ILE F 216 -7.86 20.49 23.15
N LEU F 217 -9.02 20.69 23.80
CA LEU F 217 -10.09 19.71 23.76
C LEU F 217 -10.63 19.59 22.34
N TYR F 218 -10.83 20.73 21.69
CA TYR F 218 -11.31 20.74 20.32
C TYR F 218 -10.35 19.96 19.42
N ILE F 219 -9.10 20.42 19.33
CA ILE F 219 -8.09 19.74 18.50
C ILE F 219 -8.07 18.24 18.78
N GLY F 220 -7.92 17.87 20.07
CA GLY F 220 -7.89 16.47 20.47
C GLY F 220 -9.12 15.64 20.12
N TRP F 221 -10.29 16.30 20.09
CA TRP F 221 -11.57 15.66 19.77
C TRP F 221 -11.59 15.09 18.34
N PHE F 222 -10.61 15.47 17.53
CA PHE F 222 -10.53 14.98 16.16
C PHE F 222 -10.04 13.53 16.17
N GLY F 223 -9.10 13.22 17.07
CA GLY F 223 -8.61 11.86 17.21
C GLY F 223 -9.74 11.03 17.83
N PHE F 224 -10.47 11.67 18.73
CA PHE F 224 -11.61 11.10 19.45
C PHE F 224 -12.72 10.69 18.46
N ASN F 225 -13.24 11.66 17.71
CA ASN F 225 -14.32 11.39 16.74
C ASN F 225 -13.89 10.61 15.51
N ALA F 226 -12.88 11.09 14.77
CA ALA F 226 -12.42 10.39 13.55
C ALA F 226 -11.73 9.04 13.84
N GLY F 227 -10.95 8.99 14.91
CA GLY F 227 -10.28 7.75 15.27
C GLY F 227 -11.27 6.64 15.61
N SER F 228 -12.51 7.03 15.94
CA SER F 228 -13.57 6.07 16.27
C SER F 228 -14.03 5.28 15.03
N ALA F 229 -13.46 5.60 13.89
CA ALA F 229 -13.77 4.89 12.66
C ALA F 229 -12.79 3.72 12.60
N GLY F 230 -11.70 3.84 13.36
CA GLY F 230 -10.65 2.81 13.47
C GLY F 230 -9.75 2.61 12.27
N THR F 231 -9.87 3.51 11.29
CA THR F 231 -9.10 3.45 10.04
C THR F 231 -9.22 4.80 9.33
N ALA F 232 -8.19 5.17 8.57
CA ALA F 232 -8.17 6.45 7.85
C ALA F 232 -8.93 6.29 6.56
N ASN F 233 -10.24 6.10 6.68
CA ASN F 233 -11.13 5.89 5.55
C ASN F 233 -12.14 7.03 5.36
N GLU F 234 -13.19 6.77 4.58
CA GLU F 234 -14.22 7.79 4.33
C GLU F 234 -15.10 8.07 5.53
N ILE F 235 -15.25 7.08 6.43
CA ILE F 235 -16.08 7.25 7.64
C ILE F 235 -15.36 8.22 8.58
N ALA F 236 -14.04 8.06 8.70
CA ALA F 236 -13.24 8.93 9.53
C ALA F 236 -13.30 10.35 8.98
N ALA F 237 -13.32 10.45 7.64
CA ALA F 237 -13.41 11.72 6.93
C ALA F 237 -14.77 12.42 7.16
N LEU F 238 -15.84 11.64 7.22
CA LEU F 238 -17.18 12.15 7.47
C LEU F 238 -17.20 12.70 8.90
N ALA F 239 -16.71 11.89 9.84
CA ALA F 239 -16.66 12.25 11.27
C ALA F 239 -15.80 13.48 11.53
N PHE F 240 -14.76 13.66 10.73
CA PHE F 240 -13.87 14.78 10.87
C PHE F 240 -14.59 16.06 10.44
N VAL F 241 -15.20 16.02 9.26
CA VAL F 241 -15.92 17.16 8.75
C VAL F 241 -17.08 17.56 9.64
N ASN F 242 -17.79 16.56 10.16
CA ASN F 242 -18.93 16.79 11.04
C ASN F 242 -18.53 17.39 12.39
N THR F 243 -17.32 17.06 12.85
CA THR F 243 -16.81 17.60 14.08
C THR F 243 -16.61 19.10 13.87
N VAL F 244 -16.06 19.47 12.73
CA VAL F 244 -15.83 20.87 12.38
C VAL F 244 -17.14 21.68 12.29
N VAL F 245 -18.15 21.11 11.62
CA VAL F 245 -19.43 21.75 11.41
C VAL F 245 -20.29 21.93 12.67
N ALA F 246 -20.46 20.86 13.43
CA ALA F 246 -21.27 20.91 14.67
C ALA F 246 -20.71 21.86 15.73
N THR F 247 -19.38 21.94 15.84
CA THR F 247 -18.72 22.81 16.82
C THR F 247 -18.97 24.27 16.45
N ALA F 248 -18.74 24.62 15.18
CA ALA F 248 -18.96 25.98 14.71
C ALA F 248 -20.42 26.41 14.91
N ALA F 249 -21.34 25.52 14.56
CA ALA F 249 -22.78 25.78 14.69
C ALA F 249 -23.18 25.99 16.15
N ALA F 250 -22.54 25.25 17.05
CA ALA F 250 -22.83 25.35 18.46
C ALA F 250 -22.31 26.64 19.08
N ILE F 251 -21.11 27.07 18.66
CA ILE F 251 -20.50 28.31 19.13
C ILE F 251 -21.46 29.43 18.76
N LEU F 252 -21.90 29.41 17.50
CA LEU F 252 -22.81 30.40 16.97
C LEU F 252 -24.16 30.33 17.68
N GLY F 253 -24.68 29.12 17.86
CA GLY F 253 -25.96 28.92 18.55
C GLY F 253 -25.90 29.54 19.93
N TRP F 254 -24.90 29.14 20.72
CA TRP F 254 -24.71 29.66 22.06
C TRP F 254 -24.56 31.19 22.05
N ILE F 255 -23.57 31.67 21.29
CA ILE F 255 -23.25 33.10 21.20
C ILE F 255 -24.46 34.01 20.93
N PHE F 256 -25.29 33.64 19.97
CA PHE F 256 -26.47 34.45 19.64
C PHE F 256 -27.62 34.25 20.63
N GLY F 257 -27.63 33.09 21.29
CA GLY F 257 -28.65 32.81 22.29
C GLY F 257 -28.31 33.71 23.47
N GLU F 258 -27.09 33.54 23.96
CA GLU F 258 -26.58 34.32 25.08
C GLU F 258 -26.68 35.83 24.81
N TRP F 259 -26.34 36.23 23.60
CA TRP F 259 -26.37 37.63 23.19
C TRP F 259 -27.79 38.21 23.22
N ALA F 260 -28.76 37.45 22.73
CA ALA F 260 -30.15 37.93 22.72
C ALA F 260 -30.78 37.97 24.11
N LEU F 261 -30.46 36.96 24.92
CA LEU F 261 -30.99 36.81 26.29
C LEU F 261 -30.30 37.63 27.38
N ARG F 262 -28.98 37.75 27.29
CA ARG F 262 -28.22 38.46 28.30
C ARG F 262 -27.51 39.75 27.86
N GLY F 263 -27.76 40.18 26.62
CA GLY F 263 -27.17 41.40 26.10
C GLY F 263 -25.73 41.38 25.58
N LYS F 264 -24.92 40.42 26.02
CA LYS F 264 -23.51 40.33 25.58
C LYS F 264 -23.03 38.93 25.19
N PRO F 265 -22.26 38.84 24.09
CA PRO F 265 -21.62 37.57 23.73
C PRO F 265 -20.32 37.35 24.53
N SER F 266 -20.24 36.27 25.30
CA SER F 266 -19.05 36.04 26.13
C SER F 266 -18.05 34.99 25.65
N LEU F 267 -16.81 35.14 26.10
CA LEU F 267 -15.76 34.19 25.76
C LEU F 267 -16.11 32.82 26.38
N LEU F 268 -16.49 32.82 27.67
CA LEU F 268 -16.89 31.60 28.33
C LEU F 268 -18.04 30.99 27.55
N GLY F 269 -18.90 31.84 27.00
CA GLY F 269 -20.03 31.39 26.19
C GLY F 269 -19.56 30.71 24.92
N ALA F 270 -18.64 31.35 24.19
CA ALA F 270 -18.10 30.80 22.95
C ALA F 270 -17.43 29.44 23.21
N CYS F 271 -16.62 29.37 24.25
CA CYS F 271 -15.95 28.13 24.63
C CYS F 271 -16.97 27.05 25.03
N SER F 272 -17.98 27.44 25.79
CA SER F 272 -19.02 26.52 26.22
C SER F 272 -19.78 25.99 24.99
N GLY F 273 -20.01 26.86 24.01
CA GLY F 273 -20.69 26.45 22.79
C GLY F 273 -19.86 25.40 22.08
N ALA F 274 -18.55 25.64 21.97
CA ALA F 274 -17.65 24.69 21.33
C ALA F 274 -17.82 23.27 21.90
N ILE F 275 -17.75 23.18 23.23
CA ILE F 275 -17.89 21.91 23.94
C ILE F 275 -19.27 21.26 23.73
N ALA F 276 -20.33 22.05 23.82
CA ALA F 276 -21.70 21.54 23.62
C ALA F 276 -21.82 20.84 22.25
N GLY F 277 -21.31 21.50 21.21
CA GLY F 277 -21.34 20.99 19.85
C GLY F 277 -20.55 19.72 19.66
N LEU F 278 -19.39 19.65 20.33
CA LEU F 278 -18.51 18.49 20.27
C LEU F 278 -19.19 17.31 20.97
N VAL F 279 -19.80 17.60 22.12
CA VAL F 279 -20.53 16.61 22.90
C VAL F 279 -21.74 16.12 22.10
N GLY F 280 -22.49 17.05 21.54
CA GLY F 280 -23.69 16.70 20.78
C GLY F 280 -23.44 15.81 19.57
N VAL F 281 -22.34 16.07 18.86
CA VAL F 281 -22.01 15.31 17.66
C VAL F 281 -21.25 14.01 17.92
N THR F 282 -20.70 13.86 19.13
CA THR F 282 -19.92 12.66 19.51
C THR F 282 -20.62 11.32 19.22
N PRO F 283 -21.90 11.18 19.59
CA PRO F 283 -22.51 9.91 19.20
C PRO F 283 -22.97 9.85 17.73
N ALA F 284 -23.13 11.02 17.11
CA ALA F 284 -23.61 11.13 15.73
C ALA F 284 -22.61 11.20 14.57
N CYS F 285 -21.50 11.90 14.77
CA CYS F 285 -20.46 12.14 13.75
C CYS F 285 -20.21 11.12 12.64
N GLY F 286 -20.11 9.84 12.98
CA GLY F 286 -19.88 8.81 11.96
C GLY F 286 -21.10 8.37 11.18
N TYR F 287 -22.29 8.66 11.71
CA TYR F 287 -23.57 8.27 11.08
C TYR F 287 -24.37 9.31 10.30
N ILE F 288 -24.12 10.61 10.52
CA ILE F 288 -24.89 11.67 9.86
C ILE F 288 -24.18 12.44 8.75
N GLY F 289 -24.96 13.23 8.00
CA GLY F 289 -24.42 14.04 6.92
C GLY F 289 -24.13 15.43 7.48
N VAL F 290 -23.47 16.26 6.67
CA VAL F 290 -23.12 17.63 7.06
C VAL F 290 -24.33 18.50 7.47
N GLY F 291 -25.46 18.31 6.78
CA GLY F 291 -26.68 19.06 7.08
C GLY F 291 -27.14 18.78 8.50
N GLY F 292 -27.24 17.50 8.84
CA GLY F 292 -27.65 17.05 10.18
C GLY F 292 -26.70 17.53 11.25
N ALA F 293 -25.40 17.56 10.93
CA ALA F 293 -24.36 18.01 11.89
C ALA F 293 -24.52 19.49 12.25
N LEU F 294 -25.02 20.28 11.31
CA LEU F 294 -25.23 21.69 11.51
C LEU F 294 -26.44 21.90 12.43
N ILE F 295 -27.53 21.18 12.16
CA ILE F 295 -28.74 21.24 12.98
C ILE F 295 -28.41 20.75 14.41
N ILE F 296 -27.73 19.61 14.51
CA ILE F 296 -27.34 19.07 15.82
C ILE F 296 -26.50 20.08 16.61
N GLY F 297 -25.62 20.79 15.91
CA GLY F 297 -24.77 21.79 16.54
C GLY F 297 -25.56 22.93 17.15
N VAL F 298 -26.41 23.56 16.34
CA VAL F 298 -27.22 24.69 16.80
C VAL F 298 -28.05 24.32 18.04
N VAL F 299 -28.74 23.19 17.95
CA VAL F 299 -29.58 22.67 19.02
C VAL F 299 -28.76 22.34 20.28
N ALA F 300 -27.59 21.73 20.10
CA ALA F 300 -26.70 21.40 21.22
C ALA F 300 -26.21 22.65 21.96
N GLY F 301 -25.85 23.69 21.21
CA GLY F 301 -25.38 24.93 21.80
C GLY F 301 -26.47 25.54 22.65
N LEU F 302 -27.67 25.68 22.06
CA LEU F 302 -28.83 26.24 22.74
C LEU F 302 -29.21 25.42 23.95
N ALA F 303 -29.15 24.10 23.82
CA ALA F 303 -29.49 23.19 24.92
C ALA F 303 -28.51 23.35 26.08
N GLY F 304 -27.23 23.47 25.74
CA GLY F 304 -26.18 23.67 26.72
C GLY F 304 -26.47 24.98 27.45
N LEU F 305 -26.77 26.03 26.69
CA LEU F 305 -27.08 27.35 27.26
C LEU F 305 -28.18 27.24 28.31
N TRP F 306 -29.26 26.56 27.95
CA TRP F 306 -30.38 26.31 28.85
C TRP F 306 -29.95 25.45 30.05
N GLY F 307 -29.08 24.48 29.79
CA GLY F 307 -28.59 23.56 30.81
C GLY F 307 -27.83 24.23 31.94
N VAL F 308 -27.03 25.25 31.62
CA VAL F 308 -26.25 25.98 32.63
C VAL F 308 -27.01 27.18 33.19
N THR F 309 -28.19 27.45 32.64
CA THR F 309 -28.99 28.57 33.07
C THR F 309 -30.29 28.14 33.79
N MET F 310 -31.30 27.76 33.03
CA MET F 310 -32.59 27.35 33.60
C MET F 310 -32.59 25.95 34.24
N LEU F 311 -31.83 25.01 33.67
CA LEU F 311 -31.79 23.65 34.20
C LEU F 311 -30.98 23.56 35.50
N LYS F 312 -29.91 24.34 35.61
CA LYS F 312 -29.10 24.34 36.83
C LYS F 312 -29.90 24.87 38.02
N ARG F 313 -30.76 25.87 37.80
CA ARG F 313 -31.59 26.41 38.87
C ARG F 313 -32.63 25.38 39.32
N LEU F 314 -33.16 24.60 38.37
CA LEU F 314 -34.16 23.58 38.65
C LEU F 314 -33.63 22.42 39.49
N LEU F 315 -32.38 22.01 39.25
CA LEU F 315 -31.79 20.90 40.01
C LEU F 315 -31.14 21.30 41.34
N ARG F 316 -30.88 22.59 41.51
CA ARG F 316 -30.27 23.13 42.75
C ARG F 316 -29.04 22.36 43.27
N VAL F 317 -28.11 22.06 42.38
CA VAL F 317 -26.88 21.34 42.72
C VAL F 317 -25.68 22.23 42.37
N ASP F 318 -24.65 22.21 43.21
CA ASP F 318 -23.47 23.03 42.96
C ASP F 318 -22.41 22.30 42.12
N ASP F 319 -22.58 22.40 40.80
CA ASP F 319 -21.71 21.79 39.80
C ASP F 319 -20.88 22.94 39.26
N PRO F 320 -19.70 23.19 39.86
CA PRO F 320 -18.91 24.39 39.56
C PRO F 320 -18.48 24.48 38.11
N CYS F 321 -18.20 23.34 37.49
CA CYS F 321 -17.77 23.35 36.11
C CYS F 321 -18.89 23.00 35.12
N ASP F 322 -20.11 22.91 35.62
CA ASP F 322 -21.30 22.61 34.81
C ASP F 322 -21.14 21.37 33.92
N VAL F 323 -20.65 20.28 34.52
CA VAL F 323 -20.43 19.01 33.83
C VAL F 323 -21.74 18.43 33.27
N PHE F 324 -22.80 18.41 34.08
CA PHE F 324 -24.09 17.87 33.63
C PHE F 324 -24.86 18.77 32.66
N GLY F 325 -24.78 20.08 32.88
CA GLY F 325 -25.48 21.04 32.02
C GLY F 325 -24.96 21.01 30.59
N VAL F 326 -23.72 20.57 30.43
CA VAL F 326 -23.12 20.50 29.11
C VAL F 326 -23.06 19.08 28.57
N HIS F 327 -22.41 18.18 29.31
CA HIS F 327 -22.21 16.79 28.89
C HIS F 327 -23.44 15.90 29.05
N GLY F 328 -24.28 16.21 30.03
CA GLY F 328 -25.49 15.44 30.27
C GLY F 328 -26.59 15.85 29.32
N VAL F 329 -26.89 17.14 29.31
CA VAL F 329 -27.93 17.70 28.45
C VAL F 329 -27.61 17.50 26.98
N CYS F 330 -26.40 17.84 26.58
CA CYS F 330 -25.99 17.70 25.18
C CYS F 330 -25.77 16.26 24.72
N GLY F 331 -25.34 15.41 25.66
CA GLY F 331 -25.13 14.00 25.36
C GLY F 331 -26.47 13.36 25.07
N ILE F 332 -27.45 13.58 25.94
CA ILE F 332 -28.80 13.03 25.79
C ILE F 332 -29.35 13.47 24.43
N VAL F 333 -29.25 14.78 24.18
CA VAL F 333 -29.69 15.43 22.94
C VAL F 333 -29.05 14.76 21.71
N GLY F 334 -27.73 14.57 21.78
CA GLY F 334 -26.95 13.95 20.70
C GLY F 334 -27.40 12.55 20.38
N CYS F 335 -27.59 11.73 21.43
CA CYS F 335 -28.02 10.35 21.27
C CYS F 335 -29.41 10.22 20.69
N ILE F 336 -30.27 11.21 20.97
CA ILE F 336 -31.64 11.22 20.47
C ILE F 336 -31.66 11.68 19.01
N MET F 337 -30.92 12.74 18.70
CA MET F 337 -30.86 13.27 17.34
C MET F 337 -30.08 12.37 16.37
N THR F 338 -29.31 11.43 16.93
CA THR F 338 -28.56 10.45 16.14
C THR F 338 -29.58 9.49 15.56
N GLY F 339 -30.61 9.19 16.33
CA GLY F 339 -31.66 8.28 15.91
C GLY F 339 -32.59 8.87 14.88
N ILE F 340 -32.38 10.15 14.58
CA ILE F 340 -33.20 10.83 13.58
C ILE F 340 -32.39 11.11 12.32
N PHE F 341 -31.26 11.80 12.49
CA PHE F 341 -30.41 12.20 11.37
C PHE F 341 -29.54 11.12 10.72
N ALA F 342 -29.54 9.91 11.29
CA ALA F 342 -28.80 8.78 10.73
C ALA F 342 -29.55 8.20 9.54
N ALA F 343 -30.83 8.57 9.42
CA ALA F 343 -31.69 8.08 8.32
C ALA F 343 -31.16 8.54 6.98
N SER F 344 -31.30 7.69 5.97
CA SER F 344 -30.85 8.00 4.60
C SER F 344 -31.60 9.21 4.05
N SER F 345 -32.89 9.32 4.32
CA SER F 345 -33.71 10.43 3.83
C SER F 345 -33.34 11.83 4.38
N LEU F 346 -32.50 11.88 5.40
CA LEU F 346 -32.07 13.17 5.97
C LEU F 346 -30.57 13.42 5.77
N GLY F 347 -29.97 12.70 4.82
CA GLY F 347 -28.54 12.85 4.54
C GLY F 347 -27.64 11.91 5.33
N GLY F 348 -28.25 11.03 6.12
CA GLY F 348 -27.48 10.07 6.93
C GLY F 348 -26.92 8.88 6.17
N VAL F 349 -26.23 8.03 6.90
CA VAL F 349 -25.62 6.84 6.32
C VAL F 349 -26.63 5.67 6.24
N GLY F 350 -27.78 5.83 6.89
CA GLY F 350 -28.87 4.85 6.92
C GLY F 350 -28.81 3.96 8.15
N PHE F 351 -29.97 3.45 8.57
CA PHE F 351 -30.05 2.55 9.72
C PHE F 351 -29.66 1.16 9.26
N ALA F 352 -29.60 0.21 10.19
CA ALA F 352 -29.28 -1.17 9.85
C ALA F 352 -30.52 -1.72 9.13
N GLU F 353 -30.32 -2.62 8.18
CA GLU F 353 -31.44 -3.17 7.41
C GLU F 353 -32.61 -3.66 8.25
N GLY F 354 -33.82 -3.23 7.89
CA GLY F 354 -35.02 -3.61 8.62
C GLY F 354 -35.33 -2.77 9.87
N VAL F 355 -34.54 -1.72 10.11
CA VAL F 355 -34.76 -0.84 11.26
C VAL F 355 -35.38 0.49 10.81
N THR F 356 -36.48 0.84 11.46
CA THR F 356 -37.22 2.06 11.17
C THR F 356 -36.79 3.13 12.17
N MET F 357 -37.18 4.38 11.92
CA MET F 357 -36.83 5.49 12.81
C MET F 357 -37.47 5.38 14.19
N GLY F 358 -38.75 5.04 14.22
CA GLY F 358 -39.48 4.89 15.48
C GLY F 358 -38.76 3.89 16.36
N HIS F 359 -38.33 2.78 15.75
CA HIS F 359 -37.61 1.73 16.47
C HIS F 359 -36.25 2.21 16.97
N GLN F 360 -35.46 2.81 16.09
CA GLN F 360 -34.15 3.31 16.47
C GLN F 360 -34.25 4.29 17.64
N LEU F 361 -35.23 5.19 17.57
CA LEU F 361 -35.43 6.17 18.63
C LEU F 361 -35.62 5.51 20.00
N LEU F 362 -36.49 4.50 20.09
CA LEU F 362 -36.72 3.78 21.34
C LEU F 362 -35.46 3.10 21.88
N VAL F 363 -34.63 2.61 20.96
CA VAL F 363 -33.38 1.94 21.30
C VAL F 363 -32.36 2.95 21.85
N GLN F 364 -32.43 4.18 21.36
CA GLN F 364 -31.52 5.22 21.83
C GLN F 364 -31.99 5.60 23.22
N LEU F 365 -33.31 5.73 23.38
CA LEU F 365 -33.91 6.10 24.67
C LEU F 365 -33.56 5.07 25.72
N GLU F 366 -33.66 3.80 25.35
CA GLU F 366 -33.32 2.68 26.22
C GLU F 366 -31.87 2.82 26.68
N SER F 367 -30.99 3.10 25.72
CA SER F 367 -29.57 3.27 25.99
C SER F 367 -29.27 4.38 27.01
N ILE F 368 -29.89 5.55 26.80
CA ILE F 368 -29.73 6.71 27.67
C ILE F 368 -30.21 6.37 29.08
N ALA F 369 -31.39 5.76 29.14
CA ALA F 369 -32.01 5.36 30.40
C ALA F 369 -31.15 4.40 31.20
N ILE F 370 -30.62 3.37 30.53
CA ILE F 370 -29.78 2.36 31.20
C ILE F 370 -28.50 2.99 31.77
N THR F 371 -27.86 3.83 30.97
CA THR F 371 -26.63 4.52 31.34
C THR F 371 -26.83 5.43 32.55
N ILE F 372 -27.93 6.19 32.55
CA ILE F 372 -28.23 7.09 33.68
C ILE F 372 -28.30 6.31 34.99
N VAL F 373 -29.17 5.31 35.03
CA VAL F 373 -29.35 4.49 36.22
C VAL F 373 -28.06 3.77 36.65
N TRP F 374 -27.37 3.16 35.70
CA TRP F 374 -26.13 2.42 35.97
C TRP F 374 -25.03 3.30 36.57
N SER F 375 -24.69 4.39 35.89
CA SER F 375 -23.68 5.30 36.39
C SER F 375 -24.07 5.92 37.74
N GLY F 376 -25.33 6.36 37.86
CA GLY F 376 -25.86 6.96 39.09
C GLY F 376 -25.74 6.07 40.31
N VAL F 377 -26.21 4.84 40.19
CA VAL F 377 -26.14 3.89 41.27
C VAL F 377 -24.68 3.61 41.67
N VAL F 378 -23.83 3.34 40.68
CA VAL F 378 -22.41 3.08 40.93
C VAL F 378 -21.63 4.29 41.47
N ALA F 379 -21.99 5.48 41.01
CA ALA F 379 -21.33 6.68 41.50
C ALA F 379 -21.70 6.84 42.98
N PHE F 380 -22.98 6.59 43.28
CA PHE F 380 -23.47 6.67 44.65
C PHE F 380 -22.58 5.80 45.56
N ILE F 381 -22.38 4.54 45.15
CA ILE F 381 -21.57 3.58 45.91
C ILE F 381 -20.11 4.04 46.13
N GLY F 382 -19.47 4.53 45.07
CA GLY F 382 -18.08 5.00 45.12
C GLY F 382 -17.89 6.21 46.03
N TYR F 383 -18.77 7.19 45.90
CA TYR F 383 -18.69 8.39 46.72
C TYR F 383 -18.92 8.02 48.19
N LYS F 384 -19.93 7.19 48.45
CA LYS F 384 -20.21 6.79 49.83
C LYS F 384 -19.10 5.96 50.46
N LEU F 385 -18.42 5.15 49.63
CA LEU F 385 -17.29 4.33 50.07
C LEU F 385 -16.22 5.27 50.59
N ALA F 386 -15.93 6.29 49.79
CA ALA F 386 -14.93 7.27 50.14
C ALA F 386 -15.33 7.98 51.42
N ASP F 387 -16.59 8.44 51.47
CA ASP F 387 -17.11 9.16 52.61
C ASP F 387 -17.02 8.35 53.90
N LEU F 388 -17.01 7.03 53.77
CA LEU F 388 -16.95 6.14 54.93
C LEU F 388 -15.54 5.77 55.41
N THR F 389 -14.55 5.79 54.51
CA THR F 389 -13.17 5.45 54.89
C THR F 389 -12.22 6.64 55.10
N VAL F 390 -12.46 7.75 54.40
CA VAL F 390 -11.61 8.97 54.52
C VAL F 390 -12.40 10.29 54.70
N GLY F 391 -13.69 10.27 54.36
CA GLY F 391 -14.55 11.44 54.46
C GLY F 391 -14.47 12.19 53.14
N LEU F 392 -15.60 12.35 52.46
CA LEU F 392 -15.65 13.04 51.16
C LEU F 392 -15.23 14.48 51.16
N ARG F 393 -15.64 15.23 52.18
CA ARG F 393 -15.37 16.66 52.22
C ARG F 393 -14.34 17.13 53.22
N VAL F 394 -13.68 18.21 52.81
CA VAL F 394 -12.65 18.90 53.55
C VAL F 394 -13.37 19.86 54.55
N PRO F 395 -12.81 20.07 55.76
CA PRO F 395 -13.41 21.07 56.67
C PRO F 395 -13.49 22.47 56.06
N GLU F 396 -14.41 23.30 56.56
CA GLU F 396 -14.63 24.66 56.06
C GLU F 396 -13.33 25.46 55.98
N GLU F 397 -12.57 25.47 57.08
CA GLU F 397 -11.30 26.20 57.16
C GLU F 397 -10.36 25.92 55.99
N GLN F 398 -10.25 24.65 55.58
CA GLN F 398 -9.38 24.28 54.46
C GLN F 398 -9.99 24.75 53.16
N GLU F 399 -11.32 24.68 53.09
CA GLU F 399 -12.05 25.11 51.92
C GLU F 399 -11.92 26.63 51.75
N ARG F 400 -11.96 27.38 52.86
CA ARG F 400 -11.85 28.83 52.80
C ARG F 400 -10.43 29.27 52.42
N GLU F 401 -9.44 28.48 52.84
CA GLU F 401 -8.03 28.75 52.55
C GLU F 401 -7.64 28.31 51.14
N GLY F 402 -8.20 27.20 50.70
CA GLY F 402 -7.92 26.64 49.37
C GLY F 402 -7.34 25.25 49.48
N LEU F 403 -7.71 24.40 48.53
CA LEU F 403 -7.23 23.02 48.52
C LEU F 403 -5.78 22.88 48.05
N ASP F 404 -5.24 23.92 47.43
CA ASP F 404 -3.87 23.90 46.93
C ASP F 404 -2.86 23.77 48.03
N VAL F 405 -2.90 24.66 49.02
CA VAL F 405 -1.93 24.61 50.13
C VAL F 405 -2.27 23.54 51.16
N ASN F 406 -3.56 23.30 51.37
CA ASN F 406 -4.00 22.31 52.36
C ASN F 406 -3.83 20.86 51.93
N SER F 407 -4.15 20.57 50.68
CA SER F 407 -4.03 19.21 50.15
C SER F 407 -2.76 18.93 49.38
N HIS F 408 -2.20 19.95 48.72
CA HIS F 408 -0.97 19.77 47.92
C HIS F 408 0.24 20.58 48.36
N GLY F 409 0.05 21.43 49.36
CA GLY F 409 1.11 22.23 49.93
C GLY F 409 1.93 23.05 48.95
N GLU F 410 1.25 23.64 47.97
CA GLU F 410 1.90 24.47 46.97
C GLU F 410 1.01 25.65 46.63
N ASN F 411 1.64 26.72 46.16
CA ASN F 411 0.93 27.93 45.76
C ASN F 411 1.12 28.15 44.25
N ALA F 412 0.02 28.25 43.51
CA ALA F 412 0.05 28.41 42.05
C ALA F 412 0.95 29.50 41.46
N TYR F 413 0.77 30.73 41.93
CA TYR F 413 1.49 31.88 41.41
C TYR F 413 2.36 32.56 42.45
N ASN F 414 3.67 32.50 42.23
CA ASN F 414 4.65 33.10 43.15
C ASN F 414 5.45 34.22 42.48
N ALA F 415 6.32 34.90 43.24
CA ALA F 415 7.12 36.03 42.73
C ALA F 415 7.90 35.82 41.40
N MET G 1 -9.94 -60.75 -63.75
CA MET G 1 -9.97 -59.52 -62.90
C MET G 1 -8.67 -58.74 -63.07
N LYS G 2 -8.76 -57.43 -63.07
CA LYS G 2 -7.60 -56.55 -63.20
C LYS G 2 -7.47 -55.60 -62.01
N LEU G 3 -6.24 -55.18 -61.74
CA LEU G 3 -5.94 -54.24 -60.66
C LEU G 3 -5.34 -53.03 -61.37
N VAL G 4 -5.95 -51.87 -61.15
CA VAL G 4 -5.49 -50.63 -61.76
C VAL G 4 -4.95 -49.71 -60.67
N THR G 5 -3.69 -49.32 -60.83
CA THR G 5 -3.03 -48.45 -59.87
C THR G 5 -2.66 -47.12 -60.55
N VAL G 6 -3.04 -46.03 -59.90
CA VAL G 6 -2.77 -44.70 -60.43
C VAL G 6 -2.07 -43.88 -59.35
N ILE G 7 -1.00 -43.20 -59.74
CA ILE G 7 -0.23 -42.34 -58.84
C ILE G 7 -0.44 -40.93 -59.38
N ILE G 8 -1.03 -40.07 -58.57
CA ILE G 8 -1.32 -38.70 -58.99
C ILE G 8 -1.01 -37.65 -57.95
N LYS G 9 -1.31 -36.41 -58.33
CA LYS G 9 -1.12 -35.25 -57.47
C LYS G 9 -2.30 -35.19 -56.50
N PRO G 10 -2.01 -35.00 -55.20
CA PRO G 10 -3.04 -34.98 -54.17
C PRO G 10 -4.27 -34.10 -54.48
N PHE G 11 -4.08 -32.93 -55.07
CA PHE G 11 -5.22 -32.05 -55.39
C PHE G 11 -6.19 -32.57 -56.45
N LYS G 12 -5.80 -33.66 -57.14
CA LYS G 12 -6.65 -34.24 -58.17
C LYS G 12 -7.33 -35.58 -57.78
N LEU G 13 -7.60 -35.75 -56.48
CA LEU G 13 -8.26 -36.94 -55.99
C LEU G 13 -9.76 -36.85 -56.27
N GLU G 14 -10.37 -35.73 -55.87
CA GLU G 14 -11.80 -35.48 -56.05
C GLU G 14 -12.29 -35.72 -57.48
N ASP G 15 -11.55 -35.20 -58.46
CA ASP G 15 -11.86 -35.33 -59.89
C ASP G 15 -11.96 -36.79 -60.34
N VAL G 16 -10.91 -37.56 -60.05
CA VAL G 16 -10.83 -38.97 -60.40
C VAL G 16 -11.92 -39.79 -59.67
N ARG G 17 -12.22 -39.39 -58.44
CA ARG G 17 -13.23 -40.04 -57.63
C ARG G 17 -14.56 -39.92 -58.35
N GLU G 18 -14.88 -38.69 -58.77
CA GLU G 18 -16.12 -38.40 -59.48
C GLU G 18 -16.19 -39.06 -60.86
N ALA G 19 -15.06 -39.08 -61.57
CA ALA G 19 -14.96 -39.69 -62.89
C ALA G 19 -15.27 -41.18 -62.79
N LEU G 20 -14.73 -41.82 -61.76
CA LEU G 20 -14.96 -43.23 -61.51
C LEU G 20 -16.44 -43.46 -61.21
N SER G 21 -17.07 -42.50 -60.52
CA SER G 21 -18.50 -42.61 -60.20
C SER G 21 -19.34 -42.48 -61.47
N SER G 22 -18.86 -41.64 -62.40
CA SER G 22 -19.52 -41.40 -63.69
C SER G 22 -19.67 -42.69 -64.48
N ILE G 23 -18.76 -43.63 -64.27
CA ILE G 23 -18.78 -44.92 -64.97
C ILE G 23 -19.23 -46.11 -64.12
N GLY G 24 -19.76 -45.81 -62.93
CA GLY G 24 -20.27 -46.83 -62.00
C GLY G 24 -19.31 -47.54 -61.06
N ILE G 25 -18.13 -46.97 -60.85
CA ILE G 25 -17.11 -47.55 -59.96
C ILE G 25 -16.97 -46.70 -58.68
N GLN G 26 -17.63 -47.15 -57.62
CA GLN G 26 -17.65 -46.45 -56.33
C GLN G 26 -16.57 -46.86 -55.34
N GLY G 27 -16.13 -48.11 -55.42
CA GLY G 27 -15.12 -48.66 -54.51
C GLY G 27 -13.67 -48.52 -54.93
N LEU G 28 -12.84 -48.08 -53.97
CA LEU G 28 -11.41 -47.90 -54.20
C LEU G 28 -10.65 -47.71 -52.89
N THR G 29 -9.33 -47.79 -53.00
CA THR G 29 -8.40 -47.66 -51.89
C THR G 29 -7.38 -46.56 -52.21
N VAL G 30 -7.08 -45.74 -51.20
CA VAL G 30 -6.17 -44.62 -51.36
C VAL G 30 -5.04 -44.67 -50.33
N THR G 31 -3.84 -44.28 -50.78
CA THR G 31 -2.64 -44.26 -49.94
C THR G 31 -1.86 -42.98 -50.18
N GLU G 32 -1.27 -42.44 -49.11
CA GLU G 32 -0.44 -41.25 -49.21
C GLU G 32 0.97 -41.79 -49.47
N VAL G 33 1.60 -41.35 -50.54
CA VAL G 33 2.97 -41.80 -50.87
C VAL G 33 3.90 -40.64 -51.16
N LYS G 34 5.19 -40.94 -51.31
CA LYS G 34 6.19 -39.94 -51.63
C LYS G 34 6.77 -40.34 -52.98
N GLY G 35 6.74 -39.41 -53.93
CA GLY G 35 7.25 -39.68 -55.27
C GLY G 35 8.47 -38.88 -55.68
N PHE G 36 9.35 -39.51 -56.45
CA PHE G 36 10.56 -38.89 -56.96
C PHE G 36 10.76 -39.32 -58.41
N GLY G 37 11.28 -38.42 -59.23
CA GLY G 37 11.49 -38.72 -60.65
C GLY G 37 11.97 -37.50 -61.42
N ARG G 38 11.21 -37.15 -62.46
CA ARG G 38 11.54 -36.00 -63.30
C ARG G 38 11.18 -34.69 -62.58
N GLN G 39 9.98 -34.64 -61.99
CA GLN G 39 9.58 -33.47 -61.23
C GLN G 39 10.11 -33.75 -59.83
N LYS G 40 10.94 -32.86 -59.29
CA LYS G 40 11.46 -33.11 -57.94
C LYS G 40 11.23 -31.99 -56.92
N GLY G 41 11.40 -32.36 -55.65
CA GLY G 41 11.22 -31.46 -54.51
C GLY G 41 12.08 -30.22 -54.47
N HIS G 42 11.54 -29.21 -53.79
CA HIS G 42 12.20 -27.92 -53.61
C HIS G 42 13.15 -28.03 -52.43
N ALA G 43 14.36 -27.51 -52.60
CA ALA G 43 15.36 -27.50 -51.53
C ALA G 43 14.78 -27.00 -50.21
N GLU G 44 15.26 -27.55 -49.09
CA GLU G 44 14.79 -27.13 -47.75
C GLU G 44 15.94 -26.90 -46.75
N LEU G 45 15.83 -25.83 -45.99
CA LEU G 45 16.85 -25.42 -45.02
C LEU G 45 16.39 -25.49 -43.56
N TYR G 46 17.22 -26.07 -42.70
CA TYR G 46 16.94 -26.17 -41.27
C TYR G 46 18.22 -25.78 -40.54
N ARG G 47 18.24 -24.55 -40.03
CA ARG G 47 19.41 -23.97 -39.38
C ARG G 47 20.62 -24.06 -40.34
N GLY G 48 21.70 -24.71 -39.94
CA GLY G 48 22.87 -24.81 -40.80
C GLY G 48 22.78 -25.78 -41.97
N ALA G 49 21.88 -26.77 -41.84
CA ALA G 49 21.70 -27.80 -42.88
C ALA G 49 20.94 -27.37 -44.14
N GLU G 50 21.34 -27.94 -45.27
CA GLU G 50 20.70 -27.69 -46.55
C GLU G 50 20.36 -29.06 -47.10
N TYR G 51 19.14 -29.22 -47.60
CA TYR G 51 18.72 -30.49 -48.18
C TYR G 51 18.19 -30.22 -49.58
N SER G 52 18.95 -30.64 -50.59
CA SER G 52 18.56 -30.41 -51.97
C SER G 52 17.66 -31.51 -52.54
N VAL G 53 18.04 -32.76 -52.34
CA VAL G 53 17.26 -33.89 -52.85
C VAL G 53 16.04 -34.12 -51.96
N ASN G 54 14.85 -33.89 -52.54
CA ASN G 54 13.59 -34.06 -51.81
C ASN G 54 12.52 -34.81 -52.60
N PHE G 55 11.60 -35.41 -51.87
CA PHE G 55 10.48 -36.17 -52.45
C PHE G 55 9.22 -35.33 -52.52
N LEU G 56 8.30 -35.73 -53.39
CA LEU G 56 7.04 -35.02 -53.55
C LEU G 56 5.86 -35.88 -53.09
N PRO G 57 4.94 -35.28 -52.31
CA PRO G 57 3.75 -36.03 -51.87
C PRO G 57 2.80 -36.38 -53.01
N LYS G 58 2.45 -37.66 -53.10
CA LYS G 58 1.53 -38.13 -54.14
C LYS G 58 0.43 -38.99 -53.49
N VAL G 59 -0.60 -39.30 -54.26
CA VAL G 59 -1.71 -40.12 -53.79
C VAL G 59 -1.90 -41.31 -54.72
N LYS G 60 -1.79 -42.50 -54.15
CA LYS G 60 -1.93 -43.77 -54.87
C LYS G 60 -3.33 -44.36 -54.75
N ILE G 61 -3.96 -44.58 -55.91
CA ILE G 61 -5.30 -45.14 -55.98
C ILE G 61 -5.19 -46.55 -56.55
N ASP G 62 -5.78 -47.51 -55.83
CA ASP G 62 -5.78 -48.90 -56.26
C ASP G 62 -7.21 -49.33 -56.49
N VAL G 63 -7.60 -49.50 -57.76
CA VAL G 63 -8.97 -49.93 -58.06
C VAL G 63 -9.03 -51.25 -58.83
N ALA G 64 -9.71 -52.22 -58.24
CA ALA G 64 -9.88 -53.54 -58.85
C ALA G 64 -11.09 -53.45 -59.78
N ILE G 65 -10.95 -54.00 -60.98
CA ILE G 65 -12.04 -53.95 -61.96
C ILE G 65 -12.18 -55.21 -62.82
N ALA G 66 -13.27 -55.25 -63.56
CA ALA G 66 -13.54 -56.35 -64.47
C ALA G 66 -12.69 -56.10 -65.70
N ASP G 67 -12.34 -57.17 -66.42
CA ASP G 67 -11.50 -57.07 -67.63
C ASP G 67 -12.12 -56.36 -68.82
N ASP G 68 -13.45 -56.27 -68.87
CA ASP G 68 -14.15 -55.59 -69.97
C ASP G 68 -14.26 -54.09 -69.67
N GLN G 69 -13.72 -53.71 -68.51
CA GLN G 69 -13.73 -52.33 -68.07
C GLN G 69 -12.38 -51.63 -68.24
N LEU G 70 -11.33 -52.41 -68.52
CA LEU G 70 -9.96 -51.89 -68.67
C LEU G 70 -9.82 -50.59 -69.50
N ASP G 71 -10.18 -50.63 -70.78
CA ASP G 71 -10.08 -49.47 -71.68
C ASP G 71 -10.90 -48.26 -71.22
N GLU G 72 -12.08 -48.52 -70.65
CA GLU G 72 -12.97 -47.47 -70.18
C GLU G 72 -12.34 -46.70 -69.01
N VAL G 73 -11.64 -47.43 -68.15
CA VAL G 73 -10.99 -46.86 -66.98
C VAL G 73 -9.79 -46.00 -67.32
N ILE G 74 -8.79 -46.58 -67.97
CA ILE G 74 -7.57 -45.84 -68.35
C ILE G 74 -7.90 -44.48 -68.97
N ASP G 75 -8.92 -44.46 -69.84
CA ASP G 75 -9.36 -43.24 -70.51
C ASP G 75 -9.92 -42.19 -69.53
N ILE G 76 -10.98 -42.56 -68.82
CA ILE G 76 -11.63 -41.65 -67.85
C ILE G 76 -10.69 -41.21 -66.72
N VAL G 77 -9.72 -42.05 -66.36
CA VAL G 77 -8.77 -41.72 -65.31
C VAL G 77 -7.72 -40.74 -65.84
N SER G 78 -7.27 -40.98 -67.08
CA SER G 78 -6.27 -40.11 -67.72
C SER G 78 -6.78 -38.69 -67.81
N LYS G 79 -7.99 -38.55 -68.37
CA LYS G 79 -8.62 -37.25 -68.54
C LYS G 79 -8.86 -36.56 -67.18
N ALA G 80 -9.40 -37.31 -66.23
CA ALA G 80 -9.69 -36.79 -64.90
C ALA G 80 -8.46 -36.37 -64.11
N ALA G 81 -7.40 -37.17 -64.20
CA ALA G 81 -6.16 -36.90 -63.46
C ALA G 81 -5.20 -35.98 -64.17
N TYR G 82 -5.56 -35.57 -65.38
CA TYR G 82 -4.71 -34.70 -66.21
C TYR G 82 -4.62 -33.20 -65.84
N THR G 83 -3.40 -32.65 -65.90
CA THR G 83 -3.14 -31.22 -65.65
C THR G 83 -2.31 -30.66 -66.82
N GLY G 84 -1.37 -31.47 -67.31
CA GLY G 84 -0.50 -31.09 -68.42
C GLY G 84 0.92 -30.92 -67.95
N LYS G 85 1.04 -30.50 -66.69
CA LYS G 85 2.32 -30.25 -66.02
C LYS G 85 3.12 -31.53 -65.71
N ILE G 86 4.42 -31.36 -65.50
CA ILE G 86 5.34 -32.45 -65.18
C ILE G 86 5.00 -32.99 -63.79
N GLY G 87 5.16 -34.30 -63.62
CA GLY G 87 4.87 -34.95 -62.34
C GLY G 87 3.40 -35.28 -62.18
N ASP G 88 2.69 -35.39 -63.30
CA ASP G 88 1.25 -35.72 -63.27
C ASP G 88 0.95 -37.12 -62.78
N GLY G 89 1.96 -37.97 -62.80
CA GLY G 89 1.82 -39.34 -62.37
C GLY G 89 1.65 -40.33 -63.50
N LYS G 90 1.32 -41.56 -63.16
CA LYS G 90 1.14 -42.62 -64.16
C LYS G 90 0.17 -43.73 -63.76
N ILE G 91 -0.29 -44.46 -64.77
CA ILE G 91 -1.24 -45.54 -64.60
C ILE G 91 -0.55 -46.89 -64.77
N PHE G 92 -0.83 -47.81 -63.86
CA PHE G 92 -0.26 -49.15 -63.90
C PHE G 92 -1.35 -50.22 -63.95
N VAL G 93 -1.18 -51.17 -64.85
CA VAL G 93 -2.14 -52.25 -65.01
C VAL G 93 -1.49 -53.59 -64.65
N ALA G 94 -2.19 -54.39 -63.86
CA ALA G 94 -1.70 -55.71 -63.43
C ALA G 94 -2.87 -56.70 -63.29
N GLU G 95 -2.61 -57.96 -63.62
CA GLU G 95 -3.64 -59.00 -63.54
C GLU G 95 -3.87 -59.54 -62.13
N LEU G 96 -5.14 -59.69 -61.77
CA LEU G 96 -5.55 -60.23 -60.47
C LEU G 96 -6.06 -61.64 -60.70
N GLN G 97 -5.50 -62.61 -59.98
CA GLN G 97 -5.93 -63.99 -60.15
C GLN G 97 -7.22 -64.28 -59.41
N ARG G 98 -7.40 -63.66 -58.24
CA ARG G 98 -8.61 -63.86 -57.44
C ARG G 98 -8.91 -62.67 -56.54
N VAL G 99 -10.20 -62.35 -56.43
CA VAL G 99 -10.71 -61.26 -55.59
C VAL G 99 -11.87 -61.83 -54.77
N ILE G 100 -11.77 -61.72 -53.46
CA ILE G 100 -12.82 -62.27 -52.57
C ILE G 100 -13.35 -61.24 -51.57
N ARG G 101 -14.68 -61.19 -51.41
CA ARG G 101 -15.28 -60.29 -50.43
C ARG G 101 -15.35 -61.07 -49.13
N ILE G 102 -14.72 -60.55 -48.09
CA ILE G 102 -14.68 -61.20 -46.79
C ILE G 102 -16.07 -61.45 -46.24
N ARG G 103 -16.92 -60.42 -46.28
CA ARG G 103 -18.29 -60.45 -45.78
C ARG G 103 -19.20 -61.59 -46.30
N THR G 104 -19.06 -61.96 -47.56
CA THR G 104 -19.91 -63.00 -48.18
C THR G 104 -19.19 -64.25 -48.70
N GLY G 105 -17.95 -64.08 -49.14
CA GLY G 105 -17.17 -65.19 -49.69
C GLY G 105 -17.19 -65.17 -51.21
N GLU G 106 -18.01 -64.28 -51.77
CA GLU G 106 -18.16 -64.12 -53.22
C GLU G 106 -16.86 -63.71 -53.92
N ALA G 107 -16.71 -64.10 -55.19
CA ALA G 107 -15.52 -63.81 -55.99
C ALA G 107 -15.74 -62.95 -57.24
N ASP G 108 -14.65 -62.54 -57.89
CA ASP G 108 -14.65 -61.71 -59.11
C ASP G 108 -15.60 -60.52 -59.05
N GLU G 109 -16.53 -60.42 -60.01
CA GLU G 109 -17.50 -59.32 -60.05
C GLU G 109 -18.37 -59.27 -58.80
N ALA G 110 -18.70 -60.46 -58.27
CA ALA G 110 -19.52 -60.60 -57.07
C ALA G 110 -18.78 -60.08 -55.82
N ALA G 111 -17.45 -60.03 -55.88
CA ALA G 111 -16.62 -59.56 -54.77
C ALA G 111 -16.47 -58.04 -54.75
N LEU G 112 -16.74 -57.41 -55.89
CA LEU G 112 -16.67 -55.97 -56.01
C LEU G 112 -18.09 -55.42 -56.04
N MET H 1 4.76 -68.98 -56.03
CA MET H 1 4.63 -67.82 -55.09
C MET H 1 3.45 -66.91 -55.46
N LYS H 2 2.70 -66.52 -54.44
CA LYS H 2 1.52 -65.66 -54.60
C LYS H 2 1.55 -64.55 -53.56
N LEU H 3 0.99 -63.39 -53.92
CA LEU H 3 0.91 -62.27 -53.00
C LEU H 3 -0.57 -62.07 -52.64
N VAL H 4 -0.83 -62.01 -51.35
CA VAL H 4 -2.19 -61.84 -50.88
C VAL H 4 -2.27 -60.49 -50.16
N THR H 5 -3.04 -59.57 -50.73
CA THR H 5 -3.22 -58.25 -50.14
C THR H 5 -4.62 -58.22 -49.53
N VAL H 6 -4.68 -58.01 -48.23
CA VAL H 6 -5.95 -58.00 -47.50
C VAL H 6 -6.30 -56.63 -46.90
N ILE H 7 -7.40 -56.04 -47.37
CA ILE H 7 -7.86 -54.75 -46.86
C ILE H 7 -8.97 -55.00 -45.82
N ILE H 8 -8.70 -54.65 -44.57
CA ILE H 8 -9.66 -54.87 -43.49
C ILE H 8 -9.90 -53.65 -42.59
N LYS H 9 -10.84 -53.78 -41.67
CA LYS H 9 -11.16 -52.72 -40.72
C LYS H 9 -10.03 -52.71 -39.71
N PRO H 10 -9.58 -51.51 -39.29
CA PRO H 10 -8.35 -51.37 -38.52
C PRO H 10 -8.28 -52.21 -37.25
N PHE H 11 -9.39 -52.28 -36.50
CA PHE H 11 -9.40 -53.05 -35.25
C PHE H 11 -9.29 -54.55 -35.44
N LYS H 12 -9.50 -55.03 -36.67
CA LYS H 12 -9.40 -56.46 -36.92
C LYS H 12 -8.00 -56.98 -37.25
N LEU H 13 -6.99 -56.12 -37.15
CA LEU H 13 -5.61 -56.50 -37.43
C LEU H 13 -5.16 -57.59 -36.47
N GLU H 14 -5.40 -57.38 -35.18
CA GLU H 14 -5.03 -58.32 -34.13
C GLU H 14 -5.56 -59.73 -34.39
N ASP H 15 -6.82 -59.84 -34.79
CA ASP H 15 -7.46 -61.11 -35.09
C ASP H 15 -6.88 -61.81 -36.33
N VAL H 16 -6.52 -61.03 -37.34
CA VAL H 16 -5.93 -61.57 -38.58
C VAL H 16 -4.48 -62.02 -38.34
N ARG H 17 -3.75 -61.22 -37.57
CA ARG H 17 -2.35 -61.52 -37.22
C ARG H 17 -2.23 -62.89 -36.53
N GLU H 18 -3.05 -63.12 -35.51
CA GLU H 18 -3.04 -64.38 -34.77
C GLU H 18 -3.45 -65.56 -35.64
N ALA H 19 -4.53 -65.39 -36.41
CA ALA H 19 -5.03 -66.43 -37.30
C ALA H 19 -3.93 -66.82 -38.30
N LEU H 20 -3.11 -65.84 -38.68
CA LEU H 20 -2.01 -66.07 -39.60
C LEU H 20 -0.89 -66.85 -38.91
N SER H 21 -0.73 -66.64 -37.61
CA SER H 21 0.28 -67.37 -36.85
C SER H 21 -0.15 -68.82 -36.75
N SER H 22 -1.46 -69.02 -36.55
CA SER H 22 -2.08 -70.34 -36.41
C SER H 22 -1.64 -71.32 -37.48
N ILE H 23 -1.36 -70.82 -38.68
CA ILE H 23 -0.94 -71.68 -39.79
C ILE H 23 0.53 -71.49 -40.17
N GLY H 24 1.29 -70.84 -39.28
CA GLY H 24 2.73 -70.60 -39.47
C GLY H 24 3.13 -69.48 -40.41
N ILE H 25 2.39 -68.37 -40.38
CA ILE H 25 2.68 -67.22 -41.21
C ILE H 25 2.88 -66.02 -40.27
N GLN H 26 4.15 -65.69 -40.03
CA GLN H 26 4.55 -64.60 -39.14
C GLN H 26 4.96 -63.32 -39.88
N GLY H 27 5.52 -63.49 -41.08
CA GLY H 27 5.98 -62.37 -41.89
C GLY H 27 4.89 -61.68 -42.70
N LEU H 28 4.77 -60.36 -42.53
CA LEU H 28 3.77 -59.56 -43.23
C LEU H 28 4.07 -58.06 -43.17
N THR H 29 3.58 -57.33 -44.17
CA THR H 29 3.74 -55.88 -44.26
C THR H 29 2.37 -55.20 -44.14
N VAL H 30 2.27 -54.20 -43.27
CA VAL H 30 1.04 -53.46 -43.05
C VAL H 30 1.19 -51.99 -43.44
N THR H 31 0.10 -51.42 -43.96
CA THR H 31 0.04 -50.01 -44.40
C THR H 31 -1.30 -49.38 -44.01
N GLU H 32 -1.27 -48.10 -43.61
CA GLU H 32 -2.49 -47.36 -43.27
C GLU H 32 -3.06 -46.75 -44.55
N VAL H 33 -4.27 -47.17 -44.91
CA VAL H 33 -4.93 -46.70 -46.12
C VAL H 33 -6.31 -46.09 -45.85
N LYS H 34 -6.93 -45.53 -46.88
CA LYS H 34 -8.26 -44.92 -46.79
C LYS H 34 -9.18 -45.62 -47.79
N GLY H 35 -10.40 -45.91 -47.34
CA GLY H 35 -11.36 -46.61 -48.18
C GLY H 35 -12.70 -45.94 -48.42
N PHE H 36 -13.37 -46.42 -49.48
CA PHE H 36 -14.68 -45.94 -49.87
C PHE H 36 -15.32 -47.05 -50.69
N GLY H 37 -16.65 -47.12 -50.61
CA GLY H 37 -17.41 -48.13 -51.35
C GLY H 37 -18.83 -48.14 -50.81
N ARG H 38 -19.33 -49.33 -50.51
CA ARG H 38 -20.68 -49.48 -49.97
C ARG H 38 -20.76 -48.79 -48.60
N GLN H 39 -19.69 -48.93 -47.81
CA GLN H 39 -19.60 -48.27 -46.51
C GLN H 39 -19.05 -46.91 -46.94
N LYS H 40 -19.57 -45.83 -46.37
CA LYS H 40 -19.13 -44.50 -46.79
C LYS H 40 -18.48 -43.53 -45.80
N GLY H 41 -18.86 -43.57 -44.54
CA GLY H 41 -18.22 -42.61 -43.63
C GLY H 41 -19.14 -41.41 -43.52
N HIS H 42 -19.42 -41.02 -42.30
CA HIS H 42 -20.34 -39.92 -42.01
C HIS H 42 -19.95 -38.58 -42.59
N ALA H 43 -20.94 -37.71 -42.73
CA ALA H 43 -20.73 -36.36 -43.24
C ALA H 43 -19.96 -35.59 -42.17
N GLU H 44 -19.12 -34.67 -42.63
CA GLU H 44 -18.29 -33.84 -41.76
C GLU H 44 -18.68 -32.36 -41.87
N LEU H 45 -18.64 -31.67 -40.74
CA LEU H 45 -19.00 -30.25 -40.63
C LEU H 45 -17.80 -29.42 -40.17
N TYR H 46 -17.48 -28.35 -40.91
CA TYR H 46 -16.36 -27.46 -40.56
C TYR H 46 -16.82 -26.03 -40.78
N ARG H 47 -17.26 -25.41 -39.68
CA ARG H 47 -17.80 -24.05 -39.71
C ARG H 47 -18.90 -24.01 -40.77
N GLY H 48 -18.67 -23.34 -41.89
CA GLY H 48 -19.63 -23.27 -42.98
C GLY H 48 -19.53 -24.43 -43.97
N ALA H 49 -18.39 -25.12 -44.00
CA ALA H 49 -18.21 -26.24 -44.95
C ALA H 49 -18.99 -27.50 -44.56
N GLU H 50 -19.52 -28.18 -45.58
CA GLU H 50 -20.27 -29.40 -45.41
C GLU H 50 -19.69 -30.42 -46.39
N TYR H 51 -18.97 -31.41 -45.87
CA TYR H 51 -18.37 -32.42 -46.74
C TYR H 51 -19.12 -33.76 -46.58
N SER H 52 -19.87 -34.11 -47.62
CA SER H 52 -20.68 -35.32 -47.65
C SER H 52 -19.93 -36.60 -48.01
N VAL H 53 -18.86 -36.47 -48.79
CA VAL H 53 -18.08 -37.64 -49.20
C VAL H 53 -16.77 -37.69 -48.42
N ASN H 54 -16.64 -38.70 -47.56
CA ASN H 54 -15.46 -38.91 -46.74
C ASN H 54 -15.05 -40.37 -46.79
N PHE H 55 -13.76 -40.63 -46.53
CA PHE H 55 -13.24 -41.99 -46.57
C PHE H 55 -13.25 -42.57 -45.17
N LEU H 56 -12.99 -43.87 -45.08
CA LEU H 56 -12.92 -44.60 -43.81
C LEU H 56 -11.49 -45.12 -43.69
N PRO H 57 -10.97 -45.20 -42.46
CA PRO H 57 -9.64 -45.78 -42.31
C PRO H 57 -9.69 -47.30 -42.46
N LYS H 58 -8.65 -47.84 -43.09
CA LYS H 58 -8.52 -49.28 -43.30
C LYS H 58 -7.07 -49.66 -43.08
N VAL H 59 -6.85 -50.96 -42.92
CA VAL H 59 -5.52 -51.51 -42.75
C VAL H 59 -5.29 -52.40 -43.96
N LYS H 60 -4.12 -52.24 -44.59
CA LYS H 60 -3.77 -53.04 -45.77
C LYS H 60 -2.63 -53.99 -45.43
N ILE H 61 -2.87 -55.28 -45.61
CA ILE H 61 -1.85 -56.28 -45.32
C ILE H 61 -1.30 -56.84 -46.62
N ASP H 62 0.02 -56.93 -46.71
CA ASP H 62 0.68 -57.49 -47.87
C ASP H 62 1.42 -58.70 -47.34
N VAL H 63 1.10 -59.89 -47.87
CA VAL H 63 1.75 -61.13 -47.42
C VAL H 63 2.10 -62.11 -48.56
N ALA H 64 3.40 -62.30 -48.79
CA ALA H 64 3.88 -63.22 -49.81
C ALA H 64 3.85 -64.62 -49.22
N ILE H 65 3.17 -65.54 -49.92
CA ILE H 65 3.03 -66.92 -49.47
C ILE H 65 3.28 -67.95 -50.57
N ALA H 66 3.24 -69.22 -50.17
CA ALA H 66 3.45 -70.36 -51.07
C ALA H 66 2.13 -70.76 -51.73
N ASP H 67 2.23 -71.19 -52.99
CA ASP H 67 1.10 -71.60 -53.82
C ASP H 67 -0.02 -72.43 -53.16
N ASP H 68 0.33 -73.52 -52.49
CA ASP H 68 -0.69 -74.39 -51.86
C ASP H 68 -1.44 -73.75 -50.68
N GLN H 69 -0.74 -72.93 -49.90
CA GLN H 69 -1.32 -72.27 -48.73
C GLN H 69 -2.43 -71.25 -49.08
N LEU H 70 -2.52 -70.92 -50.36
CA LEU H 70 -3.51 -69.96 -50.87
C LEU H 70 -4.94 -70.13 -50.36
N ASP H 71 -5.54 -71.30 -50.60
CA ASP H 71 -6.92 -71.61 -50.17
C ASP H 71 -7.08 -71.57 -48.66
N GLU H 72 -6.08 -72.09 -47.95
CA GLU H 72 -6.08 -72.13 -46.49
C GLU H 72 -6.01 -70.71 -45.91
N VAL H 73 -5.25 -69.85 -46.58
CA VAL H 73 -5.10 -68.46 -46.16
C VAL H 73 -6.41 -67.71 -46.30
N ILE H 74 -7.06 -67.84 -47.46
CA ILE H 74 -8.34 -67.20 -47.74
C ILE H 74 -9.38 -67.58 -46.68
N ASP H 75 -9.48 -68.87 -46.37
CA ASP H 75 -10.42 -69.38 -45.37
C ASP H 75 -10.17 -68.82 -43.97
N ILE H 76 -8.93 -68.88 -43.50
CA ILE H 76 -8.59 -68.38 -42.16
C ILE H 76 -8.65 -66.84 -42.03
N VAL H 77 -8.39 -66.13 -43.11
CA VAL H 77 -8.44 -64.66 -43.09
C VAL H 77 -9.90 -64.20 -43.13
N SER H 78 -10.69 -64.79 -44.01
CA SER H 78 -12.10 -64.43 -44.11
C SER H 78 -12.75 -64.57 -42.73
N LYS H 79 -12.51 -65.71 -42.08
CA LYS H 79 -13.02 -66.02 -40.75
C LYS H 79 -12.60 -65.05 -39.64
N ALA H 80 -11.30 -64.82 -39.51
CA ALA H 80 -10.76 -63.95 -38.48
C ALA H 80 -11.09 -62.47 -38.67
N ALA H 81 -11.30 -62.07 -39.93
CA ALA H 81 -11.62 -60.68 -40.27
C ALA H 81 -13.12 -60.38 -40.33
N TYR H 82 -13.91 -61.45 -40.34
CA TYR H 82 -15.36 -61.38 -40.44
C TYR H 82 -16.10 -60.69 -39.29
N THR H 83 -17.11 -59.89 -39.65
CA THR H 83 -18.00 -59.22 -38.69
C THR H 83 -19.45 -59.27 -39.20
N GLY H 84 -19.61 -59.40 -40.52
CA GLY H 84 -20.95 -59.45 -41.12
C GLY H 84 -21.48 -58.10 -41.60
N LYS H 85 -20.94 -57.02 -41.05
CA LYS H 85 -21.34 -55.66 -41.43
C LYS H 85 -20.57 -55.23 -42.67
N ILE H 86 -21.11 -54.29 -43.44
CA ILE H 86 -20.42 -53.81 -44.64
C ILE H 86 -19.09 -53.17 -44.26
N GLY H 87 -18.17 -53.19 -45.22
CA GLY H 87 -16.84 -52.63 -45.01
C GLY H 87 -15.84 -53.62 -44.44
N ASP H 88 -16.26 -54.88 -44.28
CA ASP H 88 -15.38 -55.95 -43.75
C ASP H 88 -14.12 -56.01 -44.60
N GLY H 89 -14.26 -55.68 -45.89
CA GLY H 89 -13.12 -55.67 -46.80
C GLY H 89 -13.03 -56.75 -47.84
N LYS H 90 -11.83 -56.91 -48.37
CA LYS H 90 -11.58 -57.93 -49.40
C LYS H 90 -10.16 -58.48 -49.43
N ILE H 91 -10.04 -59.65 -50.04
CA ILE H 91 -8.78 -60.34 -50.20
C ILE H 91 -8.47 -60.33 -51.69
N PHE H 92 -7.28 -59.85 -52.06
CA PHE H 92 -6.86 -59.81 -53.47
C PHE H 92 -5.69 -60.77 -53.63
N VAL H 93 -5.55 -61.36 -54.82
CA VAL H 93 -4.46 -62.30 -55.09
C VAL H 93 -3.75 -62.04 -56.43
N ALA H 94 -2.42 -61.99 -56.37
CA ALA H 94 -1.60 -61.76 -57.56
C ALA H 94 -0.40 -62.71 -57.58
N GLU H 95 0.09 -63.02 -58.78
CA GLU H 95 1.25 -63.91 -58.93
C GLU H 95 2.54 -63.12 -58.75
N LEU H 96 3.47 -63.70 -58.01
CA LEU H 96 4.78 -63.12 -57.76
C LEU H 96 5.76 -63.94 -58.56
N GLN H 97 6.62 -63.27 -59.33
CA GLN H 97 7.61 -63.97 -60.14
C GLN H 97 8.79 -64.51 -59.33
N ARG H 98 9.14 -63.80 -58.26
CA ARG H 98 10.25 -64.20 -57.40
C ARG H 98 10.25 -63.39 -56.12
N VAL H 99 10.81 -63.97 -55.06
CA VAL H 99 10.92 -63.33 -53.76
C VAL H 99 12.35 -63.58 -53.26
N ILE H 100 13.07 -62.51 -52.95
CA ILE H 100 14.44 -62.66 -52.47
C ILE H 100 14.67 -61.99 -51.12
N ARG H 101 15.25 -62.74 -50.18
CA ARG H 101 15.57 -62.23 -48.85
C ARG H 101 16.94 -61.54 -48.96
N ILE H 102 16.96 -60.25 -48.66
CA ILE H 102 18.17 -59.42 -48.75
C ILE H 102 19.32 -59.87 -47.82
N ARG H 103 18.99 -60.19 -46.58
CA ARG H 103 19.98 -60.62 -45.59
C ARG H 103 20.79 -61.87 -45.98
N THR H 104 20.13 -62.86 -46.60
CA THR H 104 20.81 -64.09 -46.99
C THR H 104 20.94 -64.36 -48.50
N GLY H 105 20.03 -63.82 -49.29
CA GLY H 105 20.07 -64.03 -50.73
C GLY H 105 19.27 -65.26 -51.16
N GLU H 106 18.50 -65.80 -50.21
CA GLU H 106 17.64 -66.97 -50.46
C GLU H 106 16.50 -66.56 -51.39
N ALA H 107 16.01 -67.48 -52.20
CA ALA H 107 14.93 -67.17 -53.16
C ALA H 107 13.61 -67.90 -52.89
N ASP H 108 12.54 -67.33 -53.41
CA ASP H 108 11.18 -67.85 -53.30
C ASP H 108 10.84 -68.42 -51.90
N GLU H 109 10.39 -69.68 -51.85
CA GLU H 109 10.03 -70.35 -50.59
C GLU H 109 11.00 -70.14 -49.42
N ALA H 110 12.29 -70.17 -49.73
CA ALA H 110 13.35 -70.01 -48.73
C ALA H 110 13.44 -68.59 -48.17
N ALA H 111 13.12 -67.61 -49.01
CA ALA H 111 13.18 -66.19 -48.65
C ALA H 111 12.16 -65.72 -47.61
N LEU H 112 10.98 -66.33 -47.61
CA LEU H 112 9.90 -65.97 -46.68
C LEU H 112 10.24 -66.31 -45.22
N MET I 1 7.04 -55.76 -69.49
CA MET I 1 7.25 -54.75 -68.41
C MET I 1 7.18 -55.41 -67.03
N LYS I 2 8.10 -55.01 -66.15
CA LYS I 2 8.17 -55.56 -64.79
C LYS I 2 8.06 -54.51 -63.70
N LEU I 3 7.52 -54.92 -62.55
CA LEU I 3 7.35 -54.04 -61.38
C LEU I 3 8.03 -54.67 -60.17
N VAL I 4 9.09 -54.02 -59.69
CA VAL I 4 9.86 -54.51 -58.54
C VAL I 4 9.58 -53.72 -57.26
N THR I 5 9.13 -54.44 -56.22
CA THR I 5 8.82 -53.87 -54.92
C THR I 5 9.93 -54.25 -53.93
N VAL I 6 10.36 -53.30 -53.11
CA VAL I 6 11.42 -53.56 -52.12
C VAL I 6 11.09 -53.01 -50.73
N ILE I 7 11.04 -53.91 -49.74
CA ILE I 7 10.77 -53.52 -48.35
C ILE I 7 12.11 -53.54 -47.62
N ILE I 8 12.47 -52.40 -47.02
CA ILE I 8 13.74 -52.25 -46.31
C ILE I 8 13.71 -51.41 -45.03
N LYS I 9 14.84 -51.42 -44.34
CA LYS I 9 15.05 -50.66 -43.11
C LYS I 9 15.15 -49.18 -43.50
N PRO I 10 14.46 -48.31 -42.75
CA PRO I 10 14.30 -46.90 -43.12
C PRO I 10 15.59 -46.12 -43.42
N PHE I 11 16.63 -46.32 -42.62
CA PHE I 11 17.90 -45.60 -42.82
C PHE I 11 18.66 -45.93 -44.11
N LYS I 12 18.41 -47.10 -44.68
CA LYS I 12 19.07 -47.51 -45.92
C LYS I 12 18.35 -47.08 -47.19
N LEU I 13 17.53 -46.03 -47.10
CA LEU I 13 16.76 -45.53 -48.25
C LEU I 13 17.60 -44.73 -49.24
N GLU I 14 18.36 -43.75 -48.73
CA GLU I 14 19.22 -42.90 -49.56
C GLU I 14 20.28 -43.66 -50.37
N ASP I 15 20.76 -44.78 -49.85
CA ASP I 15 21.77 -45.59 -50.53
C ASP I 15 21.16 -46.33 -51.72
N VAL I 16 19.99 -46.93 -51.50
CA VAL I 16 19.26 -47.66 -52.53
C VAL I 16 18.84 -46.69 -53.64
N ARG I 17 18.27 -45.55 -53.24
CA ARG I 17 17.83 -44.53 -54.20
C ARG I 17 19.01 -44.08 -55.07
N GLU I 18 20.20 -44.01 -54.48
CA GLU I 18 21.41 -43.61 -55.22
C GLU I 18 21.99 -44.76 -56.05
N ALA I 19 21.68 -45.99 -55.65
CA ALA I 19 22.14 -47.18 -56.38
C ALA I 19 21.28 -47.29 -57.63
N LEU I 20 20.01 -46.91 -57.49
CA LEU I 20 19.07 -46.92 -58.60
C LEU I 20 19.38 -45.79 -59.57
N SER I 21 19.90 -44.67 -59.04
CA SER I 21 20.26 -43.51 -59.84
C SER I 21 21.53 -43.78 -60.67
N SER I 22 22.33 -44.75 -60.21
CA SER I 22 23.58 -45.14 -60.88
C SER I 22 23.26 -45.78 -62.23
N ILE I 23 22.19 -46.56 -62.27
CA ILE I 23 21.75 -47.26 -63.47
C ILE I 23 20.67 -46.54 -64.28
N GLY I 24 20.56 -45.23 -64.09
CA GLY I 24 19.60 -44.39 -64.81
C GLY I 24 18.14 -44.41 -64.35
N ILE I 25 17.88 -44.95 -63.16
CA ILE I 25 16.53 -45.04 -62.62
C ILE I 25 16.30 -44.01 -61.49
N GLN I 26 15.74 -42.88 -61.87
CA GLN I 26 15.45 -41.77 -60.96
C GLN I 26 13.98 -41.74 -60.58
N GLY I 27 13.14 -42.39 -61.38
CA GLY I 27 11.71 -42.46 -61.12
C GLY I 27 11.36 -43.59 -60.19
N LEU I 28 10.67 -43.27 -59.09
CA LEU I 28 10.26 -44.27 -58.10
C LEU I 28 9.24 -43.71 -57.10
N THR I 29 8.50 -44.62 -56.48
CA THR I 29 7.48 -44.30 -55.48
C THR I 29 7.81 -44.97 -54.15
N VAL I 30 7.66 -44.22 -53.05
CA VAL I 30 7.97 -44.73 -51.71
C VAL I 30 6.78 -44.62 -50.73
N THR I 31 6.60 -45.65 -49.90
CA THR I 31 5.51 -45.67 -48.93
C THR I 31 6.02 -46.03 -47.53
N GLU I 32 5.50 -45.34 -46.52
CA GLU I 32 5.87 -45.62 -45.14
C GLU I 32 4.98 -46.77 -44.70
N VAL I 33 5.61 -47.86 -44.25
CA VAL I 33 4.86 -49.03 -43.82
C VAL I 33 5.32 -49.55 -42.46
N LYS I 34 4.57 -50.51 -41.93
CA LYS I 34 4.89 -51.16 -40.67
C LYS I 34 5.01 -52.65 -40.95
N GLY I 35 6.07 -53.27 -40.41
CA GLY I 35 6.32 -54.70 -40.63
C GLY I 35 6.53 -55.55 -39.39
N PHE I 36 6.37 -56.85 -39.58
CA PHE I 36 6.53 -57.83 -38.52
C PHE I 36 7.13 -59.09 -39.14
N GLY I 37 7.99 -59.78 -38.40
CA GLY I 37 8.62 -61.00 -38.90
C GLY I 37 9.53 -61.66 -37.89
N ARG I 38 10.72 -62.03 -38.33
CA ARG I 38 11.70 -62.67 -37.43
C ARG I 38 12.19 -61.61 -36.45
N GLN I 39 12.31 -60.38 -36.94
CA GLN I 39 12.73 -59.25 -36.13
C GLN I 39 11.46 -58.54 -35.71
N LYS I 40 11.40 -58.16 -34.44
CA LYS I 40 10.22 -57.45 -33.95
C LYS I 40 10.53 -56.33 -32.95
N GLY I 41 9.56 -55.42 -32.79
CA GLY I 41 9.67 -54.28 -31.89
C GLY I 41 9.79 -54.61 -30.41
N HIS I 42 10.52 -53.75 -29.71
CA HIS I 42 10.74 -53.89 -28.29
C HIS I 42 9.42 -53.72 -27.53
N ALA I 43 9.36 -54.32 -26.34
CA ALA I 43 8.18 -54.24 -25.49
C ALA I 43 7.75 -52.79 -25.23
N GLU I 44 6.44 -52.57 -25.12
CA GLU I 44 5.93 -51.25 -24.87
C GLU I 44 5.10 -51.20 -23.59
N LEU I 45 5.34 -50.16 -22.79
CA LEU I 45 4.65 -49.99 -21.50
C LEU I 45 3.92 -48.64 -21.40
N TYR I 46 2.67 -48.70 -20.97
CA TYR I 46 1.79 -47.53 -20.81
C TYR I 46 1.00 -47.74 -19.53
N ARG I 47 1.50 -47.16 -18.44
CA ARG I 47 0.91 -47.31 -17.11
C ARG I 47 0.72 -48.80 -16.81
N GLY I 48 -0.53 -49.27 -16.82
CA GLY I 48 -0.81 -50.68 -16.56
C GLY I 48 -0.60 -51.56 -17.79
N ALA I 49 -0.91 -51.05 -18.97
CA ALA I 49 -0.78 -51.81 -20.21
C ALA I 49 0.67 -52.15 -20.61
N GLU I 50 0.87 -53.41 -20.98
CA GLU I 50 2.16 -53.90 -21.42
C GLU I 50 1.98 -54.75 -22.67
N TYR I 51 2.57 -54.29 -23.77
CA TYR I 51 2.50 -55.00 -25.04
C TYR I 51 3.90 -55.45 -25.37
N SER I 52 4.18 -56.71 -25.05
CA SER I 52 5.50 -57.28 -25.25
C SER I 52 5.95 -57.37 -26.71
N VAL I 53 5.01 -57.45 -27.64
CA VAL I 53 5.36 -57.55 -29.07
C VAL I 53 4.81 -56.38 -29.86
N ASN I 54 5.66 -55.77 -30.70
CA ASN I 54 5.25 -54.62 -31.51
C ASN I 54 5.69 -54.66 -32.97
N PHE I 55 5.12 -53.76 -33.76
CA PHE I 55 5.45 -53.62 -35.17
C PHE I 55 6.66 -52.74 -35.33
N LEU I 56 7.35 -52.86 -36.46
CA LEU I 56 8.55 -52.08 -36.71
C LEU I 56 8.47 -51.27 -37.99
N PRO I 57 8.79 -49.96 -37.91
CA PRO I 57 8.77 -49.09 -39.07
C PRO I 57 9.72 -49.56 -40.18
N LYS I 58 9.19 -49.65 -41.39
CA LYS I 58 9.93 -50.08 -42.57
C LYS I 58 9.57 -49.17 -43.75
N VAL I 59 10.25 -49.36 -44.88
CA VAL I 59 9.99 -48.55 -46.07
C VAL I 59 9.78 -49.42 -47.30
N LYS I 60 8.69 -49.16 -48.03
CA LYS I 60 8.36 -49.91 -49.24
C LYS I 60 8.63 -49.08 -50.50
N ILE I 61 9.51 -49.60 -51.37
CA ILE I 61 9.85 -48.90 -52.61
C ILE I 61 9.22 -49.62 -53.80
N ASP I 62 8.60 -48.84 -54.69
CA ASP I 62 7.93 -49.35 -55.88
C ASP I 62 8.55 -48.74 -57.12
N VAL I 63 9.04 -49.58 -58.03
CA VAL I 63 9.65 -49.09 -59.26
C VAL I 63 9.27 -49.93 -60.48
N ALA I 64 8.83 -49.26 -61.53
CA ALA I 64 8.46 -49.90 -62.78
C ALA I 64 9.69 -49.83 -63.70
N ILE I 65 10.11 -50.99 -64.21
CA ILE I 65 11.28 -51.09 -65.08
C ILE I 65 11.02 -52.03 -66.25
N ALA I 66 12.09 -52.28 -67.01
CA ALA I 66 12.04 -53.18 -68.17
C ALA I 66 12.54 -54.58 -67.84
N ASP I 67 12.17 -55.56 -68.67
CA ASP I 67 12.56 -56.96 -68.49
C ASP I 67 14.07 -57.17 -68.46
N ASP I 68 14.78 -56.51 -69.38
CA ASP I 68 16.23 -56.62 -69.45
C ASP I 68 16.91 -56.03 -68.20
N GLN I 69 16.26 -55.03 -67.59
CA GLN I 69 16.76 -54.34 -66.40
C GLN I 69 16.64 -55.16 -65.12
N LEU I 70 15.68 -56.09 -65.07
CA LEU I 70 15.41 -56.94 -63.91
C LEU I 70 16.66 -57.58 -63.26
N ASP I 71 17.56 -58.09 -64.10
CA ASP I 71 18.79 -58.75 -63.63
C ASP I 71 19.69 -57.82 -62.80
N GLU I 72 19.90 -56.61 -63.29
CA GLU I 72 20.74 -55.61 -62.64
C GLU I 72 20.09 -54.96 -61.42
N VAL I 73 18.81 -54.61 -61.56
CA VAL I 73 18.06 -53.98 -60.47
C VAL I 73 18.05 -54.82 -59.19
N ILE I 74 17.82 -56.12 -59.33
CA ILE I 74 17.81 -57.03 -58.18
C ILE I 74 19.18 -57.06 -57.50
N ASP I 75 20.25 -57.21 -58.29
CA ASP I 75 21.62 -57.25 -57.79
C ASP I 75 22.09 -55.94 -57.14
N ILE I 76 21.66 -54.81 -57.70
CA ILE I 76 22.05 -53.50 -57.20
C ILE I 76 21.34 -53.10 -55.88
N VAL I 77 20.06 -53.45 -55.76
CA VAL I 77 19.27 -53.15 -54.57
C VAL I 77 19.60 -54.12 -53.43
N SER I 78 19.90 -55.37 -53.78
CA SER I 78 20.25 -56.43 -52.82
C SER I 78 21.49 -56.07 -51.98
N LYS I 79 22.50 -55.51 -52.64
CA LYS I 79 23.74 -55.10 -51.98
C LYS I 79 23.57 -53.77 -51.25
N ALA I 80 23.00 -52.79 -51.94
CA ALA I 80 22.78 -51.45 -51.39
C ALA I 80 21.91 -51.41 -50.13
N ALA I 81 20.98 -52.36 -50.02
CA ALA I 81 20.08 -52.43 -48.88
C ALA I 81 20.53 -53.44 -47.81
N TYR I 82 21.64 -54.10 -48.07
CA TYR I 82 22.19 -55.09 -47.15
C TYR I 82 22.91 -54.49 -45.94
N THR I 83 22.71 -55.10 -44.77
CA THR I 83 23.37 -54.69 -43.50
C THR I 83 23.85 -55.92 -42.71
N GLY I 84 23.29 -57.08 -43.03
CA GLY I 84 23.65 -58.33 -42.37
C GLY I 84 22.67 -58.77 -41.30
N LYS I 85 22.20 -57.81 -40.49
CA LYS I 85 21.26 -58.08 -39.40
C LYS I 85 19.90 -58.60 -39.86
N ILE I 86 19.16 -59.19 -38.92
CA ILE I 86 17.83 -59.72 -39.21
C ILE I 86 16.88 -58.54 -39.41
N GLY I 87 16.07 -58.61 -40.46
CA GLY I 87 15.10 -57.55 -40.77
C GLY I 87 15.52 -56.65 -41.91
N ASP I 88 16.53 -57.09 -42.67
CA ASP I 88 17.06 -56.33 -43.80
C ASP I 88 16.02 -56.03 -44.88
N GLY I 89 15.15 -56.99 -45.14
CA GLY I 89 14.11 -56.81 -46.15
C GLY I 89 13.99 -57.89 -47.20
N LYS I 90 13.02 -57.72 -48.08
CA LYS I 90 12.75 -58.67 -49.15
C LYS I 90 12.50 -57.98 -50.50
N ILE I 91 12.74 -58.72 -51.58
CA ILE I 91 12.53 -58.18 -52.93
C ILE I 91 11.40 -58.94 -53.63
N PHE I 92 10.40 -58.20 -54.06
CA PHE I 92 9.23 -58.76 -54.75
C PHE I 92 9.20 -58.35 -56.22
N VAL I 93 8.93 -59.30 -57.09
CA VAL I 93 8.86 -59.04 -58.53
C VAL I 93 7.53 -59.56 -59.07
N ALA I 94 6.88 -58.74 -59.92
CA ALA I 94 5.59 -59.10 -60.51
C ALA I 94 5.47 -58.55 -61.93
N GLU I 95 4.70 -59.25 -62.76
CA GLU I 95 4.50 -58.84 -64.16
C GLU I 95 3.56 -57.63 -64.24
N LEU I 96 4.02 -56.59 -64.94
CA LEU I 96 3.25 -55.39 -65.14
C LEU I 96 2.70 -55.47 -66.56
N GLN I 97 1.41 -55.20 -66.73
CA GLN I 97 0.79 -55.27 -68.06
C GLN I 97 1.03 -54.02 -68.91
N ARG I 98 0.37 -52.93 -68.56
CA ARG I 98 0.53 -51.68 -69.31
C ARG I 98 0.80 -50.51 -68.37
N VAL I 99 1.73 -49.64 -68.79
CA VAL I 99 2.10 -48.45 -68.03
C VAL I 99 1.80 -47.24 -68.88
N ILE I 100 1.05 -46.28 -68.33
CA ILE I 100 0.67 -45.08 -69.08
C ILE I 100 1.04 -43.78 -68.36
N ARG I 101 1.72 -42.88 -69.07
CA ARG I 101 2.09 -41.58 -68.51
C ARG I 101 0.92 -40.63 -68.78
N ILE I 102 0.30 -40.14 -67.71
CA ILE I 102 -0.86 -39.24 -67.81
C ILE I 102 -0.60 -37.95 -68.62
N ARG I 103 0.54 -37.32 -68.36
CA ARG I 103 0.96 -36.06 -68.99
C ARG I 103 0.96 -36.07 -70.52
N THR I 104 1.51 -37.11 -71.12
CA THR I 104 1.63 -37.21 -72.58
C THR I 104 0.76 -38.28 -73.25
N GLY I 105 0.55 -39.39 -72.55
CA GLY I 105 -0.23 -40.50 -73.10
C GLY I 105 0.68 -41.64 -73.54
N GLU I 106 1.98 -41.49 -73.29
CA GLU I 106 3.00 -42.48 -73.64
C GLU I 106 2.73 -43.86 -73.05
N ALA I 107 3.22 -44.90 -73.74
CA ALA I 107 3.03 -46.28 -73.29
C ALA I 107 4.31 -47.00 -72.84
N ASP I 108 4.11 -48.14 -72.19
CA ASP I 108 5.15 -49.04 -71.66
C ASP I 108 6.56 -48.46 -71.44
N GLU I 109 7.44 -48.60 -72.44
CA GLU I 109 8.82 -48.13 -72.37
C GLU I 109 8.99 -46.62 -72.29
N ALA I 110 8.23 -45.90 -73.11
CA ALA I 110 8.28 -44.45 -73.14
C ALA I 110 7.58 -43.78 -71.95
N ALA I 111 6.86 -44.57 -71.16
CA ALA I 111 6.12 -44.06 -69.98
C ALA I 111 6.96 -43.81 -68.72
N LEU I 112 8.09 -44.49 -68.60
CA LEU I 112 8.99 -44.37 -67.45
C LEU I 112 9.68 -43.00 -67.33
N MET J 1 1.61 55.34 69.82
CA MET J 1 1.75 54.27 68.79
C MET J 1 2.27 54.85 67.46
N LYS J 2 3.24 54.17 66.86
CA LYS J 2 3.82 54.64 65.61
C LYS J 2 3.58 53.64 64.50
N LEU J 3 3.49 54.13 63.27
CA LEU J 3 3.36 53.26 62.13
C LEU J 3 4.65 53.46 61.34
N VAL J 4 5.46 52.41 61.28
CA VAL J 4 6.72 52.49 60.53
C VAL J 4 6.54 51.79 59.18
N THR J 5 6.67 52.55 58.11
CA THR J 5 6.54 52.02 56.76
C THR J 5 7.92 52.05 56.09
N VAL J 6 8.25 50.94 55.43
CA VAL J 6 9.53 50.83 54.75
C VAL J 6 9.28 50.32 53.36
N ILE J 7 10.02 50.90 52.40
CA ILE J 7 9.94 50.48 51.01
C ILE J 7 11.35 50.01 50.71
N ILE J 8 11.48 48.75 50.33
CA ILE J 8 12.80 48.16 50.08
C ILE J 8 12.93 47.42 48.76
N LYS J 9 14.15 46.94 48.49
CA LYS J 9 14.43 46.16 47.28
C LYS J 9 13.91 44.74 47.54
N PRO J 10 13.23 44.14 46.54
CA PRO J 10 12.49 42.91 46.84
C PRO J 10 13.37 41.85 47.51
N PHE J 11 14.58 41.63 46.99
CA PHE J 11 15.51 40.64 47.54
C PHE J 11 16.00 40.93 48.97
N LYS J 12 15.59 42.06 49.53
CA LYS J 12 16.02 42.44 50.89
C LYS J 12 14.96 42.13 51.94
N LEU J 13 13.75 41.83 51.47
CA LEU J 13 12.61 41.52 52.34
C LEU J 13 12.94 40.47 53.41
N GLU J 14 13.61 39.40 53.00
CA GLU J 14 13.98 38.34 53.90
C GLU J 14 14.90 38.84 55.02
N ASP J 15 15.96 39.58 54.66
CA ASP J 15 16.88 40.12 55.65
C ASP J 15 16.19 41.06 56.64
N VAL J 16 15.21 41.83 56.15
CA VAL J 16 14.47 42.74 57.01
C VAL J 16 13.59 41.99 58.01
N ARG J 17 12.93 40.92 57.53
CA ARG J 17 12.04 40.09 58.36
C ARG J 17 12.76 39.39 59.53
N GLU J 18 13.91 38.78 59.28
CA GLU J 18 14.67 38.11 60.33
C GLU J 18 15.20 39.13 61.33
N ALA J 19 15.66 40.27 60.83
CA ALA J 19 16.19 41.33 61.68
C ALA J 19 15.14 41.89 62.62
N LEU J 20 13.87 41.74 62.26
CA LEU J 20 12.77 42.21 63.09
C LEU J 20 12.40 41.14 64.12
N SER J 21 12.51 39.86 63.75
CA SER J 21 12.22 38.77 64.70
C SER J 21 13.14 38.91 65.89
N SER J 22 14.40 39.23 65.58
CA SER J 22 15.47 39.43 66.57
C SER J 22 15.14 40.38 67.71
N ILE J 23 14.22 41.32 67.46
CA ILE J 23 13.82 42.27 68.48
C ILE J 23 12.36 42.08 68.88
N GLY J 24 11.84 40.87 68.62
CA GLY J 24 10.46 40.52 68.97
C GLY J 24 9.36 41.11 68.13
N ILE J 25 9.63 41.28 66.84
CA ILE J 25 8.63 41.83 65.92
C ILE J 25 8.42 40.82 64.78
N GLN J 26 7.39 39.99 64.94
CA GLN J 26 7.07 38.96 63.95
C GLN J 26 5.81 39.31 63.17
N GLY J 27 4.92 40.08 63.79
CA GLY J 27 3.67 40.49 63.15
C GLY J 27 3.83 41.73 62.29
N LEU J 28 3.60 41.58 60.98
CA LEU J 28 3.70 42.69 60.02
C LEU J 28 2.88 42.46 58.75
N THR J 29 2.75 43.51 57.95
CA THR J 29 2.02 43.49 56.67
C THR J 29 2.95 43.86 55.51
N VAL J 30 2.92 43.07 54.45
CA VAL J 30 3.75 43.27 53.26
C VAL J 30 2.92 43.56 52.00
N THR J 31 3.32 44.58 51.23
CA THR J 31 2.63 44.95 49.99
C THR J 31 3.59 44.99 48.80
N GLU J 32 3.12 44.50 47.66
CA GLU J 32 3.88 44.47 46.43
C GLU J 32 3.62 45.83 45.72
N VAL J 33 4.68 46.62 45.51
CA VAL J 33 4.53 47.95 44.89
C VAL J 33 5.53 48.25 43.75
N LYS J 34 5.31 49.38 43.09
CA LYS J 34 6.14 49.84 41.99
C LYS J 34 6.80 51.15 42.43
N GLY J 35 8.08 51.29 42.10
CA GLY J 35 8.79 52.50 42.48
C GLY J 35 9.56 53.22 41.39
N PHE J 36 9.72 54.52 41.61
CA PHE J 36 10.45 55.37 40.72
C PHE J 36 11.08 56.39 41.65
N GLY J 37 12.31 56.78 41.35
CA GLY J 37 13.07 57.74 42.14
C GLY J 37 14.38 58.02 41.44
N ARG J 38 15.47 58.00 42.20
CA ARG J 38 16.79 58.25 41.63
C ARG J 38 17.21 57.02 40.83
N GLN J 39 16.91 55.84 41.37
CA GLN J 39 17.18 54.58 40.68
C GLN J 39 16.06 54.45 39.63
N LYS J 40 16.44 54.30 38.37
CA LYS J 40 15.47 54.19 37.28
C LYS J 40 15.56 52.83 36.60
N GLY J 41 14.40 52.31 36.20
CA GLY J 41 14.32 51.01 35.52
C GLY J 41 14.98 51.05 34.15
N HIS J 42 15.41 49.87 33.70
CA HIS J 42 16.06 49.74 32.41
C HIS J 42 15.08 49.96 31.29
N ALA J 43 15.61 50.39 30.15
CA ALA J 43 14.80 50.61 28.97
C ALA J 43 14.25 49.25 28.59
N GLU J 44 13.05 49.26 28.02
CA GLU J 44 12.40 48.03 27.61
C GLU J 44 12.02 48.17 26.15
N LEU J 45 12.25 47.11 25.38
CA LEU J 45 11.97 47.14 23.96
C LEU J 45 11.02 46.03 23.52
N TYR J 46 9.97 46.41 22.80
CA TYR J 46 8.97 45.47 22.31
C TYR J 46 8.74 45.79 20.84
N ARG J 47 9.38 45.01 19.98
CA ARG J 47 9.32 45.22 18.54
C ARG J 47 9.76 46.65 18.23
N GLY J 48 8.89 47.46 17.66
CA GLY J 48 9.25 48.85 17.34
C GLY J 48 9.13 49.87 18.47
N ALA J 49 8.51 49.47 19.59
CA ALA J 49 8.30 50.37 20.73
C ALA J 49 9.37 50.36 21.80
N GLU J 50 9.86 51.54 22.16
CA GLU J 50 10.88 51.61 23.20
C GLU J 50 10.44 52.47 24.38
N TYR J 51 10.45 51.85 25.57
CA TYR J 51 10.06 52.51 26.81
C TYR J 51 11.30 52.76 27.65
N SER J 52 11.79 54.00 27.62
CA SER J 52 12.99 54.35 28.38
C SER J 52 12.70 54.55 29.87
N VAL J 53 11.46 54.95 30.19
CA VAL J 53 11.00 55.18 31.56
C VAL J 53 10.27 53.94 32.10
N ASN J 54 10.83 53.33 33.15
CA ASN J 54 10.23 52.13 33.75
C ASN J 54 10.30 52.01 35.28
N PHE J 55 9.16 51.60 35.86
CA PHE J 55 9.05 51.41 37.30
C PHE J 55 9.89 50.23 37.74
N LEU J 56 10.33 50.26 39.00
CA LEU J 56 11.11 49.20 39.60
C LEU J 56 10.16 48.48 40.56
N PRO J 57 10.26 47.13 40.63
CA PRO J 57 9.55 46.38 41.65
C PRO J 57 10.09 46.67 43.05
N LYS J 58 9.19 46.81 44.03
CA LYS J 58 9.59 47.09 45.40
C LYS J 58 8.64 46.38 46.34
N VAL J 59 9.01 46.34 47.62
CA VAL J 59 8.21 45.71 48.64
C VAL J 59 7.97 46.74 49.73
N LYS J 60 6.70 46.95 50.06
CA LYS J 60 6.35 47.90 51.10
C LYS J 60 6.05 47.11 52.36
N ILE J 61 6.64 47.52 53.48
CA ILE J 61 6.38 46.84 54.74
C ILE J 61 5.74 47.86 55.68
N ASP J 62 4.68 47.43 56.38
CA ASP J 62 3.98 48.27 57.34
C ASP J 62 4.00 47.50 58.64
N VAL J 63 4.37 48.19 59.71
CA VAL J 63 4.42 47.58 61.03
C VAL J 63 4.11 48.63 62.09
N ALA J 64 3.07 48.35 62.87
CA ALA J 64 2.64 49.22 63.94
C ALA J 64 3.49 48.86 65.16
N ILE J 65 3.99 49.89 65.85
CA ILE J 65 4.83 49.68 67.03
C ILE J 65 4.55 50.67 68.14
N ALA J 66 5.12 50.39 69.30
CA ALA J 66 4.98 51.24 70.48
C ALA J 66 5.98 52.41 70.31
N ASP J 67 5.70 53.55 70.94
CA ASP J 67 6.56 54.73 70.86
C ASP J 67 8.03 54.48 71.23
N ASP J 68 8.24 53.60 72.21
CA ASP J 68 9.56 53.25 72.72
C ASP J 68 10.45 52.40 71.80
N GLN J 69 9.84 51.58 70.95
CA GLN J 69 10.64 50.74 70.04
C GLN J 69 11.02 51.46 68.74
N LEU J 70 10.67 52.74 68.63
CA LEU J 70 10.96 53.54 67.44
C LEU J 70 12.45 53.57 67.02
N ASP J 71 13.32 54.05 67.91
CA ASP J 71 14.76 54.17 67.63
C ASP J 71 15.44 52.85 67.27
N GLU J 72 15.10 51.81 68.03
CA GLU J 72 15.64 50.47 67.84
C GLU J 72 15.23 49.91 66.48
N VAL J 73 14.01 50.24 66.05
CA VAL J 73 13.46 49.76 64.79
C VAL J 73 14.05 50.47 63.57
N ILE J 74 14.10 51.80 63.58
CA ILE J 74 14.66 52.52 62.44
C ILE J 74 16.13 52.14 62.25
N ASP J 75 16.79 51.82 63.36
CA ASP J 75 18.21 51.44 63.36
C ASP J 75 18.44 50.06 62.75
N ILE J 76 17.66 49.09 63.19
CA ILE J 76 17.81 47.72 62.68
C ILE J 76 17.34 47.53 61.23
N VAL J 77 16.26 48.21 60.85
CA VAL J 77 15.75 48.10 59.49
C VAL J 77 16.73 48.72 58.50
N SER J 78 17.33 49.85 58.88
CA SER J 78 18.30 50.55 58.03
C SER J 78 19.49 49.67 57.67
N LYS J 79 20.03 48.98 58.66
CA LYS J 79 21.19 48.11 58.47
C LYS J 79 20.83 46.88 57.63
N ALA J 80 19.68 46.27 57.96
CA ALA J 80 19.18 45.07 57.27
C ALA J 80 18.75 45.26 55.82
N ALA J 81 18.36 46.49 55.47
CA ALA J 81 17.92 46.79 54.10
C ALA J 81 19.02 47.43 53.25
N TYR J 82 20.08 47.88 53.92
CA TYR J 82 21.22 48.54 53.27
C TYR J 82 22.04 47.60 52.37
N THR J 83 22.44 48.15 51.22
CA THR J 83 23.27 47.43 50.24
C THR J 83 24.36 48.40 49.80
N GLY J 84 24.11 49.69 50.02
CA GLY J 84 25.04 50.74 49.66
C GLY J 84 24.75 51.29 48.28
N LYS J 85 23.84 50.65 47.54
CA LYS J 85 23.50 51.07 46.18
C LYS J 85 22.23 51.92 46.05
N ILE J 86 22.19 52.71 44.99
CA ILE J 86 21.06 53.60 44.69
C ILE J 86 19.72 52.85 44.57
N GLY J 87 18.71 53.33 45.28
CA GLY J 87 17.37 52.72 45.28
C GLY J 87 17.04 51.83 46.47
N ASP J 88 17.85 51.89 47.51
CA ASP J 88 17.68 51.09 48.73
C ASP J 88 16.35 51.36 49.42
N GLY J 89 15.84 52.57 49.23
CA GLY J 89 14.55 52.95 49.80
C GLY J 89 14.56 53.90 50.97
N LYS J 90 13.36 54.14 51.49
CA LYS J 90 13.16 55.03 52.62
C LYS J 90 12.45 54.33 53.78
N ILE J 91 12.37 55.03 54.90
CA ILE J 91 11.67 54.60 56.09
C ILE J 91 10.77 55.79 56.45
N PHE J 92 9.47 55.54 56.52
CA PHE J 92 8.51 56.59 56.86
C PHE J 92 7.94 56.30 58.25
N VAL J 93 7.75 57.35 59.03
CA VAL J 93 7.19 57.21 60.37
C VAL J 93 5.98 58.14 60.47
N ALA J 94 4.87 57.59 60.95
CA ALA J 94 3.64 58.34 61.13
C ALA J 94 3.03 58.01 62.49
N GLU J 95 2.30 58.97 63.05
CA GLU J 95 1.66 58.76 64.34
C GLU J 95 0.33 58.01 64.19
N LEU J 96 0.18 56.94 64.96
CA LEU J 96 -1.02 56.12 64.99
C LEU J 96 -1.82 56.54 66.21
N GLN J 97 -3.08 56.90 66.01
CA GLN J 97 -3.91 57.34 67.15
C GLN J 97 -4.52 56.21 67.96
N ARG J 98 -4.74 55.08 67.31
CA ARG J 98 -5.30 53.90 67.97
C ARG J 98 -5.11 52.65 67.12
N VAL J 99 -4.94 51.53 67.79
CA VAL J 99 -4.78 50.24 67.14
C VAL J 99 -5.67 49.32 67.95
N ILE J 100 -6.51 48.54 67.26
CA ILE J 100 -7.43 47.61 67.93
C ILE J 100 -7.36 46.24 67.29
N ARG J 101 -7.31 45.21 68.13
CA ARG J 101 -7.28 43.82 67.68
C ARG J 101 -8.73 43.32 67.55
N ILE J 102 -9.13 43.04 66.32
CA ILE J 102 -10.50 42.58 66.02
C ILE J 102 -10.98 41.42 66.92
N ARG J 103 -10.16 40.39 67.03
CA ARG J 103 -10.45 39.18 67.83
C ARG J 103 -10.78 39.38 69.33
N THR J 104 -10.11 40.31 69.99
CA THR J 104 -10.31 40.51 71.43
C THR J 104 -10.77 41.90 71.85
N GLY J 105 -10.65 42.87 70.96
CA GLY J 105 -11.05 44.25 71.28
C GLY J 105 -10.00 44.98 72.12
N GLU J 106 -8.78 44.42 72.17
CA GLU J 106 -7.68 45.01 72.92
C GLU J 106 -7.15 46.23 72.17
N ALA J 107 -6.73 47.25 72.91
CA ALA J 107 -6.22 48.48 72.34
C ALA J 107 -4.71 48.66 72.40
N ASP J 108 -4.23 49.58 71.58
CA ASP J 108 -2.81 49.95 71.48
C ASP J 108 -1.76 48.83 71.68
N GLU J 109 -0.96 48.93 72.74
CA GLU J 109 0.10 47.95 73.02
C GLU J 109 -0.41 46.51 73.15
N ALA J 110 -1.65 46.37 73.62
CA ALA J 110 -2.27 45.07 73.79
C ALA J 110 -2.80 44.47 72.47
N ALA J 111 -2.88 45.33 71.44
CA ALA J 111 -3.36 44.90 70.13
C ALA J 111 -2.30 44.23 69.25
N LEU J 112 -1.04 44.41 69.60
CA LEU J 112 0.06 43.82 68.85
C LEU J 112 0.63 42.57 69.56
N MET K 1 -11.15 64.63 60.71
CA MET K 1 -11.17 63.56 59.68
C MET K 1 -10.19 62.45 60.08
N LYS K 2 -10.56 61.20 59.81
CA LYS K 2 -9.70 60.07 60.16
C LYS K 2 -9.57 59.04 59.05
N LEU K 3 -8.45 58.35 59.04
CA LEU K 3 -8.21 57.29 58.08
C LEU K 3 -8.24 56.00 58.86
N VAL K 4 -9.11 55.09 58.44
CA VAL K 4 -9.28 53.81 59.12
C VAL K 4 -8.85 52.66 58.21
N THR K 5 -7.72 52.06 58.56
CA THR K 5 -7.17 50.94 57.82
C THR K 5 -7.52 49.65 58.53
N VAL K 6 -8.12 48.72 57.79
CA VAL K 6 -8.53 47.44 58.37
C VAL K 6 -7.89 46.27 57.65
N ILE K 7 -7.11 45.48 58.37
CA ILE K 7 -6.48 44.31 57.78
C ILE K 7 -7.32 43.09 58.22
N ILE K 8 -7.96 42.43 57.25
CA ILE K 8 -8.83 41.28 57.52
C ILE K 8 -8.64 40.05 56.63
N LYS K 9 -9.33 38.97 56.99
CA LYS K 9 -9.29 37.72 56.22
C LYS K 9 -10.09 37.95 54.94
N PRO K 10 -9.57 37.50 53.78
CA PRO K 10 -10.19 37.76 52.48
C PRO K 10 -11.69 37.48 52.40
N PHE K 11 -12.12 36.32 52.88
CA PHE K 11 -13.55 35.98 52.83
C PHE K 11 -14.45 36.92 53.66
N LYS K 12 -13.86 37.65 54.59
CA LYS K 12 -14.61 38.56 55.46
C LYS K 12 -14.88 39.93 54.84
N LEU K 13 -14.36 40.16 53.64
CA LEU K 13 -14.53 41.45 52.95
C LEU K 13 -15.98 41.82 52.72
N GLU K 14 -16.78 40.88 52.23
CA GLU K 14 -18.18 41.19 51.96
C GLU K 14 -18.99 41.50 53.23
N ASP K 15 -18.65 40.86 54.34
CA ASP K 15 -19.33 41.09 55.62
C ASP K 15 -19.00 42.50 56.11
N VAL K 16 -17.75 42.91 55.89
CA VAL K 16 -17.30 44.22 56.31
C VAL K 16 -17.89 45.30 55.42
N ARG K 17 -17.94 45.03 54.12
CA ARG K 17 -18.49 46.01 53.18
C ARG K 17 -19.97 46.21 53.46
N GLU K 18 -20.69 45.12 53.71
CA GLU K 18 -22.11 45.19 54.01
C GLU K 18 -22.32 45.91 55.33
N ALA K 19 -21.51 45.59 56.34
CA ALA K 19 -21.62 46.23 57.65
C ALA K 19 -21.35 47.73 57.55
N LEU K 20 -20.34 48.11 56.77
CA LEU K 20 -20.01 49.53 56.59
C LEU K 20 -21.19 50.35 56.03
N SER K 21 -21.96 49.73 55.14
CA SER K 21 -23.14 50.32 54.50
C SER K 21 -24.16 50.79 55.53
N SER K 22 -24.36 49.94 56.55
CA SER K 22 -25.32 50.19 57.62
C SER K 22 -25.18 51.56 58.25
N ILE K 23 -23.95 52.03 58.38
CA ILE K 23 -23.71 53.32 59.00
C ILE K 23 -23.46 54.42 57.97
N GLY K 24 -23.82 54.12 56.72
CA GLY K 24 -23.71 55.07 55.62
C GLY K 24 -22.38 55.24 54.92
N ILE K 25 -21.47 54.27 55.09
CA ILE K 25 -20.18 54.35 54.43
C ILE K 25 -20.16 53.41 53.22
N GLN K 26 -20.32 54.00 52.04
CA GLN K 26 -20.38 53.27 50.77
C GLN K 26 -19.06 53.22 50.00
N GLY K 27 -18.25 54.28 50.14
CA GLY K 27 -16.97 54.40 49.46
C GLY K 27 -15.81 53.92 50.30
N LEU K 28 -14.95 53.13 49.68
CA LEU K 28 -13.78 52.55 50.32
C LEU K 28 -12.80 52.05 49.27
N THR K 29 -11.54 51.92 49.68
CA THR K 29 -10.46 51.45 48.82
C THR K 29 -9.86 50.15 49.38
N VAL K 30 -9.74 49.14 48.53
CA VAL K 30 -9.21 47.84 48.94
C VAL K 30 -7.89 47.47 48.26
N THR K 31 -6.95 46.96 49.06
CA THR K 31 -5.65 46.51 48.59
C THR K 31 -5.48 45.06 49.01
N GLU K 32 -4.84 44.27 48.14
CA GLU K 32 -4.56 42.86 48.42
C GLU K 32 -3.12 42.81 48.97
N VAL K 33 -2.98 42.42 50.24
CA VAL K 33 -1.67 42.34 50.89
C VAL K 33 -1.29 40.95 51.39
N LYS K 34 -0.09 40.82 51.93
CA LYS K 34 0.39 39.54 52.47
C LYS K 34 0.80 39.76 53.94
N GLY K 35 0.28 38.95 54.85
CA GLY K 35 0.59 39.13 56.26
C GLY K 35 1.21 38.01 57.08
N PHE K 36 1.83 38.43 58.18
CA PHE K 36 2.47 37.51 59.12
C PHE K 36 2.20 37.95 60.57
N GLY K 37 2.24 36.99 61.49
CA GLY K 37 1.99 37.25 62.91
C GLY K 37 1.67 35.95 63.64
N ARG K 38 0.71 36.02 64.57
CA ARG K 38 0.31 34.84 65.33
C ARG K 38 -0.17 33.72 64.40
N GLN K 39 -0.95 34.08 63.37
CA GLN K 39 -1.41 33.10 62.38
C GLN K 39 -0.29 33.04 61.35
N LYS K 40 0.38 31.89 61.26
CA LYS K 40 1.52 31.74 60.36
C LYS K 40 1.34 31.24 58.92
N GLY K 41 0.40 30.34 58.65
CA GLY K 41 0.23 29.89 57.26
C GLY K 41 1.17 28.78 56.80
N HIS K 42 0.56 27.77 56.18
CA HIS K 42 1.20 26.54 55.68
C HIS K 42 2.61 26.55 55.09
N ALA K 43 3.30 25.44 55.33
CA ALA K 43 4.62 25.20 54.80
C ALA K 43 4.35 24.79 53.36
N GLU K 44 5.25 25.14 52.45
CA GLU K 44 5.09 24.79 51.05
C GLU K 44 6.22 23.87 50.60
N LEU K 45 5.92 22.98 49.66
CA LEU K 45 6.88 22.00 49.16
C LEU K 45 7.02 21.99 47.66
N TYR K 46 8.24 22.24 47.19
CA TYR K 46 8.55 22.25 45.78
C TYR K 46 9.73 21.31 45.65
N ARG K 47 9.48 20.12 45.11
CA ARG K 47 10.48 19.07 44.97
C ARG K 47 11.28 18.90 46.29
N GLY K 48 12.58 19.14 46.24
CA GLY K 48 13.44 19.00 47.42
C GLY K 48 13.42 20.21 48.35
N ALA K 49 12.87 21.33 47.86
CA ALA K 49 12.80 22.56 48.65
C ALA K 49 11.62 22.58 49.63
N GLU K 50 11.89 22.99 50.87
CA GLU K 50 10.84 23.09 51.86
C GLU K 50 10.81 24.51 52.44
N TYR K 51 9.71 25.21 52.20
CA TYR K 51 9.56 26.57 52.71
C TYR K 51 8.54 26.60 53.84
N SER K 52 9.05 26.52 55.07
CA SER K 52 8.18 26.51 56.23
C SER K 52 7.55 27.88 56.53
N VAL K 53 8.32 28.95 56.32
CA VAL K 53 7.82 30.30 56.58
C VAL K 53 7.17 30.84 55.30
N ASN K 54 5.93 31.33 55.42
CA ASN K 54 5.16 31.88 54.30
C ASN K 54 4.07 32.85 54.80
N PHE K 55 3.76 33.87 54.01
CA PHE K 55 2.73 34.83 54.40
C PHE K 55 1.32 34.28 54.20
N LEU K 56 0.34 35.07 54.64
CA LEU K 56 -1.07 34.74 54.48
C LEU K 56 -1.66 35.81 53.57
N PRO K 57 -2.53 35.40 52.63
CA PRO K 57 -3.31 36.44 51.97
C PRO K 57 -4.21 37.16 52.98
N LYS K 58 -4.26 38.48 52.87
CA LYS K 58 -5.09 39.31 53.72
C LYS K 58 -5.62 40.43 52.84
N VAL K 59 -6.67 41.10 53.30
CA VAL K 59 -7.25 42.19 52.59
C VAL K 59 -7.18 43.42 53.48
N LYS K 60 -6.60 44.49 52.95
CA LYS K 60 -6.46 45.74 53.66
C LYS K 60 -7.49 46.71 53.07
N ILE K 61 -8.33 47.29 53.94
CA ILE K 61 -9.35 48.24 53.54
C ILE K 61 -8.98 49.65 54.05
N ASP K 62 -9.01 50.63 53.16
CA ASP K 62 -8.70 52.02 53.51
C ASP K 62 -9.94 52.88 53.30
N VAL K 63 -10.46 53.45 54.38
CA VAL K 63 -11.66 54.29 54.31
C VAL K 63 -11.55 55.56 55.14
N ALA K 64 -11.77 56.70 54.49
CA ALA K 64 -11.74 58.00 55.14
C ALA K 64 -13.11 58.25 55.75
N ILE K 65 -13.13 58.80 56.96
CA ILE K 65 -14.37 59.07 57.68
C ILE K 65 -14.36 60.37 58.50
N ALA K 66 -15.56 60.80 58.88
CA ALA K 66 -15.74 61.97 59.72
C ALA K 66 -15.33 61.60 61.15
N ASP K 67 -14.87 62.60 61.91
CA ASP K 67 -14.42 62.38 63.29
C ASP K 67 -15.47 61.77 64.21
N ASP K 68 -16.68 62.32 64.18
CA ASP K 68 -17.78 61.82 65.04
C ASP K 68 -18.26 60.41 64.69
N GLN K 69 -17.65 59.79 63.69
CA GLN K 69 -18.01 58.44 63.30
C GLN K 69 -16.98 57.37 63.69
N LEU K 70 -15.89 57.78 64.34
CA LEU K 70 -14.82 56.83 64.74
C LEU K 70 -15.28 55.62 65.53
N ASP K 71 -15.85 55.85 66.71
CA ASP K 71 -16.33 54.77 67.58
C ASP K 71 -17.37 53.85 66.92
N GLU K 72 -18.30 54.45 66.18
CA GLU K 72 -19.35 53.70 65.48
C GLU K 72 -18.72 52.70 64.51
N VAL K 73 -17.73 53.17 63.74
CA VAL K 73 -16.98 52.36 62.76
C VAL K 73 -16.14 51.26 63.41
N ILE K 74 -15.38 51.61 64.44
CA ILE K 74 -14.54 50.64 65.14
C ILE K 74 -15.41 49.50 65.67
N ASP K 75 -16.63 49.82 66.08
CA ASP K 75 -17.53 48.81 66.63
C ASP K 75 -18.14 47.86 65.59
N ILE K 76 -18.74 48.42 64.54
CA ILE K 76 -19.39 47.63 63.50
C ILE K 76 -18.45 46.77 62.65
N VAL K 77 -17.25 47.28 62.38
CA VAL K 77 -16.24 46.57 61.59
C VAL K 77 -15.69 45.41 62.40
N SER K 78 -15.47 45.66 63.69
CA SER K 78 -14.94 44.64 64.60
C SER K 78 -15.86 43.43 64.65
N LYS K 79 -17.15 43.67 64.86
CA LYS K 79 -18.14 42.58 64.92
C LYS K 79 -18.29 41.89 63.56
N ALA K 80 -18.19 42.65 62.48
CA ALA K 80 -18.29 42.12 61.11
C ALA K 80 -17.08 41.32 60.63
N ALA K 81 -15.88 41.70 61.06
CA ALA K 81 -14.65 41.01 60.64
C ALA K 81 -14.30 39.83 61.56
N TYR K 82 -15.03 39.73 62.67
CA TYR K 82 -14.86 38.71 63.70
C TYR K 82 -15.25 37.28 63.31
N THR K 83 -14.32 36.35 63.53
CA THR K 83 -14.53 34.92 63.27
C THR K 83 -14.23 34.21 64.58
N GLY K 84 -13.44 34.87 65.44
CA GLY K 84 -13.04 34.33 66.73
C GLY K 84 -11.68 33.66 66.69
N LYS K 85 -11.32 33.14 65.51
CA LYS K 85 -10.04 32.46 65.31
C LYS K 85 -8.88 33.42 65.08
N ILE K 86 -7.69 32.95 65.42
CA ILE K 86 -6.46 33.72 65.28
C ILE K 86 -6.33 34.27 63.87
N GLY K 87 -5.86 35.51 63.75
CA GLY K 87 -5.69 36.12 62.43
C GLY K 87 -6.80 37.01 61.90
N ASP K 88 -7.80 37.29 62.73
CA ASP K 88 -8.94 38.15 62.33
C ASP K 88 -8.48 39.50 61.78
N GLY K 89 -7.35 40.00 62.27
CA GLY K 89 -6.81 41.25 61.77
C GLY K 89 -6.88 42.38 62.77
N LYS K 90 -6.56 43.58 62.30
CA LYS K 90 -6.58 44.78 63.14
C LYS K 90 -7.08 46.07 62.49
N ILE K 91 -7.42 47.02 63.34
CA ILE K 91 -7.90 48.32 62.90
C ILE K 91 -6.87 49.39 63.27
N PHE K 92 -6.39 50.12 62.27
CA PHE K 92 -5.43 51.19 62.48
C PHE K 92 -6.12 52.52 62.20
N VAL K 93 -5.96 53.48 63.10
CA VAL K 93 -6.58 54.78 62.92
C VAL K 93 -5.51 55.88 62.96
N ALA K 94 -5.48 56.69 61.91
CA ALA K 94 -4.57 57.82 61.79
C ALA K 94 -5.40 59.10 61.53
N GLU K 95 -4.77 60.25 61.73
CA GLU K 95 -5.41 61.55 61.49
C GLU K 95 -5.17 62.04 60.05
N LEU K 96 -6.25 62.42 59.37
CA LEU K 96 -6.20 62.97 58.01
C LEU K 96 -6.26 64.48 58.14
N GLN K 97 -5.32 65.19 57.53
CA GLN K 97 -5.31 66.65 57.61
C GLN K 97 -6.24 67.24 56.57
N ARG K 98 -6.34 66.58 55.43
CA ARG K 98 -7.22 67.02 54.35
C ARG K 98 -7.61 65.89 53.41
N VAL K 99 -8.77 66.05 52.77
CA VAL K 99 -9.29 65.11 51.80
C VAL K 99 -10.00 65.92 50.71
N ILE K 100 -9.75 65.56 49.45
CA ILE K 100 -10.34 66.25 48.32
C ILE K 100 -10.92 65.34 47.25
N ARG K 101 -12.16 65.60 46.85
CA ARG K 101 -12.80 64.84 45.77
C ARG K 101 -12.22 65.47 44.50
N ILE K 102 -11.41 64.70 43.76
CA ILE K 102 -10.78 65.22 42.53
C ILE K 102 -11.74 65.81 41.50
N ARG K 103 -12.87 65.14 41.30
CA ARG K 103 -13.88 65.57 40.32
C ARG K 103 -14.55 66.90 40.60
N THR K 104 -14.67 67.29 41.87
CA THR K 104 -15.35 68.56 42.21
C THR K 104 -14.53 69.62 42.93
N GLY K 105 -13.46 69.20 43.59
CA GLY K 105 -12.66 70.14 44.36
C GLY K 105 -13.23 70.26 45.77
N GLU K 106 -14.29 69.48 46.06
CA GLU K 106 -14.90 69.49 47.39
C GLU K 106 -13.86 69.04 48.41
N ALA K 107 -13.96 69.58 49.62
CA ALA K 107 -13.01 69.24 50.67
C ALA K 107 -13.67 68.66 51.91
N ASP K 108 -12.90 67.80 52.57
CA ASP K 108 -13.29 67.14 53.80
C ASP K 108 -14.62 66.38 53.78
N GLU K 109 -15.53 66.77 54.68
CA GLU K 109 -16.83 66.12 54.82
C GLU K 109 -17.67 66.01 53.53
N ALA K 110 -17.53 67.00 52.65
CA ALA K 110 -18.25 67.02 51.38
C ALA K 110 -17.53 66.23 50.28
N ALA K 111 -16.33 65.75 50.59
CA ALA K 111 -15.52 64.98 49.66
C ALA K 111 -15.83 63.48 49.65
N LEU K 112 -16.55 63.01 50.67
CA LEU K 112 -16.90 61.59 50.79
C LEU K 112 -18.37 61.27 50.51
N MET L 1 7.07 67.79 57.07
CA MET L 1 6.87 66.72 56.05
C MET L 1 5.42 66.30 55.94
N LYS L 2 4.97 65.98 54.74
CA LYS L 2 3.59 65.57 54.51
C LYS L 2 3.54 64.36 53.59
N LEU L 3 2.57 63.49 53.79
CA LEU L 3 2.40 62.34 52.90
C LEU L 3 1.16 62.61 52.06
N VAL L 4 1.30 62.48 50.74
CA VAL L 4 0.18 62.71 49.83
C VAL L 4 -0.21 61.41 49.13
N THR L 5 -1.42 60.96 49.39
CA THR L 5 -1.92 59.75 48.79
C THR L 5 -2.95 60.14 47.77
N VAL L 6 -2.85 59.52 46.60
CA VAL L 6 -3.74 59.78 45.50
C VAL L 6 -4.35 58.49 44.95
N ILE L 7 -5.66 58.45 44.82
CA ILE L 7 -6.33 57.30 44.26
C ILE L 7 -6.97 57.73 42.95
N ILE L 8 -6.45 57.20 41.84
CA ILE L 8 -6.93 57.56 40.51
C ILE L 8 -7.28 56.38 39.59
N LYS L 9 -7.85 56.73 38.44
CA LYS L 9 -8.22 55.78 37.41
C LYS L 9 -6.92 55.37 36.70
N PRO L 10 -6.74 54.04 36.47
CA PRO L 10 -5.47 53.53 35.93
C PRO L 10 -4.97 54.29 34.69
N PHE L 11 -5.84 54.51 33.70
CA PHE L 11 -5.47 55.23 32.46
C PHE L 11 -4.95 56.66 32.65
N LYS L 12 -5.06 57.19 33.87
CA LYS L 12 -4.59 58.54 34.20
C LYS L 12 -3.25 58.56 34.96
N LEU L 13 -2.56 57.43 35.02
CA LEU L 13 -1.27 57.35 35.72
C LEU L 13 -0.17 58.19 35.05
N GLU L 14 -0.01 58.04 33.74
CA GLU L 14 1.03 58.78 33.02
C GLU L 14 0.89 60.31 33.16
N ASP L 15 -0.35 60.78 33.02
CA ASP L 15 -0.69 62.19 33.12
C ASP L 15 -0.22 62.77 34.45
N VAL L 16 -0.52 62.05 35.54
CA VAL L 16 -0.13 62.46 36.89
C VAL L 16 1.39 62.43 37.06
N ARG L 17 2.02 61.41 36.49
CA ARG L 17 3.46 61.27 36.57
C ARG L 17 4.12 62.47 35.91
N GLU L 18 3.70 62.80 34.69
CA GLU L 18 4.26 63.95 33.93
C GLU L 18 4.02 65.29 34.62
N ALA L 19 2.82 65.46 35.16
CA ALA L 19 2.46 66.70 35.87
C ALA L 19 3.33 66.84 37.11
N LEU L 20 3.43 65.78 37.89
CA LEU L 20 4.23 65.77 39.11
C LEU L 20 5.68 65.99 38.74
N SER L 21 6.08 65.46 37.58
CA SER L 21 7.44 65.58 37.05
C SER L 21 7.75 67.03 36.60
N SER L 22 6.71 67.76 36.19
CA SER L 22 6.84 69.16 35.76
C SER L 22 7.36 70.05 36.91
N ILE L 23 6.97 69.71 38.14
CA ILE L 23 7.41 70.47 39.33
C ILE L 23 8.58 69.83 40.08
N GLY L 24 9.34 68.98 39.39
CA GLY L 24 10.52 68.33 39.96
C GLY L 24 10.34 67.21 40.97
N ILE L 25 9.29 66.42 40.80
CA ILE L 25 9.08 65.29 41.70
C ILE L 25 9.02 64.02 40.87
N GLN L 26 10.07 63.22 40.98
CA GLN L 26 10.14 61.96 40.24
C GLN L 26 10.07 60.74 41.15
N GLY L 27 10.34 60.96 42.43
CA GLY L 27 10.28 59.90 43.43
C GLY L 27 8.85 59.73 43.91
N LEU L 28 8.33 58.51 43.79
CA LEU L 28 6.96 58.19 44.21
C LEU L 28 6.77 56.67 44.20
N THR L 29 5.77 56.21 44.94
CA THR L 29 5.43 54.78 45.02
C THR L 29 4.01 54.57 44.50
N VAL L 30 3.85 53.56 43.66
CA VAL L 30 2.56 53.23 43.05
C VAL L 30 2.07 51.78 43.36
N THR L 31 0.79 51.66 43.74
CA THR L 31 0.17 50.39 44.07
C THR L 31 -1.11 50.13 43.25
N GLU L 32 -1.33 48.88 42.86
CA GLU L 32 -2.56 48.54 42.15
C GLU L 32 -3.62 48.25 43.23
N VAL L 33 -4.74 48.96 43.20
CA VAL L 33 -5.82 48.77 44.17
C VAL L 33 -7.23 48.63 43.53
N LYS L 34 -8.24 48.42 44.36
CA LYS L 34 -9.62 48.23 43.93
C LYS L 34 -10.47 49.22 44.70
N GLY L 35 -11.38 49.90 44.01
CA GLY L 35 -12.23 50.88 44.66
C GLY L 35 -13.72 50.67 44.42
N PHE L 36 -14.52 51.23 45.33
CA PHE L 36 -15.97 51.18 45.27
C PHE L 36 -16.52 52.50 45.84
N GLY L 37 -17.67 52.93 45.33
CA GLY L 37 -18.33 54.17 45.74
C GLY L 37 -19.37 54.56 44.70
N ARG L 38 -19.55 55.86 44.48
CA ARG L 38 -20.54 56.33 43.50
C ARG L 38 -20.41 55.58 42.17
N GLN L 39 -19.18 55.40 41.69
CA GLN L 39 -18.97 54.67 40.46
C GLN L 39 -18.96 53.17 40.74
N LYS L 40 -19.81 52.45 40.03
CA LYS L 40 -19.93 51.00 40.15
C LYS L 40 -19.50 50.33 38.84
N GLY L 41 -18.79 49.21 38.96
CA GLY L 41 -18.29 48.47 37.80
C GLY L 41 -19.42 47.78 37.05
N HIS L 42 -19.26 47.65 35.74
CA HIS L 42 -20.24 47.00 34.88
C HIS L 42 -20.48 45.57 35.35
N ALA L 43 -21.70 45.08 35.13
CA ALA L 43 -22.05 43.70 35.52
C ALA L 43 -21.25 42.67 34.74
N GLU L 44 -20.97 41.54 35.39
CA GLU L 44 -20.22 40.44 34.78
C GLU L 44 -21.07 39.17 34.70
N LEU L 45 -20.91 38.42 33.62
CA LEU L 45 -21.66 37.18 33.43
C LEU L 45 -20.72 36.01 33.11
N TYR L 46 -20.86 34.94 33.90
CA TYR L 46 -20.05 33.75 33.72
C TYR L 46 -21.06 32.64 33.69
N ARG L 47 -21.29 32.12 32.48
CA ARG L 47 -22.28 31.08 32.22
C ARG L 47 -23.61 31.50 32.80
N GLY L 48 -24.11 30.77 33.79
CA GLY L 48 -25.38 31.12 34.41
C GLY L 48 -25.26 32.19 35.48
N ALA L 49 -24.07 32.35 36.04
CA ALA L 49 -23.83 33.34 37.11
C ALA L 49 -23.69 34.78 36.61
N GLU L 50 -24.35 35.70 37.31
CA GLU L 50 -24.33 37.11 36.98
C GLU L 50 -23.92 37.90 38.20
N TYR L 51 -22.78 38.58 38.13
CA TYR L 51 -22.29 39.41 39.24
C TYR L 51 -22.55 40.88 38.95
N SER L 52 -23.57 41.44 39.61
CA SER L 52 -23.95 42.84 39.40
C SER L 52 -23.07 43.84 40.15
N VAL L 53 -22.58 43.45 41.32
CA VAL L 53 -21.73 44.30 42.13
C VAL L 53 -20.28 44.02 41.78
N ASN L 54 -19.54 45.06 41.41
CA ASN L 54 -18.13 44.92 41.08
C ASN L 54 -17.29 46.12 41.50
N PHE L 55 -16.05 45.83 41.90
CA PHE L 55 -15.10 46.85 42.31
C PHE L 55 -14.41 47.34 41.05
N LEU L 56 -14.03 48.62 41.02
CA LEU L 56 -13.33 49.16 39.87
C LEU L 56 -11.83 49.08 40.17
N PRO L 57 -11.01 48.70 39.15
CA PRO L 57 -9.56 48.88 39.27
C PRO L 57 -9.17 50.36 39.48
N LYS L 58 -8.24 50.60 40.40
CA LYS L 58 -7.77 51.96 40.68
C LYS L 58 -6.26 51.92 40.91
N VAL L 59 -5.64 53.11 40.98
CA VAL L 59 -4.20 53.23 41.20
C VAL L 59 -3.91 54.18 42.38
N LYS L 60 -3.12 53.71 43.34
CA LYS L 60 -2.76 54.49 44.52
C LYS L 60 -1.33 55.02 44.36
N ILE L 61 -1.18 56.34 44.45
CA ILE L 61 0.12 56.98 44.31
C ILE L 61 0.48 57.63 45.63
N ASP L 62 1.59 57.18 46.21
CA ASP L 62 2.07 57.73 47.47
C ASP L 62 3.32 58.57 47.20
N VAL L 63 3.36 59.77 47.81
CA VAL L 63 4.51 60.65 47.68
C VAL L 63 4.76 61.46 48.96
N ALA L 64 5.99 61.38 49.47
CA ALA L 64 6.39 62.12 50.65
C ALA L 64 6.92 63.46 50.13
N ILE L 65 6.46 64.56 50.72
CA ILE L 65 6.89 65.90 50.28
C ILE L 65 7.14 66.87 51.44
N ALA L 66 7.81 67.98 51.12
CA ALA L 66 8.11 69.03 52.08
C ALA L 66 6.88 69.93 52.21
N ASP L 67 6.59 70.40 53.43
CA ASP L 67 5.45 71.27 53.71
C ASP L 67 5.20 72.34 52.63
N ASP L 68 6.28 72.97 52.17
CA ASP L 68 6.25 74.02 51.15
C ASP L 68 5.78 73.57 49.75
N GLN L 69 5.66 72.28 49.51
CA GLN L 69 5.23 71.77 48.20
C GLN L 69 3.78 71.29 48.20
N LEU L 70 3.14 71.31 49.37
CA LEU L 70 1.77 70.83 49.52
C LEU L 70 0.80 71.48 48.53
N ASP L 71 0.83 72.81 48.50
CA ASP L 71 -0.02 73.61 47.64
C ASP L 71 0.08 73.22 46.16
N GLU L 72 1.31 73.09 45.67
CA GLU L 72 1.54 72.74 44.26
C GLU L 72 1.06 71.33 43.97
N VAL L 73 1.52 70.38 44.78
CA VAL L 73 1.16 68.98 44.60
C VAL L 73 -0.35 68.82 44.41
N ILE L 74 -1.14 69.32 45.38
CA ILE L 74 -2.60 69.24 45.31
C ILE L 74 -3.15 69.91 44.05
N ASP L 75 -2.58 71.06 43.70
CA ASP L 75 -2.99 71.82 42.52
C ASP L 75 -2.74 71.02 41.22
N ILE L 76 -1.51 70.58 40.98
CA ILE L 76 -1.17 69.83 39.77
C ILE L 76 -1.79 68.41 39.65
N VAL L 77 -1.91 67.70 40.79
CA VAL L 77 -2.48 66.34 40.81
C VAL L 77 -3.99 66.38 40.47
N SER L 78 -4.70 67.34 41.07
CA SER L 78 -6.13 67.52 40.82
C SER L 78 -6.43 67.66 39.34
N LYS L 79 -5.72 68.58 38.67
CA LYS L 79 -5.90 68.85 37.26
C LYS L 79 -5.51 67.67 36.37
N ALA L 80 -4.39 67.04 36.70
CA ALA L 80 -3.84 65.90 35.94
C ALA L 80 -4.74 64.65 35.93
N ALA L 81 -5.31 64.34 37.09
CA ALA L 81 -6.18 63.17 37.29
C ALA L 81 -7.66 63.41 36.93
N TYR L 82 -8.02 64.66 36.68
CA TYR L 82 -9.39 65.01 36.36
C TYR L 82 -9.88 64.57 34.98
N THR L 83 -11.04 63.89 34.97
CA THR L 83 -11.68 63.45 33.71
C THR L 83 -13.08 64.08 33.67
N GLY L 84 -13.60 64.41 34.85
CA GLY L 84 -14.91 65.01 34.98
C GLY L 84 -16.00 63.99 35.30
N LYS L 85 -15.80 62.75 34.85
CA LYS L 85 -16.77 61.67 35.07
C LYS L 85 -16.69 61.10 36.48
N ILE L 86 -17.83 60.60 36.96
CA ILE L 86 -17.90 60.00 38.29
C ILE L 86 -16.86 58.88 38.45
N GLY L 87 -16.11 58.91 39.55
CA GLY L 87 -15.09 57.92 39.84
C GLY L 87 -13.63 58.36 39.73
N ASP L 88 -13.40 59.65 39.53
CA ASP L 88 -12.04 60.20 39.38
C ASP L 88 -11.10 59.96 40.55
N GLY L 89 -11.64 59.85 41.77
CA GLY L 89 -10.78 59.59 42.91
C GLY L 89 -10.69 60.65 43.98
N LYS L 90 -9.80 60.39 44.95
CA LYS L 90 -9.59 61.29 46.09
C LYS L 90 -8.13 61.61 46.36
N ILE L 91 -7.92 62.70 47.11
CA ILE L 91 -6.59 63.15 47.52
C ILE L 91 -6.60 63.18 49.05
N PHE L 92 -5.71 62.39 49.66
CA PHE L 92 -5.58 62.33 51.11
C PHE L 92 -4.24 62.92 51.53
N VAL L 93 -4.27 63.76 52.56
CA VAL L 93 -3.07 64.42 53.08
C VAL L 93 -2.87 64.01 54.54
N ALA L 94 -1.65 63.55 54.85
CA ALA L 94 -1.30 63.14 56.21
C ALA L 94 0.07 63.68 56.65
N GLU L 95 0.24 63.89 57.94
CA GLU L 95 1.49 64.39 58.50
C GLU L 95 2.50 63.27 58.64
N LEU L 96 3.77 63.56 58.35
CA LEU L 96 4.84 62.58 58.47
C LEU L 96 5.74 63.02 59.60
N GLN L 97 5.97 62.13 60.58
CA GLN L 97 6.84 62.51 61.71
C GLN L 97 8.31 62.40 61.31
N ARG L 98 8.60 61.50 60.37
CA ARG L 98 9.98 61.28 59.90
C ARG L 98 10.09 60.54 58.58
N VAL L 99 11.10 60.91 57.80
CA VAL L 99 11.42 60.28 56.54
C VAL L 99 12.94 60.09 56.62
N ILE L 100 13.41 58.93 56.19
CA ILE L 100 14.83 58.61 56.25
C ILE L 100 15.28 57.84 55.01
N ARG L 101 16.46 58.21 54.49
CA ARG L 101 17.05 57.56 53.34
C ARG L 101 17.96 56.47 53.90
N ILE L 102 17.60 55.22 53.63
CA ILE L 102 18.31 54.05 54.12
C ILE L 102 19.78 54.03 53.72
N ARG L 103 20.04 54.48 52.50
CA ARG L 103 21.37 54.54 51.91
C ARG L 103 22.37 55.46 52.61
N THR L 104 21.92 56.66 53.02
CA THR L 104 22.79 57.64 53.66
C THR L 104 22.42 58.04 55.09
N GLY L 105 21.20 57.72 55.53
CA GLY L 105 20.75 58.08 56.87
C GLY L 105 20.22 59.50 56.91
N GLU L 106 20.25 60.19 55.76
CA GLU L 106 19.76 61.57 55.62
C GLU L 106 18.29 61.62 56.00
N ALA L 107 17.88 62.64 56.75
CA ALA L 107 16.49 62.76 57.17
C ALA L 107 15.67 63.89 56.55
N ASP L 108 14.36 63.69 56.60
CA ASP L 108 13.34 64.63 56.11
C ASP L 108 13.54 65.24 54.72
N GLU L 109 13.87 66.53 54.63
CA GLU L 109 14.05 67.15 53.30
C GLU L 109 15.27 66.60 52.54
N ALA L 110 16.26 66.11 53.28
CA ALA L 110 17.49 65.56 52.69
C ALA L 110 17.34 64.10 52.25
N ALA L 111 16.34 63.42 52.81
CA ALA L 111 16.08 62.01 52.50
C ALA L 111 15.34 61.75 51.19
N LEU L 112 14.75 62.79 50.60
CA LEU L 112 13.99 62.67 49.34
C LEU L 112 14.83 62.80 48.06
PB ADP M . -17.65 -54.59 -48.69
O1B ADP M . -18.74 -54.49 -49.74
O2B ADP M . -18.14 -55.22 -47.40
O3B ADP M . -16.33 -55.10 -49.21
PA ADP M . -16.86 -51.86 -49.18
O1A ADP M . -17.03 -50.64 -48.30
O2A ADP M . -17.56 -51.86 -50.51
O3A ADP M . -17.34 -53.08 -48.24
O5' ADP M . -15.30 -52.17 -49.45
C5' ADP M . -14.38 -52.42 -48.37
C4' ADP M . -13.07 -51.66 -48.56
O4' ADP M . -12.32 -52.26 -49.63
C3' ADP M . -13.23 -50.20 -48.99
O3' ADP M . -13.31 -49.29 -47.90
C2' ADP M . -12.03 -49.92 -49.85
O2' ADP M . -10.89 -49.61 -49.05
C1' ADP M . -11.73 -51.25 -50.47
N9 ADP M . -12.30 -51.40 -51.82
C8 ADP M . -13.62 -51.49 -52.14
N7 ADP M . -13.78 -51.66 -53.48
C5 ADP M . -12.56 -51.70 -54.03
C6 ADP M . -12.01 -51.86 -55.39
N6 ADP M . -12.84 -52.02 -56.47
N1 ADP M . -10.67 -51.85 -55.55
C2 ADP M . -9.83 -51.70 -54.51
N3 ADP M . -10.26 -51.54 -53.24
C4 ADP M . -11.59 -51.53 -52.95
PB ADP N . 5.63 -37.49 -65.39
O1B ADP N . 6.85 -37.65 -66.25
O2B ADP N . 4.72 -36.37 -65.83
O3B ADP N . 4.90 -38.79 -65.06
PA ADP N . 7.38 -37.65 -63.09
O1A ADP N . 7.83 -36.58 -62.12
O2A ADP N . 8.40 -38.25 -64.02
O3A ADP N . 6.17 -37.00 -63.95
O5' ADP N . 6.66 -38.83 -62.26
C5' ADP N . 5.55 -38.55 -61.41
C4' ADP N . 5.40 -39.62 -60.32
O4' ADP N . 5.30 -40.92 -60.90
C3' ADP N . 6.58 -39.70 -59.34
O3' ADP N . 6.46 -38.78 -58.25
C2' ADP N . 6.56 -41.15 -58.89
O2' ADP N . 5.68 -41.34 -57.77
C1' ADP N . 5.97 -41.88 -60.07
N9 ADP N . 7.03 -42.57 -60.87
C8 ADP N . 7.81 -42.02 -61.82
N7 ADP N . 8.64 -42.93 -62.36
C5 ADP N . 8.41 -44.10 -61.76
C6 ADP N . 8.95 -45.49 -61.85
N6 ADP N . 9.93 -45.82 -62.71
N1 ADP N . 8.41 -46.42 -61.01
C2 ADP N . 7.42 -46.12 -60.13
N3 ADP N . 6.89 -44.89 -60.00
C4 ADP N . 7.33 -43.87 -60.77
PB ADP O . 14.24 -61.24 -42.73
O1B ADP O . 13.67 -60.55 -43.96
O2B ADP O . 13.74 -62.65 -42.50
O3B ADP O . 15.73 -61.08 -42.60
PA ADP O . 12.09 -60.31 -41.08
O1A ADP O . 12.01 -59.33 -39.92
O2A ADP O . 11.53 -61.69 -40.91
O3A ADP O . 13.65 -60.40 -41.48
O5' ADP O . 11.40 -59.63 -42.37
C5' ADP O . 11.66 -58.26 -42.67
C4' ADP O . 10.39 -57.55 -43.15
O4' ADP O . 9.89 -58.13 -44.36
C3' ADP O . 9.24 -57.57 -42.17
O3' ADP O . 9.31 -56.47 -41.25
C2' ADP O . 8.02 -57.47 -43.05
O2' ADP O . 7.70 -56.09 -43.29
C1' ADP O . 8.46 -58.07 -44.38
N9 ADP O . 7.95 -59.46 -44.60
C8 ADP O . 8.47 -60.57 -44.04
N7 ADP O . 7.81 -61.68 -44.45
C5 ADP O . 6.86 -61.29 -45.32
C6 ADP O . 5.80 -61.96 -46.13
N6 ADP O . 5.64 -63.30 -46.10
N1 ADP O . 5.01 -61.17 -46.90
C2 ADP O . 5.17 -59.83 -46.94
N3 ADP O . 6.09 -59.16 -46.23
C4 ADP O . 6.95 -59.82 -45.41
PB ADP P . -4.46 38.60 65.47
O1B ADP P . -4.68 39.92 64.79
O2B ADP P . -3.69 38.65 66.76
O3B ADP P . -5.73 37.79 65.58
PA ADP P . -2.17 38.12 63.72
O1A ADP P . -1.94 37.00 62.73
O2A ADP P . -1.13 38.46 64.76
O3A ADP P . -3.56 37.73 64.45
O5' ADP P . -2.37 39.48 62.87
C5' ADP P . -3.24 39.48 61.73
C4' ADP P . -2.68 40.28 60.56
O4' ADP P . -2.46 41.64 60.90
C3' ADP P . -1.35 39.77 60.01
O3' ADP P . -1.55 38.84 58.94
C2' ADP P . -0.69 41.02 59.49
O2' ADP P . -1.21 41.30 58.20
C1' ADP P . -1.23 42.12 60.37
N9 ADP P . -0.36 42.52 61.52
C8 ADP P . -0.12 41.80 62.63
N7 ADP P . 0.70 42.48 63.49
C5 ADP P . 1.00 43.67 62.91
C6 ADP P . 1.80 44.87 63.26
N6 ADP P . 2.48 44.99 64.41
N1 ADP P . 1.82 45.88 62.36
C2 ADP P . 1.15 45.83 61.19
N3 ADP P . 0.41 44.77 60.82
C4 ADP P . 0.29 43.68 61.62
PB ADP Q . 17.32 56.23 47.21
O1B ADP Q . 17.79 57.67 47.08
O2B ADP Q . 18.44 55.23 47.32
O3B ADP Q . 16.19 56.01 48.19
PA ADP Q . 15.33 56.34 45.11
O1A ADP Q . 15.25 55.57 43.81
O2A ADP Q . 15.36 57.84 45.09
O3A ADP Q . 16.69 55.81 45.78
O5' ADP Q . 14.11 55.85 46.07
C5' ADP Q . 13.86 54.44 46.22
C4' ADP Q . 12.37 54.10 46.21
O4' ADP Q . 11.68 54.81 47.27
C3' ADP Q . 11.59 54.42 44.93
O3' ADP Q . 11.58 53.36 43.97
C2' ADP Q . 10.18 54.59 45.44
O2' ADP Q . 9.62 53.28 45.61
C1' ADP Q . 10.37 55.18 46.82
N9 ADP Q . 10.28 56.67 46.85
C8 ADP Q . 11.23 57.52 46.41
N7 ADP Q . 10.85 58.81 46.59
C5 ADP Q . 9.63 58.79 47.17
C6 ADP Q . 8.66 59.82 47.64
N6 ADP Q . 8.90 61.14 47.53
N1 ADP Q . 7.50 59.35 48.17
C2 ADP Q . 7.22 58.04 48.28
N3 ADP Q . 8.07 57.07 47.88
C4 ADP Q . 9.26 57.37 47.32
PB ADP R . -15.96 60.35 43.04
O1B ADP R . -17.27 60.83 43.61
O2B ADP R . -15.64 60.85 41.65
O3B ADP R . -14.80 60.46 43.98
PA ADP R . -16.45 57.57 43.83
O1A ADP R . -16.82 56.34 43.01
O2A ADP R . -17.37 58.02 44.92
O3A ADP R . -16.19 58.77 42.77
O5' ADP R . -14.98 57.38 44.45
C5' ADP R . -13.91 57.07 43.57
C4' ADP R . -12.90 56.16 44.26
O4' ADP R . -12.38 56.79 45.44
C3' ADP R . -13.52 54.85 44.73
O3' ADP R . -13.60 53.87 43.70
C2' ADP R . -12.57 54.46 45.85
O2' ADP R . -11.37 53.92 45.28
C1' ADP R . -12.20 55.79 46.46
N9 ADP R . -13.01 56.13 47.67
C8 ADP R . -14.31 56.49 47.71
N7 ADP R . -14.72 56.76 48.98
C5 ADP R . -13.66 56.56 49.77
C6 ADP R . -13.36 56.67 51.22
N6 ADP R . -14.30 57.03 52.12
N1 ADP R . -12.12 56.37 51.64
C2 ADP R . -11.15 56.00 50.78
N3 ADP R . -11.34 55.88 49.47
C4 ADP R . -12.54 56.15 48.91
#